data_4PEL
#
_entry.id   4PEL
#
_cell.length_a   96.260
_cell.length_b   96.260
_cell.length_c   100.206
_cell.angle_alpha   69.27
_cell.angle_beta   69.27
_cell.angle_gamma   76.77
#
_symmetry.space_group_name_H-M   'P 1'
#
loop_
_entity.id
_entity.type
_entity.pdbx_description
1 polymer 'Penicillin G acylase subunit alpha'
2 polymer 'Penicillin G acylase subunit beta'
3 non-polymer 'CALCIUM ION'
4 water water
#
loop_
_entity_poly.entity_id
_entity_poly.type
_entity_poly.pdbx_seq_one_letter_code
_entity_poly.pdbx_strand_id
1 'polypeptide(L)'
;MKNRNRMIVNGIVTSLICCSSLSALAASPPTEVKIVRDEYGMPHIYADDTYRLFYGYGYVVAQDRLFQMEMARRSTQGTV
SEVLGKAFVSFDKDIRQNYWPDSIRAQIASLSAEDKSILQGYADGMNAWIDKVNASPDKLLPQQFSTFGFKPKHWEPFDV
AMIFVGTMANRFSDSTSEIDNLALLTALKDKYGKQQGMAVFNQLKWLVNPSAPTTIAARESA
;
A,C,E,G
2 'polypeptide(L)'
;CNMWVIGKNKAQDAKAIMVNGPQFGWYAPAYTYGIGLHGAGYDVTGNTPFAYPGLVFGHNGTISWGSTAGFGDDVDIFAE
KLSAEKPGYYQHNGEWVKMLSRKETIAVKDGQPETFTVWRTLHGNVIKTDTATQTAYAKARAWDGKEVASLLAWTHQMKA
KNWPEWTQQAAKQALTINWYYADVNGNIGYVHTGAYPDRQPGHDPRLPVPGTGKWDWKGLLSFDLNPKVYNPQSGYIANW
NNSPQKDYPASDLFAFLWGGADRVTEIDTTLDKQPRFTADQAWDVIRQTSRRDLNLRLFLPALKDATANLAENDPRRQLV
DKLASWDGENLVNDDGKTYQQPGSAILNAWLTSMLKRTVVAAVPAPFGKWYSASGYETTQDGPTGSLNISVGAKILYEAL
QGDKSPIPQAVDLFGGKPQQEVILAALDDAWQTLSKRYGNDVTGWKTPAMALTFRANNFFGVPQAAAKEARHQAEYQNRG
TENDMIVFSPTSGNRPVLAWDVVAPGQSGFIAPDGKADKHYDDQLIMYESFGRKSLWLTPQDVDEHKESQEVLQVQRLEH
HHHHH
;
B,D,F,H
#
loop_
_chem_comp.id
_chem_comp.type
_chem_comp.name
_chem_comp.formula
CA non-polymer 'CALCIUM ION' 'Ca 2'
#
# COMPACT_ATOMS: atom_id res chain seq x y z
N PRO A 29 -37.83 -17.33 30.73
CA PRO A 29 -38.87 -16.35 30.39
C PRO A 29 -38.46 -15.38 29.25
N PRO A 30 -39.43 -14.96 28.40
CA PRO A 30 -39.19 -13.87 27.44
C PRO A 30 -39.03 -12.50 28.04
N THR A 31 -39.18 -12.35 29.36
CA THR A 31 -38.86 -11.11 30.09
C THR A 31 -37.38 -10.95 30.59
N GLU A 32 -36.57 -12.02 30.50
CA GLU A 32 -35.18 -12.02 31.05
C GLU A 32 -34.02 -11.68 30.12
N VAL A 33 -33.05 -10.92 30.65
CA VAL A 33 -31.74 -10.73 30.02
C VAL A 33 -30.63 -11.13 31.01
N LYS A 34 -29.80 -12.07 30.59
CA LYS A 34 -28.72 -12.59 31.42
C LYS A 34 -27.40 -12.04 30.95
N ILE A 35 -26.68 -11.88 31.73
CA ILE A 35 -25.43 -11.16 31.56
C ILE A 35 -24.29 -11.98 32.19
N VAL A 36 -23.44 -12.34 31.49
CA VAL A 36 -22.29 -13.10 31.99
C VAL A 36 -20.97 -12.43 31.55
N ARG A 37 -20.12 -12.08 32.52
CA ARG A 37 -18.82 -11.47 32.24
C ARG A 37 -17.72 -12.50 32.47
N ASP A 38 -16.83 -12.66 31.48
CA ASP A 38 -15.69 -13.59 31.58
C ASP A 38 -14.51 -13.03 32.43
N GLU A 39 -13.39 -13.76 32.43
CA GLU A 39 -12.22 -13.46 33.29
C GLU A 39 -11.77 -12.02 33.15
N TYR A 40 -11.83 -11.51 31.93
CA TYR A 40 -11.33 -10.16 31.63
C TYR A 40 -12.43 -9.09 31.58
N GLY A 41 -13.61 -9.39 32.16
CA GLY A 41 -14.71 -8.42 32.28
C GLY A 41 -15.59 -8.28 31.03
N MET A 42 -15.35 -9.12 30.02
CA MET A 42 -16.06 -9.03 28.74
C MET A 42 -17.48 -9.58 28.88
N PRO A 43 -18.50 -8.73 28.63
CA PRO A 43 -19.89 -9.18 28.70
C PRO A 43 -20.33 -10.07 27.56
N HIS A 44 -21.01 -11.16 27.92
CA HIS A 44 -21.83 -11.91 26.98
C HIS A 44 -23.31 -11.70 27.37
N ILE A 45 -24.05 -11.51 26.34
CA ILE A 45 -25.45 -11.21 26.60
C ILE A 45 -26.38 -12.28 26.00
N TYR A 46 -27.40 -12.68 26.89
CA TYR A 46 -28.28 -13.80 26.59
C TYR A 46 -29.72 -13.31 26.71
N ALA A 47 -30.46 -13.32 25.59
CA ALA A 47 -31.84 -12.78 25.51
C ALA A 47 -32.60 -13.29 24.30
N ASP A 48 -33.93 -13.20 24.37
CA ASP A 48 -34.80 -13.96 23.44
C ASP A 48 -35.35 -13.18 22.25
N ASP A 49 -35.17 -11.87 22.23
CA ASP A 49 -35.60 -11.06 21.11
C ASP A 49 -34.70 -9.87 20.93
N THR A 50 -34.83 -9.23 19.78
CA THR A 50 -33.95 -8.15 19.38
C THR A 50 -33.88 -7.02 20.43
N TYR A 51 -35.03 -6.55 20.91
CA TYR A 51 -35.00 -5.38 21.79
C TYR A 51 -34.25 -5.66 23.07
N ARG A 52 -34.56 -6.77 23.71
CA ARG A 52 -33.92 -7.10 24.99
C ARG A 52 -32.44 -7.39 24.81
N LEU A 53 -32.06 -8.01 23.68
CA LEU A 53 -30.66 -8.36 23.40
C LEU A 53 -29.80 -7.11 23.40
N PHE A 54 -30.19 -6.11 22.60
CA PHE A 54 -29.47 -4.84 22.53
C PHE A 54 -29.66 -3.92 23.74
N TYR A 55 -30.75 -4.06 24.47
CA TYR A 55 -30.92 -3.44 25.77
C TYR A 55 -29.82 -3.93 26.71
N GLY A 56 -29.45 -5.21 26.60
CA GLY A 56 -28.37 -5.77 27.41
C GLY A 56 -27.04 -5.16 27.07
N TYR A 57 -26.75 -5.14 25.76
CA TYR A 57 -25.57 -4.46 25.24
C TYR A 57 -25.47 -3.01 25.79
N GLY A 58 -26.53 -2.23 25.60
CA GLY A 58 -26.59 -0.86 26.15
C GLY A 58 -26.24 -0.79 27.63
N TYR A 59 -26.78 -1.72 28.40
CA TYR A 59 -26.57 -1.76 29.86
C TYR A 59 -25.11 -2.01 30.23
N VAL A 60 -24.49 -3.06 29.68
CA VAL A 60 -23.08 -3.37 29.98
C VAL A 60 -22.16 -2.26 29.48
N VAL A 61 -22.51 -1.67 28.34
CA VAL A 61 -21.76 -0.54 27.80
C VAL A 61 -21.81 0.66 28.75
N ALA A 62 -22.96 0.97 29.32
CA ALA A 62 -23.06 2.10 30.21
C ALA A 62 -22.27 1.87 31.50
N GLN A 63 -22.05 0.61 31.84
CA GLN A 63 -21.24 0.27 33.01
C GLN A 63 -19.75 0.43 32.74
N ASP A 64 -19.31 -0.16 31.64
CA ASP A 64 -17.90 -0.13 31.24
C ASP A 64 -17.35 1.23 30.76
N ARG A 65 -18.03 1.88 29.82
CA ARG A 65 -17.48 3.02 29.09
C ARG A 65 -18.43 4.20 29.12
N LEU A 66 -19.10 4.38 30.25
CA LEU A 66 -19.94 5.51 30.34
C LEU A 66 -18.73 6.49 30.39
N PHE A 67 -19.00 7.70 30.04
CA PHE A 67 -18.00 8.76 29.89
C PHE A 67 -17.32 8.74 28.54
N GLN A 68 -16.59 7.68 28.22
CA GLN A 68 -16.07 7.53 26.87
C GLN A 68 -17.21 7.79 25.88
N MET A 69 -18.36 7.16 26.13
CA MET A 69 -19.50 7.24 25.21
C MET A 69 -20.21 8.57 25.28
N GLU A 70 -20.45 9.07 26.48
CA GLU A 70 -21.08 10.39 26.59
C GLU A 70 -20.30 11.40 25.77
N MET A 71 -18.98 11.37 25.89
CA MET A 71 -18.12 12.25 25.12
C MET A 71 -18.12 11.91 23.64
N ALA A 72 -18.18 10.62 23.28
CA ALA A 72 -18.39 10.25 21.88
C ALA A 72 -19.72 10.78 21.36
N ARG A 73 -20.76 10.77 22.19
CA ARG A 73 -22.02 11.34 21.78
C ARG A 73 -21.82 12.78 21.40
N ARG A 74 -21.19 13.54 22.30
CA ARG A 74 -21.05 14.99 22.10
C ARG A 74 -20.15 15.30 20.92
N SER A 75 -19.08 14.54 20.77
CA SER A 75 -18.16 14.68 19.63
C SER A 75 -18.92 14.56 18.32
N THR A 76 -19.73 13.53 18.25
CA THR A 76 -20.38 13.11 17.03
C THR A 76 -21.56 14.02 16.62
N GLN A 77 -22.04 14.83 17.57
CA GLN A 77 -23.08 15.83 17.34
C GLN A 77 -22.63 17.28 17.52
N GLY A 78 -21.38 17.48 17.88
CA GLY A 78 -20.88 18.85 18.07
C GLY A 78 -21.59 19.56 19.20
N THR A 79 -21.68 18.89 20.35
CA THR A 79 -22.27 19.48 21.56
C THR A 79 -21.27 19.47 22.72
N VAL A 80 -20.00 19.68 22.41
CA VAL A 80 -18.92 19.48 23.38
C VAL A 80 -18.75 20.69 24.28
N SER A 81 -18.75 21.87 23.68
CA SER A 81 -18.54 23.09 24.44
C SER A 81 -19.64 23.32 25.46
N GLU A 82 -20.81 22.76 25.21
CA GLU A 82 -21.93 22.77 26.15
C GLU A 82 -21.49 22.46 27.57
N VAL A 83 -20.49 21.58 27.71
CA VAL A 83 -19.89 21.26 29.01
C VAL A 83 -18.37 21.53 29.17
N LEU A 84 -17.57 21.53 28.10
CA LEU A 84 -16.13 21.76 28.21
C LEU A 84 -15.69 23.16 27.86
N GLY A 85 -16.60 23.98 27.36
CA GLY A 85 -16.36 25.40 27.30
C GLY A 85 -15.76 25.90 26.01
N LYS A 86 -15.36 27.18 26.03
CA LYS A 86 -15.01 27.95 24.83
C LYS A 86 -14.10 27.27 23.82
N ALA A 87 -13.17 26.46 24.31
CA ALA A 87 -12.12 25.84 23.47
C ALA A 87 -12.63 24.97 22.31
N PHE A 88 -13.84 24.42 22.44
CA PHE A 88 -14.38 23.45 21.48
C PHE A 88 -15.48 23.98 20.54
N VAL A 89 -15.63 25.30 20.45
CA VAL A 89 -16.62 25.91 19.56
C VAL A 89 -16.38 25.63 18.07
N SER A 90 -15.17 25.82 17.57
CA SER A 90 -14.88 25.59 16.15
C SER A 90 -15.11 24.13 15.75
N PHE A 91 -14.77 23.25 16.69
CA PHE A 91 -15.00 21.83 16.50
C PHE A 91 -16.51 21.51 16.38
N ASP A 92 -17.28 21.94 17.36
CA ASP A 92 -18.73 21.82 17.30
C ASP A 92 -19.28 22.34 15.97
N LYS A 93 -18.86 23.54 15.57
CA LYS A 93 -19.29 24.11 14.27
C LYS A 93 -18.98 23.17 13.14
N ASP A 94 -17.73 22.71 13.11
CA ASP A 94 -17.24 21.84 12.04
C ASP A 94 -18.05 20.59 11.90
N ILE A 95 -18.32 19.94 13.04
CA ILE A 95 -19.15 18.74 13.03
C ILE A 95 -20.51 19.01 12.42
N ARG A 96 -21.20 20.02 12.94
CA ARG A 96 -22.60 20.26 12.54
C ARG A 96 -22.70 20.76 11.12
N GLN A 97 -21.75 21.58 10.71
CA GLN A 97 -21.64 21.87 9.28
C GLN A 97 -21.52 20.63 8.39
N ASN A 98 -21.05 19.50 8.93
CA ASN A 98 -20.68 18.36 8.13
C ASN A 98 -21.70 17.24 8.07
N TYR A 99 -22.91 17.49 8.53
CA TYR A 99 -24.00 16.53 8.26
C TYR A 99 -25.39 17.21 8.31
N TRP A 100 -26.44 16.39 8.24
CA TRP A 100 -27.81 16.88 8.16
C TRP A 100 -28.72 15.98 8.99
N PRO A 101 -28.89 16.31 10.28
CA PRO A 101 -29.62 15.45 11.23
C PRO A 101 -30.92 14.87 10.67
N ASP A 102 -31.67 15.70 9.94
CA ASP A 102 -32.99 15.32 9.44
C ASP A 102 -32.92 14.10 8.52
N SER A 103 -31.84 13.98 7.74
CA SER A 103 -31.66 12.82 6.91
C SER A 103 -31.52 11.58 7.76
N ILE A 104 -30.83 11.72 8.90
CA ILE A 104 -30.59 10.56 9.78
C ILE A 104 -31.88 10.18 10.47
N ARG A 105 -32.65 11.20 10.86
CA ARG A 105 -33.97 10.99 11.49
C ARG A 105 -34.94 10.32 10.52
N ALA A 106 -34.97 10.78 9.29
CA ALA A 106 -35.82 10.20 8.26
C ALA A 106 -35.50 8.74 8.04
N GLN A 107 -34.21 8.42 8.02
CA GLN A 107 -33.74 7.03 7.85
C GLN A 107 -34.16 6.12 8.97
N ILE A 108 -34.11 6.65 10.18
CA ILE A 108 -34.52 5.90 11.35
C ILE A 108 -36.03 5.73 11.35
N ALA A 109 -36.75 6.82 11.11
CA ALA A 109 -38.21 6.76 11.06
C ALA A 109 -38.68 5.73 10.05
N SER A 110 -37.87 5.49 9.01
CA SER A 110 -38.27 4.62 7.90
C SER A 110 -37.74 3.18 8.04
N LEU A 111 -37.41 2.79 9.25
CA LEU A 111 -37.07 1.38 9.52
C LEU A 111 -38.28 0.59 9.99
N SER A 112 -38.22 -0.72 9.78
CA SER A 112 -39.16 -1.65 10.42
C SER A 112 -39.00 -1.55 11.94
N ALA A 113 -39.98 -2.05 12.68
CA ALA A 113 -39.87 -2.10 14.15
C ALA A 113 -38.75 -3.05 14.56
N GLU A 114 -38.64 -4.18 13.86
CA GLU A 114 -37.54 -5.12 14.12
C GLU A 114 -36.18 -4.41 14.09
N ASP A 115 -35.91 -3.66 13.02
CA ASP A 115 -34.68 -2.88 12.93
C ASP A 115 -34.65 -1.76 13.97
N LYS A 116 -35.73 -1.01 14.10
CA LYS A 116 -35.84 0.06 15.09
C LYS A 116 -35.62 -0.45 16.52
N SER A 117 -35.88 -1.73 16.79
CA SER A 117 -35.69 -2.30 18.13
C SER A 117 -34.24 -2.29 18.55
N ILE A 118 -33.35 -2.48 17.58
CA ILE A 118 -31.92 -2.50 17.87
C ILE A 118 -31.50 -1.22 18.56
N LEU A 119 -31.87 -0.10 17.95
CA LEU A 119 -31.53 1.21 18.45
C LEU A 119 -32.25 1.56 19.74
N GLN A 120 -33.56 1.36 19.76
CA GLN A 120 -34.35 1.72 20.93
C GLN A 120 -33.95 0.84 22.12
N GLY A 121 -33.65 -0.43 21.86
CA GLY A 121 -33.22 -1.35 22.93
C GLY A 121 -31.93 -0.85 23.56
N TYR A 122 -30.92 -0.73 22.72
CA TYR A 122 -29.63 -0.12 23.10
C TYR A 122 -29.78 1.15 23.94
N ALA A 123 -30.58 2.11 23.47
CA ALA A 123 -30.70 3.41 24.15
C ALA A 123 -31.30 3.23 25.54
N ASP A 124 -32.31 2.35 25.63
CA ASP A 124 -33.00 2.08 26.90
C ASP A 124 -32.12 1.29 27.86
N GLY A 125 -31.34 0.35 27.32
CA GLY A 125 -30.38 -0.41 28.12
C GLY A 125 -29.37 0.49 28.81
N MET A 126 -28.90 1.47 28.05
CA MET A 126 -28.01 2.48 28.56
C MET A 126 -28.70 3.34 29.61
N ASN A 127 -29.91 3.77 29.29
CA ASN A 127 -30.71 4.64 30.16
C ASN A 127 -31.05 3.97 31.49
N ALA A 128 -31.27 2.67 31.45
CA ALA A 128 -31.54 1.91 32.67
C ALA A 128 -30.38 2.00 33.67
N TRP A 129 -29.15 1.80 33.18
CA TRP A 129 -27.99 1.93 34.07
C TRP A 129 -27.79 3.36 34.58
N ILE A 130 -27.95 4.33 33.70
CA ILE A 130 -27.79 5.74 34.07
C ILE A 130 -28.76 6.13 35.20
N ASP A 131 -29.98 5.63 35.10
CA ASP A 131 -30.96 5.85 36.15
C ASP A 131 -30.43 5.37 37.50
N LYS A 132 -29.87 4.16 37.53
CA LYS A 132 -29.22 3.65 38.75
C LYS A 132 -28.05 4.51 39.21
N VAL A 133 -27.27 4.97 38.25
CA VAL A 133 -26.12 5.83 38.53
C VAL A 133 -26.56 7.22 39.04
N ASN A 134 -27.58 7.80 38.43
CA ASN A 134 -28.16 9.03 38.96
C ASN A 134 -29.00 8.79 40.20
N ALA A 135 -29.06 7.52 40.65
CA ALA A 135 -29.68 7.13 41.91
C ALA A 135 -28.65 6.81 43.02
N SER A 136 -27.39 6.55 42.64
CA SER A 136 -26.33 6.28 43.61
C SER A 136 -25.01 6.95 43.19
N PRO A 137 -25.04 8.29 42.98
CA PRO A 137 -23.88 9.01 42.50
C PRO A 137 -22.64 8.73 43.34
N ASP A 138 -22.81 8.70 44.64
CA ASP A 138 -21.69 8.53 45.56
C ASP A 138 -20.98 7.19 45.43
N LYS A 139 -21.61 6.22 44.78
CA LYS A 139 -21.02 4.90 44.63
C LYS A 139 -20.87 4.45 43.15
N LEU A 140 -21.61 5.06 42.23
CA LEU A 140 -21.67 4.55 40.85
C LEU A 140 -21.19 5.53 39.75
N LEU A 141 -21.47 6.83 39.89
CA LEU A 141 -21.05 7.83 38.93
C LEU A 141 -19.53 7.82 38.70
N PRO A 142 -19.08 7.56 37.44
CA PRO A 142 -17.65 7.63 37.12
C PRO A 142 -17.04 9.00 37.46
N GLN A 143 -15.85 8.98 38.04
CA GLN A 143 -15.17 10.18 38.52
C GLN A 143 -15.13 11.30 37.52
N GLN A 144 -14.80 10.96 36.27
CA GLN A 144 -14.66 11.94 35.18
C GLN A 144 -15.80 12.95 35.18
N PHE A 145 -17.01 12.46 35.41
CA PHE A 145 -18.20 13.31 35.44
C PHE A 145 -18.12 14.36 36.53
N SER A 146 -17.59 13.95 37.69
CA SER A 146 -17.34 14.87 38.81
C SER A 146 -16.20 15.82 38.47
N THR A 147 -15.12 15.27 37.91
CA THR A 147 -13.94 16.05 37.47
C THR A 147 -14.28 17.11 36.40
N PHE A 148 -15.08 16.73 35.40
CA PHE A 148 -15.40 17.64 34.31
C PHE A 148 -16.67 18.46 34.57
N GLY A 149 -17.28 18.25 35.74
CA GLY A 149 -18.40 19.10 36.20
C GLY A 149 -19.69 19.00 35.41
N PHE A 150 -20.15 17.79 35.12
CA PHE A 150 -21.48 17.58 34.56
C PHE A 150 -21.94 16.12 34.77
N LYS A 151 -23.19 15.85 34.43
CA LYS A 151 -23.84 14.57 34.71
C LYS A 151 -24.35 13.92 33.45
N PRO A 152 -24.37 12.57 33.39
CA PRO A 152 -24.83 11.93 32.17
C PRO A 152 -26.31 12.09 32.00
N LYS A 153 -26.75 12.08 30.75
CA LYS A 153 -28.17 12.21 30.47
C LYS A 153 -28.66 11.09 29.61
N HIS A 154 -29.96 11.11 29.37
CA HIS A 154 -30.62 10.01 28.71
C HIS A 154 -30.29 9.96 27.20
N TRP A 155 -30.24 8.75 26.67
CA TRP A 155 -29.94 8.48 25.28
C TRP A 155 -31.22 8.18 24.50
N GLU A 156 -31.33 8.68 23.27
CA GLU A 156 -32.41 8.32 22.38
C GLU A 156 -31.81 7.58 21.17
N PRO A 157 -32.64 6.97 20.31
CA PRO A 157 -32.08 6.17 19.23
C PRO A 157 -31.20 6.97 18.27
N PHE A 158 -31.62 8.18 17.93
CA PHE A 158 -30.80 9.09 17.11
C PHE A 158 -29.37 9.22 17.63
N ASP A 159 -29.23 9.32 18.95
CA ASP A 159 -27.92 9.40 19.58
C ASP A 159 -27.04 8.17 19.28
N VAL A 160 -27.65 7.00 19.25
CA VAL A 160 -26.92 5.75 19.14
C VAL A 160 -26.50 5.49 17.69
N ALA A 161 -27.38 5.83 16.77
CA ALA A 161 -27.08 5.81 15.33
C ALA A 161 -25.90 6.72 14.98
N MET A 162 -25.91 7.92 15.59
CA MET A 162 -24.87 8.92 15.33
C MET A 162 -23.50 8.53 15.83
N ILE A 163 -23.41 7.71 16.87
CA ILE A 163 -22.12 7.17 17.28
C ILE A 163 -21.45 6.50 16.06
N PHE A 164 -22.22 5.70 15.35
CA PHE A 164 -21.73 5.06 14.15
C PHE A 164 -21.61 6.05 12.99
N VAL A 165 -22.69 6.77 12.71
CA VAL A 165 -22.70 7.70 11.59
C VAL A 165 -21.56 8.72 11.70
N GLY A 166 -21.44 9.35 12.86
CA GLY A 166 -20.49 10.44 13.08
C GLY A 166 -19.02 10.02 13.17
N THR A 167 -18.78 8.72 13.31
CA THR A 167 -17.43 8.16 13.27
C THR A 167 -17.19 7.47 11.93
N MET A 168 -17.68 6.24 11.78
CA MET A 168 -17.46 5.45 10.57
C MET A 168 -17.79 6.18 9.26
N ALA A 169 -18.90 6.92 9.19
CA ALA A 169 -19.29 7.61 7.95
C ALA A 169 -18.61 8.96 7.78
N ASN A 170 -18.78 9.83 8.78
CA ASN A 170 -18.32 11.22 8.70
C ASN A 170 -16.82 11.46 8.94
N ARG A 171 -16.11 10.53 9.55
CA ARG A 171 -14.65 10.54 9.53
C ARG A 171 -14.11 9.79 8.31
N PHE A 172 -14.28 8.47 8.31
CA PHE A 172 -13.61 7.52 7.41
C PHE A 172 -14.72 7.31 6.40
N SER A 173 -14.39 7.27 5.14
CA SER A 173 -15.40 7.29 4.14
C SER A 173 -15.83 8.71 3.78
N ASP A 174 -15.27 9.75 4.41
CA ASP A 174 -15.59 11.14 4.06
C ASP A 174 -14.36 11.95 3.57
N SER A 175 -13.55 11.35 2.71
CA SER A 175 -12.27 11.94 2.30
C SER A 175 -12.28 12.66 0.94
N THR A 176 -12.12 13.97 0.93
CA THR A 176 -11.72 14.66 -0.26
C THR A 176 -10.68 15.70 0.04
N SER A 177 -9.96 16.05 -1.00
CA SER A 177 -9.12 17.20 -1.00
C SER A 177 -9.29 17.84 -2.37
N GLU A 178 -10.48 17.70 -2.98
CA GLU A 178 -10.67 18.08 -4.37
C GLU A 178 -10.44 19.58 -4.54
N ILE A 179 -10.74 20.36 -3.51
CA ILE A 179 -10.52 21.81 -3.55
C ILE A 179 -9.03 22.14 -3.48
N ASP A 180 -8.35 21.64 -2.45
CA ASP A 180 -6.89 21.69 -2.40
C ASP A 180 -6.25 21.22 -3.73
N ASN A 181 -6.73 20.09 -4.25
CA ASN A 181 -6.13 19.51 -5.45
C ASN A 181 -6.20 20.50 -6.57
N LEU A 182 -7.35 21.15 -6.70
CA LEU A 182 -7.56 22.17 -7.72
C LEU A 182 -6.59 23.32 -7.52
N ALA A 183 -6.41 23.75 -6.27
CA ALA A 183 -5.41 24.79 -5.97
C ALA A 183 -4.04 24.36 -6.47
N LEU A 184 -3.64 23.15 -6.12
CA LEU A 184 -2.38 22.62 -6.59
C LEU A 184 -2.27 22.64 -8.10
N LEU A 185 -3.32 22.19 -8.77
CA LEU A 185 -3.32 22.13 -10.21
C LEU A 185 -3.15 23.51 -10.85
N THR A 186 -3.87 24.50 -10.30
CA THR A 186 -3.83 25.86 -10.88
C THR A 186 -2.41 26.44 -10.68
N ALA A 187 -1.79 26.15 -9.53
CA ALA A 187 -0.40 26.58 -9.27
C ALA A 187 0.58 25.88 -10.22
N LEU A 188 0.33 24.60 -10.52
CA LEU A 188 1.14 23.88 -11.48
C LEU A 188 0.93 24.41 -12.87
N LYS A 189 -0.30 24.74 -13.23
CA LYS A 189 -0.55 25.30 -14.56
C LYS A 189 0.13 26.63 -14.74
N ASP A 190 0.24 27.40 -13.66
CA ASP A 190 0.86 28.73 -13.69
C ASP A 190 2.35 28.66 -13.93
N LYS A 191 2.98 27.68 -13.28
CA LYS A 191 4.35 27.32 -13.48
C LYS A 191 4.21 26.15 -14.43
N TYR A 192 5.04 26.01 -15.42
CA TYR A 192 4.85 24.90 -16.36
C TYR A 192 3.85 25.07 -17.48
N GLY A 193 2.82 25.89 -17.34
CA GLY A 193 1.81 26.01 -18.41
C GLY A 193 0.75 24.90 -18.34
N LYS A 194 -0.26 25.01 -19.20
CA LYS A 194 -1.49 24.24 -19.05
C LYS A 194 -1.29 22.73 -19.28
N GLN A 195 -0.70 22.35 -20.40
CA GLN A 195 -0.61 20.93 -20.74
C GLN A 195 0.33 20.20 -19.79
N GLN A 196 1.50 20.80 -19.56
CA GLN A 196 2.53 20.24 -18.68
C GLN A 196 2.11 20.27 -17.22
N GLY A 197 1.45 21.36 -16.82
CA GLY A 197 0.87 21.51 -15.48
C GLY A 197 0.01 20.31 -15.10
N MET A 198 -0.82 19.87 -16.04
CA MET A 198 -1.71 18.73 -15.84
C MET A 198 -0.93 17.43 -15.87
N ALA A 199 0.06 17.37 -16.76
CA ALA A 199 0.90 16.20 -16.90
C ALA A 199 1.66 15.94 -15.60
N VAL A 200 2.07 17.03 -14.95
CA VAL A 200 2.74 16.96 -13.65
C VAL A 200 1.73 16.61 -12.56
N PHE A 201 0.55 17.20 -12.65
CA PHE A 201 -0.54 16.78 -11.77
C PHE A 201 -0.76 15.25 -11.82
N ASN A 202 -0.72 14.70 -13.02
CA ASN A 202 -0.89 13.26 -13.23
C ASN A 202 0.30 12.48 -12.67
N GLN A 203 1.47 13.12 -12.62
CA GLN A 203 2.67 12.48 -12.13
C GLN A 203 2.71 12.44 -10.60
N LEU A 204 2.12 13.46 -9.98
CA LEU A 204 2.08 13.58 -8.51
C LEU A 204 0.84 12.91 -7.87
N LYS A 205 -0.27 12.88 -8.60
CA LYS A 205 -1.53 12.35 -8.10
C LYS A 205 -2.24 11.59 -9.20
N TRP A 206 -1.64 10.49 -9.60
CA TRP A 206 -2.22 9.63 -10.62
C TRP A 206 -3.57 9.09 -10.14
N LEU A 207 -4.44 8.85 -11.13
CA LEU A 207 -5.68 8.12 -10.91
C LEU A 207 -5.35 6.71 -10.55
N VAL A 208 -4.53 6.10 -11.39
CA VAL A 208 -4.24 4.67 -11.28
C VAL A 208 -2.80 4.35 -11.64
N ASN A 209 -2.20 3.46 -10.85
CA ASN A 209 -0.83 3.03 -11.09
C ASN A 209 -0.74 1.51 -11.26
N PRO A 210 -0.51 1.05 -12.52
CA PRO A 210 -0.40 -0.36 -12.94
C PRO A 210 0.47 -1.24 -12.04
N SER A 211 1.55 -0.68 -11.51
CA SER A 211 2.48 -1.46 -10.66
C SER A 211 2.05 -1.61 -9.19
N ALA A 212 0.86 -1.14 -8.85
CA ALA A 212 0.44 -1.12 -7.45
C ALA A 212 0.15 -2.49 -6.90
N PRO A 213 0.78 -2.85 -5.78
CA PRO A 213 0.38 -4.04 -5.04
C PRO A 213 -1.13 -4.10 -4.71
N THR A 214 -1.81 -5.07 -5.31
CA THR A 214 -3.25 -5.28 -5.13
C THR A 214 -3.53 -6.50 -4.25
N THR A 215 -4.62 -6.44 -3.49
CA THR A 215 -4.99 -7.49 -2.57
C THR A 215 -5.65 -8.65 -3.33
N ILE A 216 -6.17 -8.37 -4.53
CA ILE A 216 -6.65 -9.38 -5.48
C ILE A 216 -5.73 -9.47 -6.71
N ALA A 217 -4.97 -10.57 -6.79
CA ALA A 217 -4.01 -10.81 -7.88
C ALA A 217 -4.64 -10.55 -9.25
N ALA A 218 -3.86 -9.98 -10.17
CA ALA A 218 -4.36 -9.64 -11.52
C ALA A 218 -4.90 -10.83 -12.34
N ARG A 219 -4.39 -12.04 -12.08
CA ARG A 219 -4.89 -13.27 -12.71
C ARG A 219 -6.36 -13.50 -12.46
N GLU A 220 -6.82 -13.06 -11.30
CA GLU A 220 -8.20 -13.29 -10.90
C GLU A 220 -9.11 -12.25 -11.58
N SER A 221 -8.78 -10.97 -11.53
CA SER A 221 -9.66 -9.95 -12.12
C SER A 221 -9.07 -8.54 -12.19
N ALA A 222 -9.47 -7.75 -13.18
CA ALA A 222 -9.20 -6.30 -13.21
C ALA A 222 -10.42 -5.49 -12.71
N CYS B 1 -4.83 0.30 8.59
CA CYS B 1 -5.43 -0.95 9.09
C CYS B 1 -4.83 -2.11 8.30
N ASN B 2 -4.51 -3.22 8.96
CA ASN B 2 -4.05 -4.41 8.22
C ASN B 2 -4.83 -5.66 8.46
N MET B 3 -4.71 -6.58 7.52
CA MET B 3 -5.24 -7.92 7.68
C MET B 3 -4.59 -8.94 6.76
N TRP B 4 -4.40 -10.14 7.29
CA TRP B 4 -4.13 -11.32 6.45
C TRP B 4 -5.08 -12.47 6.79
N VAL B 5 -5.66 -13.05 5.73
CA VAL B 5 -6.54 -14.20 5.83
C VAL B 5 -5.90 -15.36 5.07
N ILE B 6 -5.83 -16.51 5.73
CA ILE B 6 -5.07 -17.66 5.23
C ILE B 6 -5.99 -18.85 4.97
N GLY B 7 -6.00 -19.32 3.71
CA GLY B 7 -6.92 -20.37 3.28
C GLY B 7 -6.55 -21.79 3.67
N LYS B 8 -7.25 -22.75 3.09
CA LYS B 8 -7.07 -24.20 3.38
C LYS B 8 -5.66 -24.63 3.01
N ASN B 9 -5.24 -24.26 1.81
CA ASN B 9 -3.95 -24.71 1.25
C ASN B 9 -2.76 -24.07 1.94
N LYS B 10 -2.98 -22.92 2.55
CA LYS B 10 -1.92 -22.16 3.18
C LYS B 10 -1.93 -22.32 4.68
N ALA B 11 -3.02 -22.82 5.24
CA ALA B 11 -3.09 -23.04 6.69
C ALA B 11 -2.43 -24.37 7.07
N GLN B 12 -2.15 -24.52 8.35
CA GLN B 12 -1.43 -25.69 8.85
C GLN B 12 -1.98 -26.00 10.24
N ASP B 13 -2.49 -27.23 10.38
CA ASP B 13 -3.20 -27.70 11.60
C ASP B 13 -4.49 -26.91 11.82
N ALA B 14 -5.05 -26.43 10.71
CA ALA B 14 -6.33 -25.72 10.69
C ALA B 14 -6.74 -25.49 9.25
N LYS B 15 -7.99 -25.12 9.04
CA LYS B 15 -8.51 -24.94 7.68
C LYS B 15 -8.47 -23.48 7.21
N ALA B 16 -8.66 -22.55 8.14
CA ALA B 16 -8.49 -21.13 7.83
C ALA B 16 -8.13 -20.31 9.07
N ILE B 17 -7.30 -19.29 8.84
CA ILE B 17 -6.90 -18.36 9.89
C ILE B 17 -7.05 -16.92 9.40
N MET B 18 -7.65 -16.09 10.25
CA MET B 18 -7.88 -14.69 9.93
C MET B 18 -7.27 -13.82 11.05
N VAL B 19 -6.28 -13.00 10.68
CA VAL B 19 -5.63 -12.07 11.61
C VAL B 19 -5.87 -10.61 11.18
N ASN B 20 -6.38 -9.82 12.12
CA ASN B 20 -6.91 -8.49 11.86
C ASN B 20 -6.30 -7.43 12.77
N GLY B 21 -5.78 -6.37 12.19
CA GLY B 21 -5.19 -5.28 12.94
C GLY B 21 -5.69 -3.93 12.47
N PRO B 22 -6.90 -3.53 12.94
CA PRO B 22 -7.40 -2.21 12.59
C PRO B 22 -6.58 -1.10 13.26
N GLN B 23 -6.19 -0.06 12.52
CA GLN B 23 -5.41 1.05 13.06
C GLN B 23 -6.20 2.33 13.10
N PHE B 24 -6.51 2.76 14.33
CA PHE B 24 -7.24 3.97 14.57
C PHE B 24 -6.53 4.87 15.57
N GLY B 25 -5.26 4.62 15.84
CA GLY B 25 -4.54 5.30 16.91
C GLY B 25 -4.75 4.52 18.19
N TRP B 26 -4.19 5.00 19.30
CA TRP B 26 -4.28 4.30 20.58
C TRP B 26 -4.88 5.18 21.65
N TYR B 27 -5.88 4.68 22.38
CA TYR B 27 -6.60 5.54 23.31
C TYR B 27 -6.89 4.80 24.58
N ALA B 28 -7.20 5.57 25.62
CA ALA B 28 -7.60 5.05 26.89
C ALA B 28 -8.79 5.86 27.38
N PRO B 29 -9.92 5.18 27.70
CA PRO B 29 -10.13 3.73 27.63
C PRO B 29 -10.02 3.24 26.20
N ALA B 30 -10.04 1.93 26.01
CA ALA B 30 -9.75 1.34 24.71
C ALA B 30 -10.74 1.72 23.64
N TYR B 31 -10.24 1.83 22.40
CA TYR B 31 -11.01 2.28 21.27
C TYR B 31 -12.19 1.34 21.04
N THR B 32 -11.92 0.04 21.05
CA THR B 32 -12.95 -0.97 20.83
C THR B 32 -13.47 -1.60 22.11
N TYR B 33 -14.67 -2.18 22.01
CA TYR B 33 -15.42 -2.78 23.12
C TYR B 33 -15.61 -4.26 22.86
N GLY B 34 -15.37 -5.08 23.90
CA GLY B 34 -15.55 -6.53 23.84
C GLY B 34 -16.98 -6.88 24.19
N ILE B 35 -17.58 -7.76 23.40
CA ILE B 35 -18.97 -8.08 23.59
C ILE B 35 -19.33 -9.44 22.97
N GLY B 36 -20.15 -10.21 23.67
CA GLY B 36 -20.74 -11.43 23.12
C GLY B 36 -22.25 -11.28 23.04
N LEU B 37 -22.85 -11.74 21.94
CA LEU B 37 -24.32 -11.68 21.77
C LEU B 37 -24.92 -13.02 21.42
N HIS B 38 -25.94 -13.41 22.20
CA HIS B 38 -26.55 -14.73 22.10
C HIS B 38 -28.07 -14.65 22.21
N GLY B 39 -28.73 -14.74 21.07
CA GLY B 39 -30.18 -14.73 21.01
C GLY B 39 -30.71 -14.00 19.80
N ALA B 40 -32.02 -14.12 19.58
CA ALA B 40 -32.72 -13.42 18.50
C ALA B 40 -32.06 -13.62 17.12
N GLY B 41 -31.48 -14.80 16.88
CA GLY B 41 -30.83 -15.13 15.62
C GLY B 41 -29.31 -14.99 15.65
N TYR B 42 -28.81 -14.31 16.69
CA TYR B 42 -27.37 -14.00 16.85
C TYR B 42 -26.66 -14.97 17.79
N ASP B 43 -25.49 -15.46 17.37
CA ASP B 43 -24.56 -16.09 18.29
C ASP B 43 -23.15 -15.64 17.91
N VAL B 44 -22.65 -14.62 18.63
CA VAL B 44 -21.40 -13.95 18.22
C VAL B 44 -20.45 -13.56 19.35
N THR B 45 -19.16 -13.56 19.01
CA THR B 45 -18.11 -12.94 19.83
C THR B 45 -17.17 -12.09 19.05
N GLY B 46 -16.74 -11.01 19.70
CA GLY B 46 -15.56 -10.27 19.29
C GLY B 46 -15.52 -8.93 19.97
N ASN B 47 -15.08 -7.93 19.22
CA ASN B 47 -15.05 -6.56 19.73
C ASN B 47 -15.27 -5.54 18.61
N THR B 48 -15.54 -4.30 18.99
CA THR B 48 -16.01 -3.33 18.03
C THR B 48 -15.88 -1.89 18.51
N PRO B 49 -15.53 -0.98 17.58
CA PRO B 49 -15.29 0.42 17.94
C PRO B 49 -16.50 1.04 18.52
N PHE B 50 -16.34 1.78 19.61
CA PHE B 50 -17.43 2.58 20.18
C PHE B 50 -18.70 1.76 20.44
N ALA B 51 -18.52 0.45 20.64
CA ALA B 51 -19.62 -0.41 21.00
C ALA B 51 -20.81 -0.23 20.05
N TYR B 52 -20.52 -0.27 18.75
CA TYR B 52 -21.58 -0.31 17.73
C TYR B 52 -22.39 -1.59 17.91
N PRO B 53 -23.67 -1.56 17.52
CA PRO B 53 -24.50 -2.76 17.50
C PRO B 53 -23.83 -3.91 16.77
N GLY B 54 -23.26 -3.62 15.61
CA GLY B 54 -22.58 -4.63 14.81
C GLY B 54 -21.14 -4.77 15.18
N LEU B 55 -20.68 -6.01 15.25
CA LEU B 55 -19.30 -6.30 15.53
C LEU B 55 -18.50 -6.24 14.26
N VAL B 56 -17.55 -5.31 14.18
CA VAL B 56 -16.75 -5.21 12.98
C VAL B 56 -15.64 -6.30 13.00
N PHE B 57 -15.29 -6.78 14.20
CA PHE B 57 -14.29 -7.84 14.36
C PHE B 57 -14.79 -9.01 15.23
N GLY B 58 -15.03 -10.16 14.60
CA GLY B 58 -15.59 -11.33 15.30
C GLY B 58 -16.02 -12.53 14.46
N HIS B 59 -16.66 -13.49 15.12
CA HIS B 59 -17.15 -14.73 14.49
C HIS B 59 -18.43 -15.22 15.17
N ASN B 60 -19.15 -16.12 14.50
CA ASN B 60 -20.46 -16.67 14.97
C ASN B 60 -20.50 -18.21 15.14
N GLY B 61 -19.34 -18.86 15.00
CA GLY B 61 -19.23 -20.30 15.11
C GLY B 61 -18.99 -20.93 13.76
N THR B 62 -19.61 -20.37 12.72
CA THR B 62 -19.48 -20.90 11.37
C THR B 62 -18.50 -20.05 10.51
N ILE B 63 -18.71 -18.73 10.53
CA ILE B 63 -17.83 -17.79 9.79
C ILE B 63 -17.24 -16.71 10.71
N SER B 64 -16.25 -16.00 10.17
CA SER B 64 -15.69 -14.81 10.82
C SER B 64 -15.48 -13.71 9.81
N TRP B 65 -15.47 -12.48 10.33
CA TRP B 65 -15.41 -11.28 9.54
C TRP B 65 -14.45 -10.25 10.14
N GLY B 66 -14.10 -9.27 9.30
CA GLY B 66 -13.23 -8.19 9.69
C GLY B 66 -13.23 -7.10 8.64
N SER B 67 -12.45 -6.06 8.90
CA SER B 67 -12.43 -4.84 8.08
C SER B 67 -11.07 -4.13 8.09
N THR B 68 -10.80 -3.46 6.97
CA THR B 68 -9.73 -2.46 6.87
C THR B 68 -10.33 -1.33 6.02
N ALA B 69 -9.79 -0.13 6.11
CA ALA B 69 -10.43 1.00 5.45
C ALA B 69 -10.20 0.95 3.94
N GLY B 70 -11.25 1.23 3.17
CA GLY B 70 -11.24 1.02 1.73
C GLY B 70 -10.45 2.03 0.94
N PHE B 71 -10.73 3.30 1.17
CA PHE B 71 -10.13 4.39 0.44
C PHE B 71 -10.42 4.34 -1.07
N GLY B 72 -11.67 4.02 -1.41
CA GLY B 72 -12.17 4.23 -2.77
C GLY B 72 -12.70 5.65 -2.88
N ASP B 73 -12.86 6.17 -4.10
CA ASP B 73 -13.32 7.56 -4.23
C ASP B 73 -14.82 7.62 -4.23
N ASP B 74 -15.40 7.78 -3.06
CA ASP B 74 -16.85 7.84 -2.92
C ASP B 74 -17.32 9.22 -2.53
N VAL B 75 -16.45 10.20 -2.67
CA VAL B 75 -16.84 11.60 -2.47
C VAL B 75 -16.37 12.47 -3.63
N ASP B 76 -17.26 13.33 -4.12
CA ASP B 76 -16.92 14.38 -5.08
C ASP B 76 -17.46 15.73 -4.62
N ILE B 77 -16.99 16.78 -5.25
CA ILE B 77 -17.34 18.12 -4.88
C ILE B 77 -17.95 18.82 -6.07
N PHE B 78 -19.09 19.43 -5.85
CA PHE B 78 -19.80 20.10 -6.91
C PHE B 78 -19.73 21.61 -6.72
N ALA B 79 -19.34 22.27 -7.80
CA ALA B 79 -19.19 23.71 -7.82
C ALA B 79 -20.53 24.29 -8.23
N GLU B 80 -21.28 24.76 -7.24
CA GLU B 80 -22.60 25.33 -7.45
C GLU B 80 -22.52 26.76 -7.94
N LYS B 81 -23.34 27.09 -8.93
CA LYS B 81 -23.39 28.44 -9.47
C LYS B 81 -24.48 29.24 -8.75
N LEU B 82 -24.09 30.35 -8.12
CA LEU B 82 -25.06 31.27 -7.49
C LEU B 82 -25.13 32.61 -8.22
N SER B 83 -26.09 33.44 -7.81
CA SER B 83 -26.17 34.84 -8.27
C SER B 83 -26.13 35.77 -7.05
N ALA B 84 -25.48 36.92 -7.20
CA ALA B 84 -25.43 37.94 -6.14
C ALA B 84 -26.80 38.52 -5.83
N GLU B 85 -27.68 38.54 -6.83
CA GLU B 85 -29.09 38.97 -6.67
C GLU B 85 -30.03 37.92 -6.04
N LYS B 86 -29.52 36.80 -5.54
CA LYS B 86 -30.36 35.78 -4.89
C LYS B 86 -29.68 34.98 -3.80
N PRO B 87 -29.72 35.49 -2.58
CA PRO B 87 -29.07 34.75 -1.53
C PRO B 87 -29.82 33.45 -1.27
N GLY B 88 -29.09 32.34 -1.29
CA GLY B 88 -29.68 31.05 -0.95
C GLY B 88 -30.20 30.25 -2.12
N TYR B 89 -29.86 30.68 -3.33
CA TYR B 89 -30.27 29.99 -4.55
C TYR B 89 -29.10 29.65 -5.43
N TYR B 90 -29.18 28.50 -6.09
CA TYR B 90 -28.15 28.05 -7.01
C TYR B 90 -28.76 27.59 -8.30
N GLN B 91 -28.03 27.71 -9.40
CA GLN B 91 -28.57 27.29 -10.67
C GLN B 91 -28.32 25.81 -10.97
N HIS B 92 -29.37 25.14 -11.42
CA HIS B 92 -29.35 23.73 -11.73
C HIS B 92 -30.43 23.39 -12.75
N ASN B 93 -30.04 22.73 -13.83
CA ASN B 93 -30.91 22.50 -15.01
C ASN B 93 -31.69 23.74 -15.52
N GLY B 94 -31.02 24.89 -15.58
CA GLY B 94 -31.60 26.09 -16.19
C GLY B 94 -32.57 26.88 -15.32
N GLU B 95 -32.73 26.47 -14.07
CA GLU B 95 -33.63 27.18 -13.17
C GLU B 95 -32.98 27.37 -11.81
N TRP B 96 -33.39 28.39 -11.10
CA TRP B 96 -32.83 28.74 -9.80
C TRP B 96 -33.50 27.95 -8.68
N VAL B 97 -32.72 27.14 -7.97
CA VAL B 97 -33.24 26.23 -6.97
C VAL B 97 -32.84 26.72 -5.59
N LYS B 98 -33.77 26.61 -4.63
CA LYS B 98 -33.55 27.02 -3.24
C LYS B 98 -32.63 26.06 -2.53
N MET B 99 -31.70 26.60 -1.76
CA MET B 99 -30.96 25.79 -0.79
C MET B 99 -31.81 25.45 0.42
N LEU B 100 -31.64 24.25 0.93
CA LEU B 100 -32.04 23.92 2.29
C LEU B 100 -31.06 24.62 3.25
N SER B 101 -31.57 25.03 4.40
CA SER B 101 -30.76 25.65 5.44
C SER B 101 -31.37 25.38 6.79
N ARG B 102 -30.53 25.12 7.77
CA ARG B 102 -30.99 25.02 9.15
C ARG B 102 -30.16 25.96 10.02
N LYS B 103 -30.70 26.34 11.17
CA LYS B 103 -29.98 27.16 12.14
C LYS B 103 -29.60 26.35 13.32
N GLU B 104 -28.33 26.48 13.67
CA GLU B 104 -27.79 25.80 14.82
C GLU B 104 -27.27 26.84 15.79
N THR B 105 -27.47 26.56 17.06
CA THR B 105 -27.00 27.39 18.13
C THR B 105 -26.11 26.46 18.94
N ILE B 106 -24.93 26.95 19.26
CA ILE B 106 -24.01 26.22 20.10
C ILE B 106 -24.02 26.81 21.50
N ALA B 107 -24.51 26.03 22.44
CA ALA B 107 -24.42 26.35 23.86
C ALA B 107 -22.99 26.15 24.32
N VAL B 108 -22.47 27.16 25.02
CA VAL B 108 -21.11 27.15 25.53
C VAL B 108 -21.17 27.26 27.06
N LYS B 109 -20.72 26.23 27.76
CA LYS B 109 -20.56 26.32 29.22
C LYS B 109 -19.80 27.58 29.56
N ASP B 110 -20.32 28.33 30.52
CA ASP B 110 -19.72 29.59 30.97
C ASP B 110 -19.32 30.52 29.81
N GLY B 111 -20.17 30.60 28.78
CA GLY B 111 -19.87 31.42 27.62
C GLY B 111 -21.09 31.83 26.83
N GLN B 112 -20.89 32.77 25.92
CA GLN B 112 -21.98 33.26 25.07
C GLN B 112 -22.24 32.30 23.93
N PRO B 113 -23.52 31.98 23.65
CA PRO B 113 -23.85 31.05 22.56
C PRO B 113 -23.53 31.61 21.19
N GLU B 114 -23.16 30.74 20.24
CA GLU B 114 -22.89 31.14 18.84
C GLU B 114 -23.85 30.46 17.87
N THR B 115 -24.47 31.26 17.02
CA THR B 115 -25.38 30.74 16.04
C THR B 115 -24.95 30.97 14.62
N PHE B 116 -25.23 29.98 13.79
CA PHE B 116 -24.84 29.99 12.39
C PHE B 116 -25.76 29.10 11.58
N THR B 117 -25.57 29.18 10.27
CA THR B 117 -26.40 28.47 9.34
C THR B 117 -25.56 27.40 8.63
N VAL B 118 -26.11 26.20 8.54
CA VAL B 118 -25.59 25.16 7.66
C VAL B 118 -26.41 25.21 6.37
N TRP B 119 -25.76 25.19 5.22
CA TRP B 119 -26.48 25.12 3.93
C TRP B 119 -26.34 23.75 3.27
N ARG B 120 -27.32 23.40 2.45
CA ARG B 120 -27.33 22.12 1.80
C ARG B 120 -27.96 22.24 0.44
N THR B 121 -27.35 21.64 -0.57
CA THR B 121 -27.92 21.58 -1.90
C THR B 121 -28.28 20.15 -2.23
N LEU B 122 -28.88 19.98 -3.41
CA LEU B 122 -29.01 18.68 -4.12
C LEU B 122 -27.86 17.71 -3.90
N HIS B 123 -26.64 18.23 -4.05
CA HIS B 123 -25.45 17.40 -4.03
C HIS B 123 -24.96 17.12 -2.62
N GLY B 124 -25.19 18.04 -1.70
CA GLY B 124 -24.84 17.80 -0.31
C GLY B 124 -24.65 19.10 0.43
N ASN B 125 -24.09 19.00 1.64
CA ASN B 125 -23.78 20.17 2.42
C ASN B 125 -22.76 21.07 1.76
N VAL B 126 -22.93 22.35 2.00
CA VAL B 126 -22.01 23.35 1.53
C VAL B 126 -20.79 23.31 2.45
N ILE B 127 -19.61 23.28 1.86
CA ILE B 127 -18.37 23.27 2.64
C ILE B 127 -17.60 24.57 2.55
N LYS B 128 -17.87 25.37 1.53
CA LYS B 128 -17.24 26.68 1.46
C LYS B 128 -17.85 27.49 0.37
N THR B 129 -17.74 28.80 0.52
CA THR B 129 -18.33 29.76 -0.42
C THR B 129 -17.31 30.83 -0.82
N ASP B 130 -17.27 31.12 -2.12
CA ASP B 130 -16.39 32.14 -2.66
C ASP B 130 -17.20 33.21 -3.43
N THR B 131 -17.73 34.16 -2.67
CA THR B 131 -18.54 35.27 -3.20
C THR B 131 -17.91 35.94 -4.40
N ALA B 132 -16.58 36.02 -4.39
CA ALA B 132 -15.84 36.59 -5.50
C ALA B 132 -16.20 35.88 -6.80
N THR B 133 -16.05 34.54 -6.86
CA THR B 133 -16.36 33.77 -8.10
C THR B 133 -17.83 33.41 -8.23
N GLN B 134 -18.64 33.93 -7.30
CA GLN B 134 -20.03 33.51 -7.15
C GLN B 134 -20.19 31.99 -7.26
N THR B 135 -19.41 31.25 -6.45
CA THR B 135 -19.52 29.76 -6.42
C THR B 135 -19.59 29.24 -5.00
N ALA B 136 -20.36 28.18 -4.84
CA ALA B 136 -20.43 27.42 -3.58
C ALA B 136 -20.06 25.95 -3.80
N TYR B 137 -19.28 25.41 -2.87
CA TYR B 137 -18.79 24.06 -2.98
C TYR B 137 -19.60 23.13 -2.12
N ALA B 138 -20.22 22.13 -2.77
CA ALA B 138 -21.08 21.18 -2.10
C ALA B 138 -20.45 19.79 -2.15
N LYS B 139 -20.47 19.10 -1.01
CA LYS B 139 -19.83 17.78 -0.89
C LYS B 139 -20.82 16.61 -1.02
N ALA B 140 -20.78 15.96 -2.19
CA ALA B 140 -21.60 14.81 -2.52
C ALA B 140 -20.99 13.52 -2.05
N ARG B 141 -21.73 12.77 -1.25
CA ARG B 141 -21.28 11.45 -0.81
C ARG B 141 -22.15 10.36 -1.41
N ALA B 142 -21.54 9.42 -2.13
CA ALA B 142 -22.25 8.24 -2.61
C ALA B 142 -23.08 7.53 -1.52
N TRP B 143 -22.56 7.47 -0.31
CA TRP B 143 -23.26 6.80 0.81
C TRP B 143 -24.32 7.66 1.48
N ASP B 144 -24.53 8.87 0.98
CA ASP B 144 -25.53 9.75 1.56
C ASP B 144 -26.89 9.13 1.46
N GLY B 145 -27.59 9.09 2.58
CA GLY B 145 -28.90 8.46 2.67
C GLY B 145 -28.82 7.00 3.03
N LYS B 146 -27.61 6.43 3.06
CA LYS B 146 -27.42 4.99 3.34
C LYS B 146 -26.56 4.78 4.59
N GLU B 147 -26.58 5.76 5.49
CA GLU B 147 -25.73 5.72 6.68
C GLU B 147 -26.24 4.62 7.61
N VAL B 148 -27.54 4.67 7.93
CA VAL B 148 -28.11 3.72 8.88
C VAL B 148 -28.29 2.35 8.20
N ALA B 149 -28.61 2.35 6.91
CA ALA B 149 -28.53 1.11 6.12
C ALA B 149 -27.19 0.40 6.38
N SER B 150 -26.09 1.16 6.36
CA SER B 150 -24.77 0.63 6.56
C SER B 150 -24.56 0.13 7.99
N LEU B 151 -25.06 0.89 8.97
CA LEU B 151 -25.01 0.43 10.37
C LEU B 151 -25.61 -0.95 10.46
N LEU B 152 -26.79 -1.10 9.89
CA LEU B 152 -27.53 -2.33 9.99
C LEU B 152 -26.87 -3.45 9.19
N ALA B 153 -26.24 -3.14 8.07
CA ALA B 153 -25.63 -4.20 7.31
C ALA B 153 -24.52 -4.87 8.14
N TRP B 154 -23.75 -4.05 8.87
CA TRP B 154 -22.69 -4.51 9.78
C TRP B 154 -23.21 -5.50 10.79
N THR B 155 -24.45 -5.25 11.22
CA THR B 155 -25.10 -6.09 12.25
C THR B 155 -25.64 -7.40 11.67
N HIS B 156 -26.38 -7.32 10.58
CA HIS B 156 -27.00 -8.49 9.99
C HIS B 156 -25.97 -9.49 9.42
N GLN B 157 -24.81 -9.02 8.98
CA GLN B 157 -23.77 -9.94 8.51
C GLN B 157 -23.38 -10.95 9.59
N MET B 158 -23.56 -10.57 10.86
CA MET B 158 -23.19 -11.45 11.96
C MET B 158 -24.00 -12.76 11.98
N LYS B 159 -25.20 -12.73 11.39
CA LYS B 159 -26.08 -13.90 11.21
C LYS B 159 -25.73 -14.77 10.02
N ALA B 160 -25.00 -14.25 9.05
CA ALA B 160 -24.73 -15.02 7.84
C ALA B 160 -23.88 -16.25 8.15
N LYS B 161 -24.04 -17.27 7.34
CA LYS B 161 -23.45 -18.57 7.59
C LYS B 161 -22.77 -19.14 6.35
N ASN B 162 -22.77 -18.36 5.28
CA ASN B 162 -21.94 -18.69 4.12
C ASN B 162 -21.69 -17.47 3.22
N TRP B 163 -20.86 -17.67 2.20
CA TRP B 163 -20.45 -16.60 1.32
C TRP B 163 -21.68 -15.86 0.72
N PRO B 164 -22.59 -16.59 0.06
CA PRO B 164 -23.80 -15.96 -0.48
C PRO B 164 -24.57 -15.07 0.50
N GLU B 165 -24.92 -15.58 1.68
CA GLU B 165 -25.72 -14.83 2.64
C GLU B 165 -25.00 -13.58 3.10
N TRP B 166 -23.67 -13.70 3.20
CA TRP B 166 -22.81 -12.63 3.76
C TRP B 166 -22.57 -11.53 2.72
N THR B 167 -22.26 -11.91 1.47
CA THR B 167 -22.18 -10.93 0.38
C THR B 167 -23.46 -10.13 0.18
N GLN B 168 -24.60 -10.73 0.48
CA GLN B 168 -25.89 -10.03 0.41
C GLN B 168 -25.92 -8.79 1.34
N GLN B 169 -25.27 -8.91 2.50
CA GLN B 169 -25.11 -7.77 3.41
C GLN B 169 -24.03 -6.81 2.92
N ALA B 170 -22.87 -7.35 2.57
CA ALA B 170 -21.80 -6.58 1.99
C ALA B 170 -22.33 -5.61 0.95
N ALA B 171 -23.29 -6.03 0.14
CA ALA B 171 -23.86 -5.17 -0.92
C ALA B 171 -24.67 -4.00 -0.38
N LYS B 172 -25.17 -4.14 0.85
CA LYS B 172 -25.95 -3.11 1.52
C LYS B 172 -25.11 -2.20 2.38
N GLN B 173 -23.81 -2.43 2.38
CA GLN B 173 -22.85 -1.57 3.08
C GLN B 173 -22.28 -0.54 2.13
N ALA B 174 -22.48 0.73 2.46
CA ALA B 174 -22.26 1.83 1.51
C ALA B 174 -20.95 2.62 1.76
N LEU B 175 -20.44 2.51 2.98
CA LEU B 175 -19.17 3.17 3.30
C LEU B 175 -18.03 2.40 2.59
N THR B 176 -16.98 3.13 2.21
CA THR B 176 -15.88 2.54 1.45
C THR B 176 -14.95 1.77 2.35
N ILE B 177 -15.28 0.51 2.56
CA ILE B 177 -14.62 -0.32 3.52
C ILE B 177 -14.32 -1.70 2.97
N ASN B 178 -13.16 -2.24 3.32
CA ASN B 178 -12.78 -3.59 2.94
C ASN B 178 -13.37 -4.60 3.93
N TRP B 179 -13.95 -5.67 3.39
CA TRP B 179 -14.64 -6.69 4.16
C TRP B 179 -14.00 -8.03 3.87
N TYR B 180 -13.80 -8.81 4.93
CA TYR B 180 -13.09 -10.08 4.88
C TYR B 180 -13.92 -11.20 5.49
N TYR B 181 -13.79 -12.39 4.91
CA TYR B 181 -14.60 -13.56 5.22
C TYR B 181 -13.72 -14.80 5.36
N ALA B 182 -14.02 -15.61 6.39
CA ALA B 182 -13.43 -16.95 6.54
C ALA B 182 -14.47 -17.88 7.14
N ASP B 183 -14.38 -19.18 6.87
CA ASP B 183 -15.35 -20.15 7.46
C ASP B 183 -14.77 -21.47 7.93
N VAL B 184 -15.61 -22.27 8.56
CA VAL B 184 -15.21 -23.59 9.05
C VAL B 184 -14.65 -24.51 7.95
N ASN B 185 -15.16 -24.39 6.73
CA ASN B 185 -14.71 -25.21 5.61
C ASN B 185 -13.38 -24.78 5.05
N GLY B 186 -12.86 -23.65 5.52
CA GLY B 186 -11.58 -23.13 5.04
C GLY B 186 -11.65 -22.26 3.78
N ASN B 187 -12.86 -21.86 3.40
CA ASN B 187 -13.01 -20.79 2.41
C ASN B 187 -12.68 -19.41 2.94
N ILE B 188 -12.07 -18.63 2.08
CA ILE B 188 -11.72 -17.27 2.41
C ILE B 188 -12.20 -16.35 1.30
N GLY B 189 -12.63 -15.14 1.71
CA GLY B 189 -13.12 -14.15 0.77
C GLY B 189 -12.90 -12.70 1.16
N TYR B 190 -12.96 -11.85 0.14
CA TYR B 190 -12.71 -10.42 0.26
C TYR B 190 -13.69 -9.63 -0.59
N VAL B 191 -14.18 -8.52 -0.04
CA VAL B 191 -15.04 -7.59 -0.79
C VAL B 191 -14.72 -6.15 -0.47
N HIS B 192 -14.37 -5.38 -1.49
CA HIS B 192 -14.14 -3.95 -1.34
C HIS B 192 -15.49 -3.29 -1.42
N THR B 193 -16.12 -3.11 -0.27
CA THR B 193 -17.50 -2.68 -0.19
C THR B 193 -17.69 -1.19 -0.34
N GLY B 194 -18.94 -0.82 -0.69
CA GLY B 194 -19.36 0.58 -0.67
C GLY B 194 -20.21 1.01 -1.85
N ALA B 195 -20.89 2.14 -1.70
CA ALA B 195 -21.53 2.86 -2.80
C ALA B 195 -20.48 3.69 -3.52
N TYR B 196 -20.51 3.64 -4.85
CA TYR B 196 -19.55 4.35 -5.67
C TYR B 196 -20.29 5.00 -6.86
N PRO B 197 -19.93 6.24 -7.22
CA PRO B 197 -20.79 6.89 -8.22
C PRO B 197 -20.58 6.43 -9.67
N ASP B 198 -21.67 6.34 -10.41
CA ASP B 198 -21.61 6.23 -11.87
C ASP B 198 -21.44 7.64 -12.38
N ARG B 199 -20.24 7.95 -12.84
CA ARG B 199 -19.90 9.32 -13.22
C ARG B 199 -20.20 9.55 -14.69
N GLN B 200 -20.38 10.81 -15.08
CA GLN B 200 -20.49 11.14 -16.52
C GLN B 200 -19.16 10.86 -17.22
N PRO B 201 -19.19 10.41 -18.48
CA PRO B 201 -17.91 10.28 -19.13
C PRO B 201 -17.18 11.61 -19.11
N GLY B 202 -15.89 11.56 -18.77
CA GLY B 202 -15.02 12.73 -18.74
C GLY B 202 -14.95 13.40 -17.38
N HIS B 203 -15.71 12.90 -16.43
CA HIS B 203 -15.66 13.38 -15.06
C HIS B 203 -14.34 12.91 -14.43
N ASP B 204 -13.43 13.87 -14.21
CA ASP B 204 -12.21 13.63 -13.46
C ASP B 204 -12.56 13.75 -11.99
N PRO B 205 -12.52 12.61 -11.27
CA PRO B 205 -12.94 12.54 -9.89
C PRO B 205 -11.94 13.01 -8.86
N ARG B 206 -10.80 13.55 -9.30
CA ARG B 206 -9.81 14.18 -8.42
C ARG B 206 -10.07 15.67 -8.23
N LEU B 207 -10.97 16.22 -9.02
CA LEU B 207 -11.23 17.64 -9.02
C LEU B 207 -12.71 17.95 -8.92
N PRO B 208 -13.05 19.19 -8.57
CA PRO B 208 -14.44 19.58 -8.57
C PRO B 208 -15.04 19.55 -9.96
N VAL B 209 -16.37 19.59 -10.00
CA VAL B 209 -17.13 19.68 -11.25
C VAL B 209 -18.29 20.66 -11.07
N PRO B 210 -18.79 21.20 -12.19
CA PRO B 210 -19.87 22.15 -12.03
C PRO B 210 -21.11 21.45 -11.50
N GLY B 211 -21.88 22.14 -10.66
CA GLY B 211 -23.13 21.59 -10.16
C GLY B 211 -24.35 22.13 -10.88
N THR B 212 -24.17 22.62 -12.11
CA THR B 212 -25.26 23.21 -12.88
C THR B 212 -26.11 22.18 -13.59
N GLY B 213 -25.69 20.92 -13.57
CA GLY B 213 -26.59 19.82 -13.94
C GLY B 213 -26.02 18.76 -14.85
N LYS B 214 -25.20 19.15 -15.83
CA LYS B 214 -24.74 18.18 -16.81
C LYS B 214 -23.71 17.19 -16.30
N TRP B 215 -23.10 17.49 -15.14
CA TRP B 215 -22.10 16.61 -14.54
C TRP B 215 -22.60 15.85 -13.32
N ASP B 216 -23.91 15.92 -13.05
CA ASP B 216 -24.50 15.12 -11.96
C ASP B 216 -24.26 13.64 -12.21
N TRP B 217 -24.16 12.89 -11.12
CA TRP B 217 -23.98 11.46 -11.25
C TRP B 217 -25.18 10.87 -12.00
N LYS B 218 -24.91 9.84 -12.80
CA LYS B 218 -25.97 9.08 -13.44
C LYS B 218 -26.76 8.32 -12.38
N GLY B 219 -26.08 7.92 -11.31
CA GLY B 219 -26.67 7.07 -10.28
C GLY B 219 -25.52 6.40 -9.57
N LEU B 220 -25.77 5.28 -8.90
CA LEU B 220 -24.70 4.49 -8.29
C LEU B 220 -24.40 3.28 -9.16
N LEU B 221 -23.13 2.88 -9.21
CA LEU B 221 -22.71 1.63 -9.88
C LEU B 221 -23.25 0.46 -9.09
N SER B 222 -23.40 -0.68 -9.74
CA SER B 222 -23.90 -1.85 -9.01
C SER B 222 -22.78 -2.51 -8.18
N PHE B 223 -23.19 -3.21 -7.12
CA PHE B 223 -22.35 -4.10 -6.35
C PHE B 223 -21.55 -5.08 -7.23
N ASP B 224 -22.11 -5.45 -8.37
CA ASP B 224 -21.40 -6.32 -9.34
C ASP B 224 -19.99 -5.80 -9.67
N LEU B 225 -19.82 -4.48 -9.76
CA LEU B 225 -18.49 -3.88 -10.05
C LEU B 225 -17.55 -3.76 -8.83
N ASN B 226 -18.07 -3.82 -7.61
CA ASN B 226 -17.19 -3.80 -6.44
C ASN B 226 -16.21 -4.96 -6.45
N PRO B 227 -14.90 -4.68 -6.33
CA PRO B 227 -13.87 -5.73 -6.33
C PRO B 227 -14.09 -6.78 -5.24
N LYS B 228 -13.96 -8.05 -5.62
CA LYS B 228 -14.27 -9.16 -4.70
C LYS B 228 -13.51 -10.37 -5.19
N VAL B 229 -13.18 -11.28 -4.26
CA VAL B 229 -12.49 -12.53 -4.57
C VAL B 229 -12.81 -13.61 -3.51
N TYR B 230 -13.07 -14.84 -3.97
CA TYR B 230 -13.44 -15.97 -3.12
C TYR B 230 -12.48 -17.13 -3.41
N ASN B 231 -11.79 -17.62 -2.36
CA ASN B 231 -10.78 -18.67 -2.51
C ASN B 231 -9.85 -18.41 -3.68
N PRO B 232 -8.97 -17.41 -3.53
CA PRO B 232 -8.07 -17.05 -4.63
C PRO B 232 -6.96 -18.08 -4.77
N GLN B 233 -6.37 -18.19 -5.96
CA GLN B 233 -5.32 -19.17 -6.21
C GLN B 233 -4.09 -18.89 -5.37
N SER B 234 -3.99 -17.70 -4.79
CA SER B 234 -2.87 -17.35 -3.92
C SER B 234 -2.93 -18.11 -2.59
N GLY B 235 -4.13 -18.45 -2.13
CA GLY B 235 -4.30 -19.10 -0.83
C GLY B 235 -4.44 -18.13 0.33
N TYR B 236 -4.16 -16.85 0.08
CA TYR B 236 -4.30 -15.82 1.11
C TYR B 236 -4.86 -14.51 0.57
N ILE B 237 -5.43 -13.74 1.50
CA ILE B 237 -5.85 -12.39 1.24
C ILE B 237 -5.13 -11.48 2.23
N ALA B 238 -4.38 -10.50 1.68
CA ALA B 238 -3.56 -9.59 2.47
C ALA B 238 -3.86 -8.13 2.15
N ASN B 239 -4.00 -7.30 3.18
CA ASN B 239 -4.31 -5.88 2.97
C ASN B 239 -3.73 -4.97 4.05
N TRP B 240 -3.20 -3.83 3.62
CA TRP B 240 -2.74 -2.77 4.52
C TRP B 240 -3.17 -1.39 3.96
N ASN B 241 -4.46 -1.27 3.67
CA ASN B 241 -5.05 -0.09 2.99
C ASN B 241 -4.48 0.16 1.60
N ASN B 242 -3.92 -0.89 1.00
CA ASN B 242 -3.43 -0.86 -0.36
C ASN B 242 -4.58 -1.07 -1.37
N SER B 243 -4.27 -0.89 -2.66
CA SER B 243 -5.26 -1.07 -3.74
C SER B 243 -5.91 -2.45 -3.65
N PRO B 244 -7.23 -2.51 -3.85
CA PRO B 244 -7.91 -3.79 -3.79
C PRO B 244 -7.71 -4.65 -5.04
N GLN B 245 -7.44 -4.04 -6.18
CA GLN B 245 -7.57 -4.73 -7.45
C GLN B 245 -6.94 -3.93 -8.56
N LYS B 246 -6.21 -4.61 -9.43
CA LYS B 246 -5.49 -3.94 -10.48
C LYS B 246 -6.41 -2.95 -11.21
N ASP B 247 -5.87 -1.76 -11.46
CA ASP B 247 -6.58 -0.67 -12.13
C ASP B 247 -7.76 -0.05 -11.40
N TYR B 248 -7.95 -0.38 -10.11
CA TYR B 248 -8.95 0.28 -9.27
C TYR B 248 -8.47 1.65 -8.74
N PRO B 249 -9.26 2.70 -8.95
CA PRO B 249 -8.80 4.01 -8.53
C PRO B 249 -9.05 4.31 -7.06
N ALA B 250 -8.06 4.96 -6.42
CA ALA B 250 -8.12 5.35 -5.01
C ALA B 250 -8.76 6.70 -4.80
N SER B 251 -8.99 6.99 -3.52
CA SER B 251 -9.39 8.29 -2.97
C SER B 251 -8.72 9.44 -3.64
N ASP B 252 -9.41 10.57 -3.72
CA ASP B 252 -8.82 11.74 -4.39
C ASP B 252 -7.85 12.53 -3.51
N LEU B 253 -7.77 12.21 -2.22
CA LEU B 253 -6.76 12.78 -1.30
C LEU B 253 -5.38 12.89 -1.93
N PHE B 254 -4.82 14.08 -1.97
CA PHE B 254 -3.50 14.29 -2.59
C PHE B 254 -2.40 13.49 -1.87
N ALA B 255 -2.58 13.26 -0.60
CA ALA B 255 -1.56 12.65 0.25
C ALA B 255 -1.65 11.16 0.27
N PHE B 256 -2.41 10.58 -0.65
CA PHE B 256 -2.75 9.17 -0.63
C PHE B 256 -2.59 8.55 -2.02
N LEU B 257 -1.77 7.52 -2.11
CA LEU B 257 -1.44 6.91 -3.37
C LEU B 257 -1.28 5.42 -3.19
N TRP B 258 -1.75 4.68 -4.19
CA TRP B 258 -1.41 3.29 -4.36
C TRP B 258 -0.44 3.19 -5.54
N GLY B 259 0.80 2.81 -5.27
CA GLY B 259 1.82 2.72 -6.34
C GLY B 259 2.83 1.63 -6.10
N GLY B 260 3.91 1.62 -6.89
CA GLY B 260 4.95 0.61 -6.78
C GLY B 260 5.31 0.31 -5.34
N ALA B 261 5.44 1.36 -4.54
CA ALA B 261 5.81 1.21 -3.15
C ALA B 261 4.55 1.18 -2.31
N ASP B 262 4.36 0.06 -1.62
CA ASP B 262 3.23 -0.12 -0.73
C ASP B 262 3.63 -1.05 0.42
N ARG B 263 3.24 -0.69 1.61
CA ARG B 263 3.65 -1.42 2.80
C ARG B 263 3.09 -2.83 2.86
N VAL B 264 2.00 -3.09 2.12
CA VAL B 264 1.41 -4.45 2.12
C VAL B 264 2.42 -5.49 1.63
N THR B 265 3.35 -5.07 0.75
CA THR B 265 4.44 -5.91 0.28
C THR B 265 5.27 -6.52 1.43
N GLU B 266 5.27 -5.86 2.59
CA GLU B 266 5.94 -6.43 3.76
C GLU B 266 5.21 -7.67 4.25
N ILE B 267 3.90 -7.72 4.08
CA ILE B 267 3.12 -8.89 4.51
C ILE B 267 3.21 -9.97 3.45
N ASP B 268 2.94 -9.61 2.19
CA ASP B 268 3.15 -10.52 1.06
C ASP B 268 4.45 -11.30 1.21
N THR B 269 5.54 -10.59 1.44
CA THR B 269 6.86 -11.20 1.54
C THR B 269 6.92 -12.24 2.67
N THR B 270 6.44 -11.92 3.86
CA THR B 270 6.44 -12.93 4.93
C THR B 270 5.63 -14.17 4.53
N LEU B 271 4.45 -13.93 3.97
CA LEU B 271 3.50 -14.99 3.66
C LEU B 271 3.94 -15.89 2.54
N ASP B 272 4.52 -15.31 1.48
CA ASP B 272 5.15 -16.11 0.44
C ASP B 272 6.34 -16.73 1.20
N LYS B 273 7.13 -17.62 0.59
CA LYS B 273 8.26 -18.27 1.33
C LYS B 273 7.87 -19.45 2.27
N GLN B 274 7.17 -19.17 3.35
CA GLN B 274 6.63 -20.24 4.20
C GLN B 274 5.39 -20.80 3.45
N PRO B 275 5.41 -22.02 2.85
CA PRO B 275 4.17 -22.48 2.16
C PRO B 275 2.95 -22.63 3.08
N ARG B 276 3.18 -22.85 4.37
CA ARG B 276 2.07 -22.97 5.30
C ARG B 276 2.32 -22.32 6.64
N PHE B 277 1.23 -21.98 7.32
CA PHE B 277 1.27 -21.17 8.51
C PHE B 277 0.40 -21.75 9.60
N THR B 278 0.99 -22.04 10.74
CA THR B 278 0.18 -22.44 11.89
C THR B 278 -0.43 -21.19 12.45
N ALA B 279 -1.23 -21.35 13.48
CA ALA B 279 -1.82 -20.22 14.15
C ALA B 279 -0.70 -19.34 14.71
N ASP B 280 0.16 -19.93 15.55
CA ASP B 280 1.20 -19.14 16.22
C ASP B 280 2.05 -18.34 15.24
N GLN B 281 2.39 -18.94 14.11
CA GLN B 281 3.17 -18.27 13.08
C GLN B 281 2.41 -17.12 12.44
N ALA B 282 1.10 -17.28 12.29
CA ALA B 282 0.26 -16.25 11.67
C ALA B 282 0.05 -15.06 12.59
N TRP B 283 -0.02 -15.31 13.90
CA TRP B 283 -0.07 -14.25 14.90
C TRP B 283 1.29 -13.58 15.06
N ASP B 284 2.35 -14.31 14.72
CA ASP B 284 3.68 -13.79 14.84
C ASP B 284 4.02 -12.85 13.69
N VAL B 285 3.17 -12.77 12.68
CA VAL B 285 3.38 -11.79 11.62
C VAL B 285 3.21 -10.38 12.21
N ILE B 286 2.38 -10.23 13.24
CA ILE B 286 2.12 -8.92 13.87
C ILE B 286 3.41 -8.33 14.41
N ARG B 287 4.13 -9.12 15.20
CA ARG B 287 5.45 -8.77 15.74
C ARG B 287 6.36 -8.35 14.61
N GLN B 288 6.47 -9.19 13.61
CA GLN B 288 7.34 -8.89 12.48
C GLN B 288 6.98 -7.58 11.80
N THR B 289 5.72 -7.38 11.50
CA THR B 289 5.29 -6.13 10.87
C THR B 289 5.35 -4.92 11.81
N SER B 290 5.02 -5.13 13.09
CA SER B 290 5.16 -4.11 14.11
C SER B 290 6.45 -3.37 14.05
N ARG B 291 7.52 -4.06 13.67
CA ARG B 291 8.86 -3.51 13.80
C ARG B 291 9.57 -3.27 12.49
N ARG B 292 8.94 -3.67 11.41
CA ARG B 292 9.53 -3.50 10.10
C ARG B 292 9.72 -2.03 9.66
N ASP B 293 10.96 -1.60 9.45
CA ASP B 293 11.18 -0.35 8.72
C ASP B 293 10.64 -0.54 7.33
N LEU B 294 9.74 0.35 6.95
CA LEU B 294 9.01 0.23 5.71
C LEU B 294 9.74 0.72 4.49
N ASN B 295 10.83 1.46 4.71
CA ASN B 295 11.54 2.16 3.64
C ASN B 295 12.83 1.53 3.19
N LEU B 296 13.44 0.74 4.10
CA LEU B 296 14.69 0.09 3.79
C LEU B 296 14.64 -0.61 2.43
N ARG B 297 13.65 -1.48 2.27
CA ARG B 297 13.45 -2.25 1.04
C ARG B 297 13.43 -1.41 -0.25
N LEU B 298 12.85 -0.22 -0.14
CA LEU B 298 12.56 0.59 -1.30
C LEU B 298 13.77 1.29 -1.81
N PHE B 299 14.67 1.69 -0.91
CA PHE B 299 15.76 2.57 -1.30
C PHE B 299 17.16 2.00 -1.22
N LEU B 300 17.36 0.96 -0.40
CA LEU B 300 18.68 0.36 -0.27
C LEU B 300 19.34 0.00 -1.61
N PRO B 301 18.58 -0.53 -2.58
CA PRO B 301 19.22 -0.74 -3.87
C PRO B 301 19.83 0.53 -4.49
N ALA B 302 19.10 1.62 -4.52
CA ALA B 302 19.62 2.83 -5.09
C ALA B 302 20.82 3.35 -4.28
N LEU B 303 20.80 3.15 -2.97
CA LEU B 303 21.87 3.61 -2.09
C LEU B 303 23.15 2.83 -2.35
N LYS B 304 23.04 1.51 -2.39
CA LYS B 304 24.16 0.64 -2.79
C LYS B 304 24.74 1.05 -4.12
N ASP B 305 23.93 1.05 -5.17
CA ASP B 305 24.39 1.52 -6.47
C ASP B 305 25.13 2.83 -6.36
N ALA B 306 24.58 3.78 -5.59
CA ALA B 306 25.10 5.15 -5.59
C ALA B 306 26.45 5.30 -4.93
N THR B 307 26.74 4.45 -3.95
CA THR B 307 27.98 4.53 -3.16
C THR B 307 29.03 3.42 -3.44
N ALA B 308 28.83 2.63 -4.50
CA ALA B 308 29.75 1.54 -4.86
C ALA B 308 31.21 1.99 -5.09
N ASN B 309 31.38 3.01 -5.92
CA ASN B 309 32.70 3.51 -6.27
C ASN B 309 33.33 4.50 -5.28
N LEU B 310 32.73 4.65 -4.10
CA LEU B 310 33.34 5.50 -3.07
C LEU B 310 34.37 4.68 -2.32
N ALA B 311 35.27 5.35 -1.62
CA ALA B 311 36.24 4.68 -0.79
C ALA B 311 35.53 4.05 0.41
N GLU B 312 36.00 2.90 0.86
CA GLU B 312 35.41 2.20 2.01
C GLU B 312 35.34 3.06 3.29
N ASN B 313 36.14 4.12 3.34
CA ASN B 313 36.21 4.99 4.51
C ASN B 313 35.29 6.20 4.42
N ASP B 314 34.86 6.53 3.19
CA ASP B 314 33.95 7.62 2.96
C ASP B 314 32.79 7.43 3.92
N PRO B 315 32.47 8.44 4.73
CA PRO B 315 31.41 8.27 5.76
C PRO B 315 30.06 7.88 5.13
N ARG B 316 29.80 8.42 3.95
CA ARG B 316 28.60 8.06 3.21
C ARG B 316 28.50 6.60 2.95
N ARG B 317 29.64 5.97 2.63
CA ARG B 317 29.65 4.54 2.44
C ARG B 317 29.44 3.81 3.76
N GLN B 318 30.05 4.32 4.83
CA GLN B 318 29.93 3.69 6.14
C GLN B 318 28.46 3.59 6.51
N LEU B 319 27.69 4.62 6.15
CA LEU B 319 26.24 4.64 6.36
C LEU B 319 25.50 3.57 5.57
N VAL B 320 25.75 3.49 4.26
CA VAL B 320 25.10 2.50 3.40
C VAL B 320 25.53 1.08 3.75
N ASP B 321 26.82 0.87 3.99
CA ASP B 321 27.33 -0.45 4.38
C ASP B 321 26.66 -0.94 5.67
N LYS B 322 26.46 -0.04 6.60
CA LYS B 322 25.80 -0.36 7.84
C LYS B 322 24.31 -0.74 7.64
N LEU B 323 23.62 -0.05 6.73
CA LEU B 323 22.22 -0.36 6.42
C LEU B 323 22.12 -1.74 5.78
N ALA B 324 23.05 -2.02 4.87
CA ALA B 324 23.14 -3.31 4.20
C ALA B 324 23.35 -4.43 5.19
N SER B 325 23.89 -4.11 6.37
CA SER B 325 24.12 -5.10 7.43
C SER B 325 22.91 -5.35 8.27
N TRP B 326 21.83 -4.64 7.98
CA TRP B 326 20.68 -4.60 8.86
C TRP B 326 19.55 -5.43 8.28
N ASP B 327 18.86 -6.16 9.15
CA ASP B 327 17.69 -6.95 8.78
C ASP B 327 16.41 -6.09 8.71
N GLY B 328 16.51 -4.81 9.05
CA GLY B 328 15.41 -3.88 8.89
C GLY B 328 14.31 -4.06 9.91
N GLU B 329 14.62 -4.71 11.02
CA GLU B 329 13.67 -4.83 12.10
C GLU B 329 14.20 -4.08 13.32
N ASN B 330 13.36 -3.20 13.86
CA ASN B 330 13.73 -2.38 14.99
C ASN B 330 13.47 -3.05 16.31
N LEU B 331 14.48 -3.08 17.16
CA LEU B 331 14.34 -3.54 18.54
C LEU B 331 14.89 -2.51 19.50
N VAL B 332 14.32 -2.44 20.70
CA VAL B 332 14.78 -1.50 21.72
C VAL B 332 15.91 -2.10 22.55
N ASN B 333 16.80 -1.25 23.03
CA ASN B 333 17.88 -1.65 23.95
C ASN B 333 17.39 -1.84 25.38
N ASP B 334 18.28 -2.31 26.24
CA ASP B 334 17.93 -2.59 27.63
C ASP B 334 17.56 -1.32 28.38
N ASP B 335 18.13 -0.20 27.94
CA ASP B 335 17.77 1.10 28.51
C ASP B 335 16.30 1.48 28.30
N GLY B 336 15.59 0.74 27.45
CA GLY B 336 14.17 0.98 27.18
C GLY B 336 13.89 2.25 26.40
N LYS B 337 14.92 2.81 25.78
CA LYS B 337 14.82 4.16 25.19
C LYS B 337 15.49 4.40 23.83
N THR B 338 16.42 3.54 23.40
CA THR B 338 17.09 3.68 22.11
C THR B 338 17.00 2.42 21.29
N TYR B 339 17.08 2.56 19.96
CA TYR B 339 17.04 1.41 19.04
C TYR B 339 18.41 0.78 18.92
N GLN B 340 18.44 -0.55 18.91
CA GLN B 340 19.68 -1.35 18.73
C GLN B 340 20.44 -0.99 17.47
N GLN B 341 19.71 -0.68 16.41
CA GLN B 341 20.30 -0.25 15.15
C GLN B 341 19.90 1.18 14.92
N PRO B 342 20.68 1.91 14.12
CA PRO B 342 20.44 3.32 13.84
C PRO B 342 19.81 3.52 12.46
N GLY B 343 19.27 2.44 11.88
CA GLY B 343 18.88 2.44 10.48
C GLY B 343 17.71 3.36 10.11
N SER B 344 16.72 3.42 10.99
CA SER B 344 15.56 4.28 10.74
C SER B 344 15.98 5.76 10.73
N ALA B 345 16.74 6.17 11.75
CA ALA B 345 17.25 7.53 11.80
C ALA B 345 18.02 7.91 10.55
N ILE B 346 18.84 6.98 10.07
CA ILE B 346 19.61 7.22 8.87
C ILE B 346 18.69 7.49 7.68
N LEU B 347 17.73 6.57 7.48
CA LEU B 347 16.83 6.67 6.33
C LEU B 347 16.00 7.94 6.37
N ASN B 348 15.54 8.28 7.57
CA ASN B 348 14.82 9.52 7.77
C ASN B 348 15.58 10.78 7.31
N ALA B 349 16.82 10.92 7.79
CA ALA B 349 17.64 12.05 7.44
C ALA B 349 17.85 12.12 5.94
N TRP B 350 18.32 11.00 5.39
CA TRP B 350 18.56 10.89 3.95
C TRP B 350 17.35 11.24 3.09
N LEU B 351 16.22 10.70 3.49
CA LEU B 351 14.97 10.83 2.75
C LEU B 351 14.45 12.27 2.83
N THR B 352 14.55 12.85 4.02
CA THR B 352 14.11 14.22 4.21
C THR B 352 14.85 15.06 3.19
N SER B 353 16.18 14.90 3.14
CA SER B 353 17.04 15.68 2.22
C SER B 353 16.69 15.34 0.79
N MET B 354 16.51 14.04 0.55
CA MET B 354 16.15 13.50 -0.74
C MET B 354 14.87 14.12 -1.29
N LEU B 355 13.86 14.27 -0.44
CA LEU B 355 12.57 14.79 -0.89
C LEU B 355 12.61 16.28 -1.21
N LYS B 356 13.25 17.05 -0.34
CA LYS B 356 13.43 18.48 -0.59
C LYS B 356 14.14 18.70 -1.90
N ARG B 357 15.08 17.82 -2.23
CA ARG B 357 15.89 17.96 -3.43
C ARG B 357 15.16 17.59 -4.71
N THR B 358 14.12 16.76 -4.59
CA THR B 358 13.39 16.25 -5.76
C THR B 358 11.95 16.76 -5.91
N VAL B 359 11.03 16.12 -5.18
CA VAL B 359 9.58 16.35 -5.36
C VAL B 359 9.22 17.77 -4.93
N VAL B 360 9.65 18.15 -3.73
CA VAL B 360 9.33 19.41 -3.16
C VAL B 360 9.86 20.51 -4.06
N ALA B 361 11.04 20.28 -4.61
CA ALA B 361 11.66 21.30 -5.48
C ALA B 361 10.92 21.43 -6.80
N ALA B 362 10.17 20.39 -7.18
CA ALA B 362 9.37 20.39 -8.40
C ALA B 362 7.97 21.00 -8.19
N VAL B 363 7.57 21.18 -6.94
CA VAL B 363 6.25 21.65 -6.63
C VAL B 363 6.31 23.06 -6.06
N PRO B 364 5.55 24.01 -6.66
CA PRO B 364 5.50 25.40 -6.19
C PRO B 364 5.02 25.53 -4.78
N ALA B 365 5.60 26.47 -4.06
CA ALA B 365 5.12 26.82 -2.73
C ALA B 365 3.69 27.39 -2.89
N PRO B 366 2.83 27.18 -1.90
CA PRO B 366 3.06 26.48 -0.63
C PRO B 366 2.62 25.03 -0.66
N PHE B 367 2.75 24.40 -1.83
CA PHE B 367 2.23 23.04 -2.02
C PHE B 367 3.28 21.95 -1.85
N GLY B 368 4.55 22.31 -2.10
CA GLY B 368 5.65 21.34 -2.06
C GLY B 368 5.75 20.64 -0.74
N LYS B 369 5.35 21.32 0.32
CA LYS B 369 5.49 20.76 1.66
C LYS B 369 4.54 19.62 1.91
N TRP B 370 3.54 19.46 1.04
CA TRP B 370 2.70 18.27 1.08
C TRP B 370 3.50 16.98 0.84
N TYR B 371 4.66 17.14 0.19
CA TYR B 371 5.52 16.01 -0.18
C TYR B 371 6.84 15.98 0.56
N SER B 372 7.00 16.78 1.61
CA SER B 372 8.29 16.86 2.29
C SER B 372 8.45 15.81 3.39
N ALA B 373 7.39 15.12 3.79
CA ALA B 373 7.47 14.19 4.91
C ALA B 373 8.11 12.81 4.56
N SER B 374 9.05 12.38 5.41
CA SER B 374 9.71 11.07 5.28
C SER B 374 8.85 9.90 5.76
N GLY B 375 7.88 10.18 6.62
CA GLY B 375 7.08 9.11 7.24
C GLY B 375 7.50 8.75 8.66
N TYR B 376 8.62 9.29 9.15
CA TYR B 376 9.11 9.00 10.50
C TYR B 376 8.86 10.10 11.53
N GLU B 377 8.25 11.21 11.11
CA GLU B 377 8.08 12.38 12.00
C GLU B 377 7.30 12.04 13.31
N THR B 378 7.88 12.35 14.47
CA THR B 378 7.25 12.01 15.74
C THR B 378 7.75 12.92 16.89
N THR B 379 7.18 12.71 18.07
CA THR B 379 7.68 13.35 19.28
C THR B 379 7.94 12.26 20.31
N GLN B 380 8.39 12.66 21.50
CA GLN B 380 8.50 11.77 22.66
C GLN B 380 7.32 10.83 22.82
N ASP B 381 6.13 11.40 22.68
CA ASP B 381 4.89 10.66 22.89
C ASP B 381 4.52 9.72 21.72
N GLY B 382 5.19 9.84 20.58
CA GLY B 382 5.13 8.81 19.53
C GLY B 382 4.16 9.11 18.41
N PRO B 383 4.19 8.31 17.34
CA PRO B 383 3.16 8.47 16.32
C PRO B 383 1.76 8.26 16.88
N THR B 384 0.78 8.87 16.24
CA THR B 384 -0.58 8.82 16.71
C THR B 384 -1.37 7.77 15.94
N GLY B 385 -0.76 7.20 14.90
CA GLY B 385 -1.38 6.13 14.14
C GLY B 385 -0.35 5.20 13.55
N SER B 386 -0.67 4.66 12.38
CA SER B 386 0.22 3.70 11.75
C SER B 386 1.38 4.44 11.14
N LEU B 387 2.44 3.70 10.83
CA LEU B 387 3.49 4.22 9.99
C LEU B 387 3.30 3.73 8.59
N ASN B 388 3.74 4.54 7.64
CA ASN B 388 3.51 4.27 6.25
C ASN B 388 4.64 4.82 5.41
N ILE B 389 4.67 4.45 4.14
CA ILE B 389 5.55 5.09 3.18
C ILE B 389 4.88 6.42 2.83
N SER B 390 5.59 7.51 3.01
CA SER B 390 5.04 8.84 2.70
C SER B 390 4.68 9.03 1.22
N VAL B 391 3.79 9.98 0.96
CA VAL B 391 3.47 10.36 -0.44
C VAL B 391 4.71 10.69 -1.20
N GLY B 392 5.57 11.49 -0.58
CA GLY B 392 6.81 11.89 -1.21
C GLY B 392 7.67 10.70 -1.55
N ALA B 393 7.77 9.74 -0.63
CA ALA B 393 8.58 8.58 -0.87
C ALA B 393 8.05 7.88 -2.09
N LYS B 394 6.74 7.62 -2.10
CA LYS B 394 6.13 6.90 -3.21
C LYS B 394 6.43 7.56 -4.55
N ILE B 395 6.37 8.88 -4.61
CA ILE B 395 6.61 9.57 -5.86
C ILE B 395 8.08 9.47 -6.28
N LEU B 396 8.96 9.59 -5.30
CA LEU B 396 10.41 9.44 -5.47
C LEU B 396 10.73 8.07 -6.00
N TYR B 397 10.14 7.06 -5.36
CA TYR B 397 10.32 5.69 -5.75
C TYR B 397 10.05 5.49 -7.23
N GLU B 398 8.92 5.99 -7.73
CA GLU B 398 8.63 5.91 -9.17
C GLU B 398 9.76 6.54 -10.02
N ALA B 399 10.31 7.65 -9.53
CA ALA B 399 11.43 8.29 -10.24
C ALA B 399 12.71 7.44 -10.26
N LEU B 400 12.96 6.69 -9.20
CA LEU B 400 14.13 5.81 -9.10
C LEU B 400 14.05 4.58 -9.98
N GLN B 401 12.85 4.03 -10.14
CA GLN B 401 12.56 2.98 -11.13
C GLN B 401 12.79 3.47 -12.56
N GLY B 402 12.74 4.78 -12.77
CA GLY B 402 12.86 5.35 -14.11
C GLY B 402 11.92 4.71 -15.12
N ASP B 403 12.51 4.09 -16.14
CA ASP B 403 11.80 3.39 -17.22
C ASP B 403 11.00 2.20 -16.75
N LYS B 404 11.42 1.60 -15.64
CA LYS B 404 10.69 0.52 -15.02
C LYS B 404 9.29 0.95 -14.46
N SER B 405 9.08 2.26 -14.24
CA SER B 405 7.80 2.76 -13.73
C SER B 405 6.81 3.06 -14.84
N PRO B 406 5.54 2.67 -14.63
CA PRO B 406 4.46 2.99 -15.56
C PRO B 406 4.05 4.46 -15.57
N ILE B 407 4.45 5.23 -14.59
CA ILE B 407 4.03 6.63 -14.52
C ILE B 407 5.00 7.47 -15.33
N PRO B 408 4.50 8.14 -16.39
CA PRO B 408 5.34 9.06 -17.16
C PRO B 408 5.86 10.22 -16.33
N GLN B 409 7.18 10.42 -16.31
CA GLN B 409 7.81 11.49 -15.52
C GLN B 409 7.82 12.74 -16.37
N ALA B 410 6.73 13.48 -16.32
CA ALA B 410 6.64 14.76 -17.02
C ALA B 410 7.78 15.70 -16.63
N VAL B 411 8.16 15.73 -15.35
CA VAL B 411 9.35 16.44 -14.90
C VAL B 411 10.34 15.43 -14.40
N ASP B 412 11.60 15.63 -14.77
CA ASP B 412 12.66 14.85 -14.21
C ASP B 412 12.89 15.34 -12.79
N LEU B 413 12.49 14.53 -11.81
CA LEU B 413 12.64 14.95 -10.41
C LEU B 413 14.09 15.21 -10.02
N PHE B 414 15.05 14.76 -10.82
CA PHE B 414 16.47 14.96 -10.56
C PHE B 414 17.05 16.11 -11.34
N GLY B 415 16.20 16.98 -11.88
CA GLY B 415 16.65 18.22 -12.52
C GLY B 415 17.77 18.02 -13.51
N GLY B 416 17.66 16.97 -14.31
CA GLY B 416 18.62 16.70 -15.36
C GLY B 416 20.00 16.28 -14.88
N LYS B 417 20.12 15.92 -13.59
CA LYS B 417 21.38 15.43 -13.01
C LYS B 417 21.22 13.95 -12.81
N PRO B 418 22.34 13.23 -12.79
CA PRO B 418 22.19 11.81 -12.50
C PRO B 418 21.59 11.59 -11.11
N GLN B 419 20.74 10.59 -10.96
CA GLN B 419 20.20 10.21 -9.66
C GLN B 419 21.29 10.04 -8.62
N GLN B 420 22.40 9.46 -9.05
CA GLN B 420 23.52 9.19 -8.18
C GLN B 420 24.04 10.47 -7.50
N GLU B 421 24.07 11.57 -8.24
CA GLU B 421 24.65 12.80 -7.69
C GLU B 421 23.81 13.31 -6.53
N VAL B 422 22.51 13.17 -6.68
CA VAL B 422 21.56 13.67 -5.69
C VAL B 422 21.58 12.77 -4.46
N ILE B 423 21.56 11.47 -4.71
CA ILE B 423 21.60 10.49 -3.63
C ILE B 423 22.75 10.79 -2.70
N LEU B 424 23.90 11.08 -3.28
CA LEU B 424 25.11 11.34 -2.50
C LEU B 424 24.96 12.65 -1.75
N ALA B 425 24.50 13.68 -2.45
CA ALA B 425 24.26 14.95 -1.79
C ALA B 425 23.42 14.75 -0.53
N ALA B 426 22.38 13.93 -0.63
CA ALA B 426 21.49 13.69 0.50
C ALA B 426 22.15 12.88 1.61
N LEU B 427 22.94 11.90 1.22
CA LEU B 427 23.78 11.16 2.18
C LEU B 427 24.73 12.07 2.94
N ASP B 428 25.39 12.97 2.21
CA ASP B 428 26.18 13.96 2.85
C ASP B 428 25.41 14.68 3.96
N ASP B 429 24.25 15.23 3.62
CA ASP B 429 23.40 15.93 4.60
C ASP B 429 23.05 15.09 5.81
N ALA B 430 22.70 13.85 5.56
CA ALA B 430 22.34 12.96 6.66
C ALA B 430 23.54 12.72 7.57
N TRP B 431 24.68 12.44 6.95
CA TRP B 431 25.90 12.20 7.69
C TRP B 431 26.27 13.42 8.51
N GLN B 432 26.18 14.59 7.89
CA GLN B 432 26.43 15.85 8.57
C GLN B 432 25.60 15.96 9.86
N THR B 433 24.29 15.80 9.76
CA THR B 433 23.42 15.98 10.90
C THR B 433 23.59 14.90 11.97
N LEU B 434 23.79 13.68 11.54
CA LEU B 434 23.80 12.57 12.47
C LEU B 434 25.13 12.48 13.21
N SER B 435 26.23 12.66 12.49
CA SER B 435 27.57 12.65 13.12
C SER B 435 27.68 13.76 14.16
N LYS B 436 27.21 14.96 13.82
CA LYS B 436 27.17 16.04 14.84
C LYS B 436 26.49 15.64 16.15
N ARG B 437 25.48 14.79 16.10
CA ARG B 437 24.82 14.37 17.34
C ARG B 437 25.62 13.25 17.98
N TYR B 438 25.86 12.19 17.22
CA TYR B 438 26.30 10.91 17.77
C TYR B 438 27.78 10.56 17.62
N GLY B 439 28.53 11.38 16.90
CA GLY B 439 29.95 11.12 16.69
C GLY B 439 30.20 10.37 15.40
N ASN B 440 31.47 10.11 15.12
CA ASN B 440 31.87 9.64 13.78
C ASN B 440 31.88 8.13 13.59
N ASP B 441 31.39 7.40 14.59
CA ASP B 441 31.43 5.95 14.54
C ASP B 441 30.02 5.41 14.63
N VAL B 442 29.53 4.91 13.50
CA VAL B 442 28.13 4.50 13.39
C VAL B 442 27.76 3.39 14.37
N THR B 443 28.73 2.54 14.66
CA THR B 443 28.54 1.47 15.64
C THR B 443 28.22 1.99 17.05
N GLY B 444 28.57 3.23 17.35
CA GLY B 444 28.27 3.82 18.65
C GLY B 444 27.07 4.76 18.65
N TRP B 445 26.23 4.64 17.63
CA TRP B 445 25.02 5.44 17.55
C TRP B 445 23.89 4.69 18.22
N LYS B 446 23.40 5.27 19.32
CA LYS B 446 22.16 4.82 19.95
C LYS B 446 21.01 5.78 19.60
N THR B 447 20.32 5.52 18.48
CA THR B 447 19.25 6.42 17.99
C THR B 447 18.01 6.28 18.85
N PRO B 448 17.12 7.28 18.81
CA PRO B 448 15.94 7.27 19.67
C PRO B 448 14.90 6.29 19.18
N ALA B 449 14.28 5.63 20.14
CA ALA B 449 13.23 4.70 19.86
C ALA B 449 11.91 5.46 19.82
N MET B 450 11.01 5.05 18.93
CA MET B 450 9.65 5.57 18.90
C MET B 450 8.87 4.99 20.09
N ALA B 451 8.09 5.81 20.77
CA ALA B 451 7.24 5.33 21.87
C ALA B 451 5.75 5.34 21.46
N LEU B 452 4.90 4.85 22.36
CA LEU B 452 3.46 4.67 22.10
C LEU B 452 2.65 5.27 23.24
N THR B 453 1.59 5.98 22.89
CA THR B 453 0.78 6.64 23.88
C THR B 453 -0.68 6.27 23.69
N PHE B 454 -1.28 5.80 24.79
CA PHE B 454 -2.70 5.61 24.86
C PHE B 454 -3.29 6.89 25.37
N ARG B 455 -3.90 7.63 24.46
CA ARG B 455 -4.28 9.02 24.69
C ARG B 455 -5.60 9.11 25.42
N ALA B 456 -5.68 10.09 26.33
CA ALA B 456 -6.91 10.34 27.07
C ALA B 456 -7.91 11.08 26.21
N ASN B 457 -7.52 11.52 25.02
CA ASN B 457 -8.48 12.14 24.09
C ASN B 457 -8.80 11.23 22.96
N ASN B 458 -10.08 11.23 22.57
CA ASN B 458 -10.52 10.47 21.42
C ASN B 458 -9.98 11.12 20.14
N PHE B 459 -10.18 10.46 19.00
CA PHE B 459 -9.57 10.88 17.75
C PHE B 459 -10.09 12.23 17.32
N PHE B 460 -11.27 12.64 17.80
CA PHE B 460 -11.76 13.99 17.52
C PHE B 460 -10.89 15.05 18.21
N GLY B 461 -10.08 14.64 19.16
CA GLY B 461 -9.35 15.56 20.00
C GLY B 461 -10.21 16.05 21.17
N VAL B 462 -11.24 15.27 21.51
CA VAL B 462 -12.13 15.60 22.60
C VAL B 462 -11.85 14.62 23.73
N PRO B 463 -11.70 15.14 24.97
CA PRO B 463 -11.41 14.32 26.15
C PRO B 463 -12.39 13.19 26.36
N GLN B 464 -11.88 11.99 26.61
CA GLN B 464 -12.72 10.84 26.92
C GLN B 464 -12.30 10.17 28.22
N ALA B 465 -11.39 10.84 28.93
CA ALA B 465 -10.78 10.34 30.15
C ALA B 465 -10.01 11.51 30.74
N ALA B 466 -9.62 11.39 32.00
CA ALA B 466 -8.75 12.40 32.62
C ALA B 466 -7.33 12.30 32.02
N ALA B 467 -6.64 13.43 31.95
CA ALA B 467 -5.26 13.47 31.42
C ALA B 467 -4.36 12.40 32.08
N LYS B 468 -4.42 12.26 33.41
CA LYS B 468 -3.60 11.26 34.10
C LYS B 468 -3.78 9.88 33.55
N GLU B 469 -4.99 9.57 33.08
CA GLU B 469 -5.31 8.20 32.62
C GLU B 469 -4.57 7.74 31.37
N ALA B 470 -3.89 8.68 30.70
CA ALA B 470 -3.11 8.40 29.51
C ALA B 470 -1.96 7.48 29.88
N ARG B 471 -1.60 6.59 28.97
CA ARG B 471 -0.61 5.55 29.28
C ARG B 471 0.51 5.46 28.24
N HIS B 472 1.71 5.09 28.70
CA HIS B 472 2.90 5.12 27.88
C HIS B 472 3.45 3.74 27.70
N GLN B 473 3.71 3.39 26.46
CA GLN B 473 4.41 2.16 26.16
C GLN B 473 5.79 2.47 25.58
N ALA B 474 6.80 1.85 26.17
CA ALA B 474 8.15 2.08 25.77
C ALA B 474 8.31 1.86 24.26
N GLU B 475 7.74 0.78 23.74
CA GLU B 475 7.96 0.42 22.33
C GLU B 475 6.75 0.73 21.42
N TYR B 476 6.92 1.64 20.46
CA TYR B 476 5.95 1.83 19.39
C TYR B 476 5.98 0.58 18.48
N GLN B 477 4.79 0.23 18.00
CA GLN B 477 4.53 -0.98 17.23
C GLN B 477 3.56 -0.63 16.10
N ASN B 478 3.98 -0.85 14.86
CA ASN B 478 3.16 -0.52 13.70
C ASN B 478 2.16 -1.62 13.48
N ARG B 479 1.18 -1.66 14.36
CA ARG B 479 0.23 -2.76 14.43
C ARG B 479 -1.17 -2.22 14.69
N GLY B 480 -2.12 -3.15 14.77
CA GLY B 480 -3.51 -2.77 15.02
C GLY B 480 -3.70 -2.18 16.40
N THR B 481 -4.68 -1.29 16.51
CA THR B 481 -5.14 -0.73 17.77
C THR B 481 -5.58 -1.85 18.72
N GLU B 482 -6.21 -2.84 18.08
CA GLU B 482 -6.51 -4.11 18.68
C GLU B 482 -5.91 -5.12 17.71
N ASN B 483 -5.76 -6.36 18.16
CA ASN B 483 -5.54 -7.47 17.25
C ASN B 483 -6.49 -8.62 17.62
N ASP B 484 -6.91 -9.37 16.60
CA ASP B 484 -7.69 -10.58 16.82
C ASP B 484 -7.32 -11.62 15.78
N MET B 485 -7.47 -12.86 16.18
CA MET B 485 -7.22 -14.01 15.33
C MET B 485 -8.38 -14.97 15.48
N ILE B 486 -8.86 -15.50 14.36
CA ILE B 486 -9.82 -16.58 14.40
C ILE B 486 -9.22 -17.75 13.64
N VAL B 487 -9.29 -18.92 14.27
CA VAL B 487 -8.80 -20.16 13.66
C VAL B 487 -9.96 -21.14 13.43
N PHE B 488 -9.99 -21.71 12.22
CA PHE B 488 -11.09 -22.56 11.79
C PHE B 488 -10.69 -24.03 11.64
N SER B 489 -11.50 -24.90 12.27
CA SER B 489 -11.29 -26.34 12.27
C SER B 489 -9.87 -26.69 12.72
N PRO B 490 -9.46 -26.19 13.90
CA PRO B 490 -8.15 -26.55 14.40
C PRO B 490 -8.09 -28.06 14.64
N THR B 491 -7.18 -28.72 13.95
CA THR B 491 -7.05 -30.18 14.04
C THR B 491 -6.70 -30.62 15.49
N SER B 492 -6.30 -29.68 16.33
CA SER B 492 -5.91 -29.98 17.71
C SER B 492 -7.10 -29.82 18.66
N GLY B 493 -7.66 -28.61 18.72
CA GLY B 493 -8.78 -28.33 19.60
C GLY B 493 -10.00 -29.20 19.34
N ASN B 494 -10.81 -29.39 20.37
CA ASN B 494 -12.11 -30.03 20.19
C ASN B 494 -13.03 -29.16 19.34
N ARG B 495 -13.09 -27.88 19.67
CA ARG B 495 -14.14 -27.00 19.15
C ARG B 495 -13.85 -26.66 17.69
N PRO B 496 -14.89 -26.28 16.93
CA PRO B 496 -14.74 -26.09 15.49
C PRO B 496 -14.03 -24.78 15.16
N VAL B 497 -14.00 -23.86 16.14
CA VAL B 497 -13.38 -22.55 16.02
C VAL B 497 -12.64 -22.14 17.32
N LEU B 498 -11.45 -21.58 17.15
CA LEU B 498 -10.73 -20.90 18.23
C LEU B 498 -10.49 -19.45 17.82
N ALA B 499 -10.62 -18.55 18.79
CA ALA B 499 -10.46 -17.11 18.55
C ALA B 499 -9.83 -16.39 19.72
N TRP B 500 -8.93 -15.45 19.42
CA TRP B 500 -8.27 -14.62 20.43
C TRP B 500 -8.36 -13.13 20.11
N ASP B 501 -8.28 -12.27 21.12
CA ASP B 501 -8.19 -10.83 20.89
C ASP B 501 -7.32 -10.16 21.96
N VAL B 502 -7.13 -8.85 21.84
CA VAL B 502 -6.54 -8.07 22.92
C VAL B 502 -7.04 -6.63 22.90
N VAL B 503 -7.64 -6.22 24.01
CA VAL B 503 -8.28 -4.93 24.09
C VAL B 503 -7.60 -4.14 25.20
N ALA B 504 -6.49 -3.50 24.83
CA ALA B 504 -5.73 -2.66 25.74
C ALA B 504 -6.27 -1.23 25.74
N PRO B 505 -6.26 -0.58 26.93
CA PRO B 505 -5.65 -1.01 28.17
C PRO B 505 -6.43 -2.08 28.96
N GLY B 506 -7.69 -2.30 28.61
CA GLY B 506 -8.54 -3.27 29.30
C GLY B 506 -10.00 -3.03 28.99
N GLN B 507 -10.86 -3.98 29.34
CA GLN B 507 -12.29 -3.91 28.98
C GLN B 507 -13.03 -2.69 29.56
N SER B 508 -12.81 -2.38 30.83
CA SER B 508 -13.54 -1.32 31.51
C SER B 508 -12.73 -0.03 31.57
N GLY B 509 -13.44 1.10 31.50
CA GLY B 509 -12.84 2.40 31.81
C GLY B 509 -13.45 3.01 33.06
N PHE B 510 -13.91 2.17 33.98
CA PHE B 510 -14.60 2.66 35.19
C PHE B 510 -13.69 2.94 36.41
N ILE B 511 -13.82 4.15 36.93
CA ILE B 511 -13.10 4.65 38.09
C ILE B 511 -14.17 5.18 39.04
N ALA B 512 -14.18 4.66 40.26
CA ALA B 512 -15.24 4.97 41.22
C ALA B 512 -15.11 6.40 41.74
N PRO B 513 -16.16 6.94 42.37
CA PRO B 513 -16.07 8.32 42.87
C PRO B 513 -14.87 8.55 43.81
N ASP B 514 -14.51 7.54 44.61
CA ASP B 514 -13.35 7.59 45.49
C ASP B 514 -11.99 7.38 44.75
N GLY B 515 -12.04 7.08 43.46
CA GLY B 515 -10.83 6.95 42.63
C GLY B 515 -10.35 5.52 42.44
N LYS B 516 -11.15 4.53 42.81
CA LYS B 516 -10.73 3.14 42.70
C LYS B 516 -11.01 2.59 41.31
N ALA B 517 -9.93 2.30 40.58
CA ALA B 517 -10.06 1.74 39.25
C ALA B 517 -10.66 0.36 39.30
N ASP B 518 -11.46 0.05 38.29
CA ASP B 518 -12.01 -1.29 38.14
C ASP B 518 -10.87 -2.28 38.04
N LYS B 519 -11.15 -3.56 38.28
CA LYS B 519 -10.14 -4.59 38.11
C LYS B 519 -9.80 -4.84 36.67
N HIS B 520 -10.65 -4.36 35.77
CA HIS B 520 -10.44 -4.58 34.33
C HIS B 520 -10.14 -3.26 33.62
N TYR B 521 -9.61 -2.31 34.38
CA TYR B 521 -9.19 -1.00 33.87
C TYR B 521 -7.90 -1.09 33.07
N ASP B 522 -6.95 -1.87 33.59
CA ASP B 522 -5.58 -1.94 33.07
C ASP B 522 -5.07 -3.34 32.72
N ASP B 523 -5.90 -4.35 32.90
CA ASP B 523 -5.39 -5.73 32.94
C ASP B 523 -5.03 -6.38 31.60
N GLN B 524 -5.11 -5.61 30.51
CA GLN B 524 -4.62 -6.11 29.20
C GLN B 524 -3.48 -5.27 28.59
N LEU B 525 -3.03 -4.25 29.33
CA LEU B 525 -2.01 -3.33 28.84
C LEU B 525 -0.68 -4.04 28.59
N ILE B 526 -0.19 -4.75 29.60
CA ILE B 526 1.09 -5.45 29.50
C ILE B 526 0.97 -6.61 28.50
N MET B 527 -0.19 -7.26 28.49
CA MET B 527 -0.50 -8.25 27.46
C MET B 527 -0.35 -7.67 26.04
N TYR B 528 -0.79 -6.43 25.83
CA TYR B 528 -0.71 -5.84 24.49
C TYR B 528 0.74 -5.79 24.00
N GLU B 529 1.60 -5.13 24.74
CA GLU B 529 3.00 -4.95 24.37
C GLU B 529 3.76 -6.25 24.27
N SER B 530 3.48 -7.17 25.18
CA SER B 530 4.01 -8.54 25.13
C SER B 530 3.75 -9.34 23.86
N PHE B 531 2.92 -8.80 22.97
CA PHE B 531 2.33 -9.54 21.87
C PHE B 531 1.48 -10.72 22.36
N GLY B 532 0.93 -10.56 23.56
CA GLY B 532 0.06 -11.57 24.15
C GLY B 532 -1.35 -11.50 23.60
N ARG B 533 -2.19 -12.41 24.08
CA ARG B 533 -3.63 -12.45 23.72
C ARG B 533 -4.41 -13.14 24.81
N LYS B 534 -5.72 -13.00 24.74
CA LYS B 534 -6.66 -13.70 25.61
C LYS B 534 -7.59 -14.47 24.70
N SER B 535 -8.17 -15.53 25.23
CA SER B 535 -9.14 -16.29 24.46
C SER B 535 -10.48 -15.54 24.37
N LEU B 536 -11.18 -15.74 23.25
CA LEU B 536 -12.55 -15.29 23.08
C LEU B 536 -13.53 -16.44 23.18
N TRP B 537 -14.58 -16.28 23.98
CA TRP B 537 -15.54 -17.34 24.24
C TRP B 537 -16.91 -17.14 23.53
N LEU B 538 -17.42 -18.20 22.90
CA LEU B 538 -18.71 -18.16 22.19
C LEU B 538 -19.78 -19.04 22.88
N THR B 539 -19.49 -20.34 22.97
CA THR B 539 -20.48 -21.35 23.39
C THR B 539 -20.93 -21.03 24.83
N PRO B 540 -22.21 -21.34 25.18
CA PRO B 540 -22.65 -21.10 26.57
C PRO B 540 -21.81 -21.85 27.63
N GLN B 541 -21.35 -23.05 27.28
CA GLN B 541 -20.41 -23.82 28.12
C GLN B 541 -19.19 -22.99 28.45
N ASP B 542 -18.31 -22.78 27.45
CA ASP B 542 -17.09 -21.96 27.61
C ASP B 542 -17.29 -20.64 28.33
N VAL B 543 -18.41 -19.98 28.05
CA VAL B 543 -18.73 -18.73 28.73
C VAL B 543 -19.01 -19.00 30.21
N ASP B 544 -19.60 -20.16 30.53
CA ASP B 544 -19.86 -20.55 31.94
C ASP B 544 -18.55 -20.98 32.65
N GLU B 545 -17.73 -21.77 31.96
CA GLU B 545 -16.40 -22.18 32.45
C GLU B 545 -15.51 -21.03 32.96
N HIS B 546 -15.58 -19.87 32.30
CA HIS B 546 -14.71 -18.72 32.62
C HIS B 546 -15.48 -17.50 33.14
N LYS B 547 -16.68 -17.72 33.67
CA LYS B 547 -17.45 -16.64 34.33
C LYS B 547 -16.62 -15.98 35.40
N GLU B 548 -16.98 -14.73 35.72
CA GLU B 548 -16.57 -14.11 36.98
C GLU B 548 -17.73 -13.44 37.72
N SER B 549 -18.70 -12.93 36.97
CA SER B 549 -19.80 -12.12 37.54
C SER B 549 -21.02 -12.39 36.72
N GLN B 550 -22.16 -12.26 37.37
CA GLN B 550 -23.44 -12.58 36.76
C GLN B 550 -24.54 -11.70 37.33
N GLU B 551 -25.29 -11.08 36.43
CA GLU B 551 -26.39 -10.21 36.79
C GLU B 551 -27.55 -10.65 35.94
N VAL B 552 -28.75 -10.52 36.47
CA VAL B 552 -29.94 -10.87 35.71
C VAL B 552 -30.96 -9.76 35.88
N LEU B 553 -31.51 -9.31 34.76
CA LEU B 553 -32.51 -8.26 34.78
C LEU B 553 -33.80 -8.76 34.18
N GLN B 554 -34.91 -8.24 34.71
CA GLN B 554 -36.24 -8.44 34.14
C GLN B 554 -36.63 -7.14 33.45
N VAL B 555 -36.69 -7.17 32.12
CA VAL B 555 -36.94 -6.01 31.30
C VAL B 555 -38.26 -6.20 30.58
N GLN B 556 -38.96 -5.10 30.29
CA GLN B 556 -39.86 -5.13 29.15
C GLN B 556 -40.01 -3.82 28.36
N ARG B 557 -41.06 -3.90 27.49
CA ARG B 557 -41.82 -2.73 26.88
C ARG B 557 -43.43 -2.24 26.78
N PRO C 29 12.95 -17.44 -63.39
CA PRO C 29 13.44 -18.84 -63.39
C PRO C 29 14.08 -19.30 -62.03
N PRO C 30 13.43 -20.26 -61.30
CA PRO C 30 14.01 -20.77 -60.03
C PRO C 30 15.37 -21.50 -60.19
N THR C 31 15.66 -21.98 -61.38
CA THR C 31 16.94 -22.61 -61.65
C THR C 31 18.10 -21.57 -61.62
N GLU C 32 17.78 -20.27 -61.59
CA GLU C 32 18.75 -19.20 -61.70
C GLU C 32 19.33 -18.60 -60.42
N VAL C 33 20.63 -18.31 -60.49
CA VAL C 33 21.34 -17.49 -59.48
C VAL C 33 22.00 -16.31 -60.18
N LYS C 34 21.65 -15.11 -59.73
CA LYS C 34 22.17 -13.89 -60.32
C LYS C 34 23.20 -13.29 -59.37
N ILE C 35 24.39 -13.04 -59.92
CA ILE C 35 25.49 -12.43 -59.18
C ILE C 35 25.69 -11.00 -59.68
N VAL C 36 25.45 -10.02 -58.80
CA VAL C 36 25.73 -8.61 -59.10
C VAL C 36 26.85 -8.08 -58.19
N ARG C 37 27.93 -7.57 -58.78
CA ARG C 37 29.05 -7.00 -58.03
C ARG C 37 29.02 -5.48 -58.14
N ASP C 38 29.08 -4.80 -56.98
CA ASP C 38 29.05 -3.33 -56.96
C ASP C 38 30.40 -2.71 -57.34
N GLU C 39 30.49 -1.38 -57.19
CA GLU C 39 31.65 -0.60 -57.65
C GLU C 39 32.97 -1.18 -57.15
N TYR C 40 32.96 -1.65 -55.90
CA TYR C 40 34.17 -2.15 -55.24
C TYR C 40 34.28 -3.68 -55.21
N GLY C 41 33.57 -4.35 -56.11
CA GLY C 41 33.71 -5.80 -56.32
C GLY C 41 32.94 -6.67 -55.34
N MET C 42 32.11 -6.04 -54.50
CA MET C 42 31.34 -6.76 -53.49
C MET C 42 30.14 -7.49 -54.11
N PRO C 43 30.09 -8.84 -53.99
CA PRO C 43 28.98 -9.60 -54.54
C PRO C 43 27.66 -9.45 -53.77
N HIS C 44 26.57 -9.23 -54.53
CA HIS C 44 25.21 -9.48 -54.05
C HIS C 44 24.62 -10.68 -54.82
N ILE C 45 24.06 -11.64 -54.06
CA ILE C 45 23.52 -12.86 -54.64
C ILE C 45 21.99 -12.82 -54.59
N TYR C 46 21.38 -13.21 -55.70
CA TYR C 46 19.92 -13.21 -55.87
C TYR C 46 19.48 -14.61 -56.30
N ALA C 47 18.66 -15.26 -55.46
CA ALA C 47 18.24 -16.65 -55.68
C ALA C 47 17.00 -17.02 -54.88
N ASP C 48 16.32 -18.10 -55.30
CA ASP C 48 14.96 -18.38 -54.84
C ASP C 48 14.82 -19.43 -53.72
N ASP C 49 15.91 -20.08 -53.34
CA ASP C 49 15.89 -21.00 -52.19
C ASP C 49 17.26 -21.06 -51.52
N THR C 50 17.27 -21.68 -50.35
CA THR C 50 18.48 -21.74 -49.53
C THR C 50 19.68 -22.33 -50.27
N TYR C 51 19.52 -23.47 -50.91
CA TYR C 51 20.68 -24.13 -51.54
C TYR C 51 21.33 -23.27 -52.61
N ARG C 52 20.53 -22.73 -53.52
CA ARG C 52 21.06 -21.93 -54.62
C ARG C 52 21.67 -20.62 -54.10
N LEU C 53 21.07 -20.04 -53.06
CA LEU C 53 21.57 -18.79 -52.51
C LEU C 53 23.01 -18.95 -52.04
N PHE C 54 23.26 -19.94 -51.20
CA PHE C 54 24.60 -20.19 -50.65
C PHE C 54 25.54 -20.80 -51.66
N TYR C 55 25.02 -21.46 -52.68
CA TYR C 55 25.81 -21.89 -53.83
C TYR C 55 26.42 -20.67 -54.50
N GLY C 56 25.65 -19.58 -54.54
CA GLY C 56 26.14 -18.33 -55.11
C GLY C 56 27.27 -17.75 -54.29
N TYR C 57 27.03 -17.65 -52.98
CA TYR C 57 28.05 -17.25 -52.03
C TYR C 57 29.35 -18.06 -52.26
N GLY C 58 29.24 -19.39 -52.24
CA GLY C 58 30.40 -20.26 -52.48
C GLY C 58 31.15 -19.89 -53.74
N TYR C 59 30.39 -19.63 -54.81
CA TYR C 59 30.96 -19.33 -56.12
C TYR C 59 31.76 -18.01 -56.09
N VAL C 60 31.15 -16.94 -55.59
CA VAL C 60 31.85 -15.64 -55.54
C VAL C 60 33.06 -15.68 -54.60
N VAL C 61 32.94 -16.45 -53.53
CA VAL C 61 34.04 -16.65 -52.60
C VAL C 61 35.21 -17.35 -53.27
N ALA C 62 34.94 -18.37 -54.06
CA ALA C 62 36.03 -19.10 -54.72
C ALA C 62 36.74 -18.22 -55.74
N GLN C 63 36.05 -17.19 -56.24
CA GLN C 63 36.66 -16.27 -57.17
C GLN C 63 37.57 -15.30 -56.45
N ASP C 64 37.03 -14.69 -55.39
CA ASP C 64 37.73 -13.66 -54.63
C ASP C 64 38.90 -14.14 -53.76
N ARG C 65 38.67 -15.17 -52.95
CA ARG C 65 39.61 -15.56 -51.88
C ARG C 65 40.00 -17.03 -51.93
N LEU C 66 40.15 -17.58 -53.12
CA LEU C 66 40.39 -19.03 -53.22
C LEU C 66 41.54 -19.57 -52.35
N PHE C 67 42.73 -19.01 -52.51
CA PHE C 67 43.92 -19.45 -51.75
C PHE C 67 43.84 -19.10 -50.25
N GLN C 68 43.36 -17.91 -49.93
CA GLN C 68 43.11 -17.56 -48.54
C GLN C 68 42.31 -18.70 -47.89
N MET C 69 41.24 -19.14 -48.56
CA MET C 69 40.33 -20.14 -48.00
C MET C 69 40.94 -21.53 -48.00
N GLU C 70 41.59 -21.91 -49.09
CA GLU C 70 42.20 -23.23 -49.13
C GLU C 70 43.13 -23.36 -47.92
N MET C 71 43.90 -22.31 -47.67
CA MET C 71 44.83 -22.33 -46.54
C MET C 71 44.11 -22.25 -45.21
N ALA C 72 43.01 -21.50 -45.13
CA ALA C 72 42.15 -21.55 -43.95
C ALA C 72 41.58 -22.95 -43.73
N ARG C 73 41.25 -23.64 -44.81
CA ARG C 73 40.80 -25.02 -44.68
C ARG C 73 41.88 -25.88 -44.02
N ARG C 74 43.09 -25.82 -44.55
CA ARG C 74 44.17 -26.66 -44.04
C ARG C 74 44.54 -26.30 -42.60
N SER C 75 44.59 -25.00 -42.31
CA SER C 75 44.85 -24.50 -40.95
C SER C 75 43.85 -25.10 -39.96
N THR C 76 42.57 -25.05 -40.33
CA THR C 76 41.49 -25.48 -39.43
C THR C 76 41.41 -26.99 -39.19
N GLN C 77 42.03 -27.78 -40.07
CA GLN C 77 42.04 -29.24 -39.98
C GLN C 77 43.45 -29.82 -39.70
N GLY C 78 44.46 -28.96 -39.66
CA GLY C 78 45.82 -29.43 -39.47
C GLY C 78 46.30 -30.31 -40.60
N THR C 79 46.13 -29.84 -41.83
CA THR C 79 46.63 -30.56 -43.03
C THR C 79 47.58 -29.68 -43.82
N VAL C 80 48.37 -28.86 -43.12
CA VAL C 80 49.17 -27.81 -43.78
C VAL C 80 50.47 -28.38 -44.34
N SER C 81 51.14 -29.22 -43.54
CA SER C 81 52.40 -29.82 -43.93
C SER C 81 52.28 -30.67 -45.18
N GLU C 82 51.10 -31.22 -45.38
CA GLU C 82 50.75 -31.97 -46.59
C GLU C 82 51.26 -31.28 -47.85
N VAL C 83 51.23 -29.95 -47.85
CA VAL C 83 51.74 -29.16 -48.97
C VAL C 83 52.88 -28.18 -48.65
N LEU C 84 53.02 -27.70 -47.41
CA LEU C 84 54.09 -26.74 -47.08
C LEU C 84 55.28 -27.35 -46.37
N GLY C 85 55.18 -28.61 -45.99
CA GLY C 85 56.34 -29.36 -45.58
C GLY C 85 56.64 -29.32 -44.10
N LYS C 86 57.83 -29.82 -43.75
CA LYS C 86 58.24 -30.12 -42.38
C LYS C 86 57.93 -29.07 -41.32
N ALA C 87 58.02 -27.80 -41.70
CA ALA C 87 57.88 -26.69 -40.76
C ALA C 87 56.57 -26.65 -39.94
N PHE C 88 55.49 -27.22 -40.48
CA PHE C 88 54.15 -27.07 -39.89
C PHE C 88 53.62 -28.32 -39.20
N VAL C 89 54.48 -29.28 -38.90
CA VAL C 89 54.07 -30.52 -38.23
C VAL C 89 53.50 -30.31 -36.82
N SER C 90 54.18 -29.54 -35.95
CA SER C 90 53.66 -29.29 -34.57
C SER C 90 52.33 -28.56 -34.60
N PHE C 91 52.17 -27.66 -35.56
CA PHE C 91 50.94 -26.96 -35.72
C PHE C 91 49.80 -27.90 -36.11
N ASP C 92 50.01 -28.69 -37.17
CA ASP C 92 49.06 -29.73 -37.56
C ASP C 92 48.68 -30.61 -36.36
N LYS C 93 49.69 -31.09 -35.61
CA LYS C 93 49.44 -31.92 -34.43
C LYS C 93 48.55 -31.20 -33.43
N ASP C 94 48.93 -29.96 -33.12
CA ASP C 94 48.19 -29.13 -32.16
C ASP C 94 46.73 -29.00 -32.52
N ILE C 95 46.46 -28.68 -33.78
CA ILE C 95 45.10 -28.54 -34.25
C ILE C 95 44.30 -29.83 -34.01
N ARG C 96 44.82 -30.94 -34.50
CA ARG C 96 44.08 -32.19 -34.47
C ARG C 96 43.92 -32.71 -33.07
N GLN C 97 44.95 -32.55 -32.27
CA GLN C 97 44.82 -32.86 -30.85
C GLN C 97 43.66 -32.05 -30.19
N ASN C 98 43.25 -30.94 -30.78
CA ASN C 98 42.35 -30.00 -30.11
C ASN C 98 40.87 -30.08 -30.53
N TYR C 99 40.50 -31.08 -31.30
CA TYR C 99 39.09 -31.30 -31.63
C TYR C 99 38.82 -32.76 -32.00
N TRP C 100 37.57 -33.02 -32.37
CA TRP C 100 37.10 -34.39 -32.60
C TRP C 100 36.17 -34.39 -33.80
N PRO C 101 36.72 -34.60 -35.00
CA PRO C 101 35.94 -34.50 -36.24
C PRO C 101 34.57 -35.16 -36.19
N ASP C 102 34.49 -36.32 -35.55
CA ASP C 102 33.23 -37.06 -35.52
C ASP C 102 32.12 -36.30 -34.84
N SER C 103 32.45 -35.52 -33.82
CA SER C 103 31.46 -34.68 -33.17
C SER C 103 30.90 -33.67 -34.16
N ILE C 104 31.75 -33.16 -35.04
CA ILE C 104 31.32 -32.17 -36.00
C ILE C 104 30.47 -32.85 -37.08
N ARG C 105 30.87 -34.06 -37.47
CA ARG C 105 30.12 -34.82 -38.47
C ARG C 105 28.73 -35.19 -37.93
N ALA C 106 28.68 -35.61 -36.67
CA ALA C 106 27.41 -35.96 -36.02
C ALA C 106 26.47 -34.78 -36.01
N GLN C 107 27.00 -33.62 -35.69
CA GLN C 107 26.22 -32.37 -35.67
C GLN C 107 25.64 -32.00 -37.03
N ILE C 108 26.43 -32.20 -38.06
CA ILE C 108 26.00 -31.94 -39.43
C ILE C 108 24.96 -32.96 -39.87
N ALA C 109 25.24 -34.24 -39.65
CA ALA C 109 24.31 -35.32 -39.98
C ALA C 109 22.96 -35.08 -39.30
N SER C 110 22.98 -34.39 -38.16
CA SER C 110 21.77 -34.19 -37.37
C SER C 110 21.08 -32.83 -37.64
N LEU C 111 21.34 -32.23 -38.79
CA LEU C 111 20.60 -31.04 -39.20
C LEU C 111 19.42 -31.39 -40.10
N SER C 112 18.43 -30.50 -40.13
CA SER C 112 17.37 -30.54 -41.14
C SER C 112 18.00 -30.35 -42.53
N ALA C 113 17.26 -30.69 -43.58
CA ALA C 113 17.74 -30.46 -44.96
C ALA C 113 17.85 -28.96 -45.21
N GLU C 114 16.88 -28.20 -44.71
CA GLU C 114 16.93 -26.74 -44.84
C GLU C 114 18.27 -26.19 -44.33
N ASP C 115 18.66 -26.58 -43.12
CA ASP C 115 19.95 -26.19 -42.59
C ASP C 115 21.11 -26.82 -43.37
N LYS C 116 21.04 -28.12 -43.66
CA LYS C 116 22.07 -28.79 -44.48
C LYS C 116 22.28 -28.15 -45.83
N SER C 117 21.25 -27.53 -46.39
CA SER C 117 21.36 -26.96 -47.74
C SER C 117 22.32 -25.76 -47.74
N ILE C 118 22.44 -25.07 -46.60
CA ILE C 118 23.39 -23.95 -46.47
C ILE C 118 24.83 -24.41 -46.76
N LEU C 119 25.24 -25.46 -46.07
CA LEU C 119 26.59 -26.02 -46.17
C LEU C 119 26.82 -26.68 -47.53
N GLN C 120 25.89 -27.54 -47.95
CA GLN C 120 26.05 -28.26 -49.21
C GLN C 120 26.01 -27.29 -50.40
N GLY C 121 25.16 -26.27 -50.31
CA GLY C 121 25.09 -25.25 -51.35
C GLY C 121 26.42 -24.54 -51.49
N TYR C 122 26.85 -23.91 -50.40
CA TYR C 122 28.18 -23.30 -50.29
C TYR C 122 29.31 -24.16 -50.90
N ALA C 123 29.40 -25.42 -50.49
CA ALA C 123 30.50 -26.27 -50.93
C ALA C 123 30.45 -26.47 -52.44
N ASP C 124 29.25 -26.67 -52.97
CA ASP C 124 29.06 -26.92 -54.40
C ASP C 124 29.28 -25.67 -55.23
N GLY C 125 28.88 -24.52 -54.69
CA GLY C 125 29.14 -23.23 -55.33
C GLY C 125 30.63 -22.98 -55.51
N MET C 126 31.38 -23.32 -54.46
CA MET C 126 32.84 -23.24 -54.49
C MET C 126 33.41 -24.22 -55.51
N ASN C 127 32.91 -25.46 -55.47
CA ASN C 127 33.38 -26.54 -56.36
C ASN C 127 33.12 -26.25 -57.81
N ALA C 128 32.02 -25.57 -58.10
CA ALA C 128 31.69 -25.17 -59.46
C ALA C 128 32.77 -24.27 -60.05
N TRP C 129 33.18 -23.25 -59.30
CA TRP C 129 34.27 -22.38 -59.78
C TRP C 129 35.61 -23.10 -59.91
N ILE C 130 35.95 -23.92 -58.94
CA ILE C 130 37.20 -24.67 -58.95
C ILE C 130 37.28 -25.55 -60.21
N ASP C 131 36.16 -26.16 -60.57
CA ASP C 131 36.10 -26.96 -61.79
C ASP C 131 36.52 -26.14 -63.00
N LYS C 132 35.96 -24.94 -63.13
CA LYS C 132 36.37 -24.01 -64.19
C LYS C 132 37.85 -23.65 -64.10
N VAL C 133 38.34 -23.43 -62.88
CA VAL C 133 39.74 -23.09 -62.64
C VAL C 133 40.68 -24.25 -62.96
N ASN C 134 40.32 -25.47 -62.55
CA ASN C 134 41.08 -26.65 -62.97
C ASN C 134 40.84 -27.01 -64.43
N ALA C 135 40.00 -26.22 -65.10
CA ALA C 135 39.77 -26.34 -66.55
C ALA C 135 40.49 -25.24 -67.35
N SER C 136 40.89 -24.16 -66.70
CA SER C 136 41.64 -23.07 -67.36
C SER C 136 42.75 -22.55 -66.45
N PRO C 137 43.65 -23.45 -66.01
CA PRO C 137 44.73 -23.05 -65.09
C PRO C 137 45.52 -21.85 -65.58
N ASP C 138 45.84 -21.85 -66.87
CA ASP C 138 46.70 -20.82 -67.45
C ASP C 138 46.09 -19.43 -67.42
N LYS C 139 44.79 -19.33 -67.15
CA LYS C 139 44.18 -18.00 -67.00
C LYS C 139 43.37 -17.76 -65.71
N LEU C 140 43.04 -18.82 -64.98
CA LEU C 140 42.16 -18.67 -63.82
C LEU C 140 42.79 -19.05 -62.47
N LEU C 141 43.64 -20.08 -62.42
CA LEU C 141 44.20 -20.43 -61.10
C LEU C 141 45.12 -19.35 -60.53
N PRO C 142 44.81 -18.93 -59.28
CA PRO C 142 45.59 -17.93 -58.57
C PRO C 142 47.06 -18.31 -58.47
N GLN C 143 47.94 -17.34 -58.68
CA GLN C 143 49.39 -17.56 -58.72
C GLN C 143 49.93 -18.34 -57.54
N GLN C 144 49.47 -18.01 -56.34
CA GLN C 144 49.92 -18.64 -55.09
C GLN C 144 49.97 -20.16 -55.19
N PHE C 145 48.96 -20.73 -55.83
CA PHE C 145 48.91 -22.17 -56.04
C PHE C 145 50.11 -22.68 -56.86
N SER C 146 50.48 -21.92 -57.88
CA SER C 146 51.66 -22.22 -58.70
C SER C 146 52.93 -22.00 -57.89
N THR C 147 52.98 -20.88 -57.17
CA THR C 147 54.11 -20.54 -56.26
C THR C 147 54.34 -21.57 -55.14
N PHE C 148 53.27 -22.04 -54.51
CA PHE C 148 53.40 -22.98 -53.40
C PHE C 148 53.33 -24.45 -53.85
N GLY C 149 53.20 -24.66 -55.17
CA GLY C 149 53.30 -26.00 -55.75
C GLY C 149 52.21 -27.00 -55.38
N PHE C 150 50.95 -26.58 -55.46
CA PHE C 150 49.83 -27.50 -55.33
C PHE C 150 48.56 -26.87 -55.93
N LYS C 151 47.50 -27.67 -55.99
CA LYS C 151 46.26 -27.33 -56.69
C LYS C 151 45.06 -27.39 -55.75
N PRO C 152 44.05 -26.53 -55.97
CA PRO C 152 42.88 -26.58 -55.08
C PRO C 152 42.07 -27.85 -55.27
N LYS C 153 41.44 -28.29 -54.18
CA LYS C 153 40.67 -29.52 -54.14
C LYS C 153 39.22 -29.18 -54.01
N HIS C 154 38.38 -30.19 -54.17
CA HIS C 154 36.97 -30.04 -53.91
C HIS C 154 36.64 -29.88 -52.43
N TRP C 155 35.59 -29.13 -52.16
CA TRP C 155 35.09 -28.87 -50.82
C TRP C 155 33.86 -29.72 -50.49
N GLU C 156 33.79 -30.23 -49.27
CA GLU C 156 32.57 -30.91 -48.81
C GLU C 156 31.99 -30.05 -47.66
N PRO C 157 30.77 -30.35 -47.22
CA PRO C 157 30.17 -29.56 -46.15
C PRO C 157 30.99 -29.49 -44.86
N PHE C 158 31.53 -30.63 -44.42
CA PHE C 158 32.42 -30.70 -43.25
C PHE C 158 33.52 -29.64 -43.32
N ASP C 159 34.10 -29.47 -44.51
CA ASP C 159 35.16 -28.48 -44.71
C ASP C 159 34.69 -27.06 -44.41
N VAL C 160 33.45 -26.75 -44.79
CA VAL C 160 32.91 -25.39 -44.70
C VAL C 160 32.51 -25.06 -43.26
N ALA C 161 31.96 -26.04 -42.58
CA ALA C 161 31.65 -25.94 -41.15
C ALA C 161 32.92 -25.67 -40.33
N MET C 162 34.00 -26.37 -40.67
CA MET C 162 35.25 -26.28 -39.94
C MET C 162 35.93 -24.93 -40.08
N ILE C 163 35.69 -24.22 -41.17
CA ILE C 163 36.18 -22.87 -41.29
C ILE C 163 35.69 -22.07 -40.09
N PHE C 164 34.41 -22.21 -39.78
CA PHE C 164 33.84 -21.54 -38.63
C PHE C 164 34.29 -22.19 -37.31
N VAL C 165 34.12 -23.51 -37.23
CA VAL C 165 34.43 -24.21 -36.00
C VAL C 165 35.90 -23.97 -35.61
N GLY C 166 36.80 -24.18 -36.55
CA GLY C 166 38.24 -24.17 -36.28
C GLY C 166 38.84 -22.80 -36.02
N THR C 167 38.05 -21.78 -36.32
CA THR C 167 38.40 -20.41 -36.04
C THR C 167 37.62 -19.92 -34.82
N MET C 168 36.38 -19.52 -35.04
CA MET C 168 35.56 -18.94 -33.97
C MET C 168 35.52 -19.76 -32.69
N ALA C 169 35.37 -21.08 -32.80
CA ALA C 169 35.23 -21.93 -31.60
C ALA C 169 36.57 -22.31 -30.99
N ASN C 170 37.43 -22.93 -31.81
CA ASN C 170 38.69 -23.51 -31.34
C ASN C 170 39.82 -22.53 -31.09
N ARG C 171 39.80 -21.33 -31.68
CA ARG C 171 40.67 -20.29 -31.18
C ARG C 171 39.95 -19.48 -30.09
N PHE C 172 38.92 -18.73 -30.48
CA PHE C 172 38.42 -17.58 -29.72
C PHE C 172 37.51 -17.91 -28.58
N SER C 173 36.86 -19.05 -28.59
CA SER C 173 36.03 -19.43 -27.45
C SER C 173 36.68 -20.57 -26.62
N ASP C 174 38.01 -20.71 -26.70
CA ASP C 174 38.69 -21.89 -26.16
C ASP C 174 39.85 -21.55 -25.16
N SER C 175 39.58 -20.68 -24.19
CA SER C 175 40.61 -20.16 -23.27
C SER C 175 40.63 -20.76 -21.85
N THR C 176 41.68 -21.51 -21.50
CA THR C 176 42.04 -21.70 -20.09
C THR C 176 43.53 -21.66 -19.91
N SER C 177 43.89 -21.47 -18.65
CA SER C 177 45.23 -21.65 -18.18
C SER C 177 45.14 -22.32 -16.83
N GLU C 178 44.10 -23.16 -16.63
CA GLU C 178 43.79 -23.70 -15.29
C GLU C 178 44.95 -24.54 -14.74
N ILE C 179 45.71 -25.21 -15.62
CA ILE C 179 46.90 -25.98 -15.19
C ILE C 179 48.04 -25.04 -14.77
N ASP C 180 48.40 -24.10 -15.65
CA ASP C 180 49.33 -23.03 -15.26
C ASP C 180 48.91 -22.32 -13.97
N ASN C 181 47.62 -22.01 -13.84
CA ASN C 181 47.13 -21.30 -12.66
C ASN C 181 47.46 -22.08 -11.42
N LEU C 182 47.21 -23.38 -11.48
CA LEU C 182 47.49 -24.27 -10.37
C LEU C 182 48.96 -24.26 -10.04
N ALA C 183 49.80 -24.30 -11.07
CA ALA C 183 51.24 -24.20 -10.86
C ALA C 183 51.53 -22.91 -10.08
N LEU C 184 50.99 -21.81 -10.55
CA LEU C 184 51.22 -20.53 -9.92
C LEU C 184 50.82 -20.60 -8.44
N LEU C 185 49.64 -21.17 -8.18
CA LEU C 185 49.12 -21.22 -6.83
C LEU C 185 50.06 -22.00 -5.92
N THR C 186 50.57 -23.11 -6.42
CA THR C 186 51.45 -23.97 -5.66
C THR C 186 52.74 -23.24 -5.31
N ALA C 187 53.26 -22.51 -6.29
CA ALA C 187 54.47 -21.72 -6.10
C ALA C 187 54.22 -20.60 -5.09
N LEU C 188 53.03 -19.99 -5.14
CA LEU C 188 52.64 -19.00 -4.13
C LEU C 188 52.48 -19.64 -2.76
N LYS C 189 51.90 -20.82 -2.69
CA LYS C 189 51.74 -21.47 -1.39
C LYS C 189 53.09 -21.79 -0.76
N ASP C 190 54.07 -22.08 -1.60
CA ASP C 190 55.43 -22.43 -1.14
C ASP C 190 56.14 -21.25 -0.55
N LYS C 191 55.97 -20.10 -1.17
CA LYS C 191 56.62 -18.88 -0.71
C LYS C 191 55.89 -18.28 0.47
N TYR C 192 54.58 -18.10 0.36
CA TYR C 192 53.81 -17.33 1.32
C TYR C 192 53.14 -18.19 2.38
N GLY C 193 53.24 -19.51 2.23
CA GLY C 193 52.42 -20.41 3.03
C GLY C 193 51.02 -20.54 2.47
N LYS C 194 50.25 -21.46 3.05
CA LYS C 194 48.99 -21.88 2.46
C LYS C 194 47.91 -20.81 2.42
N GLN C 195 47.58 -20.22 3.57
CA GLN C 195 46.45 -19.26 3.59
C GLN C 195 46.77 -18.02 2.78
N GLN C 196 47.97 -17.48 2.98
CA GLN C 196 48.39 -16.25 2.30
C GLN C 196 48.65 -16.50 0.83
N GLY C 197 49.21 -17.66 0.51
CA GLY C 197 49.41 -18.07 -0.88
C GLY C 197 48.15 -17.95 -1.72
N MET C 198 47.04 -18.40 -1.14
CA MET C 198 45.74 -18.35 -1.79
C MET C 198 45.19 -16.92 -1.80
N ALA C 199 45.44 -16.21 -0.71
CA ALA C 199 44.99 -14.84 -0.59
C ALA C 199 45.65 -13.97 -1.67
N VAL C 200 46.91 -14.29 -1.98
CA VAL C 200 47.68 -13.61 -3.02
C VAL C 200 47.17 -14.06 -4.36
N PHE C 201 46.90 -15.36 -4.50
CA PHE C 201 46.25 -15.85 -5.70
C PHE C 201 44.95 -15.05 -6.01
N ASN C 202 44.17 -14.78 -4.97
CA ASN C 202 42.93 -14.02 -5.11
C ASN C 202 43.19 -12.56 -5.44
N GLN C 203 44.37 -12.06 -5.06
CA GLN C 203 44.77 -10.68 -5.35
C GLN C 203 45.26 -10.51 -6.78
N LEU C 204 45.88 -11.56 -7.32
CA LEU C 204 46.43 -11.54 -8.70
C LEU C 204 45.44 -12.00 -9.76
N LYS C 205 44.55 -12.91 -9.37
CA LYS C 205 43.59 -13.49 -10.32
C LYS C 205 42.23 -13.65 -9.66
N TRP C 206 41.62 -12.51 -9.35
CA TRP C 206 40.31 -12.48 -8.72
C TRP C 206 39.30 -13.16 -9.66
N LEU C 207 38.29 -13.75 -9.02
CA LEU C 207 37.08 -14.21 -9.69
C LEU C 207 36.32 -13.04 -10.26
N VAL C 208 36.02 -12.07 -9.39
CA VAL C 208 35.23 -10.89 -9.77
C VAL C 208 35.76 -9.64 -9.08
N ASN C 209 35.74 -8.54 -9.83
CA ASN C 209 36.09 -7.25 -9.30
C ASN C 209 34.92 -6.24 -9.43
N PRO C 210 34.25 -5.94 -8.30
CA PRO C 210 33.12 -4.98 -8.19
C PRO C 210 33.32 -3.66 -8.95
N SER C 211 34.54 -3.11 -8.95
CA SER C 211 34.81 -1.83 -9.60
C SER C 211 34.93 -1.87 -11.13
N ALA C 212 34.71 -3.04 -11.71
CA ALA C 212 34.96 -3.24 -13.12
C ALA C 212 33.94 -2.49 -13.95
N PRO C 213 34.42 -1.67 -14.90
CA PRO C 213 33.51 -1.12 -15.91
C PRO C 213 32.67 -2.18 -16.64
N THR C 214 31.35 -2.11 -16.43
CA THR C 214 30.41 -3.03 -17.03
C THR C 214 29.66 -2.38 -18.18
N THR C 215 29.29 -3.16 -19.17
CA THR C 215 28.57 -2.68 -20.32
C THR C 215 27.07 -2.47 -19.98
N ILE C 216 26.59 -3.16 -18.94
CA ILE C 216 25.24 -3.02 -18.39
C ILE C 216 25.28 -2.40 -17.00
N ALA C 217 24.82 -1.15 -16.94
CA ALA C 217 24.84 -0.35 -15.70
C ALA C 217 24.25 -1.12 -14.56
N ALA C 218 24.80 -0.94 -13.36
CA ALA C 218 24.35 -1.66 -12.17
C ALA C 218 22.87 -1.47 -11.80
N ARG C 219 22.30 -0.31 -12.13
CA ARG C 219 20.87 -0.05 -11.91
C ARG C 219 19.98 -1.05 -12.60
N GLU C 220 20.45 -1.56 -13.74
CA GLU C 220 19.63 -2.43 -14.56
C GLU C 220 19.68 -3.85 -14.01
N SER C 221 20.88 -4.35 -13.73
CA SER C 221 21.10 -5.73 -13.26
C SER C 221 22.29 -5.84 -12.31
N ALA C 222 22.65 -7.09 -12.01
CA ALA C 222 23.83 -7.40 -11.22
C ALA C 222 24.23 -8.87 -11.41
N CYS D 1 38.19 -6.45 -29.34
CA CYS D 1 37.08 -6.03 -30.23
C CYS D 1 36.29 -4.92 -29.53
N ASN D 2 35.88 -3.88 -30.27
CA ASN D 2 35.03 -2.85 -29.68
C ASN D 2 33.73 -2.61 -30.39
N MET D 3 32.80 -2.04 -29.63
CA MET D 3 31.56 -1.56 -30.19
C MET D 3 30.87 -0.51 -29.34
N TRP D 4 30.26 0.45 -30.01
CA TRP D 4 29.28 1.33 -29.38
C TRP D 4 27.97 1.38 -30.21
N VAL D 5 26.85 1.22 -29.49
CA VAL D 5 25.52 1.33 -30.06
C VAL D 5 24.80 2.47 -29.40
N ILE D 6 24.20 3.34 -30.22
CA ILE D 6 23.63 4.60 -29.74
C ILE D 6 22.12 4.64 -30.01
N GLY D 7 21.36 4.81 -28.93
CA GLY D 7 19.90 4.77 -28.99
C GLY D 7 19.19 6.00 -29.55
N LYS D 8 17.87 6.03 -29.38
CA LYS D 8 17.00 7.13 -29.87
C LYS D 8 17.36 8.43 -29.20
N ASN D 9 17.48 8.40 -27.87
CA ASN D 9 17.74 9.59 -27.07
C ASN D 9 19.14 10.16 -27.23
N LYS D 10 20.07 9.31 -27.64
CA LYS D 10 21.45 9.71 -27.78
C LYS D 10 21.84 9.95 -29.22
N ALA D 11 21.01 9.52 -30.16
CA ALA D 11 21.29 9.74 -31.59
C ALA D 11 20.82 11.13 -32.01
N GLN D 12 21.30 11.57 -33.16
CA GLN D 12 21.02 12.90 -33.66
C GLN D 12 20.92 12.85 -35.17
N ASP D 13 19.77 13.27 -35.69
CA ASP D 13 19.41 13.17 -37.12
C ASP D 13 19.26 11.71 -37.57
N ALA D 14 18.92 10.87 -36.60
CA ALA D 14 18.71 9.43 -36.79
C ALA D 14 18.19 8.82 -35.50
N LYS D 15 17.66 7.62 -35.61
CA LYS D 15 17.04 6.98 -34.45
C LYS D 15 17.99 6.04 -33.74
N ALA D 16 18.88 5.39 -34.49
CA ALA D 16 19.92 4.58 -33.87
C ALA D 16 21.15 4.46 -34.75
N ILE D 17 22.32 4.41 -34.10
CA ILE D 17 23.58 4.20 -34.78
C ILE D 17 24.39 3.10 -34.09
N MET D 18 24.94 2.21 -34.91
CA MET D 18 25.70 1.06 -34.43
C MET D 18 27.09 1.06 -35.10
N VAL D 19 28.16 1.25 -34.31
CA VAL D 19 29.55 1.24 -34.81
C VAL D 19 30.35 0.09 -34.19
N ASN D 20 30.94 -0.72 -35.07
CA ASN D 20 31.54 -2.00 -34.71
C ASN D 20 32.98 -2.13 -35.18
N GLY D 21 33.89 -2.49 -34.28
CA GLY D 21 35.30 -2.67 -34.62
C GLY D 21 35.88 -3.97 -34.06
N PRO D 22 35.64 -5.08 -34.78
CA PRO D 22 36.17 -6.37 -34.33
C PRO D 22 37.68 -6.40 -34.51
N GLN D 23 38.40 -6.87 -33.50
CA GLN D 23 39.87 -6.93 -33.55
C GLN D 23 40.38 -8.35 -33.58
N PHE D 24 40.93 -8.72 -34.71
CA PHE D 24 41.48 -10.06 -34.91
C PHE D 24 42.90 -10.00 -35.45
N GLY D 25 43.56 -8.85 -35.37
CA GLY D 25 44.83 -8.62 -36.07
C GLY D 25 44.57 -8.11 -37.48
N TRP D 26 45.62 -7.89 -38.27
CA TRP D 26 45.46 -7.40 -39.64
C TRP D 26 46.12 -8.34 -40.64
N TYR D 27 45.39 -8.71 -41.70
CA TYR D 27 45.93 -9.68 -42.64
C TYR D 27 45.66 -9.29 -44.07
N ALA D 28 46.41 -9.91 -44.98
CA ALA D 28 46.21 -9.75 -46.41
C ALA D 28 46.29 -11.11 -47.08
N PRO D 29 45.24 -11.51 -47.83
CA PRO D 29 44.02 -10.74 -48.10
C PRO D 29 43.23 -10.49 -46.83
N ALA D 30 42.18 -9.69 -46.92
CA ALA D 30 41.47 -9.22 -45.73
C ALA D 30 40.83 -10.33 -44.95
N TYR D 31 40.79 -10.13 -43.63
CA TYR D 31 40.27 -11.11 -42.70
C TYR D 31 38.81 -11.40 -43.03
N THR D 32 38.02 -10.34 -43.21
CA THR D 32 36.58 -10.47 -43.47
C THR D 32 36.24 -10.33 -44.96
N TYR D 33 35.06 -10.86 -45.32
CA TYR D 33 34.54 -10.91 -46.70
C TYR D 33 33.27 -10.11 -46.78
N GLY D 34 33.15 -9.29 -47.83
CA GLY D 34 31.93 -8.50 -48.12
C GLY D 34 30.95 -9.31 -48.95
N ILE D 35 29.68 -9.29 -48.56
CA ILE D 35 28.68 -10.12 -49.21
C ILE D 35 27.26 -9.58 -48.98
N GLY D 36 26.44 -9.62 -50.04
CA GLY D 36 25.01 -9.34 -49.93
C GLY D 36 24.20 -10.58 -50.28
N LEU D 37 23.13 -10.85 -49.52
CA LEU D 37 22.27 -12.02 -49.78
C LEU D 37 20.80 -11.63 -49.89
N HIS D 38 20.17 -12.08 -50.97
CA HIS D 38 18.79 -11.70 -51.30
C HIS D 38 17.95 -12.85 -51.84
N GLY D 39 17.11 -13.41 -50.97
CA GLY D 39 16.25 -14.51 -51.33
C GLY D 39 16.10 -15.52 -50.21
N ALA D 40 15.17 -16.44 -50.40
CA ALA D 40 14.94 -17.54 -49.48
C ALA D 40 14.73 -17.09 -48.01
N GLY D 41 14.11 -15.92 -47.82
CA GLY D 41 13.84 -15.37 -46.49
C GLY D 41 14.85 -14.31 -46.05
N TYR D 42 15.99 -14.25 -46.77
CA TYR D 42 17.12 -13.36 -46.44
C TYR D 42 17.12 -12.10 -47.30
N ASP D 43 17.31 -10.95 -46.65
CA ASP D 43 17.70 -9.74 -47.36
C ASP D 43 18.76 -9.00 -46.54
N VAL D 44 20.03 -9.21 -46.86
CA VAL D 44 21.13 -8.74 -46.01
C VAL D 44 22.32 -8.13 -46.72
N THR D 45 22.97 -7.20 -46.02
CA THR D 45 24.32 -6.72 -46.36
C THR D 45 25.26 -6.64 -45.18
N GLY D 46 26.51 -6.95 -45.47
CA GLY D 46 27.62 -6.59 -44.58
C GLY D 46 28.88 -7.34 -44.94
N ASN D 47 29.63 -7.73 -43.93
CA ASN D 47 30.82 -8.54 -44.14
C ASN D 47 31.09 -9.46 -42.96
N THR D 48 32.00 -10.39 -43.16
CA THR D 48 32.12 -11.49 -42.22
C THR D 48 33.47 -12.26 -42.35
N PRO D 49 34.04 -12.66 -41.21
CA PRO D 49 35.29 -13.40 -41.19
C PRO D 49 35.22 -14.68 -41.99
N PHE D 50 36.23 -14.93 -42.79
CA PHE D 50 36.38 -16.19 -43.50
C PHE D 50 35.12 -16.58 -44.31
N ALA D 51 34.33 -15.60 -44.72
CA ALA D 51 33.15 -15.83 -45.55
C ALA D 51 32.25 -16.93 -44.98
N TYR D 52 31.95 -16.81 -43.68
CA TYR D 52 30.97 -17.68 -43.04
C TYR D 52 29.61 -17.46 -43.70
N PRO D 53 28.76 -18.50 -43.70
CA PRO D 53 27.37 -18.38 -44.12
C PRO D 53 26.66 -17.21 -43.46
N GLY D 54 26.83 -17.08 -42.15
CA GLY D 54 26.22 -16.00 -41.40
C GLY D 54 27.09 -14.76 -41.34
N LEU D 55 26.45 -13.62 -41.48
CA LEU D 55 27.15 -12.34 -41.40
C LEU D 55 27.22 -11.91 -39.93
N VAL D 56 28.44 -11.80 -39.42
CA VAL D 56 28.67 -11.37 -38.06
C VAL D 56 28.45 -9.86 -37.96
N PHE D 57 28.69 -9.15 -39.07
CA PHE D 57 28.55 -7.68 -39.11
C PHE D 57 27.67 -7.21 -40.32
N GLY D 58 26.46 -6.74 -40.02
CA GLY D 58 25.50 -6.34 -41.06
C GLY D 58 24.09 -5.97 -40.61
N HIS D 59 23.22 -5.77 -41.60
CA HIS D 59 21.81 -5.43 -41.38
C HIS D 59 20.90 -6.04 -42.48
N ASN D 60 19.59 -6.07 -42.23
CA ASN D 60 18.59 -6.64 -43.17
C ASN D 60 17.48 -5.66 -43.65
N GLY D 61 17.63 -4.38 -43.31
CA GLY D 61 16.66 -3.35 -43.64
C GLY D 61 15.86 -2.92 -42.42
N THR D 62 15.58 -3.85 -41.52
CA THR D 62 14.82 -3.55 -40.31
C THR D 62 15.75 -3.45 -39.09
N ILE D 63 16.61 -4.47 -38.91
CA ILE D 63 17.57 -4.47 -37.79
C ILE D 63 19.02 -4.63 -38.26
N SER D 64 19.95 -4.39 -37.33
CA SER D 64 21.36 -4.65 -37.56
C SER D 64 21.99 -5.32 -36.32
N TRP D 65 23.08 -6.05 -36.58
CA TRP D 65 23.75 -6.85 -35.58
C TRP D 65 25.25 -6.72 -35.66
N GLY D 66 25.89 -7.16 -34.58
CA GLY D 66 27.34 -7.17 -34.48
C GLY D 66 27.80 -7.92 -33.26
N SER D 67 29.13 -7.97 -33.08
CA SER D 67 29.78 -8.78 -32.05
C SER D 67 31.09 -8.22 -31.52
N THR D 68 31.37 -8.58 -30.26
CA THR D 68 32.67 -8.44 -29.62
C THR D 68 32.91 -9.76 -28.89
N ALA D 69 34.15 -10.13 -28.61
CA ALA D 69 34.40 -11.41 -27.94
C ALA D 69 33.98 -11.36 -26.45
N GLY D 70 33.34 -12.42 -25.98
CA GLY D 70 32.72 -12.42 -24.66
C GLY D 70 33.69 -12.56 -23.52
N PHE D 71 34.56 -13.57 -23.59
CA PHE D 71 35.50 -13.91 -22.52
C PHE D 71 34.80 -14.27 -21.20
N GLY D 72 33.71 -15.02 -21.28
CA GLY D 72 33.12 -15.67 -20.11
C GLY D 72 33.87 -16.97 -19.90
N ASP D 73 33.79 -17.54 -18.70
CA ASP D 73 34.51 -18.80 -18.45
C ASP D 73 33.67 -19.98 -18.89
N ASP D 74 33.84 -20.37 -20.15
CA ASP D 74 33.09 -21.49 -20.68
C ASP D 74 33.99 -22.68 -20.94
N VAL D 75 35.18 -22.67 -20.35
CA VAL D 75 36.06 -23.86 -20.37
C VAL D 75 36.61 -24.20 -18.98
N ASP D 76 36.57 -25.48 -18.63
CA ASP D 76 37.19 -26.00 -17.42
C ASP D 76 38.03 -27.23 -17.74
N ILE D 77 38.84 -27.64 -16.79
CA ILE D 77 39.75 -28.75 -16.98
C ILE D 77 39.51 -29.79 -15.91
N PHE D 78 39.34 -31.02 -16.35
CA PHE D 78 39.06 -32.10 -15.44
C PHE D 78 40.28 -33.03 -15.33
N ALA D 79 40.62 -33.33 -14.08
CA ALA D 79 41.76 -34.15 -13.74
C ALA D 79 41.32 -35.58 -13.64
N GLU D 80 41.55 -36.32 -14.71
CA GLU D 80 41.06 -37.69 -14.83
C GLU D 80 41.97 -38.66 -14.10
N LYS D 81 41.37 -39.59 -13.37
CA LYS D 81 42.14 -40.57 -12.63
C LYS D 81 42.32 -41.82 -13.48
N LEU D 82 43.57 -42.21 -13.71
CA LEU D 82 43.89 -43.45 -14.41
C LEU D 82 44.55 -44.49 -13.50
N SER D 83 44.70 -45.70 -14.04
CA SER D 83 45.48 -46.77 -13.40
C SER D 83 46.58 -47.23 -14.35
N ALA D 84 47.73 -47.62 -13.78
CA ALA D 84 48.87 -48.15 -14.58
C ALA D 84 48.52 -49.44 -15.28
N GLU D 85 47.72 -50.25 -14.62
CA GLU D 85 46.98 -51.32 -15.24
C GLU D 85 45.74 -50.65 -15.81
N LYS D 86 45.17 -51.18 -16.88
CA LYS D 86 44.03 -50.53 -17.53
C LYS D 86 44.45 -49.27 -18.26
N PRO D 87 45.46 -49.35 -19.12
CA PRO D 87 45.74 -48.17 -19.93
C PRO D 87 44.59 -47.85 -20.90
N GLY D 88 44.32 -46.56 -21.09
CA GLY D 88 43.23 -46.09 -21.96
C GLY D 88 41.92 -46.06 -21.20
N TYR D 89 42.00 -46.21 -19.88
CA TYR D 89 40.83 -46.16 -19.02
C TYR D 89 40.99 -45.13 -17.92
N TYR D 90 39.88 -44.49 -17.55
CA TYR D 90 39.87 -43.52 -16.47
C TYR D 90 38.71 -43.79 -15.56
N GLN D 91 38.86 -43.46 -14.28
CA GLN D 91 37.79 -43.73 -13.34
C GLN D 91 36.76 -42.59 -13.29
N HIS D 92 35.49 -42.98 -13.32
CA HIS D 92 34.37 -42.07 -13.28
C HIS D 92 33.13 -42.77 -12.72
N ASN D 93 32.54 -42.17 -11.69
CA ASN D 93 31.45 -42.78 -10.91
C ASN D 93 31.67 -44.22 -10.47
N GLY D 94 32.87 -44.51 -9.99
CA GLY D 94 33.17 -45.81 -9.36
C GLY D 94 33.42 -46.96 -10.32
N GLU D 95 33.49 -46.66 -11.61
CA GLU D 95 33.77 -47.69 -12.61
C GLU D 95 34.76 -47.17 -13.64
N TRP D 96 35.52 -48.08 -14.25
CA TRP D 96 36.55 -47.73 -15.19
C TRP D 96 35.96 -47.59 -16.56
N VAL D 97 36.10 -46.42 -17.14
CA VAL D 97 35.47 -46.11 -18.41
C VAL D 97 36.55 -45.98 -19.50
N LYS D 98 36.25 -46.49 -20.67
CA LYS D 98 37.20 -46.47 -21.77
C LYS D 98 37.30 -45.10 -22.46
N MET D 99 38.52 -44.70 -22.77
CA MET D 99 38.73 -43.50 -23.57
C MET D 99 38.43 -43.79 -25.02
N LEU D 100 37.85 -42.80 -25.68
CA LEU D 100 37.86 -42.73 -27.12
C LEU D 100 39.27 -42.34 -27.58
N SER D 101 39.67 -42.88 -28.72
CA SER D 101 40.97 -42.58 -29.31
C SER D 101 40.89 -42.74 -30.80
N ARG D 102 41.55 -41.85 -31.52
CA ARG D 102 41.70 -41.99 -32.95
C ARG D 102 43.19 -41.89 -33.30
N LYS D 103 43.56 -42.45 -34.44
CA LYS D 103 44.91 -42.29 -34.97
C LYS D 103 44.93 -41.31 -36.11
N GLU D 104 45.86 -40.38 -36.03
CA GLU D 104 46.07 -39.42 -37.06
C GLU D 104 47.48 -39.62 -37.60
N THR D 105 47.58 -39.46 -38.92
CA THR D 105 48.84 -39.51 -39.61
C THR D 105 48.95 -38.19 -40.32
N ILE D 106 50.11 -37.55 -40.17
CA ILE D 106 50.37 -36.29 -40.81
C ILE D 106 51.28 -36.50 -42.00
N ALA D 107 50.72 -36.29 -43.19
CA ALA D 107 51.48 -36.30 -44.43
C ALA D 107 52.32 -35.03 -44.46
N VAL D 108 53.60 -35.21 -44.74
CA VAL D 108 54.54 -34.11 -44.83
C VAL D 108 55.06 -34.09 -46.27
N LYS D 109 54.78 -33.02 -47.01
CA LYS D 109 55.43 -32.80 -48.30
C LYS D 109 56.95 -32.98 -48.15
N ASP D 110 57.54 -33.77 -49.05
CA ASP D 110 58.99 -34.04 -49.05
C ASP D 110 59.54 -34.46 -47.67
N GLY D 111 58.78 -35.26 -46.95
CA GLY D 111 59.17 -35.67 -45.59
C GLY D 111 58.48 -36.93 -45.12
N GLN D 112 58.97 -37.47 -44.02
CA GLN D 112 58.45 -38.72 -43.48
C GLN D 112 57.21 -38.42 -42.65
N PRO D 113 56.13 -39.23 -42.85
CA PRO D 113 54.89 -39.00 -42.10
C PRO D 113 55.01 -39.27 -40.60
N GLU D 114 54.26 -38.53 -39.78
CA GLU D 114 54.23 -38.72 -38.32
C GLU D 114 52.85 -39.12 -37.83
N THR D 115 52.76 -40.22 -37.09
CA THR D 115 51.47 -40.71 -36.58
C THR D 115 51.42 -40.72 -35.05
N PHE D 116 50.26 -40.29 -34.53
CA PHE D 116 50.04 -40.18 -33.10
C PHE D 116 48.57 -40.39 -32.79
N THR D 117 48.30 -40.49 -31.49
CA THR D 117 46.97 -40.73 -31.01
C THR D 117 46.39 -39.51 -30.28
N VAL D 118 45.15 -39.14 -30.62
CA VAL D 118 44.37 -38.17 -29.86
C VAL D 118 43.48 -38.93 -28.91
N TRP D 119 43.44 -38.54 -27.63
CA TRP D 119 42.53 -39.19 -26.66
C TRP D 119 41.40 -38.25 -26.27
N ARG D 120 40.27 -38.83 -25.89
CA ARG D 120 39.10 -38.07 -25.55
C ARG D 120 38.33 -38.80 -24.45
N THR D 121 37.91 -38.06 -23.45
CA THR D 121 37.06 -38.60 -22.41
C THR D 121 35.69 -37.98 -22.52
N LEU D 122 34.80 -38.44 -21.65
CA LEU D 122 33.53 -37.78 -21.30
C LEU D 122 33.58 -36.24 -21.30
N HIS D 123 34.60 -35.70 -20.64
CA HIS D 123 34.70 -34.28 -20.44
C HIS D 123 35.26 -33.56 -21.68
N GLY D 124 36.10 -34.23 -22.44
CA GLY D 124 36.63 -33.64 -23.67
C GLY D 124 37.95 -34.27 -24.06
N ASN D 125 38.63 -33.64 -25.02
CA ASN D 125 39.96 -34.09 -25.42
C ASN D 125 40.99 -34.00 -24.30
N VAL D 126 41.93 -34.94 -24.34
CA VAL D 126 43.03 -34.96 -23.40
C VAL D 126 44.05 -33.93 -23.89
N ILE D 127 44.50 -33.07 -22.99
CA ILE D 127 45.49 -32.04 -23.32
C ILE D 127 46.87 -32.28 -22.69
N LYS D 128 46.94 -33.10 -21.64
CA LYS D 128 48.22 -33.43 -21.01
C LYS D 128 48.09 -34.65 -20.17
N THR D 129 49.17 -35.45 -20.09
CA THR D 129 49.18 -36.67 -19.26
C THR D 129 50.41 -36.74 -18.37
N ASP D 130 50.21 -37.08 -17.10
CA ASP D 130 51.28 -37.18 -16.14
C ASP D 130 51.31 -38.57 -15.52
N THR D 131 51.92 -39.48 -16.25
CA THR D 131 52.03 -40.88 -15.87
C THR D 131 52.58 -41.03 -14.42
N ALA D 132 53.44 -40.12 -13.98
CA ALA D 132 53.93 -40.11 -12.60
C ALA D 132 52.77 -40.08 -11.60
N THR D 133 51.88 -39.10 -11.70
CA THR D 133 50.75 -38.96 -10.76
C THR D 133 49.55 -39.83 -11.15
N GLN D 134 49.71 -40.60 -12.22
CA GLN D 134 48.62 -41.30 -12.86
C GLN D 134 47.38 -40.40 -13.05
N THR D 135 47.58 -39.29 -13.77
CA THR D 135 46.53 -38.31 -14.03
C THR D 135 46.52 -37.86 -15.47
N ALA D 136 45.31 -37.66 -16.03
CA ALA D 136 45.16 -37.05 -17.37
C ALA D 136 44.25 -35.82 -17.33
N TYR D 137 44.62 -34.78 -18.08
CA TYR D 137 43.88 -33.52 -18.07
C TYR D 137 43.00 -33.41 -19.29
N ALA D 138 41.70 -33.29 -19.07
CA ALA D 138 40.73 -33.23 -20.16
C ALA D 138 40.07 -31.85 -20.18
N LYS D 139 39.91 -31.28 -21.38
CA LYS D 139 39.39 -29.94 -21.54
C LYS D 139 37.93 -29.93 -21.95
N ALA D 140 37.08 -29.59 -20.97
CA ALA D 140 35.62 -29.51 -21.13
C ALA D 140 35.20 -28.16 -21.64
N ARG D 141 34.49 -28.16 -22.74
CA ARG D 141 33.89 -26.92 -23.27
C ARG D 141 32.36 -26.96 -23.18
N ALA D 142 31.77 -25.98 -22.48
CA ALA D 142 30.32 -25.78 -22.48
C ALA D 142 29.67 -25.80 -23.87
N TRP D 143 30.35 -25.25 -24.88
CA TRP D 143 29.80 -25.24 -26.23
C TRP D 143 30.03 -26.54 -27.01
N ASP D 144 30.65 -27.54 -26.38
CA ASP D 144 30.94 -28.79 -27.06
C ASP D 144 29.64 -29.43 -27.48
N GLY D 145 29.58 -29.84 -28.74
CA GLY D 145 28.38 -30.41 -29.30
C GLY D 145 27.43 -29.36 -29.88
N LYS D 146 27.73 -28.08 -29.67
CA LYS D 146 26.89 -26.98 -30.19
C LYS D 146 27.66 -26.05 -31.12
N GLU D 147 28.68 -26.59 -31.78
CA GLU D 147 29.54 -25.77 -32.65
C GLU D 147 28.75 -25.35 -33.90
N VAL D 148 28.15 -26.32 -34.57
CA VAL D 148 27.42 -26.02 -35.79
C VAL D 148 26.11 -25.34 -35.45
N ALA D 149 25.47 -25.73 -34.36
CA ALA D 149 24.30 -25.02 -33.85
C ALA D 149 24.62 -23.53 -33.82
N SER D 150 25.82 -23.19 -33.34
CA SER D 150 26.26 -21.77 -33.25
C SER D 150 26.49 -21.14 -34.61
N LEU D 151 27.06 -21.90 -35.56
CA LEU D 151 27.21 -21.43 -36.94
C LEU D 151 25.87 -21.01 -37.48
N LEU D 152 24.89 -21.88 -37.29
CA LEU D 152 23.55 -21.65 -37.84
C LEU D 152 22.83 -20.54 -37.11
N ALA D 153 23.05 -20.37 -35.82
CA ALA D 153 22.34 -19.31 -35.10
C ALA D 153 22.76 -17.95 -35.65
N TRP D 154 24.06 -17.79 -35.95
CA TRP D 154 24.63 -16.59 -36.62
C TRP D 154 23.90 -16.27 -37.90
N THR D 155 23.53 -17.31 -38.65
CA THR D 155 22.89 -17.19 -39.94
C THR D 155 21.39 -16.83 -39.82
N HIS D 156 20.67 -17.56 -38.97
CA HIS D 156 19.22 -17.35 -38.84
C HIS D 156 18.86 -15.99 -38.20
N GLN D 157 19.76 -15.45 -37.38
CA GLN D 157 19.51 -14.12 -36.81
C GLN D 157 19.34 -13.07 -37.90
N MET D 158 19.92 -13.32 -39.08
CA MET D 158 19.85 -12.37 -40.18
C MET D 158 18.42 -12.14 -40.68
N LYS D 159 17.55 -13.12 -40.43
CA LYS D 159 16.12 -13.04 -40.76
C LYS D 159 15.27 -12.33 -39.73
N ALA D 160 15.75 -12.24 -38.50
CA ALA D 160 14.93 -11.66 -37.42
C ALA D 160 14.62 -10.20 -37.70
N LYS D 161 13.47 -9.75 -37.21
CA LYS D 161 12.98 -8.39 -37.46
C LYS D 161 12.54 -7.68 -36.21
N ASN D 162 12.75 -8.30 -35.07
CA ASN D 162 12.60 -7.60 -33.80
C ASN D 162 13.36 -8.28 -32.65
N TRP D 163 13.37 -7.63 -31.51
CA TRP D 163 14.11 -8.13 -30.35
C TRP D 163 13.75 -9.58 -30.02
N PRO D 164 12.45 -9.87 -29.80
CA PRO D 164 12.03 -11.25 -29.55
C PRO D 164 12.58 -12.31 -30.53
N GLU D 165 12.39 -12.11 -31.83
CA GLU D 165 12.80 -13.10 -32.82
C GLU D 165 14.31 -13.30 -32.80
N TRP D 166 15.03 -12.22 -32.56
CA TRP D 166 16.49 -12.20 -32.60
C TRP D 166 17.10 -12.85 -31.34
N THR D 167 16.58 -12.50 -30.17
CA THR D 167 16.94 -13.15 -28.94
C THR D 167 16.76 -14.68 -28.96
N GLN D 168 15.75 -15.16 -29.68
CA GLN D 168 15.55 -16.63 -29.79
C GLN D 168 16.72 -17.32 -30.52
N GLN D 169 17.41 -16.62 -31.42
CA GLN D 169 18.68 -17.09 -32.02
C GLN D 169 19.88 -16.93 -31.07
N ALA D 170 20.02 -15.73 -30.52
CA ALA D 170 21.03 -15.48 -29.50
C ALA D 170 21.10 -16.62 -28.48
N ALA D 171 19.95 -17.18 -28.10
CA ALA D 171 19.93 -18.25 -27.09
C ALA D 171 20.51 -19.58 -27.60
N LYS D 172 20.52 -19.73 -28.93
CA LYS D 172 21.06 -20.92 -29.60
C LYS D 172 22.52 -20.75 -29.98
N GLN D 173 23.09 -19.61 -29.63
CA GLN D 173 24.50 -19.38 -29.84
C GLN D 173 25.29 -19.71 -28.57
N ALA D 174 26.25 -20.63 -28.71
CA ALA D 174 26.91 -21.27 -27.56
C ALA D 174 28.33 -20.76 -27.27
N LEU D 175 28.96 -20.14 -28.28
CA LEU D 175 30.28 -19.59 -28.07
C LEU D 175 30.12 -18.34 -27.20
N THR D 176 31.15 -18.06 -26.38
CA THR D 176 31.08 -16.94 -25.45
C THR D 176 31.35 -15.63 -26.20
N ILE D 177 30.28 -15.05 -26.71
CA ILE D 177 30.37 -13.91 -27.61
C ILE D 177 29.32 -12.86 -27.25
N ASN D 178 29.70 -11.60 -27.34
CA ASN D 178 28.78 -10.49 -27.12
C ASN D 178 28.02 -10.20 -28.40
N TRP D 179 26.71 -10.02 -28.25
CA TRP D 179 25.81 -9.78 -29.39
C TRP D 179 25.09 -8.45 -29.20
N TYR D 180 24.98 -7.70 -30.30
CA TYR D 180 24.42 -6.36 -30.30
C TYR D 180 23.32 -6.21 -31.34
N TYR D 181 22.32 -5.40 -30.98
CA TYR D 181 21.07 -5.24 -31.74
C TYR D 181 20.70 -3.75 -31.85
N ALA D 182 20.27 -3.35 -33.04
CA ALA D 182 19.69 -2.02 -33.28
C ALA D 182 18.58 -2.14 -34.33
N ASP D 183 17.57 -1.26 -34.30
CA ASP D 183 16.49 -1.31 -35.31
C ASP D 183 15.99 0.04 -35.83
N VAL D 184 15.11 -0.02 -36.82
CA VAL D 184 14.55 1.19 -37.45
C VAL D 184 13.78 2.07 -36.46
N ASN D 185 13.18 1.46 -35.44
CA ASN D 185 12.51 2.22 -34.38
C ASN D 185 13.43 2.89 -33.37
N GLY D 186 14.74 2.61 -33.46
CA GLY D 186 15.72 3.20 -32.55
C GLY D 186 15.92 2.46 -31.25
N ASN D 187 15.36 1.26 -31.14
CA ASN D 187 15.70 0.42 -30.02
C ASN D 187 17.07 -0.27 -30.18
N ILE D 188 17.75 -0.40 -29.05
CA ILE D 188 19.09 -0.98 -28.98
C ILE D 188 19.13 -2.04 -27.91
N GLY D 189 19.93 -3.08 -28.16
CA GLY D 189 20.02 -4.20 -27.24
C GLY D 189 21.34 -4.92 -27.26
N TYR D 190 21.59 -5.62 -26.15
CA TYR D 190 22.85 -6.33 -25.92
C TYR D 190 22.57 -7.67 -25.27
N VAL D 191 23.28 -8.70 -25.72
CA VAL D 191 23.25 -10.02 -25.06
C VAL D 191 24.64 -10.64 -24.99
N HIS D 192 25.07 -10.97 -23.77
CA HIS D 192 26.31 -11.72 -23.57
C HIS D 192 25.99 -13.17 -23.77
N THR D 193 26.16 -13.62 -25.01
CA THR D 193 25.71 -14.92 -25.46
C THR D 193 26.66 -16.07 -25.04
N GLY D 194 26.09 -17.27 -24.99
CA GLY D 194 26.90 -18.48 -24.88
C GLY D 194 26.37 -19.52 -23.94
N ALA D 195 26.89 -20.73 -24.08
CA ALA D 195 26.69 -21.80 -23.11
C ALA D 195 27.68 -21.63 -21.97
N TYR D 196 27.18 -21.76 -20.74
CA TYR D 196 28.00 -21.57 -19.56
C TYR D 196 27.65 -22.64 -18.55
N PRO D 197 28.64 -23.20 -17.85
CA PRO D 197 28.29 -24.37 -17.05
C PRO D 197 27.58 -24.06 -15.74
N ASP D 198 26.60 -24.89 -15.39
CA ASP D 198 26.08 -24.93 -14.04
C ASP D 198 27.07 -25.79 -13.23
N ARG D 199 27.86 -25.13 -12.39
CA ARG D 199 28.92 -25.82 -11.66
C ARG D 199 28.44 -26.34 -10.33
N GLN D 200 29.13 -27.33 -9.77
CA GLN D 200 28.81 -27.79 -8.42
C GLN D 200 29.15 -26.69 -7.41
N PRO D 201 28.39 -26.60 -6.29
CA PRO D 201 28.81 -25.62 -5.29
C PRO D 201 30.24 -25.93 -4.83
N GLY D 202 31.08 -24.89 -4.77
CA GLY D 202 32.47 -24.99 -4.34
C GLY D 202 33.47 -25.20 -5.47
N HIS D 203 32.97 -25.33 -6.70
CA HIS D 203 33.81 -25.48 -7.88
C HIS D 203 34.44 -24.13 -8.15
N ASP D 204 35.75 -24.05 -7.89
CA ASP D 204 36.56 -22.91 -8.26
C ASP D 204 36.95 -23.07 -9.73
N PRO D 205 36.40 -22.22 -10.61
CA PRO D 205 36.53 -22.38 -12.04
C PRO D 205 37.83 -21.84 -12.61
N ARG D 206 38.74 -21.37 -11.76
CA ARG D 206 40.07 -20.92 -12.16
C ARG D 206 41.10 -22.05 -12.12
N LEU D 207 40.70 -23.18 -11.55
CA LEU D 207 41.59 -24.30 -11.34
C LEU D 207 40.99 -25.63 -11.82
N PRO D 208 41.84 -26.66 -12.00
CA PRO D 208 41.31 -27.95 -12.38
C PRO D 208 40.47 -28.54 -11.27
N VAL D 209 39.69 -29.56 -11.64
CA VAL D 209 38.89 -30.31 -10.68
C VAL D 209 38.99 -31.79 -11.00
N PRO D 210 38.72 -32.65 -10.02
CA PRO D 210 38.78 -34.07 -10.31
C PRO D 210 37.70 -34.47 -11.32
N GLY D 211 38.04 -35.40 -12.22
CA GLY D 211 37.08 -35.90 -13.18
C GLY D 211 36.47 -37.23 -12.78
N THR D 212 36.51 -37.54 -11.49
CA THR D 212 36.06 -38.85 -11.01
C THR D 212 34.55 -38.89 -10.80
N GLY D 213 33.90 -37.73 -10.93
CA GLY D 213 32.44 -37.71 -11.06
C GLY D 213 31.69 -36.72 -10.21
N LYS D 214 32.15 -36.50 -9.00
CA LYS D 214 31.39 -35.64 -8.09
C LYS D 214 31.49 -34.13 -8.40
N TRP D 215 32.43 -33.74 -9.25
CA TRP D 215 32.56 -32.35 -9.69
C TRP D 215 32.10 -32.08 -11.12
N ASP D 216 31.46 -33.05 -11.75
CA ASP D 216 30.92 -32.86 -13.09
C ASP D 216 29.89 -31.74 -13.06
N TRP D 217 29.75 -31.06 -14.18
CA TRP D 217 28.76 -30.04 -14.29
C TRP D 217 27.39 -30.64 -14.07
N LYS D 218 26.51 -29.87 -13.44
CA LYS D 218 25.11 -30.24 -13.32
C LYS D 218 24.44 -30.21 -14.70
N GLY D 219 24.91 -29.34 -15.57
CA GLY D 219 24.29 -29.11 -16.85
C GLY D 219 24.71 -27.73 -17.31
N LEU D 220 23.95 -27.13 -18.21
CA LEU D 220 24.19 -25.76 -18.62
C LEU D 220 23.18 -24.84 -17.97
N LEU D 221 23.61 -23.62 -17.62
CA LEU D 221 22.72 -22.57 -17.08
C LEU D 221 21.78 -22.12 -18.19
N SER D 222 20.62 -21.61 -17.82
CA SER D 222 19.65 -21.20 -18.83
C SER D 222 20.06 -19.85 -19.42
N PHE D 223 19.65 -19.63 -20.67
CA PHE D 223 19.75 -18.33 -21.33
C PHE D 223 19.20 -17.16 -20.49
N ASP D 224 18.21 -17.45 -19.65
CA ASP D 224 17.69 -16.45 -18.70
C ASP D 224 18.79 -15.75 -17.89
N LEU D 225 19.83 -16.49 -17.46
CA LEU D 225 20.92 -15.90 -16.68
C LEU D 225 21.96 -15.15 -17.52
N ASN D 226 22.06 -15.41 -18.82
CA ASN D 226 23.00 -14.66 -19.65
C ASN D 226 22.69 -13.17 -19.53
N PRO D 227 23.69 -12.36 -19.16
CA PRO D 227 23.53 -10.90 -19.15
C PRO D 227 22.97 -10.30 -20.46
N LYS D 228 21.96 -9.44 -20.30
CA LYS D 228 21.24 -8.82 -21.42
C LYS D 228 20.72 -7.47 -20.99
N VAL D 229 20.47 -6.61 -21.97
CA VAL D 229 19.67 -5.40 -21.74
C VAL D 229 19.12 -4.83 -23.05
N TYR D 230 17.93 -4.24 -22.93
CA TYR D 230 17.18 -3.69 -24.05
C TYR D 230 16.81 -2.24 -23.74
N ASN D 231 17.19 -1.31 -24.62
CA ASN D 231 16.92 0.12 -24.40
C ASN D 231 17.27 0.54 -22.98
N PRO D 232 18.57 0.60 -22.66
CA PRO D 232 18.97 0.97 -21.31
C PRO D 232 18.80 2.46 -21.09
N GLN D 233 18.61 2.88 -19.85
CA GLN D 233 18.42 4.30 -19.57
C GLN D 233 19.66 5.13 -19.85
N SER D 234 20.79 4.50 -20.11
CA SER D 234 22.02 5.19 -20.49
C SER D 234 21.91 5.75 -21.90
N GLY D 235 21.13 5.10 -22.75
CA GLY D 235 20.99 5.53 -24.14
C GLY D 235 22.02 4.91 -25.07
N TYR D 236 23.04 4.26 -24.50
CA TYR D 236 24.05 3.60 -25.32
C TYR D 236 24.48 2.27 -24.72
N ILE D 237 25.05 1.44 -25.59
CA ILE D 237 25.72 0.21 -25.20
C ILE D 237 27.17 0.27 -25.73
N ALA D 238 28.14 0.14 -24.81
CA ALA D 238 29.57 0.24 -25.12
C ALA D 238 30.38 -0.95 -24.62
N ASN D 239 31.26 -1.48 -25.47
CA ASN D 239 32.05 -2.65 -25.08
C ASN D 239 33.41 -2.72 -25.75
N TRP D 240 34.42 -3.08 -24.97
CA TRP D 240 35.77 -3.33 -25.49
C TRP D 240 36.35 -4.60 -24.81
N ASN D 241 35.58 -5.70 -24.90
CA ASN D 241 35.89 -6.98 -24.24
C ASN D 241 35.93 -6.85 -22.72
N ASN D 242 35.30 -5.80 -22.20
CA ASN D 242 35.19 -5.60 -20.75
C ASN D 242 34.04 -6.41 -20.17
N SER D 243 33.93 -6.42 -18.83
CA SER D 243 32.86 -7.16 -18.14
C SER D 243 31.49 -6.75 -18.67
N PRO D 244 30.60 -7.72 -18.89
CA PRO D 244 29.27 -7.40 -19.40
C PRO D 244 28.33 -6.85 -18.34
N GLN D 245 28.56 -7.17 -17.08
CA GLN D 245 27.54 -6.96 -16.05
C GLN D 245 28.10 -7.14 -14.65
N LYS D 246 27.67 -6.26 -13.73
CA LYS D 246 28.20 -6.27 -12.39
C LYS D 246 28.22 -7.68 -11.84
N ASP D 247 29.33 -8.03 -11.21
CA ASP D 247 29.55 -9.34 -10.59
C ASP D 247 29.62 -10.54 -11.55
N TYR D 248 29.71 -10.30 -12.86
CA TYR D 248 29.90 -11.39 -13.82
C TYR D 248 31.38 -11.86 -13.89
N PRO D 249 31.62 -13.15 -13.72
CA PRO D 249 33.02 -13.61 -13.76
C PRO D 249 33.56 -13.84 -15.19
N ALA D 250 34.82 -13.45 -15.37
CA ALA D 250 35.54 -13.59 -16.63
C ALA D 250 36.24 -14.94 -16.77
N SER D 251 36.76 -15.16 -17.99
CA SER D 251 37.72 -16.22 -18.34
C SER D 251 38.75 -16.53 -17.25
N ASP D 252 39.17 -17.78 -17.16
CA ASP D 252 40.16 -18.17 -16.13
C ASP D 252 41.62 -17.89 -16.55
N LEU D 253 41.86 -17.50 -17.81
CA LEU D 253 43.17 -17.03 -18.25
C LEU D 253 43.83 -16.14 -17.21
N PHE D 254 45.03 -16.49 -16.76
CA PHE D 254 45.74 -15.69 -15.75
C PHE D 254 46.06 -14.29 -16.25
N ALA D 255 46.20 -14.16 -17.56
CA ALA D 255 46.60 -12.90 -18.19
C ALA D 255 45.42 -12.00 -18.56
N PHE D 256 44.24 -12.30 -18.02
CA PHE D 256 43.01 -11.62 -18.38
C PHE D 256 42.22 -11.26 -17.13
N LEU D 257 41.89 -9.98 -17.00
CA LEU D 257 41.17 -9.50 -15.84
C LEU D 257 40.19 -8.41 -16.27
N TRP D 258 39.04 -8.40 -15.61
CA TRP D 258 38.16 -7.22 -15.59
C TRP D 258 38.29 -6.55 -14.23
N GLY D 259 38.85 -5.34 -14.19
CA GLY D 259 38.97 -4.64 -12.93
C GLY D 259 38.80 -3.13 -13.08
N GLY D 260 39.15 -2.39 -12.02
CA GLY D 260 39.04 -0.94 -12.02
C GLY D 260 39.52 -0.33 -13.32
N ALA D 261 40.66 -0.81 -13.81
CA ALA D 261 41.26 -0.28 -15.04
C ALA D 261 40.78 -1.13 -16.23
N ASP D 262 40.08 -0.47 -17.13
CA ASP D 262 39.55 -1.10 -18.31
C ASP D 262 39.47 -0.07 -19.43
N ARG D 263 39.87 -0.49 -20.62
CA ARG D 263 39.97 0.41 -21.76
C ARG D 263 38.61 0.89 -22.28
N VAL D 264 37.53 0.17 -21.95
CA VAL D 264 36.19 0.62 -22.36
C VAL D 264 35.86 2.01 -21.79
N THR D 265 36.42 2.33 -20.63
CA THR D 265 36.25 3.64 -20.00
C THR D 265 36.66 4.77 -20.95
N GLU D 266 37.54 4.48 -21.91
CA GLU D 266 37.89 5.47 -22.93
C GLU D 266 36.74 5.78 -23.85
N ILE D 267 35.86 4.81 -24.10
CA ILE D 267 34.67 5.01 -24.94
C ILE D 267 33.57 5.66 -24.13
N ASP D 268 33.27 5.10 -22.97
CA ASP D 268 32.35 5.72 -22.01
C ASP D 268 32.57 7.24 -21.91
N THR D 269 33.82 7.62 -21.67
CA THR D 269 34.18 9.01 -21.51
C THR D 269 33.82 9.84 -22.75
N THR D 270 34.16 9.40 -23.96
CA THR D 270 33.83 10.19 -25.16
C THR D 270 32.29 10.32 -25.26
N LEU D 271 31.57 9.22 -25.02
CA LEU D 271 30.11 9.18 -25.21
C LEU D 271 29.36 10.02 -24.20
N ASP D 272 29.77 9.95 -22.93
CA ASP D 272 29.17 10.78 -21.86
C ASP D 272 29.37 12.30 -21.98
N LYS D 273 30.31 12.72 -22.82
CA LYS D 273 30.67 14.13 -22.89
C LYS D 273 29.54 14.92 -23.57
N GLN D 274 29.25 14.58 -24.82
CA GLN D 274 28.15 15.22 -25.58
C GLN D 274 26.82 14.44 -25.54
N PRO D 275 25.69 15.15 -25.26
CA PRO D 275 24.40 14.44 -25.12
C PRO D 275 23.91 13.71 -26.37
N ARG D 276 24.32 14.15 -27.57
CA ARG D 276 23.89 13.47 -28.78
C ARG D 276 24.95 13.39 -29.84
N PHE D 277 24.79 12.41 -30.71
CA PHE D 277 25.83 12.04 -31.66
C PHE D 277 25.26 11.87 -33.02
N THR D 278 25.77 12.63 -33.99
CA THR D 278 25.39 12.39 -35.37
C THR D 278 26.14 11.17 -35.83
N ALA D 279 25.90 10.77 -37.08
CA ALA D 279 26.62 9.65 -37.65
C ALA D 279 28.10 9.96 -37.68
N ASP D 280 28.46 11.06 -38.34
CA ASP D 280 29.86 11.41 -38.50
C ASP D 280 30.62 11.44 -37.16
N GLN D 281 29.99 11.99 -36.13
CA GLN D 281 30.60 12.05 -34.79
C GLN D 281 30.78 10.67 -34.16
N ALA D 282 29.86 9.76 -34.46
CA ALA D 282 29.92 8.40 -33.93
C ALA D 282 31.01 7.57 -34.63
N TRP D 283 31.21 7.81 -35.91
CA TRP D 283 32.30 7.18 -36.66
C TRP D 283 33.65 7.77 -36.25
N ASP D 284 33.62 9.00 -35.76
CA ASP D 284 34.82 9.70 -35.39
C ASP D 284 35.33 9.23 -34.04
N VAL D 285 34.55 8.41 -33.32
CA VAL D 285 35.06 7.83 -32.09
C VAL D 285 36.18 6.84 -32.41
N ILE D 286 36.16 6.25 -33.60
CA ILE D 286 37.18 5.27 -34.01
C ILE D 286 38.57 5.90 -34.03
N ARG D 287 38.67 7.03 -34.72
CA ARG D 287 39.89 7.82 -34.75
C ARG D 287 40.35 8.11 -33.33
N GLN D 288 39.45 8.64 -32.53
CA GLN D 288 39.80 9.00 -31.16
C GLN D 288 40.34 7.84 -30.37
N THR D 289 39.65 6.71 -30.43
CA THR D 289 40.09 5.52 -29.72
C THR D 289 41.35 4.89 -30.36
N SER D 290 41.42 4.92 -31.69
CA SER D 290 42.62 4.46 -32.42
C SER D 290 43.91 4.95 -31.82
N ARG D 291 43.91 6.15 -31.25
CA ARG D 291 45.14 6.83 -30.87
C ARG D 291 45.29 7.06 -29.39
N ARG D 292 44.26 6.74 -28.63
CA ARG D 292 44.28 6.93 -27.19
C ARG D 292 45.33 6.09 -26.45
N ASP D 293 46.31 6.72 -25.79
CA ASP D 293 47.13 6.00 -24.83
C ASP D 293 46.22 5.58 -23.72
N LEU D 294 46.22 4.28 -23.46
CA LEU D 294 45.27 3.68 -22.54
C LEU D 294 45.69 3.76 -21.07
N ASN D 295 46.95 4.12 -20.81
CA ASN D 295 47.53 4.10 -19.48
C ASN D 295 47.65 5.44 -18.80
N LEU D 296 47.72 6.50 -19.59
CA LEU D 296 47.89 7.83 -19.05
C LEU D 296 46.89 8.12 -17.93
N ARG D 297 45.62 7.94 -18.23
CA ARG D 297 44.52 8.13 -17.30
C ARG D 297 44.72 7.42 -15.95
N LEU D 298 45.30 6.24 -16.00
CA LEU D 298 45.35 5.35 -14.86
C LEU D 298 46.43 5.73 -13.88
N PHE D 299 47.55 6.25 -14.38
CA PHE D 299 48.72 6.45 -13.51
C PHE D 299 49.16 7.89 -13.30
N LEU D 300 48.77 8.79 -14.19
CA LEU D 300 49.13 10.18 -14.01
C LEU D 300 48.80 10.77 -12.61
N PRO D 301 47.65 10.42 -12.03
CA PRO D 301 47.45 10.89 -10.67
C PRO D 301 48.54 10.49 -9.69
N ALA D 302 48.91 9.22 -9.70
CA ALA D 302 49.95 8.75 -8.78
C ALA D 302 51.28 9.41 -9.06
N LEU D 303 51.56 9.67 -10.34
CA LEU D 303 52.81 10.30 -10.75
C LEU D 303 52.89 11.74 -10.26
N LYS D 304 51.82 12.50 -10.49
CA LYS D 304 51.69 13.86 -9.92
C LYS D 304 51.89 13.87 -8.41
N ASP D 305 51.06 13.12 -7.68
CA ASP D 305 51.22 13.02 -6.21
C ASP D 305 52.68 12.71 -5.86
N ALA D 306 53.33 11.81 -6.58
CA ALA D 306 54.65 11.33 -6.16
C ALA D 306 55.75 12.35 -6.32
N THR D 307 55.64 13.22 -7.32
CA THR D 307 56.73 14.17 -7.64
C THR D 307 56.50 15.59 -7.14
N ALA D 308 55.52 15.75 -6.25
CA ALA D 308 55.14 17.05 -5.72
C ALA D 308 56.29 17.79 -5.02
N ASN D 309 56.95 17.12 -4.10
CA ASN D 309 58.03 17.75 -3.31
C ASN D 309 59.41 17.72 -3.92
N LEU D 310 59.51 17.40 -5.20
CA LEU D 310 60.79 17.45 -5.87
C LEU D 310 61.11 18.85 -6.34
N ALA D 311 62.39 19.10 -6.64
CA ALA D 311 62.83 20.37 -7.18
C ALA D 311 62.28 20.54 -8.58
N GLU D 312 61.90 21.76 -8.91
CA GLU D 312 61.28 22.05 -10.21
C GLU D 312 62.11 21.56 -11.39
N ASN D 313 63.40 21.32 -11.16
CA ASN D 313 64.30 20.97 -12.24
C ASN D 313 64.68 19.51 -12.23
N ASP D 314 64.30 18.81 -11.17
CA ASP D 314 64.50 17.38 -11.10
C ASP D 314 63.99 16.78 -12.40
N PRO D 315 64.84 16.02 -13.12
CA PRO D 315 64.39 15.44 -14.39
C PRO D 315 63.13 14.59 -14.25
N ARG D 316 62.99 13.90 -13.14
CA ARG D 316 61.78 13.11 -12.86
C ARG D 316 60.55 13.98 -12.92
N ARG D 317 60.66 15.19 -12.41
CA ARG D 317 59.53 16.11 -12.48
C ARG D 317 59.30 16.60 -13.89
N GLN D 318 60.37 16.83 -14.63
CA GLN D 318 60.25 17.27 -16.01
C GLN D 318 59.44 16.26 -16.81
N LEU D 319 59.65 14.97 -16.53
CA LEU D 319 58.88 13.88 -17.16
C LEU D 319 57.38 13.93 -16.84
N VAL D 320 57.05 14.01 -15.56
CA VAL D 320 55.65 14.08 -15.12
C VAL D 320 54.95 15.36 -15.58
N ASP D 321 55.63 16.50 -15.47
CA ASP D 321 55.08 17.77 -15.94
C ASP D 321 54.74 17.71 -17.43
N LYS D 322 55.62 17.07 -18.19
CA LYS D 322 55.41 16.91 -19.62
C LYS D 322 54.19 16.00 -19.96
N LEU D 323 54.00 14.93 -19.18
CA LEU D 323 52.84 14.06 -19.36
C LEU D 323 51.57 14.81 -19.06
N ALA D 324 51.61 15.59 -17.98
CA ALA D 324 50.48 16.41 -17.57
C ALA D 324 50.10 17.41 -18.66
N SER D 325 51.03 17.73 -19.54
CA SER D 325 50.78 18.65 -20.65
C SER D 325 50.10 18.00 -21.82
N TRP D 326 49.89 16.70 -21.75
CA TRP D 326 49.56 15.89 -22.91
C TRP D 326 48.10 15.49 -22.84
N ASP D 327 47.42 15.53 -24.00
CA ASP D 327 46.01 15.10 -24.14
C ASP D 327 45.89 13.57 -24.34
N GLY D 328 47.02 12.89 -24.40
CA GLY D 328 47.04 11.44 -24.38
C GLY D 328 46.62 10.84 -25.70
N GLU D 329 46.69 11.61 -26.78
CA GLU D 329 46.48 11.01 -28.11
C GLU D 329 47.70 11.12 -28.96
N ASN D 330 48.04 9.99 -29.55
CA ASN D 330 49.23 9.86 -30.34
C ASN D 330 48.99 10.25 -31.78
N LEU D 331 49.84 11.15 -32.28
CA LEU D 331 49.87 11.47 -33.72
C LEU D 331 51.29 11.31 -34.24
N VAL D 332 51.42 10.96 -35.51
CA VAL D 332 52.72 10.76 -36.13
C VAL D 332 53.24 12.08 -36.72
N ASN D 333 54.56 12.25 -36.74
CA ASN D 333 55.21 13.42 -37.34
C ASN D 333 55.28 13.31 -38.87
N ASP D 334 55.72 14.38 -39.51
CA ASP D 334 55.78 14.43 -40.97
C ASP D 334 56.76 13.41 -41.52
N ASP D 335 57.78 13.07 -40.72
CA ASP D 335 58.74 12.02 -41.10
C ASP D 335 58.09 10.65 -41.26
N GLY D 336 56.84 10.51 -40.82
CA GLY D 336 56.10 9.25 -40.95
C GLY D 336 56.59 8.16 -40.04
N LYS D 337 57.40 8.51 -39.04
CA LYS D 337 58.14 7.49 -38.28
C LYS D 337 58.30 7.72 -36.76
N THR D 338 58.06 8.94 -36.26
CA THR D 338 58.08 9.24 -34.82
C THR D 338 56.81 9.88 -34.31
N TYR D 339 56.52 9.72 -33.02
CA TYR D 339 55.33 10.34 -32.38
C TYR D 339 55.62 11.77 -31.98
N GLN D 340 54.65 12.65 -32.22
CA GLN D 340 54.72 14.05 -31.85
C GLN D 340 55.02 14.26 -30.39
N GLN D 341 54.46 13.41 -29.54
CA GLN D 341 54.69 13.47 -28.12
C GLN D 341 55.45 12.21 -27.73
N PRO D 342 56.17 12.26 -26.60
CA PRO D 342 56.96 11.14 -26.17
C PRO D 342 56.28 10.36 -25.03
N GLY D 343 54.99 10.59 -24.84
CA GLY D 343 54.30 10.18 -23.63
C GLY D 343 54.19 8.68 -23.48
N SER D 344 53.97 7.99 -24.59
CA SER D 344 53.85 6.53 -24.54
C SER D 344 55.17 5.89 -24.10
N ALA D 345 56.26 6.32 -24.73
CA ALA D 345 57.59 5.82 -24.37
C ALA D 345 57.90 6.02 -22.91
N ILE D 346 57.54 7.19 -22.39
CA ILE D 346 57.77 7.49 -20.99
C ILE D 346 57.02 6.50 -20.12
N LEU D 347 55.71 6.35 -20.38
CA LEU D 347 54.89 5.47 -19.56
C LEU D 347 55.40 4.05 -19.60
N ASN D 348 55.79 3.62 -20.79
CA ASN D 348 56.33 2.28 -20.97
C ASN D 348 57.53 1.99 -20.07
N ALA D 349 58.52 2.89 -20.13
CA ALA D 349 59.73 2.74 -19.33
C ALA D 349 59.40 2.70 -17.85
N TRP D 350 58.67 3.72 -17.40
CA TRP D 350 58.25 3.82 -16.01
C TRP D 350 57.54 2.56 -15.51
N LEU D 351 56.60 2.09 -16.33
CA LEU D 351 55.72 0.99 -15.97
C LEU D 351 56.51 -0.31 -15.93
N THR D 352 57.38 -0.49 -16.91
CA THR D 352 58.21 -1.68 -16.95
C THR D 352 58.96 -1.80 -15.62
N SER D 353 59.60 -0.70 -15.22
CA SER D 353 60.33 -0.63 -13.96
C SER D 353 59.38 -0.86 -12.80
N MET D 354 58.25 -0.17 -12.87
CA MET D 354 57.22 -0.22 -11.86
C MET D 354 56.77 -1.64 -11.59
N LEU D 355 56.59 -2.41 -12.66
CA LEU D 355 56.04 -3.76 -12.51
C LEU D 355 57.06 -4.71 -11.93
N LYS D 356 58.29 -4.63 -12.42
CA LYS D 356 59.36 -5.44 -11.87
C LYS D 356 59.51 -5.20 -10.39
N ARG D 357 59.30 -3.97 -9.97
CA ARG D 357 59.49 -3.57 -8.58
C ARG D 357 58.37 -4.02 -7.64
N THR D 358 57.19 -4.26 -8.22
CA THR D 358 55.99 -4.60 -7.45
C THR D 358 55.51 -6.03 -7.66
N VAL D 359 54.75 -6.24 -8.74
CA VAL D 359 53.99 -7.47 -8.93
C VAL D 359 54.97 -8.60 -9.15
N VAL D 360 55.88 -8.38 -10.09
CA VAL D 360 56.82 -9.42 -10.47
C VAL D 360 57.66 -9.83 -9.27
N ALA D 361 57.98 -8.85 -8.42
CA ALA D 361 58.80 -9.12 -7.23
C ALA D 361 58.03 -9.87 -6.19
N ALA D 362 56.71 -9.81 -6.28
CA ALA D 362 55.85 -10.55 -5.39
C ALA D 362 55.58 -11.98 -5.86
N VAL D 363 55.86 -12.26 -7.13
CA VAL D 363 55.53 -13.56 -7.71
C VAL D 363 56.81 -14.34 -7.96
N PRO D 364 56.87 -15.56 -7.43
CA PRO D 364 58.04 -16.44 -7.61
C PRO D 364 58.32 -16.77 -9.06
N ALA D 365 59.59 -16.87 -9.38
CA ALA D 365 60.00 -17.30 -10.71
C ALA D 365 59.59 -18.77 -10.87
N PRO D 366 59.29 -19.19 -12.09
CA PRO D 366 59.27 -18.44 -13.33
C PRO D 366 57.91 -17.83 -13.68
N PHE D 367 57.13 -17.42 -12.67
CA PHE D 367 55.73 -16.97 -12.89
C PHE D 367 55.59 -15.46 -12.95
N GLY D 368 56.50 -14.76 -12.28
CA GLY D 368 56.46 -13.32 -12.20
C GLY D 368 56.44 -12.64 -13.56
N LYS D 369 57.05 -13.27 -14.54
CA LYS D 369 57.16 -12.72 -15.88
C LYS D 369 55.82 -12.62 -16.57
N TRP D 370 54.82 -13.36 -16.07
CA TRP D 370 53.46 -13.23 -16.59
C TRP D 370 52.91 -11.82 -16.37
N TYR D 371 53.51 -11.11 -15.42
CA TYR D 371 53.07 -9.77 -15.03
C TYR D 371 54.08 -8.68 -15.32
N SER D 372 55.11 -8.97 -16.10
CA SER D 372 56.13 -7.96 -16.38
C SER D 372 55.81 -7.04 -17.58
N ALA D 373 54.82 -7.36 -18.39
CA ALA D 373 54.52 -6.57 -19.58
C ALA D 373 53.76 -5.24 -19.33
N SER D 374 54.26 -4.17 -19.95
CA SER D 374 53.64 -2.83 -19.89
C SER D 374 52.44 -2.66 -20.82
N GLY D 375 52.36 -3.48 -21.86
CA GLY D 375 51.30 -3.33 -22.86
C GLY D 375 51.75 -2.67 -24.14
N TYR D 376 52.96 -2.12 -24.15
CA TYR D 376 53.47 -1.42 -25.32
C TYR D 376 54.47 -2.23 -26.14
N GLU D 377 54.84 -3.44 -25.70
CA GLU D 377 55.94 -4.23 -26.33
C GLU D 377 55.72 -4.48 -27.85
N THR D 378 56.68 -4.07 -28.67
CA THR D 378 56.46 -3.98 -30.12
C THR D 378 57.75 -4.08 -30.95
N THR D 379 57.64 -4.31 -32.25
CA THR D 379 58.79 -4.22 -33.14
C THR D 379 58.45 -3.25 -34.28
N GLN D 380 59.40 -3.05 -35.20
CA GLN D 380 59.06 -2.28 -36.43
C GLN D 380 57.77 -2.74 -37.12
N ASP D 381 57.54 -4.07 -37.17
CA ASP D 381 56.31 -4.84 -37.57
C ASP D 381 55.01 -4.24 -37.02
N GLY D 382 55.10 -3.86 -35.74
CA GLY D 382 53.97 -3.33 -35.02
C GLY D 382 53.26 -4.38 -34.21
N PRO D 383 52.30 -3.96 -33.38
CA PRO D 383 51.51 -4.95 -32.67
C PRO D 383 50.75 -5.82 -33.65
N THR D 384 50.42 -7.02 -33.20
CA THR D 384 49.72 -7.99 -34.04
C THR D 384 48.23 -7.98 -33.74
N GLY D 385 47.80 -7.27 -32.70
CA GLY D 385 46.39 -7.11 -32.40
C GLY D 385 46.09 -5.77 -31.75
N SER D 386 45.10 -5.76 -30.86
CA SER D 386 44.73 -4.54 -30.18
C SER D 386 45.76 -4.21 -29.14
N LEU D 387 45.72 -2.98 -28.66
CA LEU D 387 46.44 -2.60 -27.44
C LEU D 387 45.52 -2.57 -26.26
N ASN D 388 46.07 -2.87 -25.10
CA ASN D 388 45.26 -3.01 -23.89
C ASN D 388 46.06 -2.62 -22.67
N ILE D 389 45.38 -2.48 -21.55
CA ILE D 389 46.06 -2.34 -20.29
C ILE D 389 46.55 -3.74 -19.90
N SER D 390 47.84 -3.87 -19.64
CA SER D 390 48.41 -5.18 -19.25
C SER D 390 47.83 -5.73 -17.92
N VAL D 391 47.92 -7.03 -17.77
CA VAL D 391 47.53 -7.71 -16.54
C VAL D 391 48.30 -7.13 -15.33
N GLY D 392 49.60 -6.90 -15.52
CA GLY D 392 50.42 -6.26 -14.47
C GLY D 392 49.95 -4.86 -14.13
N ALA D 393 49.61 -4.08 -15.15
CA ALA D 393 49.10 -2.73 -14.92
C ALA D 393 47.84 -2.80 -14.06
N LYS D 394 46.88 -3.62 -14.48
CA LYS D 394 45.63 -3.73 -13.76
C LYS D 394 45.87 -4.07 -12.30
N ILE D 395 46.78 -5.01 -12.01
CA ILE D 395 46.99 -5.41 -10.62
C ILE D 395 47.63 -4.27 -9.82
N LEU D 396 48.57 -3.58 -10.46
CA LEU D 396 49.25 -2.41 -9.90
C LEU D 396 48.23 -1.34 -9.55
N TYR D 397 47.35 -1.07 -10.52
CA TYR D 397 46.31 -0.06 -10.37
C TYR D 397 45.48 -0.28 -9.13
N GLU D 398 45.01 -1.51 -8.91
CA GLU D 398 44.33 -1.81 -7.66
C GLU D 398 45.17 -1.45 -6.41
N ALA D 399 46.47 -1.71 -6.47
CA ALA D 399 47.38 -1.37 -5.36
C ALA D 399 47.49 0.14 -5.10
N LEU D 400 47.45 0.92 -6.17
CA LEU D 400 47.54 2.38 -6.10
C LEU D 400 46.25 3.05 -5.55
N GLN D 401 45.08 2.50 -5.91
CA GLN D 401 43.78 2.87 -5.30
C GLN D 401 43.74 2.59 -3.81
N GLY D 402 44.59 1.69 -3.34
CA GLY D 402 44.58 1.31 -1.94
C GLY D 402 43.17 0.97 -1.49
N ASP D 403 42.67 1.71 -0.50
CA ASP D 403 41.36 1.43 0.11
C ASP D 403 40.18 1.75 -0.76
N LYS D 404 40.41 2.52 -1.80
CA LYS D 404 39.41 2.64 -2.85
C LYS D 404 39.15 1.36 -3.68
N SER D 405 40.08 0.40 -3.64
CA SER D 405 39.92 -0.86 -4.39
C SER D 405 39.17 -1.91 -3.55
N PRO D 406 38.24 -2.63 -4.19
CA PRO D 406 37.58 -3.76 -3.56
C PRO D 406 38.47 -5.00 -3.36
N ILE D 407 39.65 -5.07 -3.98
CA ILE D 407 40.49 -6.29 -3.89
C ILE D 407 41.43 -6.22 -2.70
N PRO D 408 41.31 -7.15 -1.75
CA PRO D 408 42.20 -7.17 -0.58
C PRO D 408 43.63 -7.46 -1.00
N GLN D 409 44.56 -6.60 -0.61
CA GLN D 409 45.99 -6.77 -0.93
C GLN D 409 46.64 -7.67 0.10
N ALA D 410 46.57 -8.97 -0.17
CA ALA D 410 47.20 -9.98 0.69
C ALA D 410 48.69 -9.71 0.88
N VAL D 411 49.36 -9.26 -0.17
CA VAL D 411 50.74 -8.79 -0.06
C VAL D 411 50.78 -7.34 -0.43
N ASP D 412 51.59 -6.59 0.32
CA ASP D 412 51.81 -5.21 -0.02
C ASP D 412 52.76 -5.18 -1.21
N LEU D 413 52.23 -4.81 -2.38
CA LEU D 413 53.05 -4.82 -3.58
C LEU D 413 54.23 -3.86 -3.49
N PHE D 414 54.21 -2.97 -2.51
CA PHE D 414 55.31 -2.02 -2.32
C PHE D 414 56.27 -2.42 -1.20
N GLY D 415 56.26 -3.69 -0.83
CA GLY D 415 57.25 -4.25 0.09
C GLY D 415 57.44 -3.43 1.33
N GLY D 416 56.33 -2.93 1.89
CA GLY D 416 56.37 -2.17 3.15
C GLY D 416 57.02 -0.81 3.04
N LYS D 417 57.19 -0.30 1.83
CA LYS D 417 57.72 1.04 1.58
C LYS D 417 56.59 1.90 1.07
N PRO D 418 56.72 3.21 1.21
CA PRO D 418 55.64 4.03 0.64
C PRO D 418 55.60 3.86 -0.86
N GLN D 419 54.39 3.86 -1.44
CA GLN D 419 54.22 3.83 -2.90
C GLN D 419 55.03 4.96 -3.58
N GLN D 420 55.12 6.12 -2.93
CA GLN D 420 55.88 7.25 -3.45
C GLN D 420 57.36 6.90 -3.70
N GLU D 421 57.97 6.16 -2.79
CA GLU D 421 59.39 5.85 -2.90
C GLU D 421 59.67 4.99 -4.14
N VAL D 422 58.76 4.06 -4.42
CA VAL D 422 58.88 3.16 -5.55
C VAL D 422 58.60 3.88 -6.89
N ILE D 423 57.54 4.68 -6.90
CA ILE D 423 57.20 5.47 -8.07
C ILE D 423 58.39 6.29 -8.53
N LEU D 424 59.10 6.91 -7.58
CA LEU D 424 60.28 7.72 -7.90
C LEU D 424 61.42 6.85 -8.40
N ALA D 425 61.71 5.75 -7.69
CA ALA D 425 62.73 4.82 -8.18
C ALA D 425 62.48 4.47 -9.64
N ALA D 426 61.23 4.21 -10.01
CA ALA D 426 60.90 3.80 -11.38
C ALA D 426 61.06 4.97 -12.35
N LEU D 427 60.67 6.15 -11.93
CA LEU D 427 60.91 7.34 -12.72
C LEU D 427 62.40 7.55 -12.97
N ASP D 428 63.20 7.38 -11.93
CA ASP D 428 64.65 7.41 -12.10
C ASP D 428 65.10 6.49 -13.25
N ASP D 429 64.72 5.23 -13.18
CA ASP D 429 65.04 4.26 -14.23
C ASP D 429 64.61 4.71 -15.62
N ALA D 430 63.39 5.21 -15.71
CA ALA D 430 62.86 5.61 -17.01
C ALA D 430 63.69 6.78 -17.55
N TRP D 431 63.94 7.75 -16.67
CA TRP D 431 64.73 8.90 -17.04
C TRP D 431 66.12 8.48 -17.47
N GLN D 432 66.73 7.60 -16.69
CA GLN D 432 68.03 7.05 -17.01
C GLN D 432 68.06 6.46 -18.44
N THR D 433 67.13 5.57 -18.76
CA THR D 433 67.15 4.88 -20.05
C THR D 433 66.80 5.83 -21.20
N LEU D 434 65.86 6.73 -20.97
CA LEU D 434 65.38 7.58 -22.06
C LEU D 434 66.32 8.72 -22.38
N SER D 435 66.85 9.36 -21.34
CA SER D 435 67.83 10.44 -21.54
C SER D 435 69.09 9.93 -22.26
N LYS D 436 69.60 8.77 -21.86
CA LYS D 436 70.73 8.16 -22.59
C LYS D 436 70.46 8.03 -24.08
N ARG D 437 69.22 7.82 -24.50
CA ARG D 437 68.94 7.72 -25.92
C ARG D 437 68.84 9.13 -26.48
N TYR D 438 67.93 9.91 -25.92
CA TYR D 438 67.40 11.10 -26.59
C TYR D 438 67.95 12.43 -26.11
N GLY D 439 68.72 12.40 -25.04
CA GLY D 439 69.28 13.63 -24.46
C GLY D 439 68.44 14.17 -23.33
N ASN D 440 68.91 15.25 -22.70
CA ASN D 440 68.35 15.72 -21.42
C ASN D 440 67.19 16.70 -21.55
N ASP D 441 66.69 16.90 -22.77
CA ASP D 441 65.61 17.85 -23.02
C ASP D 441 64.40 17.13 -23.62
N VAL D 442 63.37 16.96 -22.81
CA VAL D 442 62.23 16.14 -23.19
C VAL D 442 61.52 16.68 -24.44
N THR D 443 61.52 18.00 -24.60
CA THR D 443 60.96 18.66 -25.78
C THR D 443 61.62 18.20 -27.08
N GLY D 444 62.85 17.70 -27.01
CA GLY D 444 63.53 17.24 -28.21
C GLY D 444 63.52 15.74 -28.39
N TRP D 445 62.61 15.06 -27.71
CA TRP D 445 62.48 13.61 -27.83
C TRP D 445 61.48 13.29 -28.93
N LYS D 446 61.97 12.64 -29.99
CA LYS D 446 61.14 12.09 -31.05
C LYS D 446 61.06 10.58 -30.87
N THR D 447 60.08 10.12 -30.09
CA THR D 447 59.96 8.69 -29.79
C THR D 447 59.43 7.91 -30.98
N PRO D 448 59.68 6.58 -31.02
CA PRO D 448 59.24 5.79 -32.17
C PRO D 448 57.74 5.60 -32.20
N ALA D 449 57.20 5.67 -33.41
CA ALA D 449 55.79 5.45 -33.68
C ALA D 449 55.57 3.96 -33.91
N MET D 450 54.42 3.45 -33.45
CA MET D 450 54.01 2.07 -33.73
C MET D 450 53.51 1.99 -35.16
N ALA D 451 53.89 0.93 -35.88
CA ALA D 451 53.40 0.74 -37.26
C ALA D 451 52.38 -0.41 -37.31
N LEU D 452 51.79 -0.64 -38.50
CA LEU D 452 50.77 -1.67 -38.74
C LEU D 452 51.21 -2.53 -39.89
N THR D 453 50.99 -3.83 -39.73
CA THR D 453 51.30 -4.77 -40.79
C THR D 453 50.10 -5.67 -41.11
N PHE D 454 49.75 -5.69 -42.39
CA PHE D 454 48.78 -6.62 -42.93
C PHE D 454 49.58 -7.83 -43.34
N ARG D 455 49.49 -8.88 -42.52
CA ARG D 455 50.35 -10.02 -42.61
C ARG D 455 49.90 -10.99 -43.67
N ALA D 456 50.88 -11.58 -44.36
CA ALA D 456 50.61 -12.60 -45.35
C ALA D 456 50.30 -13.95 -44.72
N ASN D 457 50.45 -14.06 -43.39
CA ASN D 457 50.03 -15.28 -42.68
C ASN D 457 48.78 -15.06 -41.88
N ASN D 458 47.93 -16.08 -41.87
CA ASN D 458 46.75 -16.10 -41.03
C ASN D 458 47.09 -16.11 -39.58
N PHE D 459 46.08 -15.94 -38.73
CA PHE D 459 46.31 -15.90 -37.30
C PHE D 459 46.87 -17.21 -36.76
N PHE D 460 46.65 -18.31 -37.48
CA PHE D 460 47.28 -19.58 -37.10
C PHE D 460 48.80 -19.53 -37.29
N GLY D 461 49.30 -18.54 -38.02
CA GLY D 461 50.68 -18.51 -38.42
C GLY D 461 50.92 -19.39 -39.63
N VAL D 462 49.85 -19.63 -40.41
CA VAL D 462 49.95 -20.40 -41.64
C VAL D 462 49.80 -19.43 -42.82
N PRO D 463 50.69 -19.54 -43.85
CA PRO D 463 50.66 -18.67 -45.04
C PRO D 463 49.32 -18.67 -45.77
N GLN D 464 48.81 -17.47 -46.09
CA GLN D 464 47.57 -17.35 -46.84
C GLN D 464 47.76 -16.45 -48.07
N ALA D 465 49.01 -16.12 -48.33
CA ALA D 465 49.40 -15.21 -49.40
C ALA D 465 50.91 -15.33 -49.51
N ALA D 466 51.47 -14.81 -50.59
CA ALA D 466 52.92 -14.71 -50.71
C ALA D 466 53.47 -13.65 -49.74
N ALA D 467 54.68 -13.85 -49.25
CA ALA D 467 55.34 -12.88 -48.36
C ALA D 467 55.31 -11.45 -48.90
N LYS D 468 55.61 -11.27 -50.19
CA LYS D 468 55.59 -9.93 -50.83
C LYS D 468 54.24 -9.21 -50.68
N GLU D 469 53.15 -9.99 -50.64
CA GLU D 469 51.79 -9.42 -50.54
C GLU D 469 51.47 -8.70 -49.21
N ALA D 470 52.33 -8.85 -48.21
CA ALA D 470 52.17 -8.22 -46.89
C ALA D 470 52.28 -6.73 -47.07
N ARG D 471 51.53 -5.98 -46.27
CA ARG D 471 51.43 -4.51 -46.46
C ARG D 471 51.67 -3.74 -45.18
N HIS D 472 52.24 -2.55 -45.34
CA HIS D 472 52.69 -1.76 -44.21
C HIS D 472 51.94 -0.46 -44.14
N GLN D 473 51.43 -0.16 -42.96
CA GLN D 473 50.83 1.13 -42.72
C GLN D 473 51.66 1.91 -41.69
N ALA D 474 51.99 3.13 -42.05
CA ALA D 474 52.83 3.95 -41.23
C ALA D 474 52.26 4.02 -39.83
N GLU D 475 50.96 4.26 -39.72
CA GLU D 475 50.35 4.51 -38.39
C GLU D 475 49.55 3.30 -37.84
N TYR D 476 50.02 2.75 -36.71
CA TYR D 476 49.25 1.77 -35.95
C TYR D 476 48.05 2.48 -35.34
N GLN D 477 46.92 1.76 -35.31
CA GLN D 477 45.63 2.30 -34.90
C GLN D 477 44.96 1.22 -34.04
N ASN D 478 44.64 1.56 -32.80
CA ASN D 478 44.00 0.61 -31.90
C ASN D 478 42.50 0.52 -32.21
N ARG D 479 42.19 -0.11 -33.34
CA ARG D 479 40.84 -0.10 -33.90
C ARG D 479 40.49 -1.48 -34.44
N GLY D 480 39.28 -1.59 -34.98
CA GLY D 480 38.83 -2.84 -35.57
C GLY D 480 39.62 -3.24 -36.80
N THR D 481 39.73 -4.56 -37.03
CA THR D 481 40.30 -5.15 -38.27
C THR D 481 39.52 -4.66 -39.50
N GLU D 482 38.20 -4.53 -39.28
CA GLU D 482 37.26 -3.87 -40.19
C GLU D 482 36.51 -2.89 -39.29
N ASN D 483 35.86 -1.91 -39.90
CA ASN D 483 34.88 -1.10 -39.19
C ASN D 483 33.61 -1.03 -40.02
N ASP D 484 32.46 -0.97 -39.34
CA ASP D 484 31.19 -0.73 -40.00
C ASP D 484 30.30 0.12 -39.11
N MET D 485 29.42 0.87 -39.78
CA MET D 485 28.43 1.72 -39.14
C MET D 485 27.07 1.48 -39.80
N ILE D 486 26.03 1.32 -38.99
CA ILE D 486 24.68 1.31 -39.52
C ILE D 486 23.88 2.43 -38.87
N VAL D 487 23.18 3.19 -39.69
CA VAL D 487 22.35 4.31 -39.24
C VAL D 487 20.89 4.05 -39.54
N PHE D 488 20.05 4.27 -38.52
CA PHE D 488 18.63 3.93 -38.60
C PHE D 488 17.72 5.15 -38.63
N SER D 489 16.83 5.17 -39.62
CA SER D 489 15.88 6.25 -39.83
C SER D 489 16.60 7.59 -39.91
N PRO D 490 17.58 7.70 -40.82
CA PRO D 490 18.25 8.97 -40.97
C PRO D 490 17.26 10.02 -41.46
N THR D 491 17.07 11.07 -40.67
CA THR D 491 16.11 12.10 -41.02
C THR D 491 16.45 12.78 -42.37
N SER D 492 17.66 12.53 -42.87
CA SER D 492 18.16 13.08 -44.11
C SER D 492 18.59 11.93 -44.98
N GLY D 493 17.89 11.73 -46.09
CA GLY D 493 18.13 10.57 -46.93
C GLY D 493 16.80 9.90 -47.17
N ASN D 494 16.68 9.27 -48.33
CA ASN D 494 15.42 8.63 -48.73
C ASN D 494 15.13 7.33 -47.99
N ARG D 495 16.16 6.52 -47.79
CA ARG D 495 16.02 5.14 -47.31
C ARG D 495 15.97 5.00 -45.79
N PRO D 496 15.37 3.91 -45.28
CA PRO D 496 15.13 3.79 -43.84
C PRO D 496 16.40 3.44 -43.06
N VAL D 497 17.41 2.97 -43.80
CA VAL D 497 18.71 2.60 -43.24
C VAL D 497 19.84 3.02 -44.15
N LEU D 498 20.90 3.55 -43.54
CA LEU D 498 22.19 3.76 -44.21
C LEU D 498 23.27 2.96 -43.48
N ALA D 499 24.19 2.38 -44.25
CA ALA D 499 25.28 1.58 -43.69
C ALA D 499 26.58 1.71 -44.48
N TRP D 500 27.70 1.73 -43.76
CA TRP D 500 29.04 1.82 -44.36
C TRP D 500 29.99 0.76 -43.77
N ASP D 501 31.02 0.39 -44.52
CA ASP D 501 32.06 -0.50 -44.00
C ASP D 501 33.42 -0.19 -44.63
N VAL D 502 34.45 -0.92 -44.22
CA VAL D 502 35.75 -0.86 -44.89
C VAL D 502 36.52 -2.17 -44.74
N VAL D 503 36.85 -2.77 -45.88
CA VAL D 503 37.47 -4.08 -45.90
C VAL D 503 38.82 -3.99 -46.58
N ALA D 504 39.81 -3.62 -45.78
CA ALA D 504 41.18 -3.48 -46.27
C ALA D 504 41.93 -4.82 -46.17
N PRO D 505 42.79 -5.13 -47.15
CA PRO D 505 43.26 -4.23 -48.21
C PRO D 505 42.27 -4.03 -49.37
N GLY D 506 41.26 -4.87 -49.45
CA GLY D 506 40.28 -4.81 -50.55
C GLY D 506 39.50 -6.11 -50.62
N GLN D 507 38.42 -6.11 -51.40
CA GLN D 507 37.50 -7.25 -51.47
C GLN D 507 38.14 -8.52 -51.99
N SER D 508 38.90 -8.42 -53.08
CA SER D 508 39.49 -9.60 -53.72
C SER D 508 40.95 -9.84 -53.30
N GLY D 509 41.33 -11.11 -53.22
CA GLY D 509 42.75 -11.48 -53.08
C GLY D 509 43.27 -12.20 -54.31
N PHE D 510 42.69 -11.89 -55.48
CA PHE D 510 43.01 -12.64 -56.70
C PHE D 510 44.15 -12.01 -57.50
N ILE D 511 45.13 -12.86 -57.78
CA ILE D 511 46.33 -12.53 -58.55
C ILE D 511 46.39 -13.59 -59.65
N ALA D 512 46.40 -13.14 -60.91
CA ALA D 512 46.32 -14.04 -62.06
C ALA D 512 47.63 -14.83 -62.23
N PRO D 513 47.61 -15.90 -63.03
CA PRO D 513 48.83 -16.72 -63.18
C PRO D 513 50.04 -15.90 -63.66
N ASP D 514 49.78 -14.88 -64.48
CA ASP D 514 50.82 -13.94 -64.95
C ASP D 514 51.22 -12.86 -63.92
N GLY D 515 50.52 -12.80 -62.79
CA GLY D 515 50.84 -11.88 -61.71
C GLY D 515 50.01 -10.61 -61.67
N LYS D 516 48.95 -10.54 -62.46
CA LYS D 516 48.15 -9.32 -62.55
C LYS D 516 47.14 -9.28 -61.43
N ALA D 517 47.30 -8.34 -60.50
CA ALA D 517 46.37 -8.22 -59.38
C ALA D 517 45.01 -7.77 -59.87
N ASP D 518 43.97 -8.28 -59.22
CA ASP D 518 42.62 -7.83 -59.48
C ASP D 518 42.55 -6.31 -59.23
N LYS D 519 41.55 -5.67 -59.80
CA LYS D 519 41.31 -4.24 -59.60
C LYS D 519 40.78 -3.96 -58.19
N HIS D 520 40.36 -5.01 -57.48
CA HIS D 520 39.88 -4.86 -56.09
C HIS D 520 40.77 -5.57 -55.08
N TYR D 521 42.04 -5.72 -55.46
CA TYR D 521 43.06 -6.31 -54.60
C TYR D 521 43.48 -5.35 -53.47
N ASP D 522 43.64 -4.07 -53.82
CA ASP D 522 44.25 -3.05 -52.94
C ASP D 522 43.40 -1.80 -52.74
N ASP D 523 42.23 -1.73 -53.36
CA ASP D 523 41.52 -0.45 -53.52
C ASP D 523 40.82 0.10 -52.26
N GLN D 524 40.97 -0.57 -51.12
CA GLN D 524 40.46 -0.02 -49.84
C GLN D 524 41.53 0.22 -48.79
N LEU D 525 42.79 -0.02 -49.15
CA LEU D 525 43.89 0.09 -48.21
C LEU D 525 44.07 1.55 -47.73
N ILE D 526 44.14 2.48 -48.68
CA ILE D 526 44.32 3.90 -48.37
C ILE D 526 43.10 4.45 -47.67
N MET D 527 41.93 3.98 -48.08
CA MET D 527 40.68 4.28 -47.38
C MET D 527 40.72 3.85 -45.91
N TYR D 528 41.31 2.70 -45.62
CA TYR D 528 41.37 2.23 -44.24
C TYR D 528 42.09 3.24 -43.34
N GLU D 529 43.35 3.53 -43.67
CA GLU D 529 44.17 4.42 -42.84
C GLU D 529 43.62 5.84 -42.78
N SER D 530 43.09 6.32 -43.90
CA SER D 530 42.41 7.61 -43.98
C SER D 530 41.18 7.79 -43.03
N PHE D 531 40.80 6.72 -42.31
CA PHE D 531 39.53 6.64 -41.57
C PHE D 531 38.32 6.82 -42.49
N GLY D 532 38.50 6.44 -43.76
CA GLY D 532 37.45 6.53 -44.75
C GLY D 532 36.48 5.36 -44.66
N ARG D 533 35.47 5.40 -45.55
CA ARG D 533 34.44 4.37 -45.66
C ARG D 533 33.90 4.26 -47.05
N LYS D 534 33.15 3.18 -47.26
CA LYS D 534 32.35 2.95 -48.43
C LYS D 534 30.94 2.73 -48.04
N SER D 535 29.99 3.02 -48.94
CA SER D 535 28.59 2.69 -48.68
C SER D 535 28.32 1.19 -48.87
N LEU D 536 27.40 0.67 -48.05
CA LEU D 536 26.89 -0.69 -48.20
C LEU D 536 25.47 -0.69 -48.79
N TRP D 537 25.26 -1.50 -49.83
CA TRP D 537 23.98 -1.51 -50.57
C TRP D 537 23.11 -2.73 -50.25
N LEU D 538 21.81 -2.49 -50.03
CA LEU D 538 20.85 -3.57 -49.73
C LEU D 538 19.81 -3.75 -50.84
N THR D 539 19.04 -2.69 -51.09
CA THR D 539 17.86 -2.74 -51.98
C THR D 539 18.30 -3.10 -53.40
N PRO D 540 17.42 -3.82 -54.15
CA PRO D 540 17.79 -4.16 -55.54
C PRO D 540 18.09 -2.93 -56.41
N GLN D 541 17.35 -1.85 -56.18
CA GLN D 541 17.59 -0.58 -56.86
C GLN D 541 19.04 -0.13 -56.66
N ASP D 542 19.39 0.27 -55.43
CA ASP D 542 20.77 0.68 -55.07
C ASP D 542 21.86 -0.26 -55.53
N VAL D 543 21.60 -1.55 -55.48
CA VAL D 543 22.54 -2.52 -55.98
C VAL D 543 22.67 -2.40 -57.50
N ASP D 544 21.57 -2.07 -58.20
CA ASP D 544 21.59 -1.87 -59.66
C ASP D 544 22.27 -0.56 -60.05
N GLU D 545 21.93 0.52 -59.34
CA GLU D 545 22.53 1.85 -59.59
C GLU D 545 24.09 1.89 -59.46
N HIS D 546 24.71 1.01 -58.64
CA HIS D 546 26.19 1.00 -58.47
C HIS D 546 26.84 -0.28 -58.97
N LYS D 547 26.10 -1.03 -59.76
CA LYS D 547 26.60 -2.26 -60.35
C LYS D 547 27.84 -1.97 -61.17
N GLU D 548 28.70 -2.96 -61.33
CA GLU D 548 29.72 -2.87 -62.35
C GLU D 548 29.96 -4.21 -63.09
N SER D 549 29.40 -5.32 -62.60
CA SER D 549 29.44 -6.58 -63.32
C SER D 549 28.11 -7.31 -63.08
N GLN D 550 27.71 -8.13 -64.05
CA GLN D 550 26.52 -8.96 -63.92
C GLN D 550 26.75 -10.32 -64.56
N GLU D 551 26.47 -11.38 -63.78
CA GLU D 551 26.60 -12.76 -64.22
C GLU D 551 25.31 -13.47 -63.81
N VAL D 552 24.90 -14.44 -64.61
CA VAL D 552 23.71 -15.21 -64.29
C VAL D 552 24.01 -16.67 -64.54
N LEU D 553 23.71 -17.51 -63.56
CA LEU D 553 23.92 -18.94 -63.70
C LEU D 553 22.62 -19.68 -63.52
N GLN D 554 22.48 -20.78 -64.24
CA GLN D 554 21.33 -21.64 -64.05
C GLN D 554 21.74 -23.09 -64.09
N VAL D 555 22.43 -23.40 -63.01
CA VAL D 555 22.74 -24.75 -62.62
C VAL D 555 21.83 -24.99 -61.42
N GLN D 556 21.28 -26.20 -61.32
CA GLN D 556 20.26 -26.50 -60.33
C GLN D 556 20.76 -27.39 -59.19
N ARG D 557 19.87 -28.21 -58.64
CA ARG D 557 20.17 -29.02 -57.48
C ARG D 557 20.69 -30.42 -57.81
N PRO E 29 -37.28 8.59 -16.90
CA PRO E 29 -37.46 9.26 -15.60
C PRO E 29 -37.97 8.31 -14.51
N PRO E 30 -37.51 8.48 -13.25
CA PRO E 30 -38.14 7.78 -12.14
C PRO E 30 -39.67 8.10 -12.00
N THR E 31 -40.10 9.26 -12.49
CA THR E 31 -41.49 9.67 -12.33
C THR E 31 -42.49 8.89 -13.19
N GLU E 32 -41.99 8.17 -14.19
CA GLU E 32 -42.88 7.58 -15.19
C GLU E 32 -43.45 6.25 -14.81
N VAL E 33 -44.76 6.12 -15.03
CA VAL E 33 -45.45 4.86 -14.93
C VAL E 33 -46.13 4.58 -16.25
N LYS E 34 -45.80 3.44 -16.84
CA LYS E 34 -46.36 3.04 -18.12
C LYS E 34 -47.36 1.92 -17.92
N ILE E 35 -48.57 2.14 -18.43
CA ILE E 35 -49.67 1.17 -18.35
C ILE E 35 -49.92 0.59 -19.75
N VAL E 36 -49.67 -0.71 -19.90
CA VAL E 36 -49.96 -1.44 -21.14
C VAL E 36 -51.06 -2.50 -20.89
N ARG E 37 -52.16 -2.42 -21.63
CA ARG E 37 -53.26 -3.39 -21.51
C ARG E 37 -53.24 -4.34 -22.69
N ASP E 38 -53.27 -5.66 -22.43
CA ASP E 38 -53.27 -6.67 -23.49
C ASP E 38 -54.67 -6.88 -24.14
N GLU E 39 -54.79 -7.90 -24.97
CA GLU E 39 -55.99 -8.16 -25.79
C GLU E 39 -57.25 -8.17 -24.96
N TYR E 40 -57.15 -8.74 -23.76
CA TYR E 40 -58.30 -8.91 -22.88
C TYR E 40 -58.40 -7.85 -21.78
N GLY E 41 -57.71 -6.71 -21.97
CA GLY E 41 -57.84 -5.57 -21.06
C GLY E 41 -57.00 -5.65 -19.80
N MET E 42 -56.14 -6.67 -19.72
CA MET E 42 -55.35 -6.93 -18.52
C MET E 42 -54.18 -5.95 -18.47
N PRO E 43 -54.11 -5.14 -17.38
CA PRO E 43 -53.00 -4.20 -17.22
C PRO E 43 -51.68 -4.85 -16.85
N HIS E 44 -50.63 -4.42 -17.55
CA HIS E 44 -49.27 -4.58 -17.09
C HIS E 44 -48.69 -3.19 -16.73
N ILE E 45 -48.09 -3.12 -15.55
CA ILE E 45 -47.53 -1.87 -15.05
C ILE E 45 -46.02 -1.91 -15.09
N TYR E 46 -45.44 -0.81 -15.57
CA TYR E 46 -43.98 -0.66 -15.75
C TYR E 46 -43.54 0.59 -15.00
N ALA E 47 -42.71 0.40 -13.97
CA ALA E 47 -42.27 1.49 -13.10
C ALA E 47 -40.98 1.15 -12.32
N ASP E 48 -40.30 2.17 -11.83
CA ASP E 48 -38.92 2.02 -11.38
C ASP E 48 -38.73 1.86 -9.89
N ASP E 49 -39.77 2.05 -9.11
CA ASP E 49 -39.67 1.86 -7.66
C ASP E 49 -41.02 1.41 -7.10
N THR E 50 -40.97 0.94 -5.86
CA THR E 50 -42.13 0.34 -5.23
C THR E 50 -43.37 1.26 -5.23
N TYR E 51 -43.23 2.52 -4.82
CA TYR E 51 -44.40 3.40 -4.70
C TYR E 51 -45.10 3.60 -6.03
N ARG E 52 -44.35 3.95 -7.05
CA ARG E 52 -44.93 4.21 -8.37
C ARG E 52 -45.54 2.94 -8.95
N LEU E 53 -44.91 1.79 -8.71
CA LEU E 53 -45.38 0.52 -9.26
C LEU E 53 -46.80 0.24 -8.78
N PHE E 54 -46.99 0.29 -7.46
CA PHE E 54 -48.30 0.01 -6.88
C PHE E 54 -49.30 1.16 -7.05
N TYR E 55 -48.81 2.37 -7.25
CA TYR E 55 -49.64 3.50 -7.66
C TYR E 55 -50.29 3.17 -9.00
N GLY E 56 -49.54 2.49 -9.86
CA GLY E 56 -50.07 2.10 -11.16
C GLY E 56 -51.19 1.08 -11.00
N TYR E 57 -50.90 0.05 -10.21
CA TYR E 57 -51.88 -0.98 -9.86
C TYR E 57 -53.18 -0.33 -9.35
N GLY E 58 -53.05 0.53 -8.35
CA GLY E 58 -54.19 1.30 -7.83
C GLY E 58 -54.98 2.00 -8.93
N TYR E 59 -54.28 2.63 -9.85
CA TYR E 59 -54.89 3.40 -10.95
C TYR E 59 -55.71 2.50 -11.90
N VAL E 60 -55.10 1.43 -12.40
CA VAL E 60 -55.82 0.51 -13.30
C VAL E 60 -56.99 -0.17 -12.60
N VAL E 61 -56.80 -0.46 -11.32
CA VAL E 61 -57.85 -1.06 -10.51
C VAL E 61 -59.03 -0.11 -10.40
N ALA E 62 -58.77 1.16 -10.15
CA ALA E 62 -59.88 2.12 -10.01
C ALA E 62 -60.63 2.30 -11.34
N GLN E 63 -59.99 1.99 -12.45
CA GLN E 63 -60.64 2.06 -13.76
C GLN E 63 -61.53 0.85 -13.98
N ASP E 64 -60.97 -0.31 -13.76
CA ASP E 64 -61.68 -1.58 -13.99
C ASP E 64 -62.80 -1.91 -12.99
N ARG E 65 -62.51 -1.86 -11.70
CA ARG E 65 -63.39 -2.41 -10.66
C ARG E 65 -63.71 -1.42 -9.57
N LEU E 66 -63.88 -0.16 -9.95
CA LEU E 66 -64.13 0.86 -8.94
C LEU E 66 -65.25 0.55 -7.93
N PHE E 67 -66.44 0.26 -8.43
CA PHE E 67 -67.58 -0.04 -7.55
C PHE E 67 -67.41 -1.38 -6.79
N GLN E 68 -66.94 -2.39 -7.50
CA GLN E 68 -66.65 -3.66 -6.82
C GLN E 68 -65.81 -3.41 -5.57
N MET E 69 -64.79 -2.57 -5.73
CA MET E 69 -63.86 -2.31 -4.64
C MET E 69 -64.44 -1.40 -3.58
N GLU E 70 -65.10 -0.32 -4.00
CA GLU E 70 -65.70 0.58 -3.02
C GLU E 70 -66.59 -0.25 -2.09
N MET E 71 -67.36 -1.15 -2.67
CA MET E 71 -68.24 -2.02 -1.90
C MET E 71 -67.44 -3.06 -1.08
N ALA E 72 -66.35 -3.59 -1.63
CA ALA E 72 -65.42 -4.42 -0.83
C ALA E 72 -64.81 -3.65 0.33
N ARG E 73 -64.50 -2.37 0.12
CA ARG E 73 -64.06 -1.52 1.24
C ARG E 73 -65.11 -1.50 2.35
N ARG E 74 -66.34 -1.19 1.98
CA ARG E 74 -67.40 -1.04 2.98
C ARG E 74 -67.70 -2.37 3.67
N SER E 75 -67.73 -3.45 2.89
CA SER E 75 -67.95 -4.78 3.44
C SER E 75 -66.94 -5.12 4.52
N THR E 76 -65.67 -4.85 4.22
CA THR E 76 -64.55 -5.23 5.09
C THR E 76 -64.44 -4.39 6.34
N GLN E 77 -65.06 -3.22 6.34
CA GLN E 77 -65.09 -2.31 7.51
C GLN E 77 -66.49 -2.15 8.16
N GLY E 78 -67.50 -2.77 7.60
CA GLY E 78 -68.84 -2.65 8.12
C GLY E 78 -69.36 -1.22 8.04
N THR E 79 -69.23 -0.61 6.86
CA THR E 79 -69.74 0.74 6.61
C THR E 79 -70.72 0.73 5.45
N VAL E 80 -71.50 -0.34 5.34
CA VAL E 80 -72.35 -0.56 4.17
C VAL E 80 -73.66 0.21 4.26
N SER E 81 -74.29 0.16 5.44
CA SER E 81 -75.58 0.83 5.62
C SER E 81 -75.48 2.34 5.47
N GLU E 82 -74.29 2.88 5.70
CA GLU E 82 -73.99 4.27 5.44
C GLU E 82 -74.56 4.75 4.11
N VAL E 83 -74.55 3.85 3.11
CA VAL E 83 -75.13 4.16 1.80
C VAL E 83 -76.28 3.25 1.33
N LEU E 84 -76.36 2.01 1.82
CA LEU E 84 -77.41 1.08 1.34
C LEU E 84 -78.57 0.93 2.30
N GLY E 85 -78.43 1.51 3.48
CA GLY E 85 -79.57 1.71 4.33
C GLY E 85 -79.82 0.57 5.28
N LYS E 86 -80.99 0.63 5.91
CA LYS E 86 -81.36 -0.15 7.09
C LYS E 86 -81.02 -1.65 7.02
N ALA E 87 -81.13 -2.22 5.82
CA ALA E 87 -80.97 -3.66 5.61
C ALA E 87 -79.64 -4.27 6.07
N PHE E 88 -78.57 -3.48 6.14
CA PHE E 88 -77.21 -3.98 6.40
C PHE E 88 -76.63 -3.63 7.75
N VAL E 89 -77.48 -3.20 8.67
CA VAL E 89 -77.00 -2.87 10.02
C VAL E 89 -76.39 -4.06 10.80
N SER E 90 -77.04 -5.21 10.85
CA SER E 90 -76.51 -6.36 11.62
C SER E 90 -75.19 -6.83 11.03
N PHE E 91 -75.09 -6.74 9.71
CA PHE E 91 -73.86 -7.10 9.00
C PHE E 91 -72.71 -6.16 9.39
N ASP E 92 -72.93 -4.86 9.27
CA ASP E 92 -71.97 -3.88 9.76
C ASP E 92 -71.55 -4.16 11.19
N LYS E 93 -72.51 -4.38 12.06
CA LYS E 93 -72.18 -4.69 13.46
C LYS E 93 -71.26 -5.90 13.56
N ASP E 94 -71.67 -6.98 12.88
CA ASP E 94 -70.94 -8.24 12.90
C ASP E 94 -69.51 -8.09 12.48
N ILE E 95 -69.29 -7.36 11.38
CA ILE E 95 -67.93 -7.10 10.91
C ILE E 95 -67.09 -6.39 11.96
N ARG E 96 -67.60 -5.29 12.49
CA ARG E 96 -66.83 -4.48 13.42
C ARG E 96 -66.62 -5.17 14.75
N GLN E 97 -67.61 -5.88 15.20
CA GLN E 97 -67.44 -6.80 16.29
C GLN E 97 -66.25 -7.80 16.13
N ASN E 98 -65.90 -8.11 14.88
CA ASN E 98 -65.01 -9.22 14.59
C ASN E 98 -63.56 -8.82 14.28
N TYR E 99 -63.18 -7.58 14.55
CA TYR E 99 -61.77 -7.20 14.50
C TYR E 99 -61.48 -5.96 15.39
N TRP E 100 -60.24 -5.48 15.31
CA TRP E 100 -59.75 -4.41 16.16
C TRP E 100 -58.85 -3.50 15.33
N PRO E 101 -59.45 -2.48 14.69
CA PRO E 101 -58.71 -1.59 13.80
C PRO E 101 -57.30 -1.17 14.29
N ASP E 102 -57.17 -0.87 15.57
CA ASP E 102 -55.91 -0.37 16.12
C ASP E 102 -54.79 -1.35 15.97
N SER E 103 -55.08 -2.64 16.07
CA SER E 103 -54.06 -3.64 15.82
C SER E 103 -53.56 -3.55 14.38
N ILE E 104 -54.45 -3.26 13.45
CA ILE E 104 -54.10 -3.20 12.04
C ILE E 104 -53.28 -1.92 11.80
N ARG E 105 -53.70 -0.83 12.44
CA ARG E 105 -52.99 0.43 12.35
C ARG E 105 -51.56 0.28 12.95
N ALA E 106 -51.44 -0.35 14.10
CA ALA E 106 -50.15 -0.59 14.72
C ALA E 106 -49.19 -1.38 13.80
N GLN E 107 -49.74 -2.39 13.14
CA GLN E 107 -48.98 -3.22 12.21
C GLN E 107 -48.48 -2.43 11.00
N ILE E 108 -49.33 -1.53 10.51
CA ILE E 108 -48.96 -0.66 9.40
C ILE E 108 -47.91 0.35 9.86
N ALA E 109 -48.16 1.00 10.99
CA ALA E 109 -47.22 1.98 11.53
C ALA E 109 -45.84 1.37 11.71
N SER E 110 -45.80 0.06 11.94
CA SER E 110 -44.54 -0.62 12.26
C SER E 110 -43.89 -1.29 11.06
N LEU E 111 -44.23 -0.83 9.87
CA LEU E 111 -43.54 -1.27 8.64
C LEU E 111 -42.42 -0.31 8.26
N SER E 112 -41.45 -0.84 7.51
CA SER E 112 -40.47 0.00 6.84
C SER E 112 -41.17 0.88 5.83
N ALA E 113 -40.49 1.93 5.37
CA ALA E 113 -41.06 2.80 4.33
C ALA E 113 -41.22 2.01 3.05
N GLU E 114 -40.22 1.19 2.75
CA GLU E 114 -40.30 0.34 1.57
C GLU E 114 -41.61 -0.45 1.54
N ASP E 115 -41.90 -1.14 2.63
CA ASP E 115 -43.16 -1.87 2.76
C ASP E 115 -44.38 -0.93 2.80
N LYS E 116 -44.32 0.14 3.58
CA LYS E 116 -45.38 1.17 3.57
C LYS E 116 -45.67 1.74 2.19
N SER E 117 -44.68 1.80 1.31
CA SER E 117 -44.86 2.36 -0.01
C SER E 117 -45.89 1.58 -0.82
N ILE E 118 -45.93 0.28 -0.61
CA ILE E 118 -46.85 -0.58 -1.34
C ILE E 118 -48.28 -0.09 -1.13
N LEU E 119 -48.64 0.08 0.14
CA LEU E 119 -49.98 0.52 0.53
C LEU E 119 -50.29 1.97 0.14
N GLN E 120 -49.37 2.90 0.46
CA GLN E 120 -49.60 4.31 0.11
C GLN E 120 -49.68 4.47 -1.39
N GLY E 121 -48.81 3.78 -2.12
CA GLY E 121 -48.76 3.90 -3.58
C GLY E 121 -50.10 3.49 -4.16
N TYR E 122 -50.49 2.25 -3.87
CA TYR E 122 -51.83 1.73 -4.20
C TYR E 122 -52.98 2.71 -3.92
N ALA E 123 -53.03 3.27 -2.70
CA ALA E 123 -54.13 4.14 -2.32
C ALA E 123 -54.15 5.39 -3.18
N ASP E 124 -52.96 5.96 -3.42
CA ASP E 124 -52.83 7.19 -4.18
C ASP E 124 -53.12 6.97 -5.65
N GLY E 125 -52.72 5.81 -6.17
CA GLY E 125 -53.01 5.43 -7.53
C GLY E 125 -54.51 5.38 -7.78
N MET E 126 -55.21 4.82 -6.81
CA MET E 126 -56.66 4.76 -6.85
C MET E 126 -57.27 6.15 -6.76
N ASN E 127 -56.75 6.95 -5.82
CA ASN E 127 -57.24 8.32 -5.59
C ASN E 127 -57.04 9.22 -6.79
N ALA E 128 -55.96 8.99 -7.53
CA ALA E 128 -55.68 9.76 -8.73
C ALA E 128 -56.80 9.58 -9.78
N TRP E 129 -57.19 8.34 -10.04
CA TRP E 129 -58.29 8.09 -10.96
C TRP E 129 -59.62 8.65 -10.48
N ILE E 130 -59.93 8.47 -9.20
CA ILE E 130 -61.17 8.96 -8.62
C ILE E 130 -61.29 10.47 -8.77
N ASP E 131 -60.18 11.17 -8.57
CA ASP E 131 -60.15 12.61 -8.78
C ASP E 131 -60.61 12.96 -10.21
N LYS E 132 -60.08 12.24 -11.21
CA LYS E 132 -60.53 12.42 -12.61
C LYS E 132 -62.00 12.09 -12.79
N VAL E 133 -62.44 11.03 -12.14
CA VAL E 133 -63.82 10.60 -12.18
C VAL E 133 -64.77 11.61 -11.50
N ASN E 134 -64.36 12.12 -10.33
CA ASN E 134 -65.12 13.20 -9.69
C ASN E 134 -64.92 14.53 -10.41
N ALA E 135 -64.13 14.52 -11.48
CA ALA E 135 -63.95 15.68 -12.36
C ALA E 135 -64.72 15.54 -13.70
N SER E 136 -65.13 14.33 -14.06
CA SER E 136 -65.90 14.09 -15.29
C SER E 136 -67.00 13.04 -15.07
N PRO E 137 -67.89 13.30 -14.07
CA PRO E 137 -68.92 12.32 -13.70
C PRO E 137 -69.74 11.89 -14.90
N ASP E 138 -70.08 12.86 -15.75
CA ASP E 138 -70.93 12.61 -16.89
C ASP E 138 -70.35 11.64 -17.90
N LYS E 139 -69.05 11.39 -17.84
CA LYS E 139 -68.44 10.39 -18.76
C LYS E 139 -67.64 9.29 -18.09
N LEU E 140 -67.28 9.45 -16.82
CA LEU E 140 -66.35 8.51 -16.18
C LEU E 140 -66.92 7.72 -15.01
N LEU E 141 -67.77 8.36 -14.20
CA LEU E 141 -68.39 7.68 -13.07
C LEU E 141 -69.17 6.44 -13.48
N PRO E 142 -68.77 5.25 -12.97
CA PRO E 142 -69.57 4.03 -13.20
C PRO E 142 -71.04 4.17 -12.77
N GLN E 143 -71.94 3.65 -13.60
CA GLN E 143 -73.39 3.78 -13.41
C GLN E 143 -73.88 3.42 -12.02
N GLN E 144 -73.36 2.30 -11.51
CA GLN E 144 -73.74 1.77 -10.17
C GLN E 144 -73.79 2.88 -9.12
N PHE E 145 -72.81 3.77 -9.15
CA PHE E 145 -72.75 4.87 -8.20
C PHE E 145 -73.94 5.79 -8.31
N SER E 146 -74.38 6.03 -9.55
CA SER E 146 -75.60 6.81 -9.81
C SER E 146 -76.84 6.02 -9.38
N THR E 147 -76.88 4.72 -9.74
CA THR E 147 -77.97 3.80 -9.35
C THR E 147 -78.13 3.64 -7.83
N PHE E 148 -77.02 3.50 -7.12
CA PHE E 148 -77.07 3.29 -5.66
C PHE E 148 -77.01 4.61 -4.88
N GLY E 149 -76.95 5.74 -5.60
CA GLY E 149 -77.08 7.07 -4.97
C GLY E 149 -75.97 7.49 -4.03
N PHE E 150 -74.71 7.29 -4.43
CA PHE E 150 -73.57 7.85 -3.72
C PHE E 150 -72.34 7.94 -4.64
N LYS E 151 -71.29 8.57 -4.13
CA LYS E 151 -70.09 8.88 -4.91
C LYS E 151 -68.84 8.28 -4.26
N PRO E 152 -67.85 7.88 -5.07
CA PRO E 152 -66.67 7.26 -4.48
C PRO E 152 -65.87 8.27 -3.71
N LYS E 153 -65.16 7.81 -2.71
CA LYS E 153 -64.34 8.69 -1.93
C LYS E 153 -62.91 8.20 -1.89
N HIS E 154 -62.07 8.98 -1.24
CA HIS E 154 -60.65 8.72 -1.23
C HIS E 154 -60.25 7.55 -0.36
N TRP E 155 -59.20 6.87 -0.78
CA TRP E 155 -58.67 5.69 -0.10
C TRP E 155 -57.41 6.03 0.69
N GLU E 156 -57.26 5.47 1.88
CA GLU E 156 -56.01 5.59 2.65
C GLU E 156 -55.36 4.18 2.73
N PRO E 157 -54.11 4.08 3.20
CA PRO E 157 -53.49 2.76 3.31
C PRO E 157 -54.23 1.73 4.16
N PHE E 158 -54.75 2.15 5.32
CA PHE E 158 -55.58 1.27 6.16
C PHE E 158 -56.71 0.61 5.37
N ASP E 159 -57.35 1.37 4.48
CA ASP E 159 -58.41 0.86 3.64
C ASP E 159 -57.94 -0.28 2.76
N VAL E 160 -56.72 -0.17 2.25
CA VAL E 160 -56.21 -1.14 1.26
C VAL E 160 -55.76 -2.43 1.95
N ALA E 161 -55.16 -2.28 3.10
CA ALA E 161 -54.78 -3.41 3.96
C ALA E 161 -56.01 -4.24 4.34
N MET E 162 -57.10 -3.55 4.68
CA MET E 162 -58.32 -4.18 5.14
C MET E 162 -59.02 -4.97 4.05
N ILE E 163 -58.85 -4.60 2.80
CA ILE E 163 -59.37 -5.43 1.71
C ILE E 163 -58.83 -6.87 1.90
N PHE E 164 -57.53 -6.98 2.14
CA PHE E 164 -56.91 -8.27 2.37
C PHE E 164 -57.31 -8.83 3.76
N VAL E 165 -57.13 -8.01 4.79
CA VAL E 165 -57.38 -8.48 6.14
C VAL E 165 -58.82 -8.95 6.28
N GLY E 166 -59.76 -8.13 5.83
CA GLY E 166 -61.18 -8.38 6.03
C GLY E 166 -61.79 -9.48 5.17
N THR E 167 -61.03 -9.93 4.17
CA THR E 167 -61.40 -11.10 3.36
C THR E 167 -60.54 -12.32 3.75
N MET E 168 -59.31 -12.37 3.27
CA MET E 168 -58.41 -13.51 3.53
C MET E 168 -58.32 -13.93 5.02
N ALA E 169 -58.17 -12.97 5.92
CA ALA E 169 -57.98 -13.29 7.35
C ALA E 169 -59.31 -13.51 8.09
N ASN E 170 -60.19 -12.53 8.02
CA ASN E 170 -61.43 -12.52 8.79
C ASN E 170 -62.56 -13.41 8.25
N ARG E 171 -62.57 -13.78 6.97
CA ARG E 171 -63.42 -14.90 6.53
C ARG E 171 -62.66 -16.22 6.67
N PHE E 172 -61.63 -16.40 5.83
CA PHE E 172 -61.12 -17.71 5.48
C PHE E 172 -60.19 -18.31 6.47
N SER E 173 -59.53 -17.51 7.30
CA SER E 173 -58.66 -18.08 8.33
C SER E 173 -59.26 -17.95 9.75
N ASP E 174 -60.58 -17.78 9.81
CA ASP E 174 -61.25 -17.39 11.07
C ASP E 174 -62.38 -18.36 11.47
N SER E 175 -62.12 -19.67 11.41
CA SER E 175 -63.11 -20.70 11.63
C SER E 175 -63.06 -21.35 13.02
N THR E 176 -64.09 -21.12 13.84
CA THR E 176 -64.41 -22.07 14.90
C THR E 176 -65.90 -22.27 15.01
N SER E 177 -66.24 -23.35 15.67
CA SER E 177 -67.56 -23.60 16.13
C SER E 177 -67.42 -24.18 17.52
N GLU E 178 -66.39 -23.74 18.27
CA GLU E 178 -66.03 -24.38 19.55
C GLU E 178 -67.18 -24.26 20.55
N ILE E 179 -67.96 -23.19 20.47
CA ILE E 179 -69.12 -22.98 21.34
C ILE E 179 -70.27 -23.93 20.96
N ASP E 180 -70.69 -23.92 19.70
CA ASP E 180 -71.59 -24.96 19.19
C ASP E 180 -71.12 -26.39 19.52
N ASN E 181 -69.82 -26.67 19.33
CA ASN E 181 -69.30 -28.01 19.56
C ASN E 181 -69.55 -28.42 20.99
N LEU E 182 -69.29 -27.50 21.92
CA LEU E 182 -69.52 -27.72 23.33
C LEU E 182 -71.00 -28.00 23.58
N ALA E 183 -71.88 -27.23 22.95
CA ALA E 183 -73.31 -27.49 23.04
C ALA E 183 -73.61 -28.94 22.62
N LEU E 184 -73.08 -29.32 21.48
CA LEU E 184 -73.27 -30.65 20.97
C LEU E 184 -72.81 -31.70 21.98
N LEU E 185 -71.62 -31.48 22.52
CA LEU E 185 -71.05 -32.43 23.48
C LEU E 185 -71.93 -32.58 24.73
N THR E 186 -72.46 -31.47 25.23
CA THR E 186 -73.31 -31.49 26.41
C THR E 186 -74.60 -32.26 26.13
N ALA E 187 -75.16 -32.04 24.96
CA ALA E 187 -76.35 -32.76 24.54
C ALA E 187 -76.06 -34.23 24.40
N LEU E 188 -74.88 -34.57 23.90
CA LEU E 188 -74.46 -35.97 23.82
C LEU E 188 -74.23 -36.55 25.20
N LYS E 189 -73.64 -35.78 26.11
CA LYS E 189 -73.40 -36.30 27.45
C LYS E 189 -74.72 -36.57 28.16
N ASP E 190 -75.72 -35.78 27.86
CA ASP E 190 -76.95 -35.94 28.61
C ASP E 190 -77.87 -37.08 28.02
N LYS E 191 -77.73 -37.41 26.74
CA LYS E 191 -78.33 -38.63 26.17
C LYS E 191 -77.54 -39.92 26.48
N TYR E 192 -76.24 -39.92 26.24
CA TYR E 192 -75.43 -41.14 26.33
C TYR E 192 -74.69 -41.30 27.64
N GLY E 193 -74.77 -40.30 28.50
CA GLY E 193 -73.91 -40.26 29.67
C GLY E 193 -72.52 -39.73 29.33
N LYS E 194 -71.71 -39.53 30.35
CA LYS E 194 -70.48 -38.75 30.23
C LYS E 194 -69.43 -39.41 29.36
N GLN E 195 -69.07 -40.62 29.69
CA GLN E 195 -67.95 -41.25 29.02
C GLN E 195 -68.31 -41.57 27.58
N GLN E 196 -69.50 -42.12 27.37
CA GLN E 196 -69.99 -42.49 26.03
C GLN E 196 -70.30 -41.24 25.19
N GLY E 197 -70.85 -40.21 25.84
CA GLY E 197 -71.09 -38.91 25.20
C GLY E 197 -69.88 -38.38 24.48
N MET E 198 -68.74 -38.48 25.15
CA MET E 198 -67.46 -38.03 24.62
C MET E 198 -66.97 -38.98 23.54
N ALA E 199 -67.19 -40.26 23.77
CA ALA E 199 -66.78 -41.30 22.82
C ALA E 199 -67.51 -41.12 21.49
N VAL E 200 -68.75 -40.68 21.59
CA VAL E 200 -69.56 -40.35 20.42
C VAL E 200 -69.10 -39.03 19.81
N PHE E 201 -68.79 -38.06 20.67
CA PHE E 201 -68.17 -36.82 20.19
C PHE E 201 -66.92 -37.10 19.37
N ASN E 202 -66.10 -38.05 19.83
CA ASN E 202 -64.92 -38.47 19.09
C ASN E 202 -65.23 -39.21 17.78
N GLN E 203 -66.40 -39.85 17.73
CA GLN E 203 -66.84 -40.56 16.52
C GLN E 203 -67.37 -39.60 15.46
N LEU E 204 -67.98 -38.49 15.90
CA LEU E 204 -68.58 -37.51 14.97
C LEU E 204 -67.60 -36.41 14.57
N LYS E 205 -66.68 -36.08 15.48
CA LYS E 205 -65.75 -34.95 15.27
C LYS E 205 -64.36 -35.34 15.76
N TRP E 206 -63.78 -36.32 15.09
CA TRP E 206 -62.45 -36.79 15.42
C TRP E 206 -61.46 -35.67 15.26
N LEU E 207 -60.42 -35.76 16.09
CA LEU E 207 -59.24 -34.95 15.99
C LEU E 207 -58.49 -35.31 14.73
N VAL E 208 -58.19 -36.60 14.58
CA VAL E 208 -57.42 -37.09 13.41
C VAL E 208 -57.93 -38.44 12.93
N ASN E 209 -57.97 -38.58 11.61
CA ASN E 209 -58.37 -39.82 10.98
C ASN E 209 -57.26 -40.35 10.09
N PRO E 210 -56.55 -41.40 10.56
CA PRO E 210 -55.43 -42.07 9.86
C PRO E 210 -55.65 -42.37 8.37
N SER E 211 -56.87 -42.74 7.99
CA SER E 211 -57.19 -43.11 6.60
C SER E 211 -57.40 -41.88 5.66
N ALA E 212 -57.16 -40.68 6.15
CA ALA E 212 -57.45 -39.48 5.39
C ALA E 212 -56.45 -39.29 4.25
N PRO E 213 -56.93 -39.14 3.00
CA PRO E 213 -56.07 -38.71 1.91
C PRO E 213 -55.27 -37.44 2.23
N THR E 214 -53.96 -37.62 2.32
CA THR E 214 -53.03 -36.53 2.59
C THR E 214 -52.32 -36.08 1.33
N THR E 215 -52.00 -34.82 1.27
CA THR E 215 -51.41 -34.24 0.09
C THR E 215 -49.89 -34.57 0.05
N ILE E 216 -49.34 -34.89 1.23
CA ILE E 216 -47.96 -35.36 1.39
C ILE E 216 -47.97 -36.82 1.80
N ALA E 217 -47.57 -37.68 0.85
CA ALA E 217 -47.55 -39.13 1.06
C ALA E 217 -46.88 -39.50 2.37
N ALA E 218 -47.41 -40.51 3.06
CA ALA E 218 -46.85 -40.93 4.36
C ALA E 218 -45.35 -41.36 4.33
N ARG E 219 -44.88 -41.86 3.18
CA ARG E 219 -43.47 -42.18 2.98
C ARG E 219 -42.54 -41.03 3.25
N GLU E 220 -43.03 -39.83 2.97
CA GLU E 220 -42.23 -38.64 3.11
C GLU E 220 -42.21 -38.18 4.57
N SER E 221 -43.37 -38.09 5.22
CA SER E 221 -43.46 -37.59 6.63
C SER E 221 -44.85 -37.77 7.30
N ALA E 222 -44.91 -37.88 8.65
CA ALA E 222 -46.15 -37.76 9.46
C ALA E 222 -46.27 -36.34 10.02
N CYS F 1 -61.28 -25.26 -2.76
CA CYS F 1 -60.20 -24.84 -3.68
C CYS F 1 -59.40 -26.07 -4.09
N ASN F 2 -59.01 -26.19 -5.36
CA ASN F 2 -58.17 -27.32 -5.77
C ASN F 2 -56.89 -26.92 -6.43
N MET F 3 -55.95 -27.86 -6.40
CA MET F 3 -54.75 -27.74 -7.20
C MET F 3 -54.05 -29.05 -7.46
N TRP F 4 -53.49 -29.18 -8.66
CA TRP F 4 -52.48 -30.22 -8.94
C TRP F 4 -51.22 -29.61 -9.56
N VAL F 5 -50.09 -30.01 -9.00
CA VAL F 5 -48.77 -29.62 -9.49
C VAL F 5 -48.02 -30.86 -9.95
N ILE F 6 -47.45 -30.81 -11.16
CA ILE F 6 -46.88 -31.98 -11.80
C ILE F 6 -45.41 -31.78 -12.03
N GLY F 7 -44.61 -32.68 -11.47
CA GLY F 7 -43.15 -32.58 -11.52
C GLY F 7 -42.49 -32.97 -12.83
N LYS F 8 -41.17 -33.07 -12.78
CA LYS F 8 -40.36 -33.40 -13.94
C LYS F 8 -40.71 -34.79 -14.49
N ASN F 9 -40.78 -35.77 -13.60
CA ASN F 9 -40.99 -37.16 -13.97
C ASN F 9 -42.39 -37.44 -14.47
N LYS F 10 -43.33 -36.59 -14.06
CA LYS F 10 -44.72 -36.77 -14.40
C LYS F 10 -45.16 -35.87 -15.51
N ALA F 11 -44.37 -34.84 -15.82
CA ALA F 11 -44.70 -33.95 -16.94
C ALA F 11 -44.28 -34.54 -18.27
N GLN F 12 -44.83 -33.99 -19.34
CA GLN F 12 -44.56 -34.48 -20.69
C GLN F 12 -44.50 -33.30 -21.64
N ASP F 13 -43.36 -33.16 -22.32
CA ASP F 13 -43.05 -32.01 -23.21
C ASP F 13 -42.92 -30.72 -22.40
N ALA F 14 -42.53 -30.89 -21.14
CA ALA F 14 -42.31 -29.79 -20.21
C ALA F 14 -41.71 -30.34 -18.94
N LYS F 15 -41.15 -29.45 -18.11
CA LYS F 15 -40.50 -29.87 -16.88
C LYS F 15 -41.42 -29.81 -15.66
N ALA F 16 -42.32 -28.83 -15.64
CA ALA F 16 -43.34 -28.77 -14.59
C ALA F 16 -44.60 -28.04 -15.04
N ILE F 17 -45.75 -28.52 -14.55
CA ILE F 17 -47.04 -27.90 -14.81
C ILE F 17 -47.82 -27.73 -13.51
N MET F 18 -48.40 -26.54 -13.34
CA MET F 18 -49.15 -26.19 -12.14
C MET F 18 -50.53 -25.71 -12.57
N VAL F 19 -51.57 -26.44 -12.14
CA VAL F 19 -52.97 -26.08 -12.41
C VAL F 19 -53.71 -25.79 -11.10
N ASN F 20 -54.34 -24.62 -11.06
CA ASN F 20 -54.91 -24.05 -9.85
C ASN F 20 -56.35 -23.63 -10.03
N GLY F 21 -57.22 -24.08 -9.12
CA GLY F 21 -58.64 -23.76 -9.15
C GLY F 21 -59.16 -23.32 -7.80
N PRO F 22 -58.89 -22.09 -7.42
CA PRO F 22 -59.43 -21.59 -6.17
C PRO F 22 -60.96 -21.49 -6.25
N GLN F 23 -61.66 -21.95 -5.20
CA GLN F 23 -63.13 -21.86 -5.13
C GLN F 23 -63.61 -20.90 -4.07
N PHE F 24 -64.21 -19.82 -4.52
CA PHE F 24 -64.75 -18.80 -3.65
C PHE F 24 -66.19 -18.45 -4.02
N GLY F 25 -66.83 -19.29 -4.82
CA GLY F 25 -68.12 -18.93 -5.42
C GLY F 25 -67.91 -18.17 -6.71
N TRP F 26 -69.00 -17.74 -7.37
CA TRP F 26 -68.91 -17.05 -8.67
C TRP F 26 -69.62 -15.70 -8.62
N TYR F 27 -68.93 -14.66 -9.06
CA TYR F 27 -69.48 -13.32 -8.90
C TYR F 27 -69.26 -12.50 -10.14
N ALA F 28 -70.02 -11.42 -10.25
CA ALA F 28 -69.88 -10.46 -11.32
C ALA F 28 -69.97 -9.07 -10.71
N PRO F 29 -68.94 -8.23 -10.93
CA PRO F 29 -67.73 -8.50 -11.73
C PRO F 29 -66.90 -9.60 -11.11
N ALA F 30 -65.87 -10.07 -11.82
CA ALA F 30 -65.13 -11.26 -11.40
C ALA F 30 -64.46 -11.10 -10.05
N TYR F 31 -64.38 -12.21 -9.32
CA TYR F 31 -63.81 -12.26 -8.00
C TYR F 31 -62.35 -11.78 -8.04
N THR F 32 -61.57 -12.33 -8.97
CA THR F 32 -60.14 -12.00 -9.10
C THR F 32 -59.84 -10.98 -10.19
N TYR F 33 -58.66 -10.33 -10.05
CA TYR F 33 -58.20 -9.25 -10.93
C TYR F 33 -56.94 -9.68 -11.62
N GLY F 34 -56.88 -9.41 -12.94
CA GLY F 34 -55.70 -9.69 -13.75
C GLY F 34 -54.72 -8.51 -13.70
N ILE F 35 -53.43 -8.80 -13.50
CA ILE F 35 -52.44 -7.76 -13.33
C ILE F 35 -51.03 -8.26 -13.65
N GLY F 36 -50.25 -7.44 -14.33
CA GLY F 36 -48.82 -7.67 -14.49
C GLY F 36 -48.00 -6.58 -13.82
N LEU F 37 -46.91 -6.96 -13.14
CA LEU F 37 -46.05 -5.99 -12.46
C LEU F 37 -44.58 -6.15 -12.88
N HIS F 38 -43.98 -5.03 -13.29
CA HIS F 38 -42.61 -5.00 -13.84
C HIS F 38 -41.82 -3.77 -13.34
N GLY F 39 -40.99 -4.02 -12.34
CA GLY F 39 -40.16 -2.98 -11.77
C GLY F 39 -39.95 -3.17 -10.27
N ALA F 40 -39.01 -2.40 -9.73
CA ALA F 40 -38.71 -2.40 -8.30
C ALA F 40 -38.42 -3.79 -7.72
N GLY F 41 -37.81 -4.67 -8.51
CA GLY F 41 -37.50 -6.04 -8.08
C GLY F 41 -38.49 -7.10 -8.55
N TYR F 42 -39.66 -6.63 -9.04
CA TYR F 42 -40.77 -7.48 -9.45
C TYR F 42 -40.83 -7.67 -10.94
N ASP F 43 -41.03 -8.91 -11.38
CA ASP F 43 -41.45 -9.19 -12.74
C ASP F 43 -42.47 -10.33 -12.70
N VAL F 44 -43.75 -9.97 -12.72
CA VAL F 44 -44.81 -10.95 -12.48
C VAL F 44 -46.05 -10.83 -13.39
N THR F 45 -46.67 -11.99 -13.62
CA THR F 45 -48.03 -12.06 -14.16
C THR F 45 -48.94 -13.01 -13.40
N GLY F 46 -50.20 -12.61 -13.33
CA GLY F 46 -51.27 -13.53 -12.99
C GLY F 46 -52.53 -12.78 -12.63
N ASN F 47 -53.24 -13.31 -11.64
CA ASN F 47 -54.43 -12.66 -11.12
C ASN F 47 -54.62 -12.92 -9.64
N THR F 48 -55.50 -12.14 -9.03
CA THR F 48 -55.58 -12.16 -7.57
C THR F 48 -56.92 -11.57 -7.04
N PRO F 49 -57.46 -12.18 -5.97
CA PRO F 49 -58.72 -11.76 -5.40
C PRO F 49 -58.68 -10.34 -4.96
N PHE F 50 -59.70 -9.56 -5.30
CA PHE F 50 -59.85 -8.21 -4.79
C PHE F 50 -58.61 -7.35 -5.03
N ALA F 51 -57.83 -7.70 -6.05
CA ALA F 51 -56.70 -6.88 -6.45
C ALA F 51 -55.78 -6.56 -5.27
N TYR F 52 -55.43 -7.61 -4.52
CA TYR F 52 -54.42 -7.49 -3.47
C TYR F 52 -53.08 -7.12 -4.11
N PRO F 53 -52.21 -6.42 -3.36
CA PRO F 53 -50.85 -6.17 -3.79
C PRO F 53 -50.13 -7.41 -4.25
N GLY F 54 -50.26 -8.48 -3.48
CA GLY F 54 -49.62 -9.74 -3.81
C GLY F 54 -50.50 -10.59 -4.69
N LEU F 55 -49.90 -11.21 -5.68
CA LEU F 55 -50.60 -12.13 -6.54
C LEU F 55 -50.64 -13.51 -5.90
N VAL F 56 -51.85 -13.98 -5.62
CA VAL F 56 -52.05 -15.31 -5.06
C VAL F 56 -51.83 -16.38 -6.14
N PHE F 57 -52.12 -16.01 -7.39
CA PHE F 57 -51.99 -16.93 -8.55
C PHE F 57 -51.16 -16.34 -9.70
N GLY F 58 -49.94 -16.84 -9.89
CA GLY F 58 -49.03 -16.30 -10.91
C GLY F 58 -47.61 -16.84 -10.94
N HIS F 59 -46.79 -16.22 -11.79
CA HIS F 59 -45.37 -16.59 -11.95
C HIS F 59 -44.51 -15.37 -12.24
N ASN F 60 -43.18 -15.51 -12.09
CA ASN F 60 -42.20 -14.42 -12.30
C ASN F 60 -41.12 -14.70 -13.37
N GLY F 61 -41.27 -15.81 -14.10
CA GLY F 61 -40.33 -16.20 -15.15
C GLY F 61 -39.50 -17.38 -14.72
N THR F 62 -39.17 -17.44 -13.43
CA THR F 62 -38.36 -18.52 -12.86
C THR F 62 -39.25 -19.52 -12.10
N ILE F 63 -40.09 -19.02 -11.20
CA ILE F 63 -41.02 -19.86 -10.44
C ILE F 63 -42.49 -19.43 -10.59
N SER F 64 -43.39 -20.30 -10.13
CA SER F 64 -44.81 -19.99 -10.04
C SER F 64 -45.38 -20.49 -8.71
N TRP F 65 -46.45 -19.84 -8.30
CA TRP F 65 -47.07 -20.08 -7.00
C TRP F 65 -48.61 -20.14 -7.11
N GLY F 66 -49.19 -20.65 -6.03
CA GLY F 66 -50.62 -20.74 -5.92
C GLY F 66 -51.02 -21.16 -4.52
N SER F 67 -52.33 -21.30 -4.33
CA SER F 67 -52.90 -21.48 -3.01
C SER F 67 -54.23 -22.25 -3.01
N THR F 68 -54.47 -22.97 -1.91
CA THR F 68 -55.77 -23.52 -1.57
C THR F 68 -55.94 -23.33 -0.06
N ALA F 69 -57.14 -23.34 0.44
CA ALA F 69 -57.34 -23.00 1.85
C ALA F 69 -56.87 -24.13 2.77
N GLY F 70 -56.19 -23.78 3.86
CA GLY F 70 -55.52 -24.76 4.68
C GLY F 70 -56.44 -25.57 5.59
N PHE F 71 -57.28 -24.87 6.36
CA PHE F 71 -58.16 -25.48 7.34
C PHE F 71 -57.40 -26.25 8.43
N GLY F 72 -56.32 -25.67 8.91
CA GLY F 72 -55.68 -26.11 10.16
C GLY F 72 -56.38 -25.41 11.33
N ASP F 73 -56.25 -25.93 12.56
CA ASP F 73 -56.94 -25.30 13.68
C ASP F 73 -56.08 -24.18 14.26
N ASP F 74 -56.28 -22.98 13.74
CA ASP F 74 -55.54 -21.84 14.22
C ASP F 74 -56.42 -20.86 15.00
N VAL F 75 -57.60 -21.32 15.43
CA VAL F 75 -58.47 -20.52 16.31
C VAL F 75 -58.97 -21.34 17.46
N ASP F 76 -58.89 -20.75 18.65
CA ASP F 76 -59.48 -21.32 19.87
C ASP F 76 -60.32 -20.27 20.60
N ILE F 77 -61.13 -20.74 21.53
CA ILE F 77 -62.04 -19.88 22.24
C ILE F 77 -61.77 -20.00 23.73
N PHE F 78 -61.60 -18.86 24.36
CA PHE F 78 -61.29 -18.84 25.77
C PHE F 78 -62.50 -18.33 26.56
N ALA F 79 -62.81 -19.09 27.61
CA ALA F 79 -63.94 -18.82 28.46
C ALA F 79 -63.46 -17.95 29.60
N GLU F 80 -63.74 -16.65 29.46
CA GLU F 80 -63.29 -15.64 30.42
C GLU F 80 -64.20 -15.56 31.64
N LYS F 81 -63.59 -15.50 32.82
CA LYS F 81 -64.33 -15.45 34.06
C LYS F 81 -64.53 -14.00 34.46
N LEU F 82 -65.79 -13.58 34.61
CA LEU F 82 -66.11 -12.23 35.08
C LEU F 82 -66.74 -12.25 36.46
N SER F 83 -66.89 -11.05 37.03
CA SER F 83 -67.67 -10.84 38.26
C SER F 83 -68.79 -9.83 38.01
N ALA F 84 -69.94 -10.02 38.66
CA ALA F 84 -71.09 -9.10 38.53
C ALA F 84 -70.77 -7.70 39.05
N GLU F 85 -69.96 -7.65 40.10
CA GLU F 85 -69.23 -6.46 40.49
C GLU F 85 -67.97 -6.45 39.62
N LYS F 86 -67.45 -5.27 39.32
CA LYS F 86 -66.33 -5.11 38.37
C LYS F 86 -66.75 -5.48 36.92
N PRO F 87 -67.79 -4.79 36.39
CA PRO F 87 -68.08 -5.02 34.97
C PRO F 87 -66.97 -4.48 34.07
N GLY F 88 -66.68 -5.17 32.98
CA GLY F 88 -65.60 -4.81 32.05
C GLY F 88 -64.29 -5.39 32.54
N TYR F 89 -64.37 -6.28 33.52
CA TYR F 89 -63.17 -6.94 34.08
C TYR F 89 -63.30 -8.46 34.05
N TYR F 90 -62.17 -9.13 33.81
CA TYR F 90 -62.14 -10.59 33.77
C TYR F 90 -60.97 -11.08 34.57
N GLN F 91 -61.08 -12.27 35.14
CA GLN F 91 -59.99 -12.79 35.95
C GLN F 91 -58.97 -13.55 35.13
N HIS F 92 -57.69 -13.26 35.40
CA HIS F 92 -56.58 -13.86 34.72
C HIS F 92 -55.33 -13.80 35.60
N ASN F 93 -54.70 -14.95 35.80
CA ASN F 93 -53.58 -15.13 36.75
C ASN F 93 -53.81 -14.54 38.16
N GLY F 94 -55.01 -14.76 38.71
CA GLY F 94 -55.31 -14.38 40.08
C GLY F 94 -55.62 -12.92 40.33
N GLU F 95 -55.71 -12.13 39.27
CA GLU F 95 -56.04 -10.71 39.41
C GLU F 95 -57.04 -10.28 38.36
N TRP F 96 -57.81 -9.24 38.66
CA TRP F 96 -58.85 -8.75 37.77
C TRP F 96 -58.31 -7.78 36.76
N VAL F 97 -58.43 -8.13 35.50
CA VAL F 97 -57.82 -7.36 34.42
C VAL F 97 -58.91 -6.65 33.63
N LYS F 98 -58.63 -5.42 33.24
CA LYS F 98 -59.60 -4.61 32.50
C LYS F 98 -59.68 -5.00 31.02
N MET F 99 -60.90 -5.05 30.49
CA MET F 99 -61.09 -5.23 29.06
C MET F 99 -60.80 -3.95 28.30
N LEU F 100 -60.23 -4.11 27.12
CA LEU F 100 -60.26 -3.05 26.13
C LEU F 100 -61.68 -2.96 25.56
N SER F 101 -62.09 -1.75 25.21
CA SER F 101 -63.39 -1.50 24.58
C SER F 101 -63.32 -0.28 23.68
N ARG F 102 -63.99 -0.35 22.54
CA ARG F 102 -64.19 0.84 21.70
C ARG F 102 -65.69 1.03 21.41
N LYS F 103 -66.07 2.24 21.06
CA LYS F 103 -67.44 2.52 20.65
C LYS F 103 -67.48 2.73 19.16
N GLU F 104 -68.42 2.03 18.54
CA GLU F 104 -68.69 2.20 17.15
C GLU F 104 -70.13 2.72 16.96
N THR F 105 -70.28 3.60 15.98
CA THR F 105 -71.55 4.12 15.60
C THR F 105 -71.70 3.74 14.16
N ILE F 106 -72.86 3.19 13.83
CA ILE F 106 -73.19 2.84 12.45
C ILE F 106 -74.12 3.88 11.86
N ALA F 107 -73.61 4.62 10.89
CA ALA F 107 -74.42 5.55 10.09
C ALA F 107 -75.27 4.72 9.16
N VAL F 108 -76.55 5.06 9.13
CA VAL F 108 -77.51 4.40 8.29
C VAL F 108 -78.09 5.43 7.33
N LYS F 109 -77.85 5.27 6.03
CA LYS F 109 -78.54 6.07 5.02
C LYS F 109 -80.04 6.07 5.33
N ASP F 110 -80.63 7.26 5.32
CA ASP F 110 -82.08 7.45 5.57
C ASP F 110 -82.57 6.69 6.81
N GLY F 111 -81.77 6.67 7.87
CA GLY F 111 -82.12 5.93 9.08
C GLY F 111 -81.43 6.43 10.32
N GLN F 112 -81.89 5.95 11.47
CA GLN F 112 -81.34 6.37 12.74
C GLN F 112 -80.05 5.58 13.00
N PRO F 113 -78.97 6.26 13.44
CA PRO F 113 -77.71 5.56 13.74
C PRO F 113 -77.78 4.62 14.94
N GLU F 114 -77.01 3.54 14.92
CA GLU F 114 -76.93 2.57 16.03
C GLU F 114 -75.53 2.51 16.60
N THR F 115 -75.40 2.70 17.91
CA THR F 115 -74.10 2.64 18.58
C THR F 115 -74.01 1.48 19.59
N PHE F 116 -72.85 0.81 19.59
CA PHE F 116 -72.60 -0.35 20.43
C PHE F 116 -71.11 -0.43 20.75
N THR F 117 -70.79 -1.32 21.66
CA THR F 117 -69.45 -1.48 22.13
C THR F 117 -68.89 -2.82 21.66
N VAL F 118 -67.67 -2.80 21.14
CA VAL F 118 -66.87 -4.00 20.92
C VAL F 118 -65.95 -4.21 22.12
N TRP F 119 -65.90 -5.42 22.67
CA TRP F 119 -64.95 -5.72 23.77
C TRP F 119 -63.83 -6.63 23.31
N ARG F 120 -62.70 -6.52 24.00
CA ARG F 120 -61.53 -7.28 23.66
C ARG F 120 -60.73 -7.64 24.93
N THR F 121 -60.30 -8.89 25.02
CA THR F 121 -59.43 -9.30 26.10
C THR F 121 -58.07 -9.65 25.55
N LEU F 122 -57.16 -10.00 26.47
CA LEU F 122 -55.88 -10.66 26.18
C LEU F 122 -55.93 -11.70 25.05
N HIS F 123 -56.95 -12.54 25.06
CA HIS F 123 -57.08 -13.60 24.10
C HIS F 123 -57.69 -13.15 22.74
N GLY F 124 -58.55 -12.15 22.77
CA GLY F 124 -59.08 -11.62 21.55
C GLY F 124 -60.38 -10.90 21.78
N ASN F 125 -61.07 -10.57 20.68
CA ASN F 125 -62.41 -9.99 20.77
C ASN F 125 -63.42 -10.91 21.45
N VAL F 126 -64.35 -10.28 22.13
CA VAL F 126 -65.43 -10.98 22.77
C VAL F 126 -66.45 -11.33 21.68
N ILE F 127 -66.89 -12.58 21.64
CA ILE F 127 -67.89 -12.99 20.66
C ILE F 127 -69.25 -13.32 21.25
N LYS F 128 -69.31 -13.58 22.57
CA LYS F 128 -70.58 -13.86 23.23
C LYS F 128 -70.44 -13.67 24.71
N THR F 129 -71.49 -13.23 25.37
CA THR F 129 -71.50 -13.08 26.84
C THR F 129 -72.73 -13.75 27.47
N ASP F 130 -72.50 -14.49 28.56
CA ASP F 130 -73.57 -15.19 29.28
C ASP F 130 -73.58 -14.75 30.75
N THR F 131 -74.22 -13.61 30.99
CA THR F 131 -74.37 -13.02 32.31
C THR F 131 -74.82 -14.03 33.37
N ALA F 132 -75.67 -14.98 32.96
CA ALA F 132 -76.10 -16.05 33.84
C ALA F 132 -74.91 -16.81 34.44
N THR F 133 -74.02 -17.33 33.60
CA THR F 133 -72.85 -18.09 34.10
C THR F 133 -71.68 -17.18 34.52
N GLN F 134 -71.88 -15.87 34.42
CA GLN F 134 -70.82 -14.88 34.51
C GLN F 134 -69.57 -15.30 33.69
N THR F 135 -69.78 -15.50 32.38
CA THR F 135 -68.74 -15.95 31.46
C THR F 135 -68.77 -15.13 30.17
N ALA F 136 -67.59 -14.81 29.64
CA ALA F 136 -67.44 -14.20 28.31
C ALA F 136 -66.53 -15.02 27.41
N TYR F 137 -66.93 -15.17 26.16
CA TYR F 137 -66.19 -15.99 25.20
C TYR F 137 -65.33 -15.13 24.30
N ALA F 138 -64.03 -15.38 24.33
CA ALA F 138 -63.09 -14.56 23.57
C ALA F 138 -62.42 -15.42 22.51
N LYS F 139 -62.30 -14.88 21.30
CA LYS F 139 -61.78 -15.65 20.16
C LYS F 139 -60.30 -15.35 19.84
N ALA F 140 -59.44 -16.30 20.21
CA ALA F 140 -57.99 -16.21 20.04
C ALA F 140 -57.58 -16.71 18.67
N ARG F 141 -56.91 -15.87 17.90
CA ARG F 141 -56.36 -16.29 16.61
C ARG F 141 -54.85 -16.33 16.65
N ALA F 142 -54.26 -17.49 16.36
CA ALA F 142 -52.79 -17.60 16.20
C ALA F 142 -52.17 -16.53 15.27
N TRP F 143 -52.88 -16.15 14.20
CA TRP F 143 -52.39 -15.13 13.27
C TRP F 143 -52.63 -13.69 13.73
N ASP F 144 -53.23 -13.52 14.90
CA ASP F 144 -53.50 -12.19 15.41
C ASP F 144 -52.19 -11.42 15.58
N GLY F 145 -52.18 -10.21 15.05
CA GLY F 145 -51.00 -9.38 15.06
C GLY F 145 -50.09 -9.61 13.86
N LYS F 146 -50.40 -10.62 13.05
CA LYS F 146 -49.57 -10.96 11.87
C LYS F 146 -50.39 -10.88 10.58
N GLU F 147 -51.42 -10.03 10.59
CA GLU F 147 -52.31 -9.92 9.44
C GLU F 147 -51.56 -9.25 8.29
N VAL F 148 -50.97 -8.09 8.56
CA VAL F 148 -50.30 -7.34 7.52
C VAL F 148 -48.99 -8.01 7.17
N ALA F 149 -48.30 -8.57 8.17
CA ALA F 149 -47.17 -9.43 7.90
C ALA F 149 -47.52 -10.43 6.80
N SER F 150 -48.71 -11.04 6.91
CA SER F 150 -49.15 -12.03 5.94
C SER F 150 -49.43 -11.42 4.56
N LEU F 151 -50.03 -10.23 4.54
CA LEU F 151 -50.27 -9.51 3.28
C LEU F 151 -48.96 -9.37 2.55
N LEU F 152 -47.96 -8.92 3.27
CA LEU F 152 -46.67 -8.65 2.70
C LEU F 152 -45.94 -9.92 2.30
N ALA F 153 -46.11 -11.01 3.03
CA ALA F 153 -45.40 -12.23 2.66
C ALA F 153 -45.88 -12.69 1.29
N TRP F 154 -47.19 -12.58 1.03
CA TRP F 154 -47.79 -12.90 -0.27
C TRP F 154 -47.15 -12.14 -1.40
N THR F 155 -46.78 -10.91 -1.10
CA THR F 155 -46.19 -10.01 -2.08
C THR F 155 -44.70 -10.31 -2.33
N HIS F 156 -43.93 -10.45 -1.26
CA HIS F 156 -42.48 -10.66 -1.40
C HIS F 156 -42.15 -12.00 -2.02
N GLN F 157 -43.03 -12.99 -1.85
CA GLN F 157 -42.76 -14.29 -2.48
C GLN F 157 -42.65 -14.16 -3.97
N MET F 158 -43.28 -13.15 -4.53
CA MET F 158 -43.28 -12.94 -5.96
C MET F 158 -41.86 -12.68 -6.53
N LYS F 159 -40.97 -12.18 -5.67
CA LYS F 159 -39.55 -11.96 -5.98
C LYS F 159 -38.66 -13.19 -5.84
N ALA F 160 -39.11 -14.20 -5.11
CA ALA F 160 -38.26 -15.36 -4.87
C ALA F 160 -37.97 -16.09 -6.17
N LYS F 161 -36.80 -16.74 -6.22
CA LYS F 161 -36.34 -17.44 -7.44
C LYS F 161 -35.91 -18.88 -7.17
N ASN F 162 -36.08 -19.32 -5.94
CA ASN F 162 -35.88 -20.73 -5.64
C ASN F 162 -36.56 -21.15 -4.35
N TRP F 163 -36.54 -22.45 -4.08
CA TRP F 163 -37.23 -23.02 -2.94
C TRP F 163 -36.84 -22.32 -1.63
N PRO F 164 -35.53 -22.26 -1.31
CA PRO F 164 -35.08 -21.53 -0.12
C PRO F 164 -35.64 -20.12 0.08
N GLU F 165 -35.50 -19.27 -0.94
CA GLU F 165 -35.94 -17.86 -0.83
C GLU F 165 -37.44 -17.77 -0.61
N TRP F 166 -38.17 -18.69 -1.25
CA TRP F 166 -39.64 -18.70 -1.24
C TRP F 166 -40.19 -19.24 0.08
N THR F 167 -39.64 -20.36 0.57
CA THR F 167 -40.00 -20.85 1.90
C THR F 167 -39.76 -19.83 3.03
N GLN F 168 -38.77 -18.96 2.86
CA GLN F 168 -38.50 -17.89 3.82
C GLN F 168 -39.73 -16.96 3.99
N GLN F 169 -40.46 -16.76 2.89
CA GLN F 169 -41.71 -15.98 2.91
C GLN F 169 -42.85 -16.80 3.47
N ALA F 170 -42.99 -18.01 2.94
CA ALA F 170 -43.95 -18.96 3.46
C ALA F 170 -43.97 -18.99 4.99
N ALA F 171 -42.80 -18.90 5.62
CA ALA F 171 -42.72 -18.92 7.09
C ALA F 171 -43.30 -17.68 7.76
N LYS F 172 -43.36 -16.58 7.00
CA LYS F 172 -43.87 -15.30 7.46
C LYS F 172 -45.33 -15.14 7.14
N GLN F 173 -45.91 -16.17 6.55
CA GLN F 173 -47.32 -16.23 6.30
C GLN F 173 -48.04 -16.92 7.44
N ALA F 174 -48.99 -16.23 8.07
CA ALA F 174 -49.62 -16.70 9.33
C ALA F 174 -51.03 -17.28 9.17
N LEU F 175 -51.70 -16.94 8.08
CA LEU F 175 -53.02 -17.47 7.82
C LEU F 175 -52.85 -18.95 7.43
N THR F 176 -53.85 -19.76 7.77
CA THR F 176 -53.80 -21.19 7.52
C THR F 176 -54.13 -21.49 6.06
N ILE F 177 -53.08 -21.45 5.25
CA ILE F 177 -53.23 -21.53 3.80
C ILE F 177 -52.19 -22.45 3.18
N ASN F 178 -52.62 -23.23 2.19
CA ASN F 178 -51.73 -24.12 1.48
C ASN F 178 -51.02 -23.34 0.39
N TRP F 179 -49.71 -23.55 0.30
CA TRP F 179 -48.87 -22.83 -0.63
C TRP F 179 -48.17 -23.84 -1.54
N TYR F 180 -48.11 -23.50 -2.83
CA TYR F 180 -47.57 -24.37 -3.88
C TYR F 180 -46.52 -23.68 -4.75
N TYR F 181 -45.53 -24.46 -5.16
CA TYR F 181 -44.31 -23.97 -5.81
C TYR F 181 -43.98 -24.83 -7.01
N ALA F 182 -43.58 -24.20 -8.11
CA ALA F 182 -43.03 -24.89 -9.28
C ALA F 182 -41.95 -24.01 -9.91
N ASP F 183 -40.95 -24.60 -10.59
CA ASP F 183 -39.90 -23.78 -11.24
C ASP F 183 -39.43 -24.27 -12.60
N VAL F 184 -38.57 -23.47 -13.24
CA VAL F 184 -38.07 -23.78 -14.59
C VAL F 184 -37.31 -25.10 -14.62
N ASN F 185 -36.67 -25.45 -13.51
CA ASN F 185 -35.94 -26.73 -13.43
C ASN F 185 -36.83 -27.93 -13.24
N GLY F 186 -38.12 -27.71 -13.04
CA GLY F 186 -39.07 -28.82 -12.83
C GLY F 186 -39.17 -29.33 -11.40
N ASN F 187 -38.61 -28.59 -10.45
CA ASN F 187 -38.93 -28.82 -9.04
C ASN F 187 -40.31 -28.33 -8.63
N ILE F 188 -40.94 -29.11 -7.76
CA ILE F 188 -42.27 -28.79 -7.24
C ILE F 188 -42.25 -28.91 -5.74
N GLY F 189 -43.02 -28.03 -5.10
CA GLY F 189 -43.08 -27.99 -3.66
C GLY F 189 -44.40 -27.52 -3.07
N TYR F 190 -44.61 -27.91 -1.81
CA TYR F 190 -45.83 -27.66 -1.07
C TYR F 190 -45.52 -27.28 0.36
N VAL F 191 -46.25 -26.29 0.87
CA VAL F 191 -46.14 -25.89 2.28
C VAL F 191 -47.51 -25.55 2.86
N HIS F 192 -47.89 -26.26 3.92
CA HIS F 192 -49.11 -25.93 4.66
C HIS F 192 -48.78 -24.83 5.63
N THR F 193 -48.98 -23.60 5.18
CA THR F 193 -48.50 -22.42 5.91
C THR F 193 -49.39 -22.01 7.04
N GLY F 194 -48.82 -21.25 7.96
CA GLY F 194 -49.59 -20.54 8.99
C GLY F 194 -49.00 -20.57 10.38
N ALA F 195 -49.49 -19.67 11.23
CA ALA F 195 -49.24 -19.71 12.66
C ALA F 195 -50.21 -20.69 13.32
N TYR F 196 -49.70 -21.50 14.22
CA TYR F 196 -50.47 -22.54 14.88
C TYR F 196 -50.06 -22.61 16.36
N PRO F 197 -51.02 -22.80 17.29
CA PRO F 197 -50.64 -22.58 18.69
C PRO F 197 -49.92 -23.75 19.31
N ASP F 198 -48.93 -23.45 20.14
CA ASP F 198 -48.37 -24.45 21.04
C ASP F 198 -49.30 -24.51 22.23
N ARG F 199 -50.08 -25.57 22.31
CA ARG F 199 -51.12 -25.68 23.34
C ARG F 199 -50.60 -26.34 24.60
N GLN F 200 -51.26 -26.11 25.72
CA GLN F 200 -50.91 -26.81 26.98
C GLN F 200 -51.23 -28.28 26.83
N PRO F 201 -50.44 -29.18 27.47
CA PRO F 201 -50.86 -30.59 27.38
C PRO F 201 -52.26 -30.75 27.97
N GLY F 202 -53.12 -31.47 27.24
CA GLY F 202 -54.50 -31.74 27.65
C GLY F 202 -55.52 -30.73 27.12
N HIS F 203 -55.04 -29.72 26.40
CA HIS F 203 -55.89 -28.78 25.72
C HIS F 203 -56.53 -29.50 24.55
N ASP F 204 -57.83 -29.76 24.67
CA ASP F 204 -58.66 -30.22 23.53
C ASP F 204 -59.09 -29.01 22.69
N PRO F 205 -58.54 -28.89 21.47
CA PRO F 205 -58.73 -27.71 20.63
C PRO F 205 -60.04 -27.68 19.85
N ARG F 206 -60.91 -28.65 20.09
CA ARG F 206 -62.29 -28.66 19.51
C ARG F 206 -63.29 -27.95 20.40
N LEU F 207 -62.87 -27.63 21.63
CA LEU F 207 -63.74 -27.06 22.63
C LEU F 207 -63.14 -25.83 23.31
N PRO F 208 -63.98 -25.03 23.96
CA PRO F 208 -63.45 -23.90 24.67
C PRO F 208 -62.57 -24.33 25.80
N VAL F 209 -61.82 -23.38 26.35
CA VAL F 209 -61.01 -23.59 27.55
C VAL F 209 -61.13 -22.38 28.46
N PRO F 210 -60.86 -22.56 29.75
CA PRO F 210 -60.90 -21.39 30.63
C PRO F 210 -59.84 -20.36 30.23
N GLY F 211 -60.20 -19.08 30.33
CA GLY F 211 -59.25 -18.00 30.10
C GLY F 211 -58.68 -17.42 31.38
N THR F 212 -58.70 -18.17 32.47
CA THR F 212 -58.20 -17.70 33.76
C THR F 212 -56.67 -17.82 33.90
N GLY F 213 -56.01 -18.48 32.94
CA GLY F 213 -54.56 -18.35 32.81
C GLY F 213 -53.79 -19.62 32.58
N LYS F 214 -54.20 -20.70 33.20
CA LYS F 214 -53.41 -21.93 33.14
C LYS F 214 -53.49 -22.63 31.78
N TRP F 215 -54.47 -22.28 30.95
CA TRP F 215 -54.64 -22.88 29.63
C TRP F 215 -54.22 -21.97 28.48
N ASP F 216 -53.61 -20.84 28.80
CA ASP F 216 -53.09 -19.95 27.75
C ASP F 216 -52.07 -20.71 26.90
N TRP F 217 -51.95 -20.32 25.65
CA TRP F 217 -50.97 -20.92 24.77
C TRP F 217 -49.59 -20.70 25.36
N LYS F 218 -48.70 -21.68 25.17
CA LYS F 218 -47.29 -21.52 25.47
C LYS F 218 -46.64 -20.50 24.53
N GLY F 219 -47.12 -20.43 23.30
CA GLY F 219 -46.55 -19.58 22.26
C GLY F 219 -47.02 -20.15 20.94
N LEU F 220 -46.30 -19.86 19.86
CA LEU F 220 -46.59 -20.46 18.55
C LEU F 220 -45.56 -21.55 18.25
N LEU F 221 -46.00 -22.61 17.58
CA LEU F 221 -45.13 -23.68 17.10
C LEU F 221 -44.26 -23.14 15.99
N SER F 222 -43.09 -23.73 15.79
CA SER F 222 -42.18 -23.19 14.77
C SER F 222 -42.62 -23.65 13.37
N PHE F 223 -42.24 -22.85 12.36
CA PHE F 223 -42.38 -23.20 10.96
C PHE F 223 -41.83 -24.60 10.65
N ASP F 224 -40.83 -25.02 11.41
CA ASP F 224 -40.28 -26.37 11.24
C ASP F 224 -41.36 -27.46 11.27
N LEU F 225 -42.38 -27.30 12.10
CA LEU F 225 -43.46 -28.30 12.20
C LEU F 225 -44.51 -28.20 11.11
N ASN F 226 -44.64 -27.05 10.46
CA ASN F 226 -45.59 -26.93 9.34
C ASN F 226 -45.29 -27.98 8.26
N PRO F 227 -46.31 -28.76 7.86
CA PRO F 227 -46.16 -29.77 6.81
C PRO F 227 -45.66 -29.17 5.49
N LYS F 228 -44.66 -29.82 4.90
CA LYS F 228 -44.02 -29.31 3.69
C LYS F 228 -43.39 -30.49 2.97
N VAL F 229 -43.26 -30.36 1.65
CA VAL F 229 -42.46 -31.30 0.88
C VAL F 229 -41.98 -30.68 -0.43
N TYR F 230 -40.79 -31.14 -0.84
CA TYR F 230 -40.11 -30.68 -2.04
C TYR F 230 -39.76 -31.87 -2.92
N ASN F 231 -40.20 -31.85 -4.18
CA ASN F 231 -39.95 -32.95 -5.12
C ASN F 231 -40.26 -34.29 -4.48
N PRO F 232 -41.54 -34.58 -4.25
CA PRO F 232 -41.91 -35.85 -3.66
C PRO F 232 -41.73 -37.00 -4.65
N GLN F 233 -41.51 -38.20 -4.15
CA GLN F 233 -41.32 -39.35 -5.02
C GLN F 233 -42.61 -39.72 -5.79
N SER F 234 -43.75 -39.11 -5.44
CA SER F 234 -44.98 -39.29 -6.18
C SER F 234 -44.90 -38.61 -7.54
N GLY F 235 -44.14 -37.53 -7.64
CA GLY F 235 -44.07 -36.74 -8.88
C GLY F 235 -45.11 -35.65 -9.00
N TYR F 236 -46.11 -35.68 -8.12
CA TYR F 236 -47.15 -34.65 -8.12
C TYR F 236 -47.54 -34.23 -6.72
N ILE F 237 -48.13 -33.03 -6.67
CA ILE F 237 -48.78 -32.52 -5.46
C ILE F 237 -50.23 -32.19 -5.80
N ALA F 238 -51.16 -32.80 -5.06
CA ALA F 238 -52.61 -32.66 -5.31
C ALA F 238 -53.37 -32.29 -4.06
N ASN F 239 -54.28 -31.32 -4.18
CA ASN F 239 -55.04 -30.87 -3.02
C ASN F 239 -56.42 -30.37 -3.38
N TRP F 240 -57.40 -30.70 -2.53
CA TRP F 240 -58.76 -30.17 -2.65
C TRP F 240 -59.30 -29.84 -1.25
N ASN F 241 -58.52 -29.06 -0.50
CA ASN F 241 -58.80 -28.73 0.93
C ASN F 241 -58.79 -29.95 1.83
N ASN F 242 -58.14 -31.02 1.38
CA ASN F 242 -57.96 -32.23 2.16
C ASN F 242 -56.80 -32.10 3.12
N SER F 243 -56.63 -33.10 3.99
CA SER F 243 -55.51 -33.12 4.96
C SER F 243 -54.18 -32.95 4.26
N PRO F 244 -53.30 -32.13 4.83
CA PRO F 244 -51.99 -31.96 4.21
C PRO F 244 -51.02 -33.13 4.45
N GLN F 245 -51.21 -33.89 5.53
CA GLN F 245 -50.15 -34.75 5.99
C GLN F 245 -50.66 -35.69 7.05
N LYS F 246 -50.22 -36.95 6.95
CA LYS F 246 -50.69 -37.99 7.86
C LYS F 246 -50.63 -37.51 9.29
N ASP F 247 -51.70 -37.76 10.03
CA ASP F 247 -51.85 -37.37 11.43
C ASP F 247 -51.94 -35.87 11.73
N TYR F 248 -52.10 -35.04 10.71
CA TYR F 248 -52.32 -33.59 10.93
C TYR F 248 -53.78 -33.26 11.29
N PRO F 249 -53.99 -32.51 12.36
CA PRO F 249 -55.37 -32.21 12.74
C PRO F 249 -55.96 -31.01 12.02
N ALA F 250 -57.24 -31.15 11.66
CA ALA F 250 -58.01 -30.10 10.96
C ALA F 250 -58.69 -29.14 11.91
N SER F 251 -59.25 -28.09 11.29
CA SER F 251 -60.18 -27.14 11.90
C SER F 251 -61.14 -27.77 12.87
N ASP F 252 -61.55 -27.01 13.89
CA ASP F 252 -62.52 -27.51 14.87
C ASP F 252 -63.98 -27.42 14.42
N LEU F 253 -64.25 -26.76 13.32
CA LEU F 253 -65.59 -26.76 12.70
C LEU F 253 -66.25 -28.14 12.73
N PHE F 254 -67.45 -28.24 13.31
CA PHE F 254 -68.14 -29.54 13.38
C PHE F 254 -68.47 -30.12 12.02
N ALA F 255 -68.67 -29.23 11.06
CA ALA F 255 -69.13 -29.60 9.72
C ALA F 255 -67.98 -29.91 8.79
N PHE F 256 -66.78 -30.08 9.33
CA PHE F 256 -65.56 -30.21 8.53
C PHE F 256 -64.72 -31.36 9.02
N LEU F 257 -64.42 -32.29 8.12
CA LEU F 257 -63.68 -33.48 8.47
C LEU F 257 -62.76 -33.85 7.32
N TRP F 258 -61.57 -34.32 7.69
CA TRP F 258 -60.71 -35.07 6.81
C TRP F 258 -60.79 -36.54 7.24
N GLY F 259 -61.32 -37.38 6.37
CA GLY F 259 -61.39 -38.81 6.69
C GLY F 259 -61.24 -39.67 5.48
N GLY F 260 -61.58 -40.95 5.63
CA GLY F 260 -61.51 -41.90 4.50
C GLY F 260 -62.04 -41.32 3.20
N ALA F 261 -63.18 -40.65 3.27
CA ALA F 261 -63.84 -40.11 2.08
C ALA F 261 -63.39 -38.69 1.94
N ASP F 262 -62.75 -38.41 0.81
CA ASP F 262 -62.27 -37.10 0.49
C ASP F 262 -62.26 -36.94 -1.02
N ARG F 263 -62.70 -35.78 -1.46
CA ARG F 263 -62.85 -35.53 -2.87
C ARG F 263 -61.52 -35.45 -3.62
N VAL F 264 -60.42 -35.21 -2.90
CA VAL F 264 -59.09 -35.16 -3.54
C VAL F 264 -58.75 -36.48 -4.23
N THR F 265 -59.27 -37.58 -3.70
CA THR F 265 -59.11 -38.92 -4.29
C THR F 265 -59.59 -38.96 -5.76
N GLU F 266 -60.50 -38.06 -6.14
CA GLU F 266 -60.91 -37.95 -7.55
C GLU F 266 -59.80 -37.43 -8.43
N ILE F 267 -58.92 -36.58 -7.88
CA ILE F 267 -57.75 -36.06 -8.63
C ILE F 267 -56.61 -37.09 -8.63
N ASP F 268 -56.25 -37.59 -7.45
CA ASP F 268 -55.31 -38.70 -7.33
C ASP F 268 -55.56 -39.77 -8.39
N THR F 269 -56.80 -40.25 -8.47
CA THR F 269 -57.14 -41.34 -9.40
C THR F 269 -56.86 -40.95 -10.84
N THR F 270 -57.25 -39.74 -11.28
CA THR F 270 -56.93 -39.33 -12.66
C THR F 270 -55.42 -39.32 -12.90
N LEU F 271 -54.69 -38.71 -11.96
CA LEU F 271 -53.25 -38.52 -12.11
C LEU F 271 -52.45 -39.82 -12.10
N ASP F 272 -52.81 -40.76 -11.22
CA ASP F 272 -52.19 -42.09 -11.18
C ASP F 272 -52.43 -42.99 -12.39
N LYS F 273 -53.41 -42.66 -13.24
CA LYS F 273 -53.77 -43.55 -14.38
C LYS F 273 -52.66 -43.52 -15.41
N GLN F 274 -52.41 -42.34 -15.94
CA GLN F 274 -51.39 -42.11 -16.91
C GLN F 274 -50.02 -41.67 -16.32
N PRO F 275 -48.91 -42.33 -16.71
CA PRO F 275 -47.61 -41.95 -16.10
C PRO F 275 -47.16 -40.53 -16.39
N ARG F 276 -47.60 -39.93 -17.49
CA ARG F 276 -47.22 -38.57 -17.80
C ARG F 276 -48.33 -37.73 -18.41
N PHE F 277 -48.20 -36.43 -18.25
CA PHE F 277 -49.26 -35.49 -18.57
C PHE F 277 -48.72 -34.34 -19.37
N THR F 278 -49.29 -34.12 -20.54
CA THR F 278 -48.97 -32.91 -21.29
C THR F 278 -49.73 -31.76 -20.65
N ALA F 279 -49.52 -30.55 -21.17
CA ALA F 279 -50.24 -29.39 -20.69
C ALA F 279 -51.73 -29.60 -20.91
N ASP F 280 -52.13 -29.85 -22.15
CA ASP F 280 -53.55 -30.01 -22.48
C ASP F 280 -54.25 -31.06 -21.59
N GLN F 281 -53.59 -32.17 -21.35
CA GLN F 281 -54.14 -33.22 -20.50
C GLN F 281 -54.30 -32.76 -19.05
N ALA F 282 -53.38 -31.93 -18.59
CA ALA F 282 -53.39 -31.43 -17.20
C ALA F 282 -54.48 -30.39 -16.99
N TRP F 283 -54.73 -29.58 -18.02
CA TRP F 283 -55.84 -28.65 -18.01
C TRP F 283 -57.19 -29.37 -18.19
N ASP F 284 -57.15 -30.53 -18.79
CA ASP F 284 -58.36 -31.29 -19.02
C ASP F 284 -58.81 -32.01 -17.76
N VAL F 285 -57.99 -32.01 -16.71
CA VAL F 285 -58.43 -32.57 -15.43
C VAL F 285 -59.57 -31.70 -14.86
N ILE F 286 -59.59 -30.41 -15.20
CA ILE F 286 -60.61 -29.49 -14.71
C ILE F 286 -62.01 -29.94 -15.14
N ARG F 287 -62.14 -30.18 -16.44
CA ARG F 287 -63.37 -30.69 -17.05
C ARG F 287 -63.79 -31.96 -16.35
N GLN F 288 -62.87 -32.89 -16.23
CA GLN F 288 -63.15 -34.15 -15.57
C GLN F 288 -63.67 -33.95 -14.15
N THR F 289 -62.98 -33.14 -13.36
CA THR F 289 -63.39 -32.92 -11.97
C THR F 289 -64.66 -32.08 -11.88
N SER F 290 -64.79 -31.10 -12.77
CA SER F 290 -65.98 -30.27 -12.86
C SER F 290 -67.26 -31.06 -12.80
N ARG F 291 -67.25 -32.27 -13.34
CA ARG F 291 -68.48 -33.02 -13.57
C ARG F 291 -68.59 -34.29 -12.78
N ARG F 292 -67.51 -34.64 -12.08
CA ARG F 292 -67.48 -35.86 -11.29
C ARG F 292 -68.50 -35.86 -10.13
N ASP F 293 -69.46 -36.77 -10.14
CA ASP F 293 -70.22 -37.05 -8.92
C ASP F 293 -69.25 -37.59 -7.90
N LEU F 294 -69.22 -36.94 -6.74
CA LEU F 294 -68.23 -37.21 -5.72
C LEU F 294 -68.56 -38.39 -4.82
N ASN F 295 -69.82 -38.84 -4.88
CA ASN F 295 -70.35 -39.83 -3.94
C ASN F 295 -70.48 -41.22 -4.51
N LEU F 296 -70.59 -41.32 -5.83
CA LEU F 296 -70.73 -42.59 -6.49
C LEU F 296 -69.68 -43.59 -5.99
N ARG F 297 -68.42 -43.19 -6.08
CA ARG F 297 -67.29 -44.03 -5.66
C ARG F 297 -67.38 -44.58 -4.24
N LEU F 298 -67.95 -43.78 -3.34
CA LEU F 298 -67.93 -44.06 -1.93
C LEU F 298 -68.95 -45.10 -1.55
N PHE F 299 -70.11 -45.10 -2.23
CA PHE F 299 -71.23 -45.91 -1.78
C PHE F 299 -71.66 -47.04 -2.69
N LEU F 300 -71.33 -46.94 -3.98
CA LEU F 300 -71.71 -47.98 -4.93
C LEU F 300 -71.32 -49.40 -4.49
N PRO F 301 -70.13 -49.59 -3.91
CA PRO F 301 -69.88 -50.92 -3.35
C PRO F 301 -70.91 -51.41 -2.34
N ALA F 302 -71.26 -50.60 -1.36
CA ALA F 302 -72.26 -51.00 -0.37
C ALA F 302 -73.62 -51.26 -1.01
N LEU F 303 -73.95 -50.47 -2.03
CA LEU F 303 -75.23 -50.61 -2.72
C LEU F 303 -75.31 -51.92 -3.49
N LYS F 304 -74.27 -52.21 -4.27
CA LYS F 304 -74.14 -53.51 -4.95
C LYS F 304 -74.29 -54.65 -3.96
N ASP F 305 -73.41 -54.71 -2.95
CA ASP F 305 -73.51 -55.78 -1.93
C ASP F 305 -74.93 -55.90 -1.39
N ALA F 306 -75.59 -54.77 -1.15
CA ALA F 306 -76.88 -54.79 -0.47
C ALA F 306 -78.01 -55.35 -1.32
N THR F 307 -77.94 -55.16 -2.64
CA THR F 307 -79.01 -55.55 -3.56
C THR F 307 -78.73 -56.78 -4.44
N ALA F 308 -77.60 -57.42 -4.21
CA ALA F 308 -77.15 -58.51 -5.04
C ALA F 308 -78.16 -59.62 -5.18
N ASN F 309 -78.85 -59.95 -4.10
CA ASN F 309 -79.77 -61.05 -4.14
C ASN F 309 -81.21 -60.63 -4.13
N LEU F 310 -81.47 -59.48 -4.73
CA LEU F 310 -82.82 -59.01 -4.93
C LEU F 310 -83.18 -59.30 -6.37
N ALA F 311 -84.41 -59.68 -6.62
CA ALA F 311 -84.80 -60.08 -7.96
C ALA F 311 -84.38 -59.00 -8.95
N GLU F 312 -83.94 -59.40 -10.14
CA GLU F 312 -83.51 -58.46 -11.18
C GLU F 312 -84.55 -57.38 -11.51
N ASN F 313 -85.80 -57.62 -11.14
CA ASN F 313 -86.85 -56.69 -11.47
C ASN F 313 -87.24 -55.80 -10.31
N ASP F 314 -86.79 -56.15 -9.10
CA ASP F 314 -86.98 -55.31 -7.94
C ASP F 314 -86.54 -53.91 -8.32
N PRO F 315 -87.41 -52.90 -8.13
CA PRO F 315 -87.04 -51.54 -8.55
C PRO F 315 -85.76 -51.03 -7.87
N ARG F 316 -85.56 -51.43 -6.62
CA ARG F 316 -84.34 -51.09 -5.90
C ARG F 316 -83.11 -51.58 -6.64
N ARG F 317 -83.18 -52.78 -7.23
CA ARG F 317 -82.08 -53.28 -8.00
C ARG F 317 -81.94 -52.51 -9.30
N GLN F 318 -83.06 -52.15 -9.92
CA GLN F 318 -83.03 -51.40 -11.17
C GLN F 318 -82.24 -50.10 -10.98
N LEU F 319 -82.42 -49.48 -9.81
CA LEU F 319 -81.68 -48.27 -9.41
C LEU F 319 -80.17 -48.51 -9.29
N VAL F 320 -79.77 -49.53 -8.53
CA VAL F 320 -78.34 -49.84 -8.36
C VAL F 320 -77.68 -50.30 -9.66
N ASP F 321 -78.37 -51.15 -10.42
CA ASP F 321 -77.84 -51.63 -11.71
C ASP F 321 -77.57 -50.47 -12.65
N LYS F 322 -78.48 -49.51 -12.64
CA LYS F 322 -78.34 -48.32 -13.47
C LYS F 322 -77.14 -47.44 -13.03
N LEU F 323 -76.90 -47.32 -11.72
CA LEU F 323 -75.74 -46.57 -11.21
C LEU F 323 -74.44 -47.28 -11.61
N ALA F 324 -74.42 -48.61 -11.49
CA ALA F 324 -73.28 -49.43 -11.89
C ALA F 324 -72.97 -49.28 -13.35
N SER F 325 -73.97 -48.88 -14.13
CA SER F 325 -73.84 -48.67 -15.56
C SER F 325 -73.33 -47.27 -15.90
N TRP F 326 -73.04 -46.46 -14.87
CA TRP F 326 -72.73 -45.06 -15.05
C TRP F 326 -71.24 -44.80 -14.79
N ASP F 327 -70.65 -43.93 -15.60
CA ASP F 327 -69.25 -43.50 -15.45
C ASP F 327 -69.11 -42.38 -14.41
N GLY F 328 -70.22 -41.92 -13.87
CA GLY F 328 -70.20 -40.97 -12.77
C GLY F 328 -69.83 -39.57 -13.19
N GLU F 329 -69.95 -39.28 -14.48
CA GLU F 329 -69.72 -37.95 -14.96
C GLU F 329 -71.00 -37.37 -15.51
N ASN F 330 -71.33 -36.17 -15.02
CA ASN F 330 -72.57 -35.51 -15.41
C ASN F 330 -72.39 -34.67 -16.66
N LEU F 331 -73.26 -34.91 -17.64
CA LEU F 331 -73.34 -34.07 -18.84
C LEU F 331 -74.78 -33.61 -19.04
N VAL F 332 -74.94 -32.42 -19.61
CA VAL F 332 -76.26 -31.84 -19.81
C VAL F 332 -76.80 -32.26 -21.19
N ASN F 333 -78.12 -32.39 -21.28
CA ASN F 333 -78.79 -32.72 -22.54
C ASN F 333 -78.89 -31.51 -23.46
N ASP F 334 -79.36 -31.74 -24.67
CA ASP F 334 -79.46 -30.66 -25.66
C ASP F 334 -80.48 -29.60 -25.23
N ASP F 335 -81.47 -30.01 -24.44
CA ASP F 335 -82.44 -29.07 -23.87
C ASP F 335 -81.79 -28.01 -22.96
N GLY F 336 -80.52 -28.22 -22.59
CA GLY F 336 -79.77 -27.28 -21.75
C GLY F 336 -80.24 -27.25 -20.31
N LYS F 337 -81.03 -28.25 -19.89
CA LYS F 337 -81.72 -28.16 -18.60
C LYS F 337 -81.80 -29.46 -17.75
N THR F 338 -81.55 -30.62 -18.34
CA THR F 338 -81.55 -31.90 -17.60
C THR F 338 -80.26 -32.68 -17.80
N TYR F 339 -79.93 -33.54 -16.83
CA TYR F 339 -78.74 -34.39 -16.92
C TYR F 339 -79.03 -35.63 -17.74
N GLN F 340 -78.09 -36.02 -18.58
CA GLN F 340 -78.16 -37.24 -19.40
C GLN F 340 -78.41 -38.49 -18.58
N GLN F 341 -77.81 -38.54 -17.39
CA GLN F 341 -78.00 -39.64 -16.48
C GLN F 341 -78.73 -39.12 -15.27
N PRO F 342 -79.42 -40.00 -14.55
CA PRO F 342 -80.15 -39.63 -13.37
C PRO F 342 -79.41 -39.98 -12.07
N GLY F 343 -78.10 -40.24 -12.17
CA GLY F 343 -77.35 -40.86 -11.06
C GLY F 343 -77.21 -39.98 -9.83
N SER F 344 -77.00 -38.68 -10.04
CA SER F 344 -76.89 -37.76 -8.90
C SER F 344 -78.19 -37.69 -8.10
N ALA F 345 -79.31 -37.51 -8.79
CA ALA F 345 -80.62 -37.50 -8.15
C ALA F 345 -80.87 -38.75 -7.34
N ILE F 346 -80.48 -39.89 -7.87
CA ILE F 346 -80.64 -41.15 -7.16
C ILE F 346 -79.85 -41.17 -5.85
N LEU F 347 -78.56 -40.84 -5.97
CA LEU F 347 -77.70 -40.86 -4.80
C LEU F 347 -78.18 -39.88 -3.74
N ASN F 348 -78.61 -38.72 -4.18
CA ASN F 348 -79.16 -37.74 -3.27
C ASN F 348 -80.32 -38.25 -2.41
N ALA F 349 -81.32 -38.81 -3.09
CA ALA F 349 -82.50 -39.34 -2.41
C ALA F 349 -82.10 -40.42 -1.41
N TRP F 350 -81.35 -41.42 -1.90
CA TRP F 350 -80.88 -42.53 -1.08
C TRP F 350 -80.11 -42.08 0.16
N LEU F 351 -79.21 -41.12 -0.07
CA LEU F 351 -78.32 -40.64 0.97
C LEU F 351 -79.09 -39.83 1.99
N THR F 352 -80.01 -39.01 1.53
CA THR F 352 -80.81 -38.21 2.44
C THR F 352 -81.50 -39.16 3.43
N SER F 353 -82.14 -40.19 2.89
CA SER F 353 -82.83 -41.19 3.70
C SER F 353 -81.82 -41.92 4.59
N MET F 354 -80.71 -42.30 4.00
CA MET F 354 -79.63 -43.00 4.66
C MET F 354 -79.16 -42.23 5.89
N LEU F 355 -79.01 -40.92 5.76
CA LEU F 355 -78.44 -40.13 6.84
C LEU F 355 -79.41 -39.94 7.98
N LYS F 356 -80.65 -39.65 7.64
CA LYS F 356 -81.70 -39.58 8.66
C LYS F 356 -81.78 -40.87 9.46
N ARG F 357 -81.57 -41.99 8.78
CA ARG F 357 -81.70 -43.29 9.41
C ARG F 357 -80.54 -43.66 10.33
N THR F 358 -79.38 -43.03 10.09
CA THR F 358 -78.15 -43.36 10.80
C THR F 358 -77.63 -42.26 11.74
N VAL F 359 -76.90 -41.30 11.16
CA VAL F 359 -76.17 -40.32 11.94
C VAL F 359 -77.15 -39.44 12.68
N VAL F 360 -78.11 -38.89 11.92
CA VAL F 360 -79.07 -37.95 12.48
C VAL F 360 -79.85 -38.61 13.59
N ALA F 361 -80.13 -39.89 13.43
CA ALA F 361 -80.89 -40.62 14.44
C ALA F 361 -80.07 -40.86 15.68
N ALA F 362 -78.75 -40.80 15.55
CA ALA F 362 -77.83 -40.99 16.67
C ALA F 362 -77.57 -39.69 17.40
N VAL F 363 -77.93 -38.56 16.80
CA VAL F 363 -77.62 -37.27 17.38
C VAL F 363 -78.91 -36.61 17.85
N PRO F 364 -78.95 -36.19 19.13
CA PRO F 364 -80.09 -35.49 19.71
C PRO F 364 -80.44 -34.21 18.99
N ALA F 365 -81.73 -33.96 18.87
CA ALA F 365 -82.21 -32.69 18.31
C ALA F 365 -81.82 -31.57 19.29
N PRO F 366 -81.57 -30.39 18.78
CA PRO F 366 -81.60 -29.96 17.38
C PRO F 366 -80.25 -30.05 16.66
N PHE F 367 -79.41 -31.03 17.01
CA PHE F 367 -78.05 -31.10 16.50
C PHE F 367 -77.91 -32.07 15.34
N GLY F 368 -78.79 -33.06 15.28
CA GLY F 368 -78.76 -34.08 14.25
C GLY F 368 -78.81 -33.50 12.85
N LYS F 369 -79.46 -32.36 12.70
CA LYS F 369 -79.64 -31.77 11.38
C LYS F 369 -78.33 -31.24 10.82
N TRP F 370 -77.32 -31.09 11.67
CA TRP F 370 -75.99 -30.75 11.18
C TRP F 370 -75.44 -31.83 10.23
N TYR F 371 -75.99 -33.03 10.35
CA TYR F 371 -75.52 -34.19 9.61
C TYR F 371 -76.54 -34.73 8.63
N SER F 372 -77.60 -33.97 8.35
CA SER F 372 -78.65 -34.46 7.46
C SER F 372 -78.39 -34.15 5.98
N ALA F 373 -77.42 -33.32 5.66
CA ALA F 373 -77.20 -32.91 4.26
C ALA F 373 -76.45 -33.95 3.39
N SER F 374 -77.00 -34.23 2.22
CA SER F 374 -76.39 -35.11 1.24
C SER F 374 -75.22 -34.48 0.46
N GLY F 375 -75.17 -33.16 0.39
CA GLY F 375 -74.18 -32.47 -0.42
C GLY F 375 -74.70 -31.95 -1.75
N TYR F 376 -75.92 -32.37 -2.15
CA TYR F 376 -76.52 -31.97 -3.43
C TYR F 376 -77.58 -30.85 -3.33
N GLU F 377 -77.89 -30.40 -2.12
CA GLU F 377 -78.97 -29.40 -1.91
C GLU F 377 -78.80 -28.10 -2.76
N THR F 378 -79.78 -27.75 -3.57
CA THR F 378 -79.60 -26.72 -4.59
C THR F 378 -80.91 -26.03 -5.01
N THR F 379 -80.82 -24.90 -5.71
CA THR F 379 -82.00 -24.27 -6.30
C THR F 379 -81.75 -24.04 -7.79
N GLN F 380 -82.75 -23.48 -8.47
CA GLN F 380 -82.65 -22.94 -9.83
C GLN F 380 -81.29 -22.30 -10.09
N ASP F 381 -80.91 -21.41 -9.19
CA ASP F 381 -79.72 -20.60 -9.36
C ASP F 381 -78.40 -21.35 -9.10
N GLY F 382 -78.47 -22.53 -8.51
CA GLY F 382 -77.31 -23.40 -8.42
C GLY F 382 -76.56 -23.29 -7.11
N PRO F 383 -75.59 -24.19 -6.88
CA PRO F 383 -74.75 -24.02 -5.71
C PRO F 383 -74.03 -22.69 -5.75
N THR F 384 -73.66 -22.21 -4.58
CA THR F 384 -72.95 -20.98 -4.44
C THR F 384 -71.45 -21.17 -4.31
N GLY F 385 -71.01 -22.41 -4.15
CA GLY F 385 -69.59 -22.72 -4.06
C GLY F 385 -69.30 -24.10 -4.60
N SER F 386 -68.29 -24.75 -4.03
CA SER F 386 -67.88 -26.05 -4.53
C SER F 386 -68.88 -27.07 -4.08
N LEU F 387 -68.85 -28.24 -4.72
CA LEU F 387 -69.53 -29.41 -4.19
C LEU F 387 -68.55 -30.29 -3.46
N ASN F 388 -69.05 -30.98 -2.45
CA ASN F 388 -68.19 -31.77 -1.59
C ASN F 388 -68.93 -32.97 -1.05
N ILE F 389 -68.20 -33.89 -0.42
CA ILE F 389 -68.83 -34.94 0.33
C ILE F 389 -69.29 -34.33 1.66
N SER F 390 -70.57 -34.46 1.98
CA SER F 390 -71.10 -33.89 3.24
C SER F 390 -70.49 -34.50 4.50
N VAL F 391 -70.57 -33.77 5.60
CA VAL F 391 -70.12 -34.30 6.91
C VAL F 391 -70.81 -35.60 7.23
N GLY F 392 -72.12 -35.63 7.01
CA GLY F 392 -72.87 -36.83 7.25
C GLY F 392 -72.34 -37.99 6.42
N ALA F 393 -72.07 -37.73 5.14
CA ALA F 393 -71.61 -38.80 4.24
C ALA F 393 -70.31 -39.36 4.80
N LYS F 394 -69.38 -38.48 5.14
CA LYS F 394 -68.11 -38.90 5.66
C LYS F 394 -68.26 -39.79 6.90
N ILE F 395 -69.17 -39.43 7.80
CA ILE F 395 -69.34 -40.22 9.04
C ILE F 395 -69.96 -41.57 8.73
N LEU F 396 -70.94 -41.57 7.83
CA LEU F 396 -71.57 -42.78 7.32
C LEU F 396 -70.56 -43.72 6.70
N TYR F 397 -69.72 -43.14 5.85
CA TYR F 397 -68.68 -43.90 5.14
C TYR F 397 -67.81 -44.69 6.11
N GLU F 398 -67.34 -44.05 7.17
CA GLU F 398 -66.57 -44.77 8.20
C GLU F 398 -67.38 -45.95 8.75
N ALA F 399 -68.68 -45.76 8.95
CA ALA F 399 -69.55 -46.83 9.45
C ALA F 399 -69.68 -48.02 8.50
N LEU F 400 -69.67 -47.74 7.19
CA LEU F 400 -69.77 -48.77 6.16
C LEU F 400 -68.49 -49.58 5.98
N GLN F 401 -67.34 -48.94 6.15
CA GLN F 401 -66.04 -49.62 6.23
C GLN F 401 -65.98 -50.57 7.43
N GLY F 402 -66.81 -50.32 8.43
CA GLY F 402 -66.79 -51.11 9.65
C GLY F 402 -65.40 -51.21 10.21
N ASP F 403 -64.90 -52.44 10.32
CA ASP F 403 -63.60 -52.70 10.91
C ASP F 403 -62.43 -52.27 10.04
N LYS F 404 -62.68 -52.02 8.76
CA LYS F 404 -61.72 -51.33 7.89
C LYS F 404 -61.43 -49.84 8.28
N SER F 405 -62.31 -49.22 9.07
CA SER F 405 -62.12 -47.84 9.53
C SER F 405 -61.34 -47.76 10.84
N PRO F 406 -60.43 -46.78 10.94
CA PRO F 406 -59.67 -46.54 12.16
C PRO F 406 -60.47 -45.87 13.26
N ILE F 407 -61.65 -45.34 12.94
CA ILE F 407 -62.43 -44.62 13.94
C ILE F 407 -63.30 -45.62 14.68
N PRO F 408 -63.12 -45.73 16.01
CA PRO F 408 -64.00 -46.55 16.83
C PRO F 408 -65.44 -46.07 16.82
N GLN F 409 -66.37 -46.94 16.45
CA GLN F 409 -67.80 -46.60 16.39
C GLN F 409 -68.38 -46.80 17.79
N ALA F 410 -68.28 -45.75 18.60
CA ALA F 410 -68.91 -45.75 19.92
C ALA F 410 -70.40 -46.11 19.88
N VAL F 411 -71.12 -45.62 18.88
CA VAL F 411 -72.50 -46.06 18.64
C VAL F 411 -72.55 -46.73 17.30
N ASP F 412 -73.31 -47.82 17.25
CA ASP F 412 -73.58 -48.47 16.00
C ASP F 412 -74.59 -47.59 15.23
N LEU F 413 -74.12 -46.92 14.19
CA LEU F 413 -75.03 -46.06 13.43
C LEU F 413 -76.20 -46.80 12.80
N PHE F 414 -76.12 -48.13 12.75
CA PHE F 414 -77.20 -48.96 12.20
C PHE F 414 -78.08 -49.58 13.27
N GLY F 415 -78.04 -49.02 14.49
CA GLY F 415 -79.00 -49.39 15.55
C GLY F 415 -79.13 -50.88 15.72
N GLY F 416 -78.00 -51.59 15.65
CA GLY F 416 -77.98 -53.02 15.87
C GLY F 416 -78.64 -53.85 14.81
N LYS F 417 -78.91 -53.25 13.64
CA LYS F 417 -79.46 -53.97 12.49
C LYS F 417 -78.34 -54.15 11.48
N PRO F 418 -78.45 -55.13 10.59
CA PRO F 418 -77.45 -55.20 9.53
C PRO F 418 -77.49 -53.95 8.65
N GLN F 419 -76.31 -53.48 8.24
CA GLN F 419 -76.22 -52.32 7.31
C GLN F 419 -77.07 -52.55 6.04
N GLN F 420 -77.14 -53.81 5.59
CA GLN F 420 -77.95 -54.18 4.42
C GLN F 420 -79.43 -53.81 4.57
N GLU F 421 -79.99 -54.03 5.76
CA GLU F 421 -81.43 -53.79 5.97
C GLU F 421 -81.76 -52.30 5.82
N VAL F 422 -80.85 -51.46 6.31
CA VAL F 422 -81.03 -50.01 6.26
C VAL F 422 -80.83 -49.50 4.84
N ILE F 423 -79.77 -49.98 4.19
CA ILE F 423 -79.49 -49.58 2.81
C ILE F 423 -80.71 -49.80 1.94
N LEU F 424 -81.37 -50.94 2.12
CA LEU F 424 -82.55 -51.25 1.33
C LEU F 424 -83.72 -50.33 1.70
N ALA F 425 -83.95 -50.16 2.99
CA ALA F 425 -84.99 -49.22 3.43
C ALA F 425 -84.82 -47.85 2.76
N ALA F 426 -83.58 -47.38 2.66
CA ALA F 426 -83.30 -46.10 2.04
C ALA F 426 -83.52 -46.11 0.54
N LEU F 427 -83.13 -47.20 -0.09
CA LEU F 427 -83.43 -47.40 -1.51
C LEU F 427 -84.93 -47.38 -1.78
N ASP F 428 -85.68 -48.08 -0.95
CA ASP F 428 -87.13 -48.03 -1.05
C ASP F 428 -87.63 -46.57 -1.09
N ASP F 429 -87.21 -45.77 -0.10
CA ASP F 429 -87.59 -44.35 -0.03
C ASP F 429 -87.24 -43.59 -1.29
N ALA F 430 -86.03 -43.81 -1.78
CA ALA F 430 -85.57 -43.07 -2.96
C ALA F 430 -86.42 -43.44 -4.17
N TRP F 431 -86.64 -44.75 -4.32
CA TRP F 431 -87.46 -45.25 -5.39
C TRP F 431 -88.86 -44.68 -5.31
N GLN F 432 -89.43 -44.70 -4.11
CA GLN F 432 -90.75 -44.13 -3.85
C GLN F 432 -90.84 -42.69 -4.35
N THR F 433 -89.91 -41.84 -3.93
CA THR F 433 -89.96 -40.42 -4.29
C THR F 433 -89.68 -40.16 -5.77
N LEU F 434 -88.72 -40.89 -6.33
CA LEU F 434 -88.29 -40.61 -7.67
C LEU F 434 -89.29 -41.14 -8.71
N SER F 435 -89.80 -42.35 -8.49
CA SER F 435 -90.79 -42.94 -9.40
C SER F 435 -92.05 -42.09 -9.44
N LYS F 436 -92.53 -41.61 -8.29
CA LYS F 436 -93.66 -40.67 -8.28
C LYS F 436 -93.47 -39.45 -9.18
N ARG F 437 -92.24 -38.97 -9.34
CA ARG F 437 -92.01 -37.82 -10.22
C ARG F 437 -91.92 -38.31 -11.65
N TYR F 438 -91.00 -39.24 -11.89
CA TYR F 438 -90.53 -39.53 -13.26
C TYR F 438 -91.06 -40.80 -13.91
N GLY F 439 -91.81 -41.59 -13.16
CA GLY F 439 -92.37 -42.83 -13.69
C GLY F 439 -91.50 -44.03 -13.37
N ASN F 440 -91.94 -45.21 -13.78
CA ASN F 440 -91.34 -46.46 -13.30
C ASN F 440 -90.18 -46.97 -14.14
N ASP F 441 -89.74 -46.17 -15.10
CA ASP F 441 -88.70 -46.60 -16.02
C ASP F 441 -87.52 -45.66 -15.91
N VAL F 442 -86.46 -46.15 -15.28
CA VAL F 442 -85.32 -45.29 -14.97
C VAL F 442 -84.68 -44.68 -16.22
N THR F 443 -84.73 -45.43 -17.33
CA THR F 443 -84.23 -44.99 -18.62
C THR F 443 -84.91 -43.70 -19.08
N GLY F 444 -86.12 -43.45 -18.63
CA GLY F 444 -86.86 -42.26 -19.06
C GLY F 444 -86.83 -41.13 -18.06
N TRP F 445 -85.88 -41.19 -17.13
CA TRP F 445 -85.73 -40.13 -16.14
C TRP F 445 -84.78 -39.08 -16.68
N LYS F 446 -85.32 -37.88 -16.90
CA LYS F 446 -84.51 -36.70 -17.17
C LYS F 446 -84.41 -35.81 -15.92
N THR F 447 -83.41 -36.08 -15.07
CA THR F 447 -83.26 -35.38 -13.80
C THR F 447 -82.77 -33.95 -14.04
N PRO F 448 -82.98 -33.04 -13.06
CA PRO F 448 -82.59 -31.65 -13.25
C PRO F 448 -81.09 -31.44 -13.16
N ALA F 449 -80.60 -30.56 -14.04
CA ALA F 449 -79.19 -30.21 -14.08
C ALA F 449 -78.95 -29.05 -13.12
N MET F 450 -77.80 -29.05 -12.47
CA MET F 450 -77.37 -27.93 -11.62
C MET F 450 -76.93 -26.78 -12.51
N ALA F 451 -77.31 -25.56 -12.18
CA ALA F 451 -76.89 -24.39 -12.93
C ALA F 451 -75.87 -23.56 -12.14
N LEU F 452 -75.36 -22.49 -12.77
CA LEU F 452 -74.31 -21.66 -12.19
C LEU F 452 -74.69 -20.20 -12.31
N THR F 453 -74.45 -19.46 -11.24
CA THR F 453 -74.81 -18.06 -11.22
C THR F 453 -73.60 -17.21 -10.80
N PHE F 454 -73.30 -16.23 -11.64
CA PHE F 454 -72.37 -15.19 -11.30
C PHE F 454 -73.15 -14.10 -10.64
N ARG F 455 -73.00 -14.02 -9.32
CA ARG F 455 -73.85 -13.21 -8.51
C ARG F 455 -73.42 -11.76 -8.49
N ALA F 456 -74.40 -10.88 -8.47
CA ALA F 456 -74.17 -9.45 -8.34
C ALA F 456 -73.82 -9.05 -6.92
N ASN F 457 -73.91 -9.97 -5.97
CA ASN F 457 -73.45 -9.70 -4.61
C ASN F 457 -72.17 -10.40 -4.31
N ASN F 458 -71.30 -9.73 -3.58
CA ASN F 458 -70.08 -10.34 -3.10
C ASN F 458 -70.39 -11.36 -2.00
N PHE F 459 -69.36 -12.10 -1.59
CA PHE F 459 -69.58 -13.24 -0.68
C PHE F 459 -70.08 -12.79 0.68
N PHE F 460 -69.86 -11.53 1.05
CA PHE F 460 -70.47 -11.00 2.28
C PHE F 460 -72.00 -10.92 2.16
N GLY F 461 -72.52 -11.03 0.94
CA GLY F 461 -73.93 -10.76 0.70
C GLY F 461 -74.20 -9.29 0.57
N VAL F 462 -73.16 -8.53 0.21
CA VAL F 462 -73.29 -7.09 -0.04
C VAL F 462 -73.18 -6.83 -1.55
N PRO F 463 -74.13 -6.05 -2.13
CA PRO F 463 -74.15 -5.71 -3.57
C PRO F 463 -72.85 -5.13 -4.09
N GLN F 464 -72.36 -5.67 -5.21
CA GLN F 464 -71.14 -5.15 -5.85
C GLN F 464 -71.38 -4.81 -7.31
N ALA F 465 -72.66 -4.85 -7.70
CA ALA F 465 -73.10 -4.65 -9.08
C ALA F 465 -74.60 -4.52 -9.01
N ALA F 466 -75.22 -4.07 -10.09
CA ALA F 466 -76.67 -4.07 -10.19
C ALA F 466 -77.19 -5.51 -10.32
N ALA F 467 -78.38 -5.76 -9.79
CA ALA F 467 -79.00 -7.09 -9.90
C ALA F 467 -79.00 -7.64 -11.33
N LYS F 468 -79.37 -6.80 -12.30
CA LYS F 468 -79.41 -7.21 -13.71
C LYS F 468 -78.07 -7.79 -14.20
N GLU F 469 -76.97 -7.31 -13.66
CA GLU F 469 -75.63 -7.71 -14.10
C GLU F 469 -75.27 -9.17 -13.80
N ALA F 470 -76.08 -9.84 -12.98
CA ALA F 470 -75.87 -11.24 -12.60
C ALA F 470 -76.01 -12.08 -13.83
N ARG F 471 -75.25 -13.17 -13.90
CA ARG F 471 -75.18 -13.97 -15.13
C ARG F 471 -75.40 -15.44 -14.85
N HIS F 472 -76.00 -16.12 -15.82
CA HIS F 472 -76.38 -17.52 -15.69
C HIS F 472 -75.65 -18.40 -16.65
N GLN F 473 -75.10 -19.47 -16.11
CA GLN F 473 -74.52 -20.48 -16.93
C GLN F 473 -75.36 -21.75 -16.80
N ALA F 474 -75.72 -22.30 -17.95
CA ALA F 474 -76.51 -23.48 -18.00
C ALA F 474 -75.89 -24.59 -17.16
N GLU F 475 -74.59 -24.82 -17.30
CA GLU F 475 -73.94 -25.95 -16.62
C GLU F 475 -73.11 -25.56 -15.40
N TYR F 476 -73.52 -26.06 -14.23
CA TYR F 476 -72.68 -25.97 -13.01
C TYR F 476 -71.47 -26.88 -13.18
N GLN F 477 -70.34 -26.40 -12.65
CA GLN F 477 -69.04 -27.02 -12.81
C GLN F 477 -68.32 -26.94 -11.47
N ASN F 478 -67.96 -28.09 -10.90
CA ASN F 478 -67.27 -28.13 -9.63
C ASN F 478 -65.77 -27.81 -9.81
N ARG F 479 -65.51 -26.54 -10.08
CA ARG F 479 -64.19 -26.09 -10.47
C ARG F 479 -63.85 -24.78 -9.80
N GLY F 480 -62.66 -24.29 -10.11
CA GLY F 480 -62.21 -23.02 -9.57
C GLY F 480 -63.01 -21.84 -10.08
N THR F 481 -63.10 -20.82 -9.23
CA THR F 481 -63.74 -19.55 -9.58
C THR F 481 -63.02 -18.95 -10.79
N GLU F 482 -61.71 -19.17 -10.77
CA GLU F 482 -60.84 -18.88 -11.86
C GLU F 482 -60.03 -20.15 -12.04
N ASN F 483 -59.39 -20.29 -13.16
CA ASN F 483 -58.40 -21.34 -13.33
C ASN F 483 -57.16 -20.73 -13.97
N ASP F 484 -56.00 -21.26 -13.61
CA ASP F 484 -54.77 -20.90 -14.28
C ASP F 484 -53.87 -22.12 -14.39
N MET F 485 -53.03 -22.08 -15.42
CA MET F 485 -52.03 -23.09 -15.66
C MET F 485 -50.69 -22.43 -15.95
N ILE F 486 -49.61 -22.92 -15.34
CA ILE F 486 -48.27 -22.48 -15.71
C ILE F 486 -47.49 -23.69 -16.16
N VAL F 487 -46.83 -23.56 -17.30
CA VAL F 487 -45.99 -24.63 -17.87
C VAL F 487 -44.53 -24.21 -17.92
N PHE F 488 -43.65 -25.09 -17.44
CA PHE F 488 -42.23 -24.78 -17.28
C PHE F 488 -41.34 -25.56 -18.24
N SER F 489 -40.48 -24.81 -18.94
CA SER F 489 -39.55 -25.35 -19.93
C SER F 489 -40.30 -26.20 -20.95
N PRO F 490 -41.33 -25.61 -21.57
CA PRO F 490 -41.99 -26.35 -22.62
C PRO F 490 -40.99 -26.66 -23.75
N THR F 491 -40.78 -27.93 -24.03
CA THR F 491 -39.87 -28.26 -25.06
C THR F 491 -40.21 -27.59 -26.38
N SER F 492 -41.45 -27.62 -26.79
CA SER F 492 -41.84 -26.99 -28.03
C SER F 492 -42.39 -25.56 -27.88
N GLY F 493 -41.49 -24.59 -27.74
CA GLY F 493 -41.87 -23.20 -27.59
C GLY F 493 -40.67 -22.29 -27.41
N ASN F 494 -40.72 -21.04 -27.85
CA ASN F 494 -39.57 -20.17 -27.65
C ASN F 494 -39.18 -19.99 -26.19
N ARG F 495 -40.18 -19.65 -25.39
CA ARG F 495 -39.97 -19.08 -24.06
C ARG F 495 -39.83 -20.12 -22.95
N PRO F 496 -39.19 -19.76 -21.82
CA PRO F 496 -38.89 -20.74 -20.77
C PRO F 496 -40.14 -21.10 -19.94
N VAL F 497 -41.18 -20.25 -20.03
CA VAL F 497 -42.46 -20.45 -19.34
C VAL F 497 -43.64 -20.06 -20.22
N LEU F 498 -44.68 -20.90 -20.18
CA LEU F 498 -45.99 -20.54 -20.74
C LEU F 498 -47.04 -20.59 -19.62
N ALA F 499 -47.98 -19.64 -19.67
CA ALA F 499 -49.03 -19.54 -18.65
C ALA F 499 -50.35 -19.06 -19.23
N TRP F 500 -51.45 -19.63 -18.74
CA TRP F 500 -52.81 -19.26 -19.15
C TRP F 500 -53.71 -19.01 -17.94
N ASP F 501 -54.76 -18.22 -18.12
CA ASP F 501 -55.77 -18.05 -17.07
C ASP F 501 -57.16 -17.83 -17.68
N VAL F 502 -58.17 -17.70 -16.83
CA VAL F 502 -59.50 -17.26 -17.27
C VAL F 502 -60.25 -16.51 -16.18
N VAL F 503 -60.59 -15.26 -16.46
CA VAL F 503 -61.18 -14.40 -15.47
C VAL F 503 -62.57 -13.99 -15.97
N ALA F 504 -63.55 -14.85 -15.70
CA ALA F 504 -64.95 -14.61 -16.08
C ALA F 504 -65.66 -13.83 -14.99
N PRO F 505 -66.55 -12.89 -15.38
CA PRO F 505 -67.07 -12.70 -16.74
C PRO F 505 -66.14 -11.94 -17.68
N GLY F 506 -65.13 -11.29 -17.13
CA GLY F 506 -64.19 -10.50 -17.92
C GLY F 506 -63.40 -9.55 -17.03
N GLN F 507 -62.35 -8.96 -17.57
CA GLN F 507 -61.44 -8.15 -16.75
C GLN F 507 -62.12 -6.93 -16.10
N SER F 508 -62.92 -6.20 -16.86
CA SER F 508 -63.51 -4.94 -16.41
C SER F 508 -64.94 -5.13 -15.91
N GLY F 509 -65.33 -4.36 -14.90
CA GLY F 509 -66.72 -4.26 -14.51
C GLY F 509 -67.29 -2.89 -14.80
N PHE F 510 -66.76 -2.20 -15.80
CA PHE F 510 -67.14 -0.80 -16.03
C PHE F 510 -68.30 -0.62 -17.01
N ILE F 511 -69.30 0.13 -16.54
CA ILE F 511 -70.49 0.49 -17.30
C ILE F 511 -70.60 1.99 -17.22
N ALA F 512 -70.65 2.65 -18.37
CA ALA F 512 -70.57 4.12 -18.42
C ALA F 512 -71.87 4.75 -17.94
N PRO F 513 -71.85 6.06 -17.64
CA PRO F 513 -73.08 6.69 -17.15
C PRO F 513 -74.29 6.51 -18.07
N ASP F 514 -74.04 6.46 -19.38
CA ASP F 514 -75.08 6.19 -20.39
C ASP F 514 -75.47 4.70 -20.52
N GLY F 515 -74.76 3.82 -19.82
CA GLY F 515 -75.08 2.39 -19.78
C GLY F 515 -74.27 1.52 -20.73
N LYS F 516 -73.21 2.06 -21.32
CA LYS F 516 -72.44 1.31 -22.30
C LYS F 516 -71.37 0.46 -21.60
N ALA F 517 -71.54 -0.86 -21.64
CA ALA F 517 -70.58 -1.75 -21.01
C ALA F 517 -69.23 -1.66 -21.70
N ASP F 518 -68.17 -1.80 -20.93
CA ASP F 518 -66.82 -1.87 -21.48
C ASP F 518 -66.76 -3.02 -22.45
N LYS F 519 -65.77 -3.02 -23.34
CA LYS F 519 -65.61 -4.14 -24.26
C LYS F 519 -64.98 -5.35 -23.56
N HIS F 520 -64.50 -5.17 -22.32
CA HIS F 520 -63.96 -6.29 -21.54
C HIS F 520 -64.83 -6.62 -20.31
N TYR F 521 -66.11 -6.27 -20.40
CA TYR F 521 -67.11 -6.54 -19.37
C TYR F 521 -67.49 -8.02 -19.34
N ASP F 522 -67.67 -8.61 -20.52
CA ASP F 522 -68.24 -9.94 -20.69
C ASP F 522 -67.39 -10.91 -21.54
N ASP F 523 -66.24 -10.46 -22.02
CA ASP F 523 -65.55 -11.17 -23.10
C ASP F 523 -64.79 -12.43 -22.71
N GLN F 524 -64.89 -12.85 -21.45
CA GLN F 524 -64.35 -14.16 -21.03
C GLN F 524 -65.41 -15.15 -20.48
N LEU F 525 -66.67 -14.74 -20.49
CA LEU F 525 -67.76 -15.56 -19.95
C LEU F 525 -67.94 -16.88 -20.71
N ILE F 526 -68.08 -16.79 -22.03
CA ILE F 526 -68.26 -17.96 -22.88
C ILE F 526 -66.98 -18.83 -22.86
N MET F 527 -65.82 -18.17 -22.82
CA MET F 527 -64.55 -18.86 -22.65
C MET F 527 -64.51 -19.68 -21.35
N TYR F 528 -65.09 -19.16 -20.28
CA TYR F 528 -65.11 -19.90 -19.02
C TYR F 528 -65.80 -21.26 -19.17
N GLU F 529 -67.09 -21.24 -19.57
CA GLU F 529 -67.89 -22.48 -19.67
C GLU F 529 -67.38 -23.44 -20.73
N SER F 530 -66.87 -22.91 -21.83
CA SER F 530 -66.14 -23.68 -22.84
C SER F 530 -64.94 -24.52 -22.37
N PHE F 531 -64.51 -24.32 -21.13
CA PHE F 531 -63.21 -24.79 -20.63
C PHE F 531 -62.05 -24.17 -21.41
N GLY F 532 -62.28 -22.97 -21.95
CA GLY F 532 -61.27 -22.24 -22.69
C GLY F 532 -60.28 -21.54 -21.77
N ARG F 533 -59.30 -20.86 -22.38
CA ARG F 533 -58.30 -20.05 -21.66
C ARG F 533 -57.71 -18.99 -22.59
N LYS F 534 -57.02 -18.04 -21.97
CA LYS F 534 -56.31 -16.97 -22.68
C LYS F 534 -54.88 -17.06 -22.21
N SER F 535 -53.97 -16.60 -23.05
CA SER F 535 -52.56 -16.57 -22.66
C SER F 535 -52.28 -15.44 -21.66
N LEU F 536 -51.32 -15.69 -20.76
CA LEU F 536 -50.78 -14.66 -19.83
C LEU F 536 -49.40 -14.21 -20.27
N TRP F 537 -49.20 -12.91 -20.32
CA TRP F 537 -47.95 -12.35 -20.84
C TRP F 537 -47.05 -11.78 -19.72
N LEU F 538 -45.75 -12.07 -19.78
CA LEU F 538 -44.74 -11.57 -18.82
C LEU F 538 -43.72 -10.62 -19.44
N THR F 539 -42.97 -11.12 -20.44
CA THR F 539 -41.84 -10.40 -21.04
C THR F 539 -42.32 -9.07 -21.67
N PRO F 540 -41.48 -8.03 -21.67
CA PRO F 540 -41.91 -6.76 -22.25
C PRO F 540 -42.27 -6.90 -23.72
N GLN F 541 -41.53 -7.76 -24.42
CA GLN F 541 -41.81 -8.06 -25.81
C GLN F 541 -43.25 -8.55 -25.97
N ASP F 542 -43.55 -9.75 -25.49
CA ASP F 542 -44.94 -10.31 -25.54
C ASP F 542 -46.05 -9.36 -25.08
N VAL F 543 -45.76 -8.55 -24.07
CA VAL F 543 -46.72 -7.55 -23.61
C VAL F 543 -46.91 -6.48 -24.67
N ASP F 544 -45.84 -6.16 -25.42
CA ASP F 544 -45.92 -5.18 -26.52
C ASP F 544 -46.64 -5.76 -27.75
N GLU F 545 -46.30 -7.01 -28.07
CA GLU F 545 -46.98 -7.76 -29.15
C GLU F 545 -48.51 -7.77 -29.12
N HIS F 546 -49.08 -7.87 -27.91
CA HIS F 546 -50.51 -8.02 -27.74
C HIS F 546 -51.17 -6.84 -27.05
N LYS F 547 -50.48 -5.72 -26.99
CA LYS F 547 -51.04 -4.53 -26.37
C LYS F 547 -52.29 -4.09 -27.14
N GLU F 548 -53.18 -3.38 -26.45
CA GLU F 548 -54.33 -2.73 -27.09
C GLU F 548 -54.34 -1.25 -26.77
N SER F 549 -53.83 -0.88 -25.61
CA SER F 549 -53.85 0.50 -25.18
C SER F 549 -52.55 0.79 -24.43
N GLN F 550 -52.14 2.05 -24.45
CA GLN F 550 -50.91 2.49 -23.76
C GLN F 550 -51.15 3.86 -23.17
N GLU F 551 -50.81 3.99 -21.89
CA GLU F 551 -50.93 5.24 -21.18
C GLU F 551 -49.61 5.46 -20.44
N VAL F 552 -49.24 6.71 -20.26
CA VAL F 552 -48.02 7.02 -19.53
C VAL F 552 -48.30 8.14 -18.57
N LEU F 553 -47.91 7.95 -17.32
CA LEU F 553 -48.15 8.94 -16.29
C LEU F 553 -46.84 9.39 -15.68
N GLN F 554 -46.81 10.67 -15.34
CA GLN F 554 -45.74 11.26 -14.55
C GLN F 554 -46.28 11.46 -13.15
N VAL F 555 -45.80 10.67 -12.21
CA VAL F 555 -46.28 10.67 -10.83
C VAL F 555 -45.20 11.33 -9.98
N GLN F 556 -45.59 12.13 -8.99
CA GLN F 556 -44.64 12.80 -8.09
C GLN F 556 -45.02 12.45 -6.67
N ARG F 557 -44.15 11.75 -5.93
CA ARG F 557 -44.51 11.22 -4.60
C ARG F 557 -44.79 12.32 -3.57
N PRO G 29 62.90 24.92 49.14
CA PRO G 29 63.83 24.61 48.04
C PRO G 29 63.27 25.01 46.67
N PRO G 30 64.15 25.44 45.73
CA PRO G 30 63.71 25.65 44.34
C PRO G 30 63.21 24.35 43.68
N THR G 31 63.61 23.21 44.20
CA THR G 31 63.22 21.92 43.63
C THR G 31 61.73 21.56 43.80
N GLU G 32 61.09 22.21 44.75
CA GLU G 32 59.80 21.73 45.22
C GLU G 32 58.64 22.24 44.41
N VAL G 33 57.73 21.31 44.09
CA VAL G 33 56.41 21.62 43.60
C VAL G 33 55.42 21.05 44.61
N LYS G 34 54.59 21.92 45.16
CA LYS G 34 53.57 21.50 46.12
C LYS G 34 52.19 21.52 45.46
N ILE G 35 51.50 20.39 45.55
CA ILE G 35 50.16 20.21 45.01
C ILE G 35 49.16 20.12 46.17
N VAL G 36 48.26 21.10 46.25
CA VAL G 36 47.17 21.09 47.24
C VAL G 36 45.81 21.00 46.51
N ARG G 37 45.02 19.98 46.85
CA ARG G 37 43.69 19.82 46.28
C ARG G 37 42.62 20.20 47.31
N ASP G 38 41.67 21.06 46.92
CA ASP G 38 40.57 21.49 47.82
C ASP G 38 39.45 20.45 47.94
N GLU G 39 38.35 20.83 48.60
CA GLU G 39 37.23 19.93 48.91
C GLU G 39 36.70 19.18 47.70
N TYR G 40 36.64 19.88 46.56
CA TYR G 40 36.12 19.32 45.31
C TYR G 40 37.20 18.77 44.35
N GLY G 41 38.42 18.51 44.86
CA GLY G 41 39.49 17.88 44.10
C GLY G 41 40.30 18.81 43.20
N MET G 42 40.03 20.10 43.31
CA MET G 42 40.63 21.09 42.45
C MET G 42 42.06 21.36 42.86
N PRO G 43 43.03 21.12 41.96
CA PRO G 43 44.43 21.37 42.29
C PRO G 43 44.81 22.82 42.33
N HIS G 44 45.56 23.18 43.37
CA HIS G 44 46.38 24.41 43.39
C HIS G 44 47.87 24.03 43.37
N ILE G 45 48.63 24.65 42.47
CA ILE G 45 50.05 24.37 42.30
C ILE G 45 50.89 25.53 42.84
N TYR G 46 51.92 25.16 43.61
CA TYR G 46 52.81 26.11 44.27
C TYR G 46 54.24 25.78 43.86
N ALA G 47 54.90 26.71 43.16
CA ALA G 47 56.27 26.51 42.61
C ALA G 47 56.99 27.80 42.30
N ASP G 48 58.31 27.73 42.15
CA ASP G 48 59.17 28.90 42.16
C ASP G 48 59.63 29.43 40.79
N ASP G 49 59.33 28.71 39.72
CA ASP G 49 59.65 29.19 38.37
C ASP G 49 58.69 28.60 37.34
N THR G 50 58.74 29.16 36.14
CA THR G 50 57.80 28.81 35.08
C THR G 50 57.77 27.30 34.78
N TYR G 51 58.94 26.68 34.58
CA TYR G 51 58.95 25.27 34.20
C TYR G 51 58.30 24.38 35.25
N ARG G 52 58.69 24.52 36.50
CA ARG G 52 58.15 23.67 37.56
C ARG G 52 56.66 23.93 37.79
N LEU G 53 56.24 25.18 37.62
CA LEU G 53 54.83 25.53 37.84
C LEU G 53 53.92 24.76 36.89
N PHE G 54 54.22 24.83 35.60
CA PHE G 54 53.44 24.12 34.58
C PHE G 54 53.70 22.62 34.55
N TYR G 55 54.84 22.17 35.04
CA TYR G 55 55.09 20.76 35.29
C TYR G 55 54.08 20.23 36.28
N GLY G 56 53.75 21.07 37.26
CA GLY G 56 52.74 20.70 38.26
C GLY G 56 51.36 20.55 37.62
N TYR G 57 50.97 21.56 36.85
CA TYR G 57 49.73 21.56 36.08
C TYR G 57 49.67 20.24 35.27
N GLY G 58 50.69 19.98 34.47
CA GLY G 58 50.75 18.75 33.70
C GLY G 58 50.48 17.51 34.54
N TYR G 59 51.09 17.45 35.71
CA TYR G 59 51.00 16.30 36.61
C TYR G 59 49.57 16.11 37.12
N VAL G 60 48.97 17.16 37.67
CA VAL G 60 47.58 17.04 38.17
C VAL G 60 46.58 16.73 37.04
N VAL G 61 46.85 17.28 35.86
CA VAL G 61 46.04 17.02 34.69
C VAL G 61 46.11 15.56 34.29
N ALA G 62 47.30 14.98 34.31
CA ALA G 62 47.43 13.56 33.93
C ALA G 62 46.75 12.64 34.94
N GLN G 63 46.57 13.11 36.17
CA GLN G 63 45.85 12.33 37.17
C GLN G 63 44.37 12.39 36.92
N ASP G 64 43.86 13.61 36.75
CA ASP G 64 42.43 13.86 36.61
C ASP G 64 41.79 13.42 35.27
N ARG G 65 42.39 13.82 34.16
CA ARG G 65 41.75 13.69 32.84
C ARG G 65 42.63 12.99 31.82
N LEU G 66 43.37 11.97 32.26
CA LEU G 66 44.31 11.35 31.36
C LEU G 66 43.75 10.91 30.01
N PHE G 67 42.69 10.11 30.03
CA PHE G 67 42.07 9.60 28.78
C PHE G 67 41.35 10.68 27.98
N GLN G 68 40.62 11.56 28.67
CA GLN G 68 40.04 12.70 28.00
C GLN G 68 41.10 13.39 27.14
N MET G 69 42.28 13.62 27.72
CA MET G 69 43.34 14.37 27.06
C MET G 69 44.04 13.54 25.99
N GLU G 70 44.37 12.28 26.29
CA GLU G 70 44.96 11.44 25.26
C GLU G 70 44.09 11.45 23.99
N MET G 71 42.78 11.32 24.17
CA MET G 71 41.85 11.38 23.05
C MET G 71 41.73 12.78 22.43
N ALA G 72 41.79 13.84 23.25
CA ALA G 72 41.93 15.20 22.72
C ALA G 72 43.22 15.38 21.91
N ARG G 73 44.30 14.76 22.35
CA ARG G 73 45.54 14.76 21.56
C ARG G 73 45.29 14.17 20.19
N ARG G 74 44.71 12.98 20.15
CA ARG G 74 44.52 12.30 18.87
C ARG G 74 43.54 13.05 17.97
N SER G 75 42.46 13.56 18.56
CA SER G 75 41.47 14.34 17.84
C SER G 75 42.13 15.50 17.12
N THR G 76 42.98 16.21 17.87
CA THR G 76 43.56 17.46 17.39
C THR G 76 44.65 17.26 16.35
N GLN G 77 45.17 16.04 16.26
CA GLN G 77 46.17 15.67 15.26
C GLN G 77 45.69 14.65 14.20
N GLY G 78 44.46 14.19 14.32
CA GLY G 78 43.96 13.21 13.38
C GLY G 78 44.72 11.90 13.43
N THR G 79 44.91 11.38 14.64
CA THR G 79 45.58 10.09 14.84
C THR G 79 44.67 9.14 15.60
N VAL G 80 43.37 9.23 15.33
CA VAL G 80 42.36 8.51 16.13
C VAL G 80 42.22 7.05 15.69
N SER G 81 42.17 6.82 14.37
CA SER G 81 41.97 5.46 13.83
C SER G 81 43.14 4.57 14.16
N GLU G 82 44.30 5.16 14.40
CA GLU G 82 45.48 4.45 14.92
C GLU G 82 45.12 3.49 16.05
N VAL G 83 44.16 3.87 16.90
CA VAL G 83 43.67 3.00 17.97
C VAL G 83 42.18 2.65 17.95
N LEU G 84 41.33 3.47 17.34
CA LEU G 84 39.88 3.16 17.31
C LEU G 84 39.38 2.55 16.00
N GLY G 85 40.24 2.50 14.98
CA GLY G 85 39.97 1.70 13.81
C GLY G 85 39.26 2.43 12.69
N LYS G 86 38.81 1.64 11.70
CA LYS G 86 38.30 2.12 10.39
C LYS G 86 37.33 3.30 10.42
N ALA G 87 36.49 3.35 11.45
CA ALA G 87 35.43 4.37 11.56
C ALA G 87 35.88 5.84 11.51
N PHE G 88 37.12 6.12 11.90
CA PHE G 88 37.59 7.50 12.07
C PHE G 88 38.57 8.00 11.01
N VAL G 89 38.67 7.29 9.89
CA VAL G 89 39.59 7.66 8.81
C VAL G 89 39.29 9.01 8.15
N SER G 90 38.05 9.26 7.75
CA SER G 90 37.71 10.55 7.11
C SER G 90 37.91 11.72 8.08
N PHE G 91 37.63 11.49 9.36
CA PHE G 91 37.88 12.48 10.39
C PHE G 91 39.40 12.82 10.50
N ASP G 92 40.23 11.79 10.68
CA ASP G 92 41.67 11.96 10.65
C ASP G 92 42.14 12.74 9.43
N LYS G 93 41.68 12.35 8.26
CA LYS G 93 42.01 13.07 7.02
C LYS G 93 41.63 14.54 7.11
N ASP G 94 40.38 14.79 7.51
CA ASP G 94 39.84 16.13 7.61
C ASP G 94 40.67 17.04 8.50
N ILE G 95 41.02 16.54 9.69
CA ILE G 95 41.87 17.27 10.61
C ILE G 95 43.20 17.65 9.96
N ARG G 96 43.91 16.66 9.41
CA ARG G 96 45.25 16.89 8.89
C ARG G 96 45.25 17.74 7.65
N GLN G 97 44.24 17.56 6.80
CA GLN G 97 44.04 18.49 5.69
C GLN G 97 43.89 19.96 6.17
N ASN G 98 43.48 20.17 7.42
CA ASN G 98 43.08 21.51 7.87
C ASN G 98 44.13 22.29 8.66
N TYR G 99 45.37 21.79 8.69
CA TYR G 99 46.45 22.56 9.28
C TYR G 99 47.81 22.14 8.71
N TRP G 100 48.88 22.72 9.27
CA TRP G 100 50.22 22.56 8.73
C TRP G 100 51.19 22.45 9.91
N PRO G 101 51.44 21.24 10.41
CA PRO G 101 52.26 21.02 11.60
C PRO G 101 53.54 21.86 11.65
N ASP G 102 54.21 21.99 10.52
CA ASP G 102 55.48 22.73 10.48
C ASP G 102 55.34 24.18 10.89
N SER G 103 54.22 24.80 10.58
CA SER G 103 53.95 26.17 11.01
C SER G 103 53.87 26.24 12.51
N ILE G 104 53.32 25.21 13.13
CA ILE G 104 53.20 25.15 14.58
C ILE G 104 54.55 24.88 15.21
N ARG G 105 55.34 24.00 14.59
CA ARG G 105 56.70 23.70 15.04
C ARG G 105 57.61 24.93 14.93
N ALA G 106 57.51 25.65 13.81
CA ALA G 106 58.29 26.87 13.61
C ALA G 106 57.99 27.90 14.70
N GLN G 107 56.72 28.07 15.02
CA GLN G 107 56.28 28.99 16.06
C GLN G 107 56.84 28.63 17.42
N ILE G 108 56.87 27.33 17.72
CA ILE G 108 57.40 26.85 19.00
C ILE G 108 58.91 27.01 19.04
N ALA G 109 59.58 26.58 17.98
CA ALA G 109 61.02 26.74 17.86
C ALA G 109 61.44 28.18 18.04
N SER G 110 60.55 29.11 17.67
CA SER G 110 60.88 30.55 17.71
C SER G 110 60.45 31.27 18.99
N LEU G 111 60.22 30.54 20.06
CA LEU G 111 59.94 31.14 21.35
C LEU G 111 61.19 31.28 22.19
N SER G 112 61.15 32.22 23.14
CA SER G 112 62.14 32.30 24.20
C SER G 112 62.07 31.03 25.05
N ALA G 113 63.09 30.75 25.87
CA ALA G 113 62.98 29.61 26.76
C ALA G 113 61.96 29.85 27.78
N GLU G 114 61.86 31.07 28.29
CA GLU G 114 60.84 31.39 29.27
C GLU G 114 59.48 30.93 28.78
N ASP G 115 59.13 31.32 27.57
CA ASP G 115 57.89 30.86 26.93
C ASP G 115 57.91 29.34 26.65
N LYS G 116 58.99 28.83 26.06
CA LYS G 116 59.14 27.38 25.84
C LYS G 116 58.98 26.57 27.12
N SER G 117 59.32 27.13 28.27
CA SER G 117 59.26 26.40 29.53
C SER G 117 57.85 26.00 29.88
N ILE G 118 56.91 26.84 29.50
CA ILE G 118 55.50 26.57 29.77
C ILE G 118 55.10 25.23 29.18
N LEU G 119 55.38 25.07 27.88
CA LEU G 119 55.05 23.85 27.12
C LEU G 119 55.87 22.64 27.56
N GLN G 120 57.18 22.79 27.64
CA GLN G 120 58.06 21.70 28.03
C GLN G 120 57.77 21.26 29.51
N GLY G 121 57.49 22.20 30.39
CA GLY G 121 57.15 21.89 31.78
C GLY G 121 55.89 21.05 31.83
N TYR G 122 54.81 21.60 31.31
CA TYR G 122 53.54 20.88 31.12
C TYR G 122 53.72 19.45 30.59
N ALA G 123 54.47 19.29 29.48
CA ALA G 123 54.60 17.97 28.85
C ALA G 123 55.31 16.99 29.79
N ASP G 124 56.33 17.47 30.48
CA ASP G 124 57.12 16.67 31.39
C ASP G 124 56.35 16.33 32.66
N GLY G 125 55.55 17.28 33.13
CA GLY G 125 54.67 17.05 34.28
C GLY G 125 53.70 15.92 34.02
N MET G 126 53.15 15.93 32.81
CA MET G 126 52.25 14.88 32.36
C MET G 126 53.00 13.56 32.26
N ASN G 127 54.18 13.60 31.65
CA ASN G 127 55.01 12.41 31.41
C ASN G 127 55.46 11.77 32.71
N ALA G 128 55.70 12.58 33.72
CA ALA G 128 56.08 12.07 35.02
C ALA G 128 55.00 11.18 35.60
N TRP G 129 53.75 11.62 35.56
CA TRP G 129 52.65 10.79 36.07
C TRP G 129 52.45 9.52 35.23
N ILE G 130 52.51 9.67 33.91
CA ILE G 130 52.34 8.53 33.00
C ILE G 130 53.38 7.45 33.30
N ASP G 131 54.62 7.87 33.58
CA ASP G 131 55.66 6.95 33.96
C ASP G 131 55.24 6.12 35.17
N LYS G 132 54.71 6.78 36.20
CA LYS G 132 54.18 6.09 37.36
C LYS G 132 53.02 5.15 37.00
N VAL G 133 52.15 5.62 36.11
CA VAL G 133 51.00 4.84 35.64
C VAL G 133 51.44 3.62 34.80
N ASN G 134 52.40 3.82 33.91
CA ASN G 134 52.99 2.69 33.19
C ASN G 134 53.94 1.90 34.07
N ALA G 135 54.05 2.28 35.35
CA ALA G 135 54.76 1.51 36.38
C ALA G 135 53.81 0.78 37.35
N SER G 136 52.54 1.17 37.39
CA SER G 136 51.56 0.50 38.25
C SER G 136 50.20 0.40 37.55
N PRO G 137 50.18 -0.22 36.37
CA PRO G 137 48.95 -0.33 35.57
C PRO G 137 47.80 -0.88 36.39
N ASP G 138 48.06 -1.93 37.16
CA ASP G 138 47.05 -2.55 37.99
C ASP G 138 46.44 -1.55 38.96
N LYS G 139 47.11 -0.41 39.12
CA LYS G 139 46.64 0.64 40.03
C LYS G 139 47.22 1.99 39.64
N LEU G 140 47.34 2.23 38.33
CA LEU G 140 47.87 3.50 37.83
C LEU G 140 47.40 3.76 36.41
N LEU G 141 46.45 2.95 35.94
CA LEU G 141 45.91 3.10 34.60
C LEU G 141 44.39 3.22 34.56
N PRO G 142 43.84 4.34 34.05
CA PRO G 142 42.39 4.48 33.88
C PRO G 142 41.79 3.38 33.02
N GLN G 143 40.62 2.87 33.45
CA GLN G 143 39.95 1.73 32.81
C GLN G 143 39.79 1.87 31.31
N GLN G 144 39.38 3.05 30.86
CA GLN G 144 39.16 3.35 29.44
C GLN G 144 40.28 2.82 28.56
N PHE G 145 41.52 2.99 29.01
CA PHE G 145 42.68 2.51 28.27
C PHE G 145 42.66 0.99 28.08
N SER G 146 42.24 0.28 29.12
CA SER G 146 42.06 -1.15 29.04
C SER G 146 40.88 -1.47 28.13
N THR G 147 39.77 -0.76 28.32
CA THR G 147 38.53 -0.93 27.51
C THR G 147 38.74 -0.67 26.01
N PHE G 148 39.48 0.37 25.68
CA PHE G 148 39.72 0.71 24.28
C PHE G 148 41.00 0.08 23.72
N GLY G 149 41.70 -0.71 24.54
CA GLY G 149 42.82 -1.53 24.07
C GLY G 149 44.08 -0.79 23.61
N PHE G 150 44.52 0.18 24.38
CA PHE G 150 45.81 0.83 24.13
C PHE G 150 46.30 1.55 25.40
N LYS G 151 47.53 2.06 25.34
CA LYS G 151 48.21 2.61 26.50
C LYS G 151 48.69 4.04 26.25
N PRO G 152 48.74 4.88 27.31
CA PRO G 152 49.10 6.28 27.07
C PRO G 152 50.56 6.40 26.71
N LYS G 153 50.87 7.41 25.90
CA LYS G 153 52.19 7.66 25.38
C LYS G 153 52.75 8.91 26.02
N HIS G 154 54.04 9.15 25.80
CA HIS G 154 54.66 10.38 26.25
C HIS G 154 54.23 11.57 25.42
N TRP G 155 54.18 12.74 26.08
CA TRP G 155 53.78 14.00 25.50
C TRP G 155 54.98 14.87 25.21
N GLU G 156 54.98 15.54 24.07
CA GLU G 156 56.01 16.51 23.77
C GLU G 156 55.34 17.88 23.71
N PRO G 157 56.13 18.96 23.66
CA PRO G 157 55.51 20.29 23.63
C PRO G 157 54.52 20.53 22.46
N PHE G 158 54.88 20.10 21.26
CA PHE G 158 54.00 20.18 20.10
C PHE G 158 52.61 19.64 20.41
N ASP G 159 52.58 18.52 21.13
CA ASP G 159 51.29 17.90 21.49
C ASP G 159 50.42 18.81 22.35
N VAL G 160 51.05 19.56 23.25
CA VAL G 160 50.35 20.39 24.22
C VAL G 160 49.83 21.67 23.57
N ALA G 161 50.64 22.23 22.69
CA ALA G 161 50.23 23.37 21.89
C ALA G 161 48.99 23.05 21.05
N MET G 162 48.99 21.85 20.47
CA MET G 162 47.95 21.43 19.54
C MET G 162 46.60 21.22 20.22
N ILE G 163 46.62 20.89 21.49
CA ILE G 163 45.36 20.83 22.25
C ILE G 163 44.64 22.18 22.11
N PHE G 164 45.39 23.26 22.27
CA PHE G 164 44.83 24.59 22.09
C PHE G 164 44.58 24.89 20.62
N VAL G 165 45.60 24.69 19.80
CA VAL G 165 45.51 25.07 18.40
C VAL G 165 44.36 24.34 17.73
N GLY G 166 44.32 23.03 17.93
CA GLY G 166 43.36 22.18 17.22
C GLY G 166 41.91 22.29 17.67
N THR G 167 41.71 22.95 18.83
CA THR G 167 40.37 23.25 19.33
C THR G 167 40.06 24.73 19.11
N MET G 168 40.59 25.60 19.96
CA MET G 168 40.32 27.05 19.88
C MET G 168 40.50 27.65 18.47
N ALA G 169 41.58 27.30 17.79
CA ALA G 169 41.89 27.92 16.48
C ALA G 169 41.17 27.23 15.31
N ASN G 170 41.38 25.92 15.20
CA ASN G 170 40.89 25.15 14.07
C ASN G 170 39.40 24.78 14.10
N ARG G 171 38.73 24.80 15.26
CA ARG G 171 37.26 24.87 15.27
C ARG G 171 36.81 26.30 15.16
N PHE G 172 36.99 27.02 16.28
CA PHE G 172 36.20 28.19 16.60
C PHE G 172 36.57 29.45 15.91
N SER G 173 37.81 29.54 15.46
CA SER G 173 38.20 30.75 14.74
C SER G 173 38.36 30.47 13.24
N ASP G 174 37.71 29.42 12.75
CA ASP G 174 37.98 28.91 11.41
C ASP G 174 36.70 28.77 10.54
N SER G 175 35.86 29.80 10.52
CA SER G 175 34.53 29.77 9.87
C SER G 175 34.41 30.43 8.49
N THR G 176 34.21 29.66 7.41
CA THR G 176 33.66 30.21 6.18
C THR G 176 32.67 29.30 5.54
N SER G 177 31.89 29.89 4.65
CA SER G 177 31.05 29.19 3.75
C SER G 177 31.11 29.92 2.42
N GLU G 178 32.25 30.54 2.12
CA GLU G 178 32.34 31.45 0.99
C GLU G 178 32.03 30.71 -0.32
N ILE G 179 32.38 29.42 -0.39
CA ILE G 179 32.13 28.61 -1.60
C ILE G 179 30.64 28.30 -1.72
N ASP G 180 30.04 27.76 -0.67
CA ASP G 180 28.59 27.62 -0.60
C ASP G 180 27.87 28.95 -0.92
N ASN G 181 28.36 30.06 -0.35
CA ASN G 181 27.72 31.36 -0.54
C ASN G 181 27.66 31.69 -2.00
N LEU G 182 28.79 31.47 -2.69
CA LEU G 182 28.86 31.70 -4.12
C LEU G 182 27.85 30.84 -4.85
N ALA G 183 27.75 29.58 -4.46
CA ALA G 183 26.76 28.70 -5.08
C ALA G 183 25.39 29.33 -4.94
N LEU G 184 25.07 29.74 -3.72
CA LEU G 184 23.78 30.35 -3.46
C LEU G 184 23.55 31.54 -4.38
N LEU G 185 24.57 32.37 -4.50
CA LEU G 185 24.44 33.58 -5.29
C LEU G 185 24.15 33.26 -6.75
N THR G 186 24.84 32.26 -7.27
CA THR G 186 24.68 31.85 -8.67
C THR G 186 23.27 31.35 -8.91
N ALA G 187 22.76 30.58 -7.97
CA ALA G 187 21.40 30.06 -8.04
C ALA G 187 20.39 31.21 -7.97
N LEU G 188 20.66 32.22 -7.14
CA LEU G 188 19.80 33.41 -7.06
C LEU G 188 19.86 34.20 -8.34
N LYS G 189 21.05 34.33 -8.92
CA LYS G 189 21.17 35.08 -10.17
C LYS G 189 20.38 34.41 -11.28
N ASP G 190 20.32 33.08 -11.25
CA ASP G 190 19.64 32.30 -12.27
C ASP G 190 18.15 32.47 -12.22
N LYS G 191 17.61 32.52 -11.01
CA LYS G 191 16.18 32.71 -10.81
C LYS G 191 15.74 34.17 -10.97
N TYR G 192 16.43 35.08 -10.30
CA TYR G 192 15.98 36.47 -10.24
C TYR G 192 16.63 37.39 -11.25
N GLY G 193 17.60 36.85 -12.00
CA GLY G 193 18.47 37.68 -12.83
C GLY G 193 19.59 38.30 -12.01
N LYS G 194 20.51 38.97 -12.70
CA LYS G 194 21.79 39.36 -12.09
C LYS G 194 21.67 40.43 -11.01
N GLN G 195 21.03 41.54 -11.33
CA GLN G 195 20.94 42.68 -10.42
C GLN G 195 20.13 42.31 -9.16
N GLN G 196 18.97 41.69 -9.38
CA GLN G 196 18.08 41.34 -8.30
C GLN G 196 18.61 40.14 -7.51
N GLY G 197 19.22 39.19 -8.21
CA GLY G 197 19.90 38.05 -7.56
C GLY G 197 20.84 38.47 -6.45
N MET G 198 21.62 39.52 -6.73
CA MET G 198 22.58 40.06 -5.79
C MET G 198 21.86 40.84 -4.69
N ALA G 199 20.84 41.57 -5.08
CA ALA G 199 20.05 42.35 -4.16
C ALA G 199 19.39 41.42 -3.11
N VAL G 200 18.99 40.25 -3.56
CA VAL G 200 18.42 39.21 -2.68
C VAL G 200 19.52 38.58 -1.85
N PHE G 201 20.68 38.35 -2.47
CA PHE G 201 21.86 37.91 -1.70
C PHE G 201 22.17 38.86 -0.53
N ASN G 202 22.07 40.17 -0.79
CA ASN G 202 22.28 41.17 0.24
C ASN G 202 21.16 41.17 1.30
N GLN G 203 19.97 40.72 0.91
CA GLN G 203 18.83 40.64 1.82
C GLN G 203 18.92 39.44 2.75
N LEU G 204 19.53 38.36 2.25
CA LEU G 204 19.64 37.11 3.00
C LEU G 204 20.92 37.01 3.82
N LYS G 205 21.98 37.64 3.32
CA LYS G 205 23.28 37.59 3.97
C LYS G 205 23.95 38.96 3.93
N TRP G 206 23.36 39.90 4.63
CA TRP G 206 23.90 41.25 4.68
C TRP G 206 25.29 41.21 5.30
N LEU G 207 26.11 42.18 4.88
CA LEU G 207 27.39 42.50 5.53
C LEU G 207 27.15 43.06 6.92
N VAL G 208 26.32 44.10 6.98
CA VAL G 208 26.05 44.80 8.22
C VAL G 208 24.54 45.18 8.34
N ASN G 209 24.00 45.03 9.55
CA ASN G 209 22.63 45.44 9.83
C ASN G 209 22.60 46.45 10.99
N PRO G 210 22.41 47.76 10.66
CA PRO G 210 22.32 48.89 11.58
C PRO G 210 21.47 48.65 12.85
N SER G 211 20.35 47.94 12.72
CA SER G 211 19.44 47.71 13.86
C SER G 211 19.89 46.63 14.83
N ALA G 212 21.07 46.06 14.61
CA ALA G 212 21.53 44.93 15.40
C ALA G 212 21.88 45.32 16.82
N PRO G 213 21.32 44.63 17.81
CA PRO G 213 21.83 44.73 19.17
C PRO G 213 23.35 44.53 19.30
N THR G 214 24.04 45.60 19.69
CA THR G 214 25.50 45.59 19.87
C THR G 214 25.87 45.59 21.37
N THR G 215 27.02 45.00 21.68
CA THR G 215 27.48 44.93 23.06
C THR G 215 28.08 46.28 23.50
N ILE G 216 28.51 47.09 22.53
CA ILE G 216 29.00 48.45 22.74
C ILE G 216 28.00 49.46 22.18
N ALA G 217 27.31 50.17 23.08
CA ALA G 217 26.27 51.14 22.72
C ALA G 217 26.75 52.11 21.67
N ALA G 218 25.88 52.46 20.73
CA ALA G 218 26.29 53.33 19.59
C ALA G 218 26.82 54.72 20.00
N ARG G 219 26.38 55.24 21.15
CA ARG G 219 26.91 56.50 21.70
C ARG G 219 28.41 56.47 21.88
N GLU G 220 28.93 55.28 22.18
CA GLU G 220 30.34 55.15 22.51
C GLU G 220 31.17 55.07 21.24
N SER G 221 30.78 54.22 20.29
CA SER G 221 31.66 53.91 19.16
C SER G 221 30.99 53.24 17.95
N ALA G 222 31.73 53.11 16.84
CA ALA G 222 31.18 52.49 15.61
C ALA G 222 32.09 51.59 14.70
N CYS H 1 27.90 31.40 23.44
CA CYS H 1 28.57 31.77 24.71
C CYS H 1 27.97 33.07 25.21
N ASN H 2 27.70 33.18 26.52
CA ASN H 2 27.20 34.46 27.06
C ASN H 2 28.04 35.05 28.17
N MET H 3 27.90 36.34 28.34
CA MET H 3 28.46 37.02 29.49
C MET H 3 27.77 38.33 29.80
N TRP H 4 27.65 38.62 31.09
CA TRP H 4 27.37 39.97 31.54
C TRP H 4 28.37 40.41 32.62
N VAL H 5 28.90 41.62 32.44
CA VAL H 5 29.80 42.26 33.40
C VAL H 5 29.12 43.51 33.92
N ILE H 6 29.12 43.66 35.24
CA ILE H 6 28.38 44.73 35.91
C ILE H 6 29.32 45.66 36.67
N GLY H 7 29.27 46.94 36.31
CA GLY H 7 30.19 47.95 36.85
C GLY H 7 29.88 48.44 38.25
N LYS H 8 30.58 49.50 38.63
CA LYS H 8 30.45 50.10 39.97
C LYS H 8 29.04 50.64 40.21
N ASN H 9 28.54 51.41 39.25
CA ASN H 9 27.27 52.14 39.39
C ASN H 9 26.05 51.17 39.22
N LYS H 10 26.29 49.99 38.65
CA LYS H 10 25.23 48.97 38.49
C LYS H 10 25.33 47.84 39.51
N ALA H 11 26.48 47.70 40.19
CA ALA H 11 26.62 46.66 41.22
C ALA H 11 26.03 47.12 42.55
N GLN H 12 25.79 46.16 43.44
CA GLN H 12 25.15 46.43 44.71
C GLN H 12 25.79 45.53 45.77
N ASP H 13 26.34 46.15 46.83
CA ASP H 13 27.11 45.47 47.88
C ASP H 13 28.41 44.89 47.32
N ALA H 14 28.91 45.53 46.27
CA ALA H 14 30.15 45.17 45.60
C ALA H 14 30.47 46.20 44.54
N LYS H 15 31.71 46.19 44.05
CA LYS H 15 32.14 47.18 43.07
C LYS H 15 32.04 46.68 41.62
N ALA H 16 32.24 45.39 41.42
CA ALA H 16 32.02 44.80 40.09
C ALA H 16 31.68 43.32 40.19
N ILE H 17 30.82 42.87 39.27
CA ILE H 17 30.48 41.47 39.15
C ILE H 17 30.57 41.01 37.70
N MET H 18 31.20 39.86 37.50
CA MET H 18 31.39 39.28 36.16
C MET H 18 30.84 37.86 36.15
N VAL H 19 29.80 37.64 35.32
CA VAL H 19 29.18 36.33 35.15
C VAL H 19 29.38 35.82 33.71
N ASN H 20 29.92 34.61 33.61
CA ASN H 20 30.39 34.04 32.35
C ASN H 20 29.82 32.65 32.07
N GLY H 21 29.24 32.48 30.88
CA GLY H 21 28.67 31.21 30.49
C GLY H 21 29.11 30.82 29.08
N PRO H 22 30.33 30.24 28.96
CA PRO H 22 30.79 29.75 27.67
C PRO H 22 29.98 28.54 27.24
N GLN H 23 29.53 28.52 25.98
CA GLN H 23 28.75 27.39 25.45
C GLN H 23 29.53 26.61 24.39
N PHE H 24 29.89 25.39 24.75
CA PHE H 24 30.62 24.48 23.87
C PHE H 24 29.95 23.12 23.78
N GLY H 25 28.68 23.02 24.19
CA GLY H 25 28.02 21.73 24.35
C GLY H 25 28.33 21.17 25.72
N TRP H 26 27.82 19.99 26.03
CA TRP H 26 28.00 19.37 27.36
C TRP H 26 28.65 18.01 27.24
N TYR H 27 29.72 17.77 28.00
CA TYR H 27 30.46 16.53 27.85
C TYR H 27 30.83 15.94 29.19
N ALA H 28 31.15 14.66 29.17
CA ALA H 28 31.64 13.94 30.33
C ALA H 28 32.85 13.10 29.91
N PRO H 29 34.00 13.30 30.56
CA PRO H 29 34.25 14.22 31.68
C PRO H 29 34.08 15.66 31.24
N ALA H 30 34.13 16.59 32.18
CA ALA H 30 33.79 17.98 31.91
C ALA H 30 34.70 18.64 30.89
N TYR H 31 34.12 19.52 30.10
CA TYR H 31 34.82 20.20 29.04
C TYR H 31 36.00 20.98 29.61
N THR H 32 35.76 21.74 30.69
CA THR H 32 36.79 22.56 31.32
C THR H 32 37.38 21.92 32.58
N TYR H 33 38.59 22.39 32.93
CA TYR H 33 39.41 21.87 34.03
C TYR H 33 39.61 22.97 35.06
N GLY H 34 39.45 22.61 36.34
CA GLY H 34 39.66 23.52 37.47
C GLY H 34 41.12 23.49 37.91
N ILE H 35 41.71 24.67 38.13
CA ILE H 35 43.14 24.75 38.41
C ILE H 35 43.50 26.05 39.10
N GLY H 36 44.38 25.96 40.11
CA GLY H 36 44.96 27.15 40.73
C GLY H 36 46.45 27.17 40.48
N LEU H 37 47.00 28.36 40.16
CA LEU H 37 48.45 28.50 39.93
C LEU H 37 49.07 29.63 40.79
N HIS H 38 50.14 29.29 41.50
CA HIS H 38 50.77 30.19 42.48
C HIS H 38 52.31 30.15 42.46
N GLY H 39 52.90 31.14 41.80
CA GLY H 39 54.35 31.23 41.67
C GLY H 39 54.78 31.77 40.31
N ALA H 40 56.07 32.06 40.20
CA ALA H 40 56.69 32.53 38.95
C ALA H 40 55.98 33.73 38.30
N GLY H 41 55.41 34.60 39.13
CA GLY H 41 54.66 35.78 38.65
C GLY H 41 53.14 35.60 38.63
N TYR H 42 52.69 34.35 38.76
CA TYR H 42 51.27 33.97 38.69
C TYR H 42 50.64 33.78 40.07
N ASP H 43 49.45 34.36 40.26
CA ASP H 43 48.59 33.96 41.37
C ASP H 43 47.15 33.93 40.86
N VAL H 44 46.67 32.74 40.48
CA VAL H 44 45.38 32.61 39.79
C VAL H 44 44.48 31.47 40.23
N THR H 45 43.16 31.70 40.10
CA THR H 45 42.15 30.63 40.14
C THR H 45 41.13 30.72 39.03
N GLY H 46 40.73 29.54 38.58
CA GLY H 46 39.52 29.40 37.79
C GLY H 46 39.47 28.07 37.12
N ASN H 47 38.97 28.06 35.89
CA ASN H 47 38.94 26.85 35.08
C ASN H 47 39.08 27.13 33.59
N THR H 48 39.35 26.08 32.82
CA THR H 48 39.67 26.21 31.39
C THR H 48 39.43 24.98 30.57
N PRO H 49 39.04 25.18 29.31
CA PRO H 49 38.87 24.11 28.39
C PRO H 49 40.12 23.31 28.18
N PHE H 50 39.99 21.97 28.23
CA PHE H 50 41.09 21.07 27.88
C PHE H 50 42.39 21.37 28.63
N ALA H 51 42.27 21.99 29.80
CA ALA H 51 43.43 22.25 30.66
C ALA H 51 44.55 22.96 29.88
N TYR H 52 44.19 24.02 29.18
CA TYR H 52 45.17 24.88 28.56
C TYR H 52 46.04 25.50 29.66
N PRO H 53 47.29 25.85 29.32
CA PRO H 53 48.13 26.62 30.21
C PRO H 53 47.46 27.88 30.74
N GLY H 54 46.82 28.61 29.85
CA GLY H 54 46.12 29.83 30.21
C GLY H 54 44.69 29.56 30.63
N LEU H 55 44.27 30.25 31.69
CA LEU H 55 42.91 30.18 32.17
C LEU H 55 42.02 31.17 31.40
N VAL H 56 41.06 30.64 30.67
CA VAL H 56 40.13 31.45 29.90
C VAL H 56 39.12 32.08 30.84
N PHE H 57 38.84 31.41 31.96
CA PHE H 57 37.88 31.87 32.96
C PHE H 57 38.46 31.88 34.40
N GLY H 58 38.70 33.08 34.93
CA GLY H 58 39.33 33.23 36.26
C GLY H 58 39.72 34.64 36.70
N HIS H 59 40.42 34.71 37.84
CA HIS H 59 40.91 35.97 38.43
C HIS H 59 42.24 35.75 39.16
N ASN H 60 42.94 36.85 39.45
CA ASN H 60 44.28 36.82 40.09
C ASN H 60 44.37 37.60 41.42
N GLY H 61 43.22 38.05 41.93
CA GLY H 61 43.14 38.83 43.16
C GLY H 61 42.83 40.29 42.88
N THR H 62 43.38 40.81 41.78
CA THR H 62 43.20 42.20 41.39
C THR H 62 42.18 42.33 40.27
N ILE H 63 42.35 41.57 39.20
CA ILE H 63 41.40 41.56 38.07
C ILE H 63 40.82 40.16 37.78
N SER H 64 39.78 40.15 36.94
CA SER H 64 39.23 38.90 36.41
C SER H 64 38.93 39.04 34.92
N TRP H 65 38.93 37.90 34.25
CA TRP H 65 38.79 37.81 32.80
C TRP H 65 37.83 36.70 32.39
N GLY H 66 37.41 36.78 31.12
CA GLY H 66 36.54 35.80 30.53
C GLY H 66 36.41 36.02 29.05
N SER H 67 35.61 35.16 28.41
CA SER H 67 35.49 35.12 26.95
C SER H 67 34.16 34.63 26.42
N THR H 68 33.82 35.10 25.23
CA THR H 68 32.75 34.56 24.42
C THR H 68 33.27 34.59 22.98
N ALA H 69 32.70 33.79 22.09
CA ALA H 69 33.27 33.68 20.76
C ALA H 69 32.95 34.92 19.91
N GLY H 70 33.94 35.39 19.17
CA GLY H 70 33.84 36.67 18.49
C GLY H 70 32.98 36.68 17.25
N PHE H 71 33.24 35.73 16.35
CA PHE H 71 32.56 35.63 15.07
C PHE H 71 32.76 36.88 14.20
N GLY H 72 33.98 37.39 14.18
CA GLY H 72 34.38 38.38 13.18
C GLY H 72 34.84 37.61 11.94
N ASP H 73 34.89 38.26 10.79
CA ASP H 73 35.30 37.55 9.58
C ASP H 73 36.82 37.57 9.46
N ASP H 74 37.45 36.54 10.01
CA ASP H 74 38.88 36.45 9.95
C ASP H 74 39.32 35.31 9.05
N VAL H 75 38.42 34.82 8.21
CA VAL H 75 38.79 33.84 7.17
C VAL H 75 38.21 34.20 5.81
N ASP H 76 39.05 34.11 4.79
CA ASP H 76 38.64 34.28 3.39
C ASP H 76 39.16 33.13 2.54
N ILE H 77 38.64 33.03 1.34
CA ILE H 77 38.98 31.94 0.44
C ILE H 77 39.53 32.51 -0.85
N PHE H 78 40.69 32.00 -1.26
CA PHE H 78 41.34 32.50 -2.45
C PHE H 78 41.25 31.45 -3.55
N ALA H 79 40.82 31.90 -4.72
CA ALA H 79 40.67 31.07 -5.88
C ALA H 79 41.98 31.07 -6.66
N GLU H 80 42.76 30.03 -6.47
CA GLU H 80 44.09 29.91 -7.07
C GLU H 80 44.00 29.45 -8.52
N LYS H 81 44.79 30.08 -9.39
CA LYS H 81 44.82 29.71 -10.78
C LYS H 81 45.95 28.70 -11.03
N LEU H 82 45.58 27.54 -11.56
CA LEU H 82 46.57 26.51 -11.94
C LEU H 82 46.64 26.33 -13.43
N SER H 83 47.63 25.56 -13.86
CA SER H 83 47.76 25.17 -15.24
C SER H 83 47.83 23.64 -15.28
N ALA H 84 47.17 23.05 -16.25
CA ALA H 84 47.24 21.59 -16.40
C ALA H 84 48.70 21.14 -16.57
N GLU H 85 49.55 21.99 -17.15
CA GLU H 85 50.96 21.68 -17.46
C GLU H 85 51.77 21.40 -16.22
N LYS H 86 52.01 22.40 -15.38
CA LYS H 86 52.79 22.16 -14.17
C LYS H 86 51.90 21.88 -12.99
N PRO H 87 51.67 20.58 -12.70
CA PRO H 87 50.90 20.28 -11.52
C PRO H 87 51.68 20.62 -10.26
N GLY H 88 50.95 21.10 -9.26
CA GLY H 88 51.56 21.51 -8.00
C GLY H 88 52.05 22.94 -8.05
N TYR H 89 51.63 23.66 -9.10
CA TYR H 89 51.96 25.06 -9.28
C TYR H 89 50.71 25.91 -9.45
N TYR H 90 50.75 27.13 -8.91
CA TYR H 90 49.68 28.10 -9.08
C TYR H 90 50.23 29.45 -9.48
N GLN H 91 49.45 30.24 -10.22
CA GLN H 91 49.94 31.52 -10.65
C GLN H 91 49.68 32.63 -9.62
N HIS H 92 50.71 33.41 -9.39
CA HIS H 92 50.67 34.51 -8.44
C HIS H 92 51.71 35.56 -8.83
N ASN H 93 51.24 36.81 -8.97
CA ASN H 93 52.06 37.93 -9.50
C ASN H 93 52.84 37.63 -10.77
N GLY H 94 52.19 36.98 -11.73
CA GLY H 94 52.76 36.79 -13.06
C GLY H 94 53.78 35.66 -13.18
N GLU H 95 53.98 34.89 -12.13
CA GLU H 95 54.92 33.78 -12.17
C GLU H 95 54.31 32.56 -11.50
N TRP H 96 54.76 31.38 -11.90
CA TRP H 96 54.24 30.11 -11.38
C TRP H 96 54.96 29.72 -10.13
N VAL H 97 54.21 29.61 -9.04
CA VAL H 97 54.79 29.37 -7.74
C VAL H 97 54.44 27.97 -7.29
N LYS H 98 55.40 27.32 -6.65
CA LYS H 98 55.23 25.96 -6.19
C LYS H 98 54.37 25.86 -4.93
N MET H 99 53.48 24.87 -4.90
CA MET H 99 52.78 24.53 -3.68
C MET H 99 53.66 23.75 -2.72
N LEU H 100 53.49 24.02 -1.43
CA LEU H 100 53.97 23.11 -0.40
C LEU H 100 53.02 21.92 -0.37
N SER H 101 53.59 20.76 -0.07
CA SER H 101 52.82 19.52 0.07
C SER H 101 53.51 18.60 1.05
N ARG H 102 52.73 17.92 1.88
CA ARG H 102 53.24 16.91 2.76
C ARG H 102 52.44 15.64 2.52
N LYS H 103 53.04 14.50 2.86
CA LYS H 103 52.36 13.22 2.79
C LYS H 103 52.02 12.75 4.19
N GLU H 104 50.77 12.38 4.37
CA GLU H 104 50.31 11.86 5.63
C GLU H 104 49.82 10.44 5.39
N THR H 105 50.12 9.59 6.35
CA THR H 105 49.72 8.22 6.33
C THR H 105 48.94 8.05 7.59
N ILE H 106 47.77 7.44 7.44
CA ILE H 106 46.91 7.18 8.58
C ILE H 106 47.01 5.71 8.93
N ALA H 107 47.58 5.45 10.10
CA ALA H 107 47.62 4.12 10.67
C ALA H 107 46.21 3.82 11.19
N VAL H 108 45.71 2.64 10.81
CA VAL H 108 44.41 2.18 11.20
C VAL H 108 44.60 0.90 12.02
N LYS H 109 44.26 0.93 13.29
CA LYS H 109 44.22 -0.31 14.07
C LYS H 109 43.44 -1.36 13.29
N ASP H 110 44.00 -2.56 13.21
CA ASP H 110 43.38 -3.71 12.52
C ASP H 110 42.83 -3.35 11.13
N GLY H 111 43.58 -2.55 10.38
CA GLY H 111 43.14 -2.09 9.07
C GLY H 111 44.28 -1.61 8.20
N GLN H 112 43.99 -1.43 6.91
CA GLN H 112 45.02 -1.06 5.95
C GLN H 112 45.24 0.46 6.03
N PRO H 113 46.51 0.91 6.05
CA PRO H 113 46.79 2.34 6.14
C PRO H 113 46.38 3.10 4.89
N GLU H 114 45.99 4.37 5.06
CA GLU H 114 45.63 5.24 3.93
C GLU H 114 46.57 6.43 3.87
N THR H 115 47.18 6.67 2.71
CA THR H 115 48.06 7.83 2.53
C THR H 115 47.49 8.82 1.50
N PHE H 116 47.63 10.10 1.81
CA PHE H 116 47.17 11.18 0.93
C PHE H 116 48.07 12.39 1.10
N THR H 117 47.84 13.37 0.24
CA THR H 117 48.62 14.57 0.22
C THR H 117 47.79 15.76 0.67
N VAL H 118 48.35 16.56 1.58
CA VAL H 118 47.80 17.88 1.93
C VAL H 118 48.53 18.91 1.10
N TRP H 119 47.83 19.84 0.46
CA TRP H 119 48.49 20.94 -0.27
C TRP H 119 48.31 22.28 0.44
N ARG H 120 49.25 23.19 0.21
CA ARG H 120 49.24 24.48 0.86
C ARG H 120 49.84 25.52 -0.06
N THR H 121 49.17 26.67 -0.16
CA THR H 121 49.69 27.80 -0.90
C THR H 121 50.06 28.90 0.05
N LEU H 122 50.64 29.97 -0.49
CA LEU H 122 50.88 31.11 0.38
C LEU H 122 49.63 31.64 1.10
N HIS H 123 48.41 31.46 0.57
CA HIS H 123 47.21 31.93 1.26
C HIS H 123 46.75 30.94 2.34
N GLY H 124 46.99 29.66 2.13
CA GLY H 124 46.70 28.66 3.16
C GLY H 124 46.55 27.30 2.57
N ASN H 125 46.05 26.37 3.38
CA ASN H 125 45.76 25.01 2.90
C ASN H 125 44.73 24.98 1.80
N VAL H 126 44.90 24.03 0.90
CA VAL H 126 43.94 23.81 -0.15
C VAL H 126 42.73 23.04 0.43
N ILE H 127 41.53 23.52 0.16
CA ILE H 127 40.31 22.87 0.66
C ILE H 127 39.45 22.19 -0.44
N LYS H 128 39.65 22.57 -1.69
CA LYS H 128 38.93 21.95 -2.78
C LYS H 128 39.63 22.25 -4.08
N THR H 129 39.58 21.31 -5.03
CA THR H 129 40.17 21.54 -6.35
C THR H 129 39.18 21.16 -7.46
N ASP H 130 39.10 22.01 -8.47
CA ASP H 130 38.20 21.82 -9.60
C ASP H 130 39.00 21.81 -10.92
N THR H 131 39.56 20.62 -11.23
CA THR H 131 40.36 20.44 -12.46
C THR H 131 39.65 20.97 -13.70
N ALA H 132 38.32 20.89 -13.73
CA ALA H 132 37.54 21.43 -14.85
C ALA H 132 37.83 22.92 -15.07
N THR H 133 37.68 23.74 -14.05
CA THR H 133 37.95 25.18 -14.17
C THR H 133 39.44 25.54 -14.03
N GLN H 134 40.27 24.52 -13.84
CA GLN H 134 41.67 24.68 -13.43
C GLN H 134 41.82 25.69 -12.28
N THR H 135 41.12 25.42 -11.18
CA THR H 135 41.10 26.29 -10.00
C THR H 135 41.28 25.49 -8.73
N ALA H 136 42.03 26.05 -7.77
CA ALA H 136 42.13 25.49 -6.40
C ALA H 136 41.73 26.53 -5.34
N TYR H 137 40.99 26.08 -4.34
CA TYR H 137 40.49 26.97 -3.29
C TYR H 137 41.34 26.85 -2.03
N ALA H 138 41.93 27.97 -1.63
CA ALA H 138 42.83 28.00 -0.50
C ALA H 138 42.23 28.83 0.61
N LYS H 139 42.32 28.34 1.83
CA LYS H 139 41.71 28.99 2.97
C LYS H 139 42.71 29.83 3.76
N ALA H 140 42.61 31.15 3.61
CA ALA H 140 43.45 32.14 4.32
C ALA H 140 42.88 32.51 5.69
N ARG H 141 43.68 32.35 6.73
CA ARG H 141 43.30 32.74 8.09
C ARG H 141 44.17 33.89 8.58
N ALA H 142 43.55 35.01 8.92
CA ALA H 142 44.27 36.14 9.54
C ALA H 142 45.18 35.75 10.72
N TRP H 143 44.75 34.77 11.51
CA TRP H 143 45.52 34.32 12.66
C TRP H 143 46.62 33.30 12.30
N ASP H 144 46.76 32.98 11.03
CA ASP H 144 47.74 32.01 10.63
C ASP H 144 49.11 32.51 10.99
N GLY H 145 49.89 31.63 11.63
CA GLY H 145 51.21 31.96 12.08
C GLY H 145 51.22 32.57 13.48
N LYS H 146 50.04 32.85 14.03
CA LYS H 146 49.91 33.45 15.36
C LYS H 146 49.13 32.57 16.32
N GLU H 147 49.14 31.27 16.07
CA GLU H 147 48.36 30.32 16.87
C GLU H 147 48.97 30.24 18.27
N VAL H 148 50.29 29.99 18.34
CA VAL H 148 50.94 29.83 19.60
C VAL H 148 51.11 31.16 20.29
N ALA H 149 51.37 32.21 19.52
CA ALA H 149 51.31 33.58 20.05
C ALA H 149 50.01 33.77 20.85
N SER H 150 48.90 33.30 20.30
CA SER H 150 47.59 33.42 20.96
C SER H 150 47.48 32.58 22.21
N LEU H 151 48.03 31.36 22.16
CA LEU H 151 48.05 30.49 23.33
C LEU H 151 48.69 31.25 24.46
N LEU H 152 49.84 31.84 24.15
CA LEU H 152 50.64 32.51 25.17
C LEU H 152 50.01 33.81 25.65
N ALA H 153 49.29 34.51 24.78
CA ALA H 153 48.66 35.73 25.21
C ALA H 153 47.61 35.43 26.29
N TRP H 154 46.86 34.35 26.10
CA TRP H 154 45.88 33.85 27.10
C TRP H 154 46.50 33.65 28.47
N THR H 155 47.74 33.19 28.47
CA THR H 155 48.47 32.88 29.70
C THR H 155 48.99 34.13 30.37
N HIS H 156 49.67 34.98 29.61
CA HIS H 156 50.31 36.16 30.19
C HIS H 156 49.32 37.19 30.73
N GLN H 157 48.12 37.22 30.17
CA GLN H 157 47.11 38.06 30.73
C GLN H 157 46.86 37.84 32.18
N MET H 158 47.07 36.61 32.62
CA MET H 158 46.76 36.22 33.97
C MET H 158 47.58 37.01 34.99
N LYS H 159 48.73 37.53 34.53
CA LYS H 159 49.63 38.38 35.32
C LYS H 159 49.24 39.84 35.35
N ALA H 160 48.45 40.30 34.38
CA ALA H 160 48.11 41.72 34.30
C ALA H 160 47.32 42.17 35.54
N LYS H 161 47.48 43.42 35.91
CA LYS H 161 46.84 43.99 37.13
C LYS H 161 46.11 45.28 36.85
N ASN H 162 46.05 45.68 35.58
CA ASN H 162 45.20 46.78 35.19
C ASN H 162 44.88 46.78 33.70
N TRP H 163 43.99 47.68 33.30
CA TRP H 163 43.50 47.74 31.92
C TRP H 163 44.66 47.81 30.92
N PRO H 164 45.55 48.80 31.08
CA PRO H 164 46.72 48.90 30.19
C PRO H 164 47.53 47.60 30.00
N GLU H 165 47.95 46.97 31.10
CA GLU H 165 48.79 45.76 31.02
C GLU H 165 48.07 44.63 30.33
N TRP H 166 46.76 44.56 30.55
CA TRP H 166 45.91 43.48 30.06
C TRP H 166 45.61 43.67 28.57
N THR H 167 45.24 44.89 28.16
CA THR H 167 45.03 45.18 26.72
C THR H 167 46.27 44.91 25.88
N GLN H 168 47.45 45.05 26.47
CA GLN H 168 48.71 44.73 25.78
C GLN H 168 48.76 43.24 25.33
N GLN H 169 48.16 42.36 26.15
CA GLN H 169 48.02 40.95 25.80
C GLN H 169 46.89 40.73 24.80
N ALA H 170 45.73 41.29 25.12
CA ALA H 170 44.62 41.27 24.20
C ALA H 170 45.05 41.56 22.75
N ALA H 171 45.99 42.47 22.56
CA ALA H 171 46.44 42.84 21.22
C ALA H 171 47.24 41.75 20.54
N LYS H 172 47.81 40.86 21.35
CA LYS H 172 48.61 39.72 20.88
C LYS H 172 47.79 38.45 20.71
N GLN H 173 46.48 38.56 20.96
CA GLN H 173 45.56 37.44 20.67
C GLN H 173 44.93 37.62 19.33
N ALA H 174 45.09 36.59 18.50
CA ALA H 174 44.77 36.66 17.09
C ALA H 174 43.47 35.93 16.69
N LEU H 175 43.02 35.02 17.52
CA LEU H 175 41.76 34.36 17.26
C LEU H 175 40.61 35.36 17.51
N THR H 176 39.51 35.18 16.77
CA THR H 176 38.40 36.11 16.85
C THR H 176 37.56 35.81 18.08
N ILE H 177 37.93 36.44 19.19
CA ILE H 177 37.35 36.13 20.47
C ILE H 177 37.06 37.40 21.26
N ASN H 178 35.94 37.39 21.97
CA ASN H 178 35.56 38.49 22.84
C ASN H 178 36.23 38.33 24.20
N TRP H 179 36.77 39.43 24.70
CA TRP H 179 37.51 39.43 25.96
C TRP H 179 36.93 40.43 26.90
N TYR H 180 36.85 40.03 28.16
CA TYR H 180 36.18 40.80 29.20
C TYR H 180 37.07 40.97 30.43
N TYR H 181 36.94 42.14 31.06
CA TYR H 181 37.81 42.62 32.14
C TYR H 181 36.99 43.23 33.26
N ALA H 182 37.37 42.89 34.50
CA ALA H 182 36.80 43.53 35.70
C ALA H 182 37.90 43.62 36.75
N ASP H 183 37.82 44.61 37.66
CA ASP H 183 38.84 44.75 38.72
C ASP H 183 38.32 45.13 40.09
N VAL H 184 39.22 45.13 41.07
CA VAL H 184 38.86 45.47 42.47
C VAL H 184 38.31 46.89 42.59
N ASN H 185 38.75 47.79 41.72
CA ASN H 185 38.23 49.16 41.72
C ASN H 185 36.85 49.33 41.10
N GLY H 186 36.33 48.26 40.50
CA GLY H 186 35.01 48.29 39.87
C GLY H 186 34.99 48.77 38.43
N ASN H 187 36.17 48.89 37.84
CA ASN H 187 36.25 49.09 36.38
C ASN H 187 35.90 47.83 35.60
N ILE H 188 35.22 48.03 34.48
CA ILE H 188 34.87 46.97 33.60
C ILE H 188 35.26 47.32 32.17
N GLY H 189 35.66 46.29 31.42
CA GLY H 189 36.09 46.49 30.04
C GLY H 189 35.85 45.32 29.11
N TYR H 190 35.84 45.65 27.82
CA TYR H 190 35.55 44.70 26.76
C TYR H 190 36.47 44.96 25.57
N VAL H 191 36.96 43.87 24.97
CA VAL H 191 37.73 43.94 23.74
C VAL H 191 37.36 42.81 22.80
N HIS H 192 36.92 43.17 21.59
CA HIS H 192 36.67 42.19 20.53
C HIS H 192 38.00 41.91 19.88
N THR H 193 38.69 40.89 20.39
CA THR H 193 40.05 40.62 19.99
C THR H 193 40.18 39.86 18.66
N GLY H 194 41.37 39.96 18.08
CA GLY H 194 41.75 39.11 16.99
C GLY H 194 42.50 39.82 15.89
N ALA H 195 43.15 39.02 15.03
CA ALA H 195 43.70 39.49 13.77
C ALA H 195 42.58 39.52 12.73
N TYR H 196 42.52 40.61 11.98
CA TYR H 196 41.50 40.82 10.97
C TYR H 196 42.14 41.43 9.75
N PRO H 197 41.76 40.97 8.56
CA PRO H 197 42.52 41.43 7.42
C PRO H 197 42.24 42.86 6.99
N ASP H 198 43.30 43.56 6.59
CA ASP H 198 43.15 44.78 5.80
C ASP H 198 42.92 44.34 4.36
N ARG H 199 41.68 44.47 3.89
CA ARG H 199 41.31 43.97 2.57
C ARG H 199 41.51 45.03 1.49
N GLN H 200 41.65 44.61 0.23
CA GLN H 200 41.71 45.56 -0.87
C GLN H 200 40.37 46.27 -1.00
N PRO H 201 40.36 47.55 -1.39
CA PRO H 201 39.06 48.12 -1.62
C PRO H 201 38.28 47.30 -2.65
N GLY H 202 37.01 47.03 -2.33
CA GLY H 202 36.11 46.30 -3.22
C GLY H 202 36.07 44.80 -2.95
N HIS H 203 36.89 44.35 -2.01
CA HIS H 203 36.90 42.94 -1.60
C HIS H 203 35.63 42.68 -0.79
N ASP H 204 34.72 41.92 -1.39
CA ASP H 204 33.54 41.42 -0.73
C ASP H 204 33.93 40.15 0.02
N PRO H 205 33.92 40.22 1.36
CA PRO H 205 34.47 39.16 2.19
C PRO H 205 33.53 38.00 2.44
N ARG H 206 32.37 38.02 1.81
CA ARG H 206 31.40 36.91 1.87
C ARG H 206 31.63 35.89 0.74
N LEU H 207 32.50 36.25 -0.22
CA LEU H 207 32.72 35.45 -1.40
C LEU H 207 34.20 35.23 -1.65
N PRO H 208 34.52 34.23 -2.49
CA PRO H 208 35.92 34.01 -2.81
C PRO H 208 36.46 35.16 -3.62
N VAL H 209 37.79 35.19 -3.74
CA VAL H 209 38.48 36.17 -4.57
C VAL H 209 39.62 35.46 -5.31
N PRO H 210 40.07 36.04 -6.42
CA PRO H 210 41.18 35.40 -7.13
C PRO H 210 42.44 35.45 -6.28
N GLY H 211 43.25 34.40 -6.36
CA GLY H 211 44.52 34.35 -5.66
C GLY H 211 45.72 34.64 -6.55
N THR H 212 45.47 35.33 -7.66
CA THR H 212 46.53 35.61 -8.64
C THR H 212 47.37 36.82 -8.23
N GLY H 213 46.95 37.54 -7.21
CA GLY H 213 47.83 38.52 -6.57
C GLY H 213 47.23 39.87 -6.26
N LYS H 214 46.37 40.38 -7.12
CA LYS H 214 45.85 41.73 -6.94
C LYS H 214 44.83 41.89 -5.82
N TRP H 215 44.27 40.78 -5.34
CA TRP H 215 43.32 40.79 -4.20
C TRP H 215 43.89 40.30 -2.87
N ASP H 216 45.20 40.08 -2.81
CA ASP H 216 45.85 39.67 -1.56
C ASP H 216 45.62 40.74 -0.50
N TRP H 217 45.59 40.31 0.74
CA TRP H 217 45.45 41.25 1.82
C TRP H 217 46.62 42.23 1.80
N LYS H 218 46.33 43.48 2.18
CA LYS H 218 47.38 44.48 2.38
C LYS H 218 48.23 44.11 3.59
N GLY H 219 47.61 43.47 4.56
CA GLY H 219 48.26 43.17 5.81
C GLY H 219 47.16 42.95 6.82
N LEU H 220 47.46 43.10 8.10
CA LEU H 220 46.44 43.03 9.14
C LEU H 220 46.11 44.44 9.64
N LEU H 221 44.85 44.67 10.00
CA LEU H 221 44.40 45.93 10.61
C LEU H 221 44.97 46.03 12.01
N SER H 222 45.11 47.26 12.50
CA SER H 222 45.71 47.43 13.81
C SER H 222 44.74 47.13 14.88
N PHE H 223 45.27 46.75 16.04
CA PHE H 223 44.53 46.60 17.27
C PHE H 223 43.69 47.85 17.60
N ASP H 224 44.16 49.01 17.18
CA ASP H 224 43.41 50.25 17.35
C ASP H 224 41.97 50.15 16.84
N LEU H 225 41.76 49.46 15.72
CA LEU H 225 40.41 49.32 15.15
C LEU H 225 39.55 48.26 15.83
N ASN H 226 40.16 47.31 16.53
CA ASN H 226 39.37 46.30 17.22
C ASN H 226 38.41 46.99 18.18
N PRO H 227 37.11 46.68 18.08
CA PRO H 227 36.11 47.21 19.02
C PRO H 227 36.44 46.97 20.50
N LYS H 228 36.28 48.02 21.29
CA LYS H 228 36.73 48.05 22.66
C LYS H 228 35.92 49.07 23.43
N VAL H 229 35.74 48.85 24.74
CA VAL H 229 35.27 49.90 25.66
C VAL H 229 35.63 49.64 27.10
N TYR H 230 35.84 50.74 27.83
CA TYR H 230 36.26 50.73 29.21
C TYR H 230 35.32 51.58 30.00
N ASN H 231 34.71 51.01 31.04
CA ASN H 231 33.72 51.73 31.88
C ASN H 231 32.72 52.49 31.04
N PRO H 232 31.81 51.77 30.39
CA PRO H 232 30.85 52.45 29.52
C PRO H 232 29.78 53.11 30.37
N GLN H 233 29.14 54.15 29.83
CA GLN H 233 28.13 54.88 30.60
C GLN H 233 26.87 54.03 30.83
N SER H 234 26.77 52.87 30.19
CA SER H 234 25.68 51.91 30.44
C SER H 234 25.81 51.25 31.82
N GLY H 235 27.05 51.10 32.30
CA GLY H 235 27.30 50.44 33.57
C GLY H 235 27.50 48.93 33.46
N TYR H 236 27.18 48.38 32.29
CA TYR H 236 27.35 46.94 32.06
C TYR H 236 27.86 46.63 30.67
N ILE H 237 28.45 45.44 30.55
CA ILE H 237 28.82 44.86 29.27
C ILE H 237 28.14 43.51 29.14
N ALA H 238 27.35 43.33 28.05
CA ALA H 238 26.53 42.14 27.81
C ALA H 238 26.77 41.54 26.44
N ASN H 239 26.93 40.22 26.37
CA ASN H 239 27.18 39.57 25.09
C ASN H 239 26.65 38.13 25.03
N TRP H 240 26.08 37.78 23.88
CA TRP H 240 25.66 36.39 23.60
C TRP H 240 26.01 36.05 22.13
N ASN H 241 27.28 36.28 21.78
CA ASN H 241 27.80 36.13 20.42
C ASN H 241 27.17 37.09 19.42
N ASN H 242 26.60 38.17 19.94
CA ASN H 242 26.00 39.22 19.12
C ASN H 242 27.06 40.19 18.65
N SER H 243 26.68 41.12 17.76
CA SER H 243 27.61 42.13 17.20
C SER H 243 28.28 42.88 18.31
N PRO H 244 29.60 43.10 18.19
CA PRO H 244 30.31 43.84 19.24
C PRO H 244 30.07 45.36 19.19
N GLN H 245 29.73 45.89 18.02
CA GLN H 245 29.79 47.32 17.82
C GLN H 245 29.09 47.73 16.54
N LYS H 246 28.33 48.80 16.60
CA LYS H 246 27.57 49.26 15.46
C LYS H 246 28.45 49.24 14.20
N ASP H 247 27.88 48.73 13.12
CA ASP H 247 28.52 48.62 11.81
C ASP H 247 29.72 47.71 11.72
N TYR H 248 29.95 46.90 12.75
CA TYR H 248 30.96 45.83 12.68
C TYR H 248 30.47 44.57 11.91
N PRO H 249 31.23 44.12 10.90
CA PRO H 249 30.74 43.00 10.10
C PRO H 249 31.06 41.65 10.73
N ALA H 250 30.10 40.74 10.64
CA ALA H 250 30.22 39.38 11.18
C ALA H 250 30.84 38.41 10.17
N SER H 251 31.11 37.20 10.68
CA SER H 251 31.45 35.99 9.88
C SER H 251 30.73 35.92 8.56
N ASP H 252 31.36 35.34 7.56
CA ASP H 252 30.71 35.11 6.26
C ASP H 252 29.80 33.85 6.17
N LEU H 253 29.79 33.01 7.21
CA LEU H 253 28.82 31.92 7.36
C LEU H 253 27.41 32.32 6.96
N PHE H 254 26.82 31.63 5.99
CA PHE H 254 25.48 31.98 5.52
C PHE H 254 24.45 31.86 6.63
N ALA H 255 24.72 30.97 7.59
CA ALA H 255 23.78 30.63 8.65
C ALA H 255 23.90 31.52 9.86
N PHE H 256 24.61 32.62 9.74
CA PHE H 256 24.98 33.47 10.86
C PHE H 256 24.76 34.94 10.52
N LEU H 257 23.97 35.62 11.34
CA LEU H 257 23.59 36.99 11.09
C LEU H 257 23.47 37.74 12.41
N TRP H 258 23.93 38.99 12.40
CA TRP H 258 23.63 39.94 13.44
C TRP H 258 22.60 40.91 12.86
N GLY H 259 21.38 40.89 13.39
CA GLY H 259 20.33 41.78 12.88
C GLY H 259 19.38 42.22 13.98
N GLY H 260 18.27 42.83 13.58
CA GLY H 260 17.26 43.28 14.55
C GLY H 260 16.99 42.26 15.65
N ALA H 261 16.86 41.00 15.26
CA ALA H 261 16.57 39.94 16.22
C ALA H 261 17.86 39.30 16.70
N ASP H 262 18.10 39.41 18.00
CA ASP H 262 19.29 38.86 18.61
C ASP H 262 18.97 38.49 20.07
N ARG H 263 19.46 37.34 20.47
CA ARG H 263 19.15 36.81 21.78
C ARG H 263 19.74 37.60 22.93
N VAL H 264 20.79 38.38 22.66
CA VAL H 264 21.41 39.21 23.72
C VAL H 264 20.39 40.17 24.31
N THR H 265 19.41 40.61 23.50
CA THR H 265 18.33 41.47 23.94
C THR H 265 17.58 40.89 25.15
N GLU H 266 17.63 39.57 25.32
CA GLU H 266 17.03 38.94 26.51
C GLU H 266 17.80 39.29 27.76
N ILE H 267 19.11 39.51 27.63
CA ILE H 267 19.95 39.89 28.79
C ILE H 267 19.82 41.38 29.02
N ASP H 268 20.02 42.17 27.98
CA ASP H 268 19.78 43.61 28.05
C ASP H 268 18.52 43.91 28.84
N THR H 269 17.43 43.26 28.47
CA THR H 269 16.12 43.52 29.06
C THR H 269 16.13 43.24 30.54
N THR H 270 16.68 42.10 30.98
CA THR H 270 16.77 41.85 32.41
C THR H 270 17.56 42.96 33.13
N LEU H 271 18.71 43.31 32.57
CA LEU H 271 19.65 44.21 33.21
C LEU H 271 19.15 45.63 33.29
N ASP H 272 18.51 46.10 32.22
CA ASP H 272 17.87 47.43 32.19
C ASP H 272 16.67 47.62 33.12
N LYS H 273 16.10 46.54 33.63
CA LYS H 273 14.89 46.65 34.43
C LYS H 273 15.23 47.26 35.81
N GLN H 274 16.07 46.58 36.59
CA GLN H 274 16.49 47.06 37.92
C GLN H 274 17.82 47.82 37.89
N PRO H 275 17.86 49.01 38.54
CA PRO H 275 19.09 49.83 38.49
C PRO H 275 20.35 49.17 39.10
N ARG H 276 20.20 48.26 40.06
CA ARG H 276 21.37 47.62 40.64
C ARG H 276 21.18 46.13 40.93
N PHE H 277 22.30 45.43 40.98
CA PHE H 277 22.31 43.98 41.03
C PHE H 277 23.26 43.48 42.09
N THR H 278 22.74 42.69 43.04
CA THR H 278 23.61 42.03 43.99
C THR H 278 24.23 40.86 43.28
N ALA H 279 25.10 40.15 43.98
CA ALA H 279 25.72 38.97 43.42
C ALA H 279 24.63 37.96 43.08
N ASP H 280 23.83 37.59 44.09
CA ASP H 280 22.80 36.56 43.89
C ASP H 280 21.87 36.87 42.71
N GLN H 281 21.47 38.13 42.56
CA GLN H 281 20.62 38.55 41.45
C GLN H 281 21.31 38.44 40.10
N ALA H 282 22.62 38.66 40.09
CA ALA H 282 23.41 38.58 38.86
C ALA H 282 23.63 37.14 38.42
N TRP H 283 23.77 36.25 39.39
CA TRP H 283 23.86 34.82 39.12
C TRP H 283 22.50 34.26 38.72
N ASP H 284 21.45 34.94 39.16
CA ASP H 284 20.12 34.48 38.88
C ASP H 284 19.69 34.87 37.47
N VAL H 285 20.49 35.66 36.76
CA VAL H 285 20.21 35.89 35.35
C VAL H 285 20.40 34.59 34.53
N ILE H 286 21.27 33.71 34.98
CA ILE H 286 21.51 32.44 34.30
C ILE H 286 20.23 31.61 34.19
N ARG H 287 19.58 31.42 35.33
CA ARG H 287 18.30 30.71 35.43
C ARG H 287 17.31 31.34 34.47
N GLN H 288 17.18 32.66 34.56
CA GLN H 288 16.24 33.37 33.69
C GLN H 288 16.50 33.18 32.22
N THR H 289 17.75 33.33 31.82
CA THR H 289 18.10 33.11 30.42
C THR H 289 18.04 31.61 30.03
N SER H 290 18.46 30.71 30.93
CA SER H 290 18.38 29.27 30.72
C SER H 290 17.06 28.84 30.14
N ARG H 291 15.97 29.53 30.50
CA ARG H 291 14.62 29.06 30.21
C ARG H 291 13.83 29.97 29.28
N ARG H 292 14.40 31.11 28.93
CA ARG H 292 13.75 32.05 28.04
C ARG H 292 13.47 31.52 26.60
N ASP H 293 12.21 31.40 26.20
CA ASP H 293 11.91 31.22 24.78
C ASP H 293 12.36 32.48 24.04
N LEU H 294 13.21 32.29 23.04
CA LEU H 294 13.90 33.37 22.41
C LEU H 294 13.09 34.05 21.33
N ASN H 295 12.00 33.41 20.92
CA ASN H 295 11.24 33.82 19.75
C ASN H 295 9.94 34.52 20.07
N LEU H 296 9.41 34.27 21.27
CA LEU H 296 8.15 34.87 21.69
C LEU H 296 8.13 36.38 21.47
N ARG H 297 9.14 37.05 22.02
CA ARG H 297 9.31 38.50 21.89
C ARG H 297 9.26 39.01 20.45
N LEU H 298 9.80 38.22 19.53
CA LEU H 298 10.01 38.69 18.16
C LEU H 298 8.75 38.65 17.34
N PHE H 299 7.89 37.67 17.59
CA PHE H 299 6.75 37.44 16.69
C PHE H 299 5.38 37.68 17.28
N LEU H 300 5.26 37.62 18.60
CA LEU H 300 3.97 37.86 19.22
C LEU H 300 3.27 39.15 18.75
N PRO H 301 3.99 40.25 18.52
CA PRO H 301 3.30 41.41 17.96
C PRO H 301 2.60 41.13 16.64
N ALA H 302 3.30 40.52 15.71
CA ALA H 302 2.72 40.22 14.39
C ALA H 302 1.56 39.26 14.52
N LEU H 303 1.65 38.33 15.47
CA LEU H 303 0.60 37.35 15.69
C LEU H 303 -0.67 38.00 16.24
N LYS H 304 -0.50 38.84 17.27
CA LYS H 304 -1.60 39.66 17.80
C LYS H 304 -2.27 40.47 16.69
N ASP H 305 -1.49 41.33 16.03
CA ASP H 305 -2.02 42.10 14.90
C ASP H 305 -2.80 41.23 13.94
N ALA H 306 -2.27 40.05 13.61
CA ALA H 306 -2.85 39.25 12.55
C ALA H 306 -4.19 38.63 12.91
N THR H 307 -4.40 38.34 14.20
CA THR H 307 -5.59 37.63 14.65
C THR H 307 -6.61 38.50 15.41
N ALA H 308 -6.41 39.82 15.40
CA ALA H 308 -7.27 40.77 16.11
C ALA H 308 -8.75 40.65 15.70
N ASN H 309 -9.02 40.68 14.40
CA ASN H 309 -10.37 40.65 13.88
C ASN H 309 -10.97 39.27 13.73
N LEU H 310 -10.32 38.24 14.26
CA LEU H 310 -10.93 36.91 14.26
C LEU H 310 -11.89 36.78 15.45
N ALA H 311 -12.79 35.82 15.36
CA ALA H 311 -13.70 35.52 16.46
C ALA H 311 -12.91 34.94 17.63
N GLU H 312 -13.31 35.29 18.86
CA GLU H 312 -12.67 34.80 20.09
C GLU H 312 -12.57 33.27 20.15
N ASN H 313 -13.38 32.57 19.37
CA ASN H 313 -13.39 31.12 19.42
C ASN H 313 -12.62 30.47 18.27
N ASP H 314 -12.27 31.25 17.25
CA ASP H 314 -11.40 30.78 16.19
C ASP H 314 -10.18 30.12 16.86
N PRO H 315 -9.88 28.84 16.52
CA PRO H 315 -8.75 28.18 17.16
C PRO H 315 -7.41 28.92 17.00
N ARG H 316 -7.23 29.55 15.86
CA ARG H 316 -6.06 30.37 15.64
C ARG H 316 -5.92 31.45 16.68
N ARG H 317 -7.03 32.07 17.05
CA ARG H 317 -7.00 33.08 18.10
C ARG H 317 -6.72 32.46 19.44
N GLN H 318 -7.28 31.29 19.70
CA GLN H 318 -7.05 30.58 20.96
C GLN H 318 -5.55 30.36 21.18
N LEU H 319 -4.84 30.05 20.09
CA LEU H 319 -3.40 29.89 20.11
C LEU H 319 -2.66 31.19 20.48
N VAL H 320 -2.97 32.27 19.79
CA VAL H 320 -2.33 33.57 20.04
C VAL H 320 -2.67 34.13 21.43
N ASP H 321 -3.93 34.02 21.82
CA ASP H 321 -4.37 34.49 23.14
C ASP H 321 -3.61 33.77 24.25
N LYS H 322 -3.41 32.47 24.05
CA LYS H 322 -2.67 31.66 24.99
C LYS H 322 -1.19 32.08 25.08
N LEU H 323 -0.58 32.42 23.95
CA LEU H 323 0.79 32.88 23.96
C LEU H 323 0.92 34.21 24.68
N ALA H 324 -0.04 35.10 24.41
CA ALA H 324 -0.09 36.41 25.06
C ALA H 324 -0.20 36.27 26.56
N SER H 325 -0.72 35.15 27.04
CA SER H 325 -0.88 34.95 28.47
C SER H 325 0.37 34.35 29.09
N TRP H 326 1.41 34.17 28.29
CA TRP H 326 2.59 33.42 28.72
C TRP H 326 3.75 34.37 28.98
N ASP H 327 4.48 34.10 30.06
CA ASP H 327 5.65 34.91 30.44
C ASP H 327 6.90 34.49 29.65
N GLY H 328 6.78 33.45 28.83
CA GLY H 328 7.83 33.05 27.91
C GLY H 328 8.97 32.34 28.58
N GLU H 329 8.75 31.82 29.80
CA GLU H 329 9.78 31.07 30.50
C GLU H 329 9.31 29.64 30.65
N ASN H 330 10.17 28.70 30.22
CA ASN H 330 9.84 27.29 30.23
C ASN H 330 10.20 26.64 31.55
N LEU H 331 9.23 25.96 32.14
CA LEU H 331 9.46 25.16 33.35
C LEU H 331 8.93 23.77 33.11
N VAL H 332 9.56 22.78 33.74
CA VAL H 332 9.18 21.39 33.55
C VAL H 332 8.11 21.00 34.59
N ASN H 333 7.21 20.08 34.22
CA ASN H 333 6.18 19.56 35.13
C ASN H 333 6.75 18.52 36.09
N ASP H 334 5.93 18.10 37.04
CA ASP H 334 6.37 17.18 38.07
C ASP H 334 6.72 15.82 37.47
N ASP H 335 6.09 15.50 36.34
CA ASP H 335 6.44 14.26 35.60
C ASP H 335 7.90 14.23 35.11
N GLY H 336 8.60 15.36 35.18
CA GLY H 336 9.97 15.46 34.73
C GLY H 336 10.16 15.36 33.22
N LYS H 337 9.08 15.50 32.45
CA LYS H 337 9.09 15.19 31.00
C LYS H 337 8.37 16.14 30.04
N THR H 338 7.46 16.97 30.55
CA THR H 338 6.72 17.92 29.70
C THR H 338 6.83 19.33 30.21
N TYR H 339 6.65 20.31 29.32
CA TYR H 339 6.67 21.74 29.69
C TYR H 339 5.31 22.17 30.20
N GLN H 340 5.32 22.98 31.27
CA GLN H 340 4.11 23.54 31.87
C GLN H 340 3.24 24.29 30.89
N GLN H 341 3.89 25.00 30.00
CA GLN H 341 3.19 25.74 28.94
C GLN H 341 3.53 25.10 27.63
N PRO H 342 2.69 25.30 26.61
CA PRO H 342 2.89 24.73 25.29
C PRO H 342 3.45 25.74 24.29
N GLY H 343 3.99 26.84 24.79
CA GLY H 343 4.27 28.00 23.95
C GLY H 343 5.36 27.77 22.95
N SER H 344 6.39 27.03 23.37
CA SER H 344 7.52 26.73 22.46
C SER H 344 7.06 25.87 21.26
N ALA H 345 6.33 24.80 21.55
CA ALA H 345 5.77 23.94 20.51
C ALA H 345 4.93 24.72 19.52
N ILE H 346 4.13 25.65 20.03
CA ILE H 346 3.28 26.45 19.16
C ILE H 346 4.11 27.28 18.22
N LEU H 347 5.08 28.00 18.79
CA LEU H 347 5.92 28.87 17.98
C LEU H 347 6.69 28.08 16.95
N ASN H 348 7.19 26.94 17.37
CA ASN H 348 7.89 26.05 16.46
C ASN H 348 7.07 25.67 15.22
N ALA H 349 5.86 25.16 15.46
CA ALA H 349 4.98 24.77 14.36
C ALA H 349 4.68 25.93 13.43
N TRP H 350 4.21 27.04 14.01
CA TRP H 350 3.90 28.25 13.28
C TRP H 350 5.06 28.73 12.43
N LEU H 351 6.25 28.75 13.04
CA LEU H 351 7.44 29.30 12.42
C LEU H 351 7.93 28.39 11.30
N THR H 352 7.88 27.07 11.53
CA THR H 352 8.26 26.12 10.50
C THR H 352 7.44 26.40 9.25
N SER H 353 6.13 26.52 9.41
CA SER H 353 5.19 26.80 8.30
C SER H 353 5.47 28.16 7.72
N MET H 354 5.67 29.12 8.61
CA MET H 354 5.98 30.48 8.27
C MET H 354 7.21 30.56 7.37
N LEU H 355 8.25 29.80 7.69
CA LEU H 355 9.51 29.90 6.95
C LEU H 355 9.43 29.28 5.58
N LYS H 356 8.82 28.11 5.51
CA LYS H 356 8.59 27.47 4.24
C LYS H 356 7.83 28.40 3.33
N ARG H 357 6.90 29.15 3.88
CA ARG H 357 6.00 29.99 3.08
C ARG H 357 6.67 31.23 2.56
N THR H 358 7.73 31.65 3.25
CA THR H 358 8.41 32.92 2.96
C THR H 358 9.82 32.77 2.39
N VAL H 359 10.79 32.59 3.29
CA VAL H 359 12.21 32.63 2.92
C VAL H 359 12.54 31.46 2.02
N VAL H 360 12.18 30.26 2.46
CA VAL H 360 12.51 29.05 1.75
C VAL H 360 11.87 29.08 0.37
N ALA H 361 10.67 29.66 0.27
CA ALA H 361 9.99 29.74 -1.02
C ALA H 361 10.65 30.73 -1.94
N ALA H 362 11.41 31.66 -1.36
CA ALA H 362 12.14 32.66 -2.13
C ALA H 362 13.51 32.17 -2.56
N VAL H 363 13.97 31.07 -1.98
CA VAL H 363 15.31 30.57 -2.27
C VAL H 363 15.19 29.26 -3.06
N PRO H 364 15.83 29.19 -4.24
CA PRO H 364 15.86 27.98 -5.04
C PRO H 364 16.46 26.78 -4.31
N ALA H 365 15.89 25.62 -4.58
CA ALA H 365 16.45 24.39 -4.06
C ALA H 365 17.82 24.18 -4.73
N PRO H 366 18.73 23.53 -4.03
CA PRO H 366 18.64 22.95 -2.69
C PRO H 366 19.15 23.90 -1.60
N PHE H 367 18.97 25.21 -1.80
CA PHE H 367 19.54 26.23 -0.88
C PHE H 367 18.53 26.74 0.15
N GLY H 368 17.25 26.69 -0.21
CA GLY H 368 16.17 27.16 0.65
C GLY H 368 16.15 26.50 2.01
N LYS H 369 16.62 25.27 2.06
CA LYS H 369 16.60 24.48 3.27
C LYS H 369 17.60 24.97 4.31
N TRP H 370 18.53 25.82 3.88
CA TRP H 370 19.39 26.53 4.83
C TRP H 370 18.59 27.44 5.78
N TYR H 371 17.39 27.83 5.34
CA TYR H 371 16.55 28.78 6.06
C TYR H 371 15.27 28.19 6.56
N SER H 372 15.14 26.87 6.52
CA SER H 372 13.89 26.22 6.97
C SER H 372 13.81 25.96 8.49
N ALA H 373 14.91 26.09 9.22
CA ALA H 373 14.93 25.73 10.65
C ALA H 373 14.33 26.82 11.57
N SER H 374 13.44 26.38 12.46
CA SER H 374 12.83 27.23 13.48
C SER H 374 13.73 27.55 14.69
N GLY H 375 14.74 26.72 14.94
CA GLY H 375 15.61 26.91 16.11
C GLY H 375 15.31 25.96 17.25
N TYR H 376 14.20 25.25 17.17
CA TYR H 376 13.79 24.33 18.22
C TYR H 376 14.11 22.86 17.92
N GLU H 377 14.64 22.55 16.75
CA GLU H 377 14.85 21.13 16.34
C GLU H 377 15.75 20.32 17.33
N THR H 378 15.24 19.20 17.86
CA THR H 378 15.98 18.40 18.86
C THR H 378 15.56 16.91 18.84
N THR H 379 16.20 16.12 19.68
CA THR H 379 15.77 14.75 19.91
C THR H 379 15.59 14.54 21.42
N GLN H 380 15.21 13.32 21.79
CA GLN H 380 15.20 12.89 23.18
C GLN H 380 16.43 13.33 23.98
N ASP H 381 17.61 13.15 23.40
CA ASP H 381 18.85 13.48 24.06
C ASP H 381 19.12 15.01 24.16
N GLY H 382 18.38 15.83 23.42
CA GLY H 382 18.43 17.27 23.59
C GLY H 382 19.35 18.02 22.64
N PRO H 383 19.31 19.35 22.65
CA PRO H 383 20.23 20.09 21.83
C PRO H 383 21.66 19.79 22.26
N THR H 384 22.58 19.97 21.33
CA THR H 384 23.97 19.70 21.57
C THR H 384 24.74 20.96 21.91
N GLY H 385 24.09 22.11 21.79
CA GLY H 385 24.70 23.39 22.19
C GLY H 385 23.64 24.38 22.65
N SER H 386 23.89 25.63 22.39
CA SER H 386 22.97 26.68 22.81
C SER H 386 21.76 26.67 21.90
N LEU H 387 20.70 27.33 22.35
CA LEU H 387 19.59 27.67 21.46
C LEU H 387 19.69 29.09 21.02
N ASN H 388 19.16 29.35 19.84
CA ASN H 388 19.30 30.67 19.21
C ASN H 388 18.12 30.98 18.32
N ILE H 389 18.04 32.22 17.88
CA ILE H 389 17.10 32.58 16.84
C ILE H 389 17.69 32.10 15.51
N SER H 390 16.94 31.30 14.76
CA SER H 390 17.42 30.77 13.48
C SER H 390 17.67 31.85 12.42
N VAL H 391 18.53 31.51 11.46
CA VAL H 391 18.78 32.43 10.34
C VAL H 391 17.47 32.80 9.66
N GLY H 392 16.62 31.80 9.43
CA GLY H 392 15.33 32.01 8.80
C GLY H 392 14.45 32.96 9.60
N ALA H 393 14.45 32.78 10.92
CA ALA H 393 13.70 33.68 11.77
C ALA H 393 14.18 35.10 11.58
N LYS H 394 15.50 35.30 11.69
CA LYS H 394 16.08 36.63 11.59
C LYS H 394 15.71 37.30 10.28
N ILE H 395 15.73 36.56 9.19
CA ILE H 395 15.38 37.16 7.90
C ILE H 395 13.90 37.52 7.82
N LEU H 396 13.06 36.64 8.34
CA LEU H 396 11.62 36.84 8.44
C LEU H 396 11.33 38.09 9.24
N TYR H 397 11.97 38.18 10.40
CA TYR H 397 11.79 39.30 11.30
C TYR H 397 11.99 40.64 10.58
N GLU H 398 13.07 40.77 9.83
CA GLU H 398 13.28 41.97 9.02
C GLU H 398 12.07 42.23 8.09
N ALA H 399 11.52 41.17 7.49
CA ALA H 399 10.38 41.30 6.57
C ALA H 399 9.12 41.81 7.31
N LEU H 400 8.97 41.41 8.57
CA LEU H 400 7.82 41.82 9.40
C LEU H 400 7.88 43.28 9.87
N GLN H 401 9.09 43.76 10.14
CA GLN H 401 9.36 45.21 10.37
C GLN H 401 9.06 46.04 9.10
N GLY H 402 9.07 45.42 7.93
CA GLY H 402 8.84 46.12 6.68
C GLY H 402 9.77 47.30 6.56
N ASP H 403 9.17 48.47 6.41
CA ASP H 403 9.94 49.69 6.19
C ASP H 403 10.68 50.19 7.45
N LYS H 404 10.32 49.67 8.62
CA LYS H 404 11.14 49.85 9.82
C LYS H 404 12.52 49.16 9.77
N SER H 405 12.71 48.19 8.87
CA SER H 405 13.99 47.51 8.73
C SER H 405 14.91 48.26 7.77
N PRO H 406 16.20 48.35 8.14
CA PRO H 406 17.21 48.92 7.25
C PRO H 406 17.56 48.04 6.04
N ILE H 407 17.16 46.78 6.04
CA ILE H 407 17.52 45.88 4.94
C ILE H 407 16.51 46.00 3.82
N PRO H 408 16.95 46.42 2.62
CA PRO H 408 16.03 46.49 1.48
C PRO H 408 15.51 45.12 1.11
N GLN H 409 14.19 44.96 1.05
CA GLN H 409 13.57 43.69 0.65
C GLN H 409 13.48 43.59 -0.86
N ALA H 410 14.56 43.10 -1.47
CA ALA H 410 14.61 42.90 -2.92
C ALA H 410 13.47 42.01 -3.41
N VAL H 411 13.13 40.99 -2.64
CA VAL H 411 11.93 40.21 -2.89
C VAL H 411 11.00 40.36 -1.73
N ASP H 412 9.72 40.50 -2.06
CA ASP H 412 8.70 40.51 -1.04
C ASP H 412 8.53 39.08 -0.55
N LEU H 413 8.99 38.80 0.66
CA LEU H 413 8.92 37.45 1.19
C LEU H 413 7.50 36.94 1.30
N PHE H 414 6.53 37.85 1.21
CA PHE H 414 5.11 37.46 1.28
C PHE H 414 4.43 37.39 -0.07
N GLY H 415 5.22 37.29 -1.14
CA GLY H 415 4.68 37.07 -2.47
C GLY H 415 3.53 37.99 -2.87
N GLY H 416 3.66 39.26 -2.52
CA GLY H 416 2.66 40.26 -2.89
C GLY H 416 1.34 40.11 -2.18
N LYS H 417 1.29 39.31 -1.11
CA LYS H 417 0.08 39.16 -0.30
C LYS H 417 0.33 39.90 1.00
N PRO H 418 -0.74 40.31 1.67
CA PRO H 418 -0.51 40.90 3.01
C PRO H 418 0.15 39.89 3.94
N GLN H 419 1.08 40.37 4.77
CA GLN H 419 1.73 39.52 5.78
C GLN H 419 0.68 38.79 6.66
N GLN H 420 -0.42 39.46 6.92
CA GLN H 420 -1.52 38.94 7.73
C GLN H 420 -2.13 37.66 7.14
N GLU H 421 -2.25 37.59 5.82
CA GLU H 421 -2.82 36.40 5.17
C GLU H 421 -1.93 35.15 5.36
N VAL H 422 -0.62 35.36 5.31
CA VAL H 422 0.35 34.29 5.47
C VAL H 422 0.46 33.83 6.92
N ILE H 423 0.53 34.80 7.82
CA ILE H 423 0.55 34.51 9.25
C ILE H 423 -0.60 33.60 9.63
N LEU H 424 -1.78 33.88 9.12
CA LEU H 424 -2.97 33.07 9.41
C LEU H 424 -2.85 31.67 8.79
N ALA H 425 -2.44 31.62 7.52
CA ALA H 425 -2.20 30.33 6.88
C ALA H 425 -1.28 29.44 7.75
N ALA H 426 -0.23 30.02 8.31
CA ALA H 426 0.72 29.28 9.12
C ALA H 426 0.11 28.86 10.43
N LEU H 427 -0.67 29.75 11.04
CA LEU H 427 -1.41 29.42 12.24
C LEU H 427 -2.34 28.24 11.98
N ASP H 428 -3.06 28.27 10.86
CA ASP H 428 -3.89 27.13 10.46
C ASP H 428 -3.09 25.84 10.52
N ASP H 429 -1.96 25.80 9.83
CA ASP H 429 -1.08 24.62 9.84
C ASP H 429 -0.64 24.17 11.22
N ALA H 430 -0.26 25.13 12.06
CA ALA H 430 0.21 24.80 13.39
C ALA H 430 -0.92 24.19 14.18
N TRP H 431 -2.09 24.84 14.10
CA TRP H 431 -3.26 24.37 14.80
C TRP H 431 -3.61 22.97 14.33
N GLN H 432 -3.60 22.78 13.02
CA GLN H 432 -3.87 21.48 12.42
C GLN H 432 -2.98 20.38 13.00
N THR H 433 -1.66 20.59 13.01
CA THR H 433 -0.72 19.55 13.48
C THR H 433 -0.81 19.34 15.00
N LEU H 434 -0.98 20.42 15.74
CA LEU H 434 -0.92 20.31 17.19
C LEU H 434 -2.21 19.75 17.77
N SER H 435 -3.34 20.20 17.26
CA SER H 435 -4.64 19.70 17.70
C SER H 435 -4.79 18.19 17.41
N LYS H 436 -4.39 17.76 16.22
CA LYS H 436 -4.32 16.33 15.93
C LYS H 436 -3.54 15.50 17.01
N ARG H 437 -2.49 16.04 17.62
CA ARG H 437 -1.77 15.32 18.63
C ARG H 437 -2.51 15.44 19.94
N TYR H 438 -2.73 16.68 20.37
CA TYR H 438 -3.07 16.97 21.76
C TYR H 438 -4.54 17.26 22.04
N GLY H 439 -5.35 17.36 21.00
CA GLY H 439 -6.78 17.66 21.16
C GLY H 439 -7.07 19.13 21.03
N ASN H 440 -8.34 19.49 21.15
CA ASN H 440 -8.79 20.84 20.76
C ASN H 440 -8.76 21.86 21.88
N ASP H 441 -8.18 21.48 23.02
CA ASP H 441 -8.15 22.36 24.19
C ASP H 441 -6.71 22.66 24.61
N VAL H 442 -6.28 23.88 24.33
CA VAL H 442 -4.89 24.24 24.48
C VAL H 442 -4.41 24.10 25.93
N THR H 443 -5.32 24.34 26.86
CA THR H 443 -5.05 24.15 28.30
C THR H 443 -4.59 22.73 28.64
N GLY H 444 -4.99 21.75 27.83
CA GLY H 444 -4.67 20.35 28.11
C GLY H 444 -3.51 19.82 27.28
N TRP H 445 -2.71 20.74 26.73
CA TRP H 445 -1.54 20.38 25.98
C TRP H 445 -0.33 20.31 26.90
N LYS H 446 0.22 19.11 27.06
CA LYS H 446 1.49 18.89 27.74
C LYS H 446 2.59 18.63 26.71
N THR H 447 3.22 19.70 26.22
CA THR H 447 4.22 19.60 25.16
C THR H 447 5.54 19.03 25.72
N PRO H 448 6.40 18.47 24.82
CA PRO H 448 7.60 17.79 25.29
C PRO H 448 8.66 18.79 25.73
N ALA H 449 9.35 18.44 26.82
CA ALA H 449 10.43 19.23 27.38
C ALA H 449 11.73 18.84 26.71
N MET H 450 12.61 19.82 26.49
CA MET H 450 13.97 19.57 25.99
C MET H 450 14.83 19.00 27.12
N ALA H 451 15.64 17.99 26.82
CA ALA H 451 16.53 17.41 27.82
C ALA H 451 18.00 17.77 27.52
N LEU H 452 18.91 17.36 28.40
CA LEU H 452 20.32 17.70 28.32
C LEU H 452 21.17 16.44 28.46
N THR H 453 22.20 16.33 27.64
CA THR H 453 23.08 15.18 27.68
C THR H 453 24.54 15.60 27.78
N PHE H 454 25.21 15.01 28.77
CA PHE H 454 26.64 15.11 28.91
C PHE H 454 27.23 13.95 28.15
N ARG H 455 27.77 14.26 26.98
CA ARG H 455 28.13 13.25 26.02
C ARG H 455 29.48 12.65 26.31
N ALA H 456 29.58 11.35 26.06
CA ALA H 456 30.84 10.64 26.22
C ALA H 456 31.78 10.91 25.05
N ASN H 457 31.30 11.58 24.01
CA ASN H 457 32.20 11.98 22.91
C ASN H 457 32.48 13.45 22.95
N ASN H 458 33.72 13.82 22.65
CA ASN H 458 34.09 15.21 22.58
C ASN H 458 33.44 15.82 21.35
N PHE H 459 33.60 17.13 21.20
CA PHE H 459 32.90 17.87 20.15
C PHE H 459 33.37 17.45 18.76
N PHE H 460 34.56 16.87 18.65
CA PHE H 460 34.99 16.34 17.35
C PHE H 460 34.13 15.12 16.95
N GLY H 461 33.39 14.56 17.90
CA GLY H 461 32.72 13.29 17.70
C GLY H 461 33.66 12.12 17.95
N VAL H 462 34.72 12.36 18.72
CA VAL H 462 35.68 11.31 19.06
C VAL H 462 35.50 10.95 20.53
N PRO H 463 35.43 9.63 20.85
CA PRO H 463 35.23 9.14 22.23
C PRO H 463 36.23 9.66 23.23
N GLN H 464 35.75 10.15 24.37
CA GLN H 464 36.63 10.63 25.43
C GLN H 464 36.30 9.97 26.76
N ALA H 465 35.43 8.97 26.67
CA ALA H 465 34.90 8.28 27.85
C ALA H 465 34.12 7.09 27.31
N ALA H 466 33.80 6.16 28.19
CA ALA H 466 32.95 5.04 27.80
C ALA H 466 31.52 5.54 27.57
N ALA H 467 30.80 4.90 26.66
CA ALA H 467 29.39 5.25 26.40
C ALA H 467 28.55 5.32 27.68
N LYS H 468 28.71 4.35 28.57
CA LYS H 468 28.00 4.33 29.85
C LYS H 468 28.14 5.63 30.64
N GLU H 469 29.32 6.25 30.54
CA GLU H 469 29.65 7.41 31.34
C GLU H 469 28.86 8.68 30.98
N ALA H 470 28.12 8.63 29.86
CA ALA H 470 27.26 9.73 29.42
C ALA H 470 26.17 9.95 30.43
N ARG H 471 25.75 11.20 30.62
CA ARG H 471 24.80 11.54 31.69
C ARG H 471 23.64 12.40 31.21
N HIS H 472 22.50 12.23 31.86
CA HIS H 472 21.25 12.84 31.41
C HIS H 472 20.68 13.82 32.42
N GLN H 473 20.35 15.03 31.97
CA GLN H 473 19.57 15.94 32.81
C GLN H 473 18.18 16.08 32.25
N ALA H 474 17.22 15.99 33.15
CA ALA H 474 15.85 16.15 32.79
C ALA H 474 15.64 17.50 32.07
N GLU H 475 16.20 18.57 32.63
CA GLU H 475 15.93 19.90 32.07
C GLU H 475 17.08 20.50 31.25
N TYR H 476 16.82 20.75 29.95
CA TYR H 476 17.73 21.52 29.11
C TYR H 476 17.69 22.96 29.56
N GLN H 477 18.86 23.61 29.49
CA GLN H 477 19.10 24.93 30.00
C GLN H 477 19.97 25.64 28.99
N ASN H 478 19.48 26.75 28.43
CA ASN H 478 20.24 27.52 27.45
C ASN H 478 21.29 28.39 28.15
N ARG H 479 22.33 27.73 28.69
CA ARG H 479 23.29 28.35 29.58
C ARG H 479 24.69 27.88 29.23
N GLY H 480 25.67 28.41 29.97
CA GLY H 480 27.06 28.01 29.77
C GLY H 480 27.33 26.55 30.11
N THR H 481 28.32 25.99 29.41
CA THR H 481 28.83 24.64 29.67
C THR H 481 29.34 24.56 31.09
N GLU H 482 29.93 25.68 31.50
CA GLU H 482 30.30 25.96 32.86
C GLU H 482 29.73 27.33 33.15
N ASN H 483 29.62 27.68 34.42
CA ASN H 483 29.36 29.07 34.78
C ASN H 483 30.33 29.48 35.87
N ASP H 484 30.71 30.75 35.86
CA ASP H 484 31.51 31.32 36.94
C ASP H 484 31.09 32.75 37.18
N MET H 485 31.29 33.17 38.42
CA MET H 485 31.01 34.54 38.87
C MET H 485 32.20 35.03 39.69
N ILE H 486 32.65 36.23 39.40
CA ILE H 486 33.62 36.88 40.25
C ILE H 486 33.01 38.16 40.79
N VAL H 487 33.13 38.35 42.11
CA VAL H 487 32.63 39.55 42.77
C VAL H 487 33.79 40.36 43.36
N PHE H 488 33.78 41.66 43.08
CA PHE H 488 34.88 42.55 43.46
C PHE H 488 34.52 43.53 44.58
N SER H 489 35.37 43.56 45.60
CA SER H 489 35.19 44.41 46.78
C SER H 489 33.83 44.21 47.42
N PRO H 490 33.49 42.95 47.74
CA PRO H 490 32.20 42.71 48.38
C PRO H 490 32.19 43.41 49.74
N THR H 491 31.24 44.32 49.91
CA THR H 491 31.15 45.08 51.14
C THR H 491 30.88 44.16 52.36
N SER H 492 30.52 42.90 52.11
CA SER H 492 30.25 41.95 53.20
C SER H 492 31.48 41.18 53.58
N GLY H 493 32.00 40.44 52.59
CA GLY H 493 33.15 39.58 52.82
C GLY H 493 34.37 40.34 53.32
N ASN H 494 35.23 39.63 54.06
CA ASN H 494 36.52 40.15 54.51
C ASN H 494 37.50 40.34 53.33
N ARG H 495 37.48 39.42 52.36
CA ARG H 495 38.46 39.38 51.27
C ARG H 495 38.09 40.34 50.14
N PRO H 496 39.08 40.75 49.33
CA PRO H 496 38.83 41.78 48.31
C PRO H 496 38.07 41.25 47.10
N VAL H 497 38.09 39.92 46.93
CA VAL H 497 37.43 39.21 45.82
C VAL H 497 36.76 37.91 46.30
N LEU H 498 35.54 37.68 45.83
CA LEU H 498 34.88 36.39 45.96
C LEU H 498 34.61 35.85 44.56
N ALA H 499 34.80 34.54 44.39
CA ALA H 499 34.55 33.89 43.10
C ALA H 499 33.97 32.51 43.27
N TRP H 500 33.05 32.16 42.37
CA TRP H 500 32.42 30.82 42.33
C TRP H 500 32.45 30.21 40.91
N ASP H 501 32.37 28.90 40.82
CA ASP H 501 32.25 28.23 39.52
C ASP H 501 31.44 26.94 39.66
N VAL H 502 31.23 26.27 38.54
CA VAL H 502 30.66 24.91 38.57
C VAL H 502 31.11 24.08 37.38
N VAL H 503 31.77 22.97 37.68
CA VAL H 503 32.41 22.16 36.65
C VAL H 503 31.79 20.78 36.71
N ALA H 504 30.67 20.65 36.02
CA ALA H 504 29.93 19.38 35.93
C ALA H 504 30.43 18.57 34.77
N PRO H 505 30.48 17.23 34.94
CA PRO H 505 29.95 16.45 36.08
C PRO H 505 30.80 16.49 37.38
N GLY H 506 32.03 16.96 37.27
CA GLY H 506 32.95 17.01 38.42
C GLY H 506 34.38 17.19 37.95
N GLN H 507 35.28 17.48 38.88
CA GLN H 507 36.68 17.79 38.55
C GLN H 507 37.43 16.63 37.87
N SER H 508 37.31 15.43 38.42
CA SER H 508 38.05 14.27 37.92
C SER H 508 37.23 13.41 36.95
N GLY H 509 37.90 12.82 35.97
CA GLY H 509 37.28 11.79 35.12
C GLY H 509 37.91 10.43 35.36
N PHE H 510 38.43 10.20 36.57
CA PHE H 510 39.24 9.00 36.83
C PHE H 510 38.43 7.84 37.37
N ILE H 511 38.57 6.72 36.67
CA ILE H 511 37.93 5.46 37.01
C ILE H 511 39.07 4.44 37.07
N ALA H 512 39.19 3.77 38.22
CA ALA H 512 40.31 2.88 38.47
C ALA H 512 40.19 1.60 37.63
N PRO H 513 41.28 0.81 37.54
CA PRO H 513 41.22 -0.40 36.72
C PRO H 513 40.08 -1.35 37.12
N ASP H 514 39.76 -1.39 38.42
CA ASP H 514 38.64 -2.20 38.94
C ASP H 514 37.25 -1.57 38.74
N GLY H 515 37.23 -0.33 38.24
CA GLY H 515 35.98 0.37 37.95
C GLY H 515 35.48 1.33 39.03
N LYS H 516 36.32 1.65 40.00
CA LYS H 516 35.91 2.52 41.10
C LYS H 516 36.10 3.98 40.70
N ALA H 517 34.99 4.69 40.55
CA ALA H 517 35.05 6.10 40.21
C ALA H 517 35.70 6.91 41.33
N ASP H 518 36.44 7.93 40.95
CA ASP H 518 36.98 8.89 41.91
C ASP H 518 35.83 9.52 42.70
N LYS H 519 36.13 10.08 43.85
CA LYS H 519 35.11 10.76 44.65
C LYS H 519 34.73 12.11 44.06
N HIS H 520 35.52 12.58 43.09
CA HIS H 520 35.22 13.83 42.39
C HIS H 520 34.86 13.60 40.93
N TYR H 521 34.35 12.40 40.63
CA TYR H 521 33.86 12.03 39.30
C TYR H 521 32.52 12.68 38.95
N ASP H 522 31.60 12.69 39.93
CA ASP H 522 30.22 13.15 39.70
C ASP H 522 29.71 14.21 40.69
N ASP H 523 30.56 14.68 41.59
CA ASP H 523 30.10 15.44 42.74
C ASP H 523 29.68 16.91 42.45
N GLN H 524 29.66 17.32 41.19
CA GLN H 524 29.09 18.63 40.82
C GLN H 524 27.92 18.58 39.84
N LEU H 525 27.48 17.38 39.50
CA LEU H 525 26.42 17.20 38.53
C LEU H 525 25.08 17.76 39.02
N ILE H 526 24.66 17.36 40.23
CA ILE H 526 23.40 17.79 40.81
C ILE H 526 23.47 19.31 41.10
N MET H 527 24.65 19.75 41.54
CA MET H 527 24.90 21.17 41.70
C MET H 527 24.68 21.96 40.40
N TYR H 528 25.08 21.41 39.26
CA TYR H 528 24.90 22.11 37.99
C TYR H 528 23.42 22.42 37.72
N GLU H 529 22.58 21.39 37.67
CA GLU H 529 21.16 21.56 37.34
C GLU H 529 20.42 22.40 38.39
N SER H 530 20.77 22.21 39.65
CA SER H 530 20.23 23.00 40.75
C SER H 530 20.47 24.54 40.63
N PHE H 531 21.22 24.97 39.62
CA PHE H 531 21.77 26.34 39.53
C PHE H 531 22.69 26.68 40.74
N GLY H 532 23.30 25.65 41.31
CA GLY H 532 24.21 25.81 42.44
C GLY H 532 25.58 26.27 42.00
N ARG H 533 26.48 26.45 42.97
CA ARG H 533 27.88 26.79 42.72
C ARG H 533 28.75 26.36 43.91
N LYS H 534 30.06 26.38 43.70
CA LYS H 534 31.05 26.10 44.74
C LYS H 534 31.96 27.32 44.78
N SER H 535 32.59 27.53 45.92
CA SER H 535 33.54 28.63 46.04
C SER H 535 34.87 28.30 45.33
N LEU H 536 35.50 29.34 44.79
CA LEU H 536 36.85 29.24 44.23
C LEU H 536 37.89 29.89 45.16
N TRP H 537 38.97 29.18 45.45
CA TRP H 537 39.99 29.65 46.41
C TRP H 537 41.27 30.15 45.74
N LEU H 538 41.78 31.30 46.20
CA LEU H 538 43.03 31.90 45.68
C LEU H 538 44.15 31.90 46.72
N THR H 539 43.90 32.59 47.83
CA THR H 539 44.96 32.87 48.84
C THR H 539 45.50 31.57 49.40
N PRO H 540 46.79 31.54 49.78
CA PRO H 540 47.32 30.31 50.41
C PRO H 540 46.56 29.90 51.66
N GLN H 541 46.11 30.88 52.44
CA GLN H 541 45.28 30.62 53.60
C GLN H 541 44.03 29.81 53.24
N ASP H 542 43.08 30.43 52.53
CA ASP H 542 41.85 29.76 52.03
C ASP H 542 42.08 28.41 51.36
N VAL H 543 43.18 28.28 50.61
CA VAL H 543 43.53 27.02 50.01
C VAL H 543 43.92 26.00 51.08
N ASP H 544 44.55 26.46 52.17
CA ASP H 544 44.90 25.58 53.31
C ASP H 544 43.68 25.18 54.14
N GLU H 545 42.81 26.18 54.38
CA GLU H 545 41.46 25.95 54.84
C GLU H 545 40.93 25.25 53.59
N HIS H 546 40.28 24.12 53.74
CA HIS H 546 39.54 23.49 52.66
C HIS H 546 40.39 22.51 51.88
N LYS H 547 41.67 22.39 52.22
CA LYS H 547 42.51 21.34 51.68
C LYS H 547 41.90 19.98 51.95
N GLU H 548 42.18 19.01 51.08
CA GLU H 548 41.85 17.60 51.33
C GLU H 548 43.06 16.70 51.15
N SER H 549 43.99 17.10 50.30
CA SER H 549 45.17 16.31 50.02
C SER H 549 46.36 17.25 49.87
N GLN H 550 47.55 16.75 50.18
CA GLN H 550 48.78 17.50 49.99
C GLN H 550 49.88 16.56 49.53
N GLU H 551 50.51 16.95 48.44
CA GLU H 551 51.59 16.18 47.84
C GLU H 551 52.71 17.16 47.56
N VAL H 552 53.94 16.67 47.66
CA VAL H 552 55.09 17.52 47.38
C VAL H 552 56.05 16.71 46.54
N LEU H 553 56.50 17.31 45.45
CA LEU H 553 57.44 16.64 44.58
C LEU H 553 58.71 17.43 44.49
N GLN H 554 59.82 16.71 44.41
CA GLN H 554 61.12 17.29 44.15
C GLN H 554 61.36 17.02 42.69
N VAL H 555 61.14 18.04 41.89
CA VAL H 555 61.33 17.95 40.46
C VAL H 555 62.62 18.66 40.26
N GLN H 556 63.37 18.22 39.25
CA GLN H 556 64.63 18.86 38.88
C GLN H 556 64.78 18.89 37.35
N ARG H 557 65.13 20.05 36.82
CA ARG H 557 65.26 20.23 35.37
C ARG H 557 66.37 19.35 34.79
CA CA I . -13.63 12.53 -5.76
CA CA J . 37.57 -22.54 -15.96
CA CA K . -59.76 -24.55 17.94
CA CA L . 35.47 35.75 4.46
#